data_7VP9
#
_entry.id   7VP9
#
_cell.length_a   103.806
_cell.length_b   97.408
_cell.length_c   146.686
_cell.angle_alpha   90.000
_cell.angle_beta   90.630
_cell.angle_gamma   90.000
#
_symmetry.space_group_name_H-M   'P 1 21 1'
#
loop_
_entity.id
_entity.type
_entity.pdbx_description
1 polymer 'ATP-dependent Clp protease proteolytic subunit, mitochondrial'
2 non-polymer (6S,9aS)-N-[(4-bromophenyl)methyl]-6-[(2S)-butan-2-yl]-8-(naphthalen-1-ylmethyl)-4,7-bis(oxidanylidene)-3,6,9,9a-tetrahydro-2H-pyrazino[1,2-a]pyrimidine-1-carboxamide
3 non-polymer 'MAGNESIUM ION'
4 water water
#
_entity_poly.entity_id   1
_entity_poly.type   'polypeptide(L)'
_entity_poly.pdbx_seq_one_letter_code
;PLIPIVVEQTGRGERAYDIYSRLLRERIVCVMGPIDDSVASLVIAQLLFLQSESNKKPIHMYINSPGGVVTAGLAIYDTM
QYILNPICTWCVGQAASMGSLLLAAGTPGMRHSLPNSRIMIHQPSGGARGQATDIAIQAEEIMKLKKQLYNIYAKHTKQS
LQVIESAMERDRYMSPMEAQEFGILDKVLVHPPQDGEDEPTLVQKEPVEAAPAAEPVPAST
;
_entity_poly.pdbx_strand_id   A,B,C,D,E,F,G,H,I,J,K,L,M,N
#
loop_
_chem_comp.id
_chem_comp.type
_chem_comp.name
_chem_comp.formula
7SR non-polymer (6S,9aS)-N-[(4-bromophenyl)methyl]-6-[(2S)-butan-2-yl]-8-(naphthalen-1-ylmethyl)-4,7-bis(oxidanylidene)-3,6,9,9a-tetrahydro-2H-pyrazino[1,2-a]pyrimidine-1-carboxamide 'C30 H33 Br N4 O3'
MG non-polymer 'MAGNESIUM ION' 'Mg 2'
#
# COMPACT_ATOMS: atom_id res chain seq x y z
N LEU A 2 -25.05 10.19 -1.98
CA LEU A 2 -26.50 10.07 -1.95
C LEU A 2 -27.13 11.02 -2.95
N ILE A 3 -27.93 10.48 -3.87
CA ILE A 3 -28.58 11.26 -4.93
C ILE A 3 -30.08 11.25 -4.64
N PRO A 4 -30.72 12.42 -4.55
CA PRO A 4 -32.12 12.45 -4.10
C PRO A 4 -33.10 11.99 -5.16
N ILE A 5 -34.27 11.57 -4.67
CA ILE A 5 -35.37 11.09 -5.49
C ILE A 5 -36.48 12.13 -5.46
N VAL A 6 -37.12 12.34 -6.62
CA VAL A 6 -38.20 13.31 -6.71
C VAL A 6 -39.54 12.59 -6.87
N TYR A 17 -38.26 9.90 -10.03
CA TYR A 17 -36.95 9.66 -10.63
C TYR A 17 -35.83 10.03 -9.67
N ASP A 18 -34.60 9.68 -10.03
CA ASP A 18 -33.43 10.31 -9.43
C ASP A 18 -33.27 11.69 -10.06
N ILE A 19 -32.68 12.61 -9.30
CA ILE A 19 -32.73 14.03 -9.67
C ILE A 19 -32.06 14.27 -11.02
N TYR A 20 -31.04 13.48 -11.36
CA TYR A 20 -30.39 13.65 -12.66
C TYR A 20 -31.26 13.13 -13.79
N SER A 21 -31.97 12.02 -13.55
CA SER A 21 -32.91 11.50 -14.55
C SER A 21 -34.06 12.47 -14.77
N ARG A 22 -34.52 13.13 -13.71
CA ARG A 22 -35.56 14.15 -13.86
C ARG A 22 -35.03 15.34 -14.64
N LEU A 23 -33.76 15.70 -14.43
CA LEU A 23 -33.14 16.77 -15.20
C LEU A 23 -33.11 16.43 -16.68
N LEU A 24 -32.92 15.15 -17.00
CA LEU A 24 -32.93 14.74 -18.40
C LEU A 24 -34.29 14.93 -19.02
N ARG A 25 -35.37 14.74 -18.24
CA ARG A 25 -36.75 14.91 -18.75
C ARG A 25 -37.10 16.37 -19.03
N GLU A 26 -36.34 17.30 -18.46
CA GLU A 26 -36.36 18.73 -18.70
C GLU A 26 -35.34 19.11 -19.78
N ARG A 27 -34.85 18.12 -20.55
CA ARG A 27 -33.94 18.28 -21.71
C ARG A 27 -32.64 18.96 -21.31
N ILE A 28 -32.13 18.63 -20.13
CA ILE A 28 -30.87 19.16 -19.63
C ILE A 28 -29.86 18.02 -19.49
N VAL A 29 -28.71 18.16 -20.16
CA VAL A 29 -27.62 17.20 -20.11
C VAL A 29 -26.45 17.82 -19.37
N CYS A 30 -25.87 17.06 -18.45
CA CYS A 30 -24.78 17.54 -17.62
C CYS A 30 -23.45 17.05 -18.19
N VAL A 31 -22.53 17.98 -18.40
CA VAL A 31 -21.12 17.71 -18.69
C VAL A 31 -20.35 18.25 -17.50
N MET A 32 -20.06 17.37 -16.53
CA MET A 32 -19.64 17.74 -15.18
C MET A 32 -18.35 17.01 -14.88
N GLY A 33 -17.32 17.72 -14.41
CA GLY A 33 -16.06 17.08 -14.07
C GLY A 33 -15.24 16.66 -15.27
N PRO A 34 -14.22 15.83 -15.03
CA PRO A 34 -13.32 15.43 -16.13
C PRO A 34 -14.04 14.59 -17.18
N ILE A 35 -13.77 14.89 -18.44
CA ILE A 35 -14.40 14.22 -19.56
C ILE A 35 -13.51 13.05 -19.98
N ASP A 36 -14.05 11.84 -19.91
CA ASP A 36 -13.39 10.64 -20.41
C ASP A 36 -14.35 9.93 -21.36
N ASP A 37 -13.90 8.78 -21.87
CA ASP A 37 -14.73 7.99 -22.79
C ASP A 37 -16.08 7.65 -22.16
N SER A 38 -16.09 7.40 -20.85
CA SER A 38 -17.33 7.07 -20.17
C SER A 38 -18.29 8.27 -20.17
N VAL A 39 -17.79 9.46 -19.84
CA VAL A 39 -18.62 10.66 -19.86
C VAL A 39 -19.14 10.93 -21.27
N ALA A 40 -18.27 10.82 -22.28
CA ALA A 40 -18.69 11.06 -23.65
C ALA A 40 -19.81 10.11 -24.05
N SER A 41 -19.67 8.83 -23.71
CA SER A 41 -20.69 7.84 -24.02
C SER A 41 -22.03 8.20 -23.39
N LEU A 42 -22.00 8.66 -22.13
CA LEU A 42 -23.23 9.03 -21.45
C LEU A 42 -23.88 10.25 -22.08
N VAL A 43 -23.08 11.29 -22.35
CA VAL A 43 -23.60 12.51 -22.97
C VAL A 43 -24.14 12.22 -24.36
N ILE A 44 -23.39 11.46 -25.16
CA ILE A 44 -23.83 11.12 -26.51
C ILE A 44 -25.14 10.36 -26.47
N ALA A 45 -25.24 9.36 -25.57
CA ALA A 45 -26.49 8.63 -25.39
C ALA A 45 -27.65 9.58 -25.08
N GLN A 46 -27.43 10.53 -24.18
CA GLN A 46 -28.47 11.49 -23.84
C GLN A 46 -28.83 12.37 -25.03
N LEU A 47 -27.83 12.81 -25.80
CA LEU A 47 -28.11 13.66 -26.94
C LEU A 47 -28.96 12.95 -27.98
N LEU A 48 -28.64 11.67 -28.26
CA LEU A 48 -29.41 10.94 -29.26
C LEU A 48 -30.86 10.73 -28.81
N PHE A 49 -31.05 10.49 -27.52
CA PHE A 49 -32.38 10.27 -26.97
C PHE A 49 -33.23 11.53 -27.00
N LEU A 50 -32.68 12.66 -26.57
CA LEU A 50 -33.44 13.88 -26.59
C LEU A 50 -33.81 14.31 -28.00
N GLN A 51 -32.96 13.98 -28.97
CA GLN A 51 -33.27 14.25 -30.37
C GLN A 51 -34.41 13.36 -30.86
N SER A 52 -34.49 12.12 -30.36
CA SER A 52 -35.58 11.23 -30.77
C SER A 52 -36.92 11.71 -30.22
N GLU A 53 -36.94 12.26 -29.00
CA GLU A 53 -38.21 12.72 -28.48
C GLU A 53 -38.64 14.02 -29.13
N SER A 54 -37.71 14.75 -29.72
CA SER A 54 -37.99 15.91 -30.53
C SER A 54 -36.71 16.44 -31.17
N ASN A 55 -36.69 16.53 -32.50
CA ASN A 55 -35.53 17.04 -33.23
C ASN A 55 -35.58 18.54 -33.44
N LYS A 56 -36.33 19.26 -32.59
CA LYS A 56 -36.54 20.68 -32.80
C LYS A 56 -36.67 21.44 -31.49
N LYS A 57 -37.04 20.78 -30.39
CA LYS A 57 -37.01 21.43 -29.10
C LYS A 57 -35.56 21.57 -28.64
N PRO A 58 -35.19 22.70 -28.05
CA PRO A 58 -33.78 22.91 -27.68
C PRO A 58 -33.31 21.92 -26.63
N ILE A 59 -32.00 21.70 -26.62
CA ILE A 59 -31.33 20.88 -25.62
C ILE A 59 -30.40 21.77 -24.83
N HIS A 60 -30.48 21.67 -23.50
CA HIS A 60 -29.64 22.44 -22.60
C HIS A 60 -28.47 21.58 -22.14
N MET A 61 -27.27 22.08 -22.33
CA MET A 61 -26.04 21.38 -21.95
C MET A 61 -25.39 22.16 -20.82
N TYR A 62 -25.44 21.59 -19.62
CA TYR A 62 -24.89 22.20 -18.41
C TYR A 62 -23.42 21.79 -18.30
N ILE A 63 -22.52 22.77 -18.33
CA ILE A 63 -21.09 22.51 -18.40
C ILE A 63 -20.39 23.10 -17.19
N ASN A 64 -19.79 22.23 -16.38
CA ASN A 64 -18.85 22.60 -15.30
C ASN A 64 -17.76 21.54 -15.30
N SER A 65 -16.76 21.75 -16.16
CA SER A 65 -15.76 20.72 -16.40
C SER A 65 -14.38 21.36 -16.53
N PRO A 66 -13.35 20.74 -15.97
CA PRO A 66 -11.99 21.22 -16.15
C PRO A 66 -11.33 20.75 -17.43
N GLY A 67 -12.03 19.94 -18.24
CA GLY A 67 -11.48 19.42 -19.47
C GLY A 67 -11.50 17.90 -19.48
N GLY A 68 -10.56 17.33 -20.23
CA GLY A 68 -10.43 15.88 -20.20
C GLY A 68 -9.79 15.39 -21.49
N VAL A 69 -10.11 14.13 -21.81
CA VAL A 69 -9.51 13.45 -22.95
C VAL A 69 -10.02 14.09 -24.24
N VAL A 70 -9.09 14.36 -25.17
CA VAL A 70 -9.43 15.10 -26.38
C VAL A 70 -10.41 14.33 -27.25
N THR A 71 -10.10 13.06 -27.54
CA THR A 71 -10.98 12.30 -28.43
C THR A 71 -12.37 12.14 -27.82
N ALA A 72 -12.46 12.02 -26.50
CA ALA A 72 -13.76 11.97 -25.85
C ALA A 72 -14.49 13.30 -25.96
N GLY A 73 -13.77 14.40 -25.76
CA GLY A 73 -14.35 15.71 -25.99
C GLY A 73 -14.80 15.90 -27.43
N LEU A 74 -13.95 15.49 -28.38
CA LEU A 74 -14.31 15.59 -29.79
C LEU A 74 -15.49 14.71 -30.14
N ALA A 75 -15.60 13.54 -29.47
CA ALA A 75 -16.77 12.68 -29.69
C ALA A 75 -18.05 13.41 -29.33
N ILE A 76 -18.05 14.13 -28.20
CA ILE A 76 -19.22 14.92 -27.83
C ILE A 76 -19.43 16.05 -28.83
N TYR A 77 -18.35 16.72 -29.23
CA TYR A 77 -18.46 17.82 -30.18
C TYR A 77 -19.11 17.36 -31.48
N ASP A 78 -18.59 16.30 -32.09
CA ASP A 78 -19.13 15.81 -33.36
C ASP A 78 -20.61 15.44 -33.23
N THR A 79 -20.99 14.86 -32.08
CA THR A 79 -22.40 14.52 -31.88
C THR A 79 -23.25 15.77 -31.75
N MET A 80 -22.71 16.83 -31.12
CA MET A 80 -23.43 18.11 -31.07
C MET A 80 -23.64 18.65 -32.48
N GLN A 81 -22.65 18.55 -33.32
CA GLN A 81 -22.79 18.94 -34.71
C GLN A 81 -23.74 18.04 -35.47
N TYR A 82 -23.72 16.75 -35.17
CA TYR A 82 -24.50 15.80 -35.95
C TYR A 82 -26.01 15.96 -35.73
N ILE A 83 -26.46 16.05 -34.48
CA ILE A 83 -27.89 16.12 -34.22
C ILE A 83 -28.47 17.44 -34.74
N LEU A 84 -29.77 17.44 -35.05
CA LEU A 84 -30.41 18.59 -35.66
C LEU A 84 -30.96 19.59 -34.65
N ASN A 85 -30.85 19.31 -33.35
CA ASN A 85 -31.47 20.19 -32.39
C ASN A 85 -30.64 21.45 -32.19
N PRO A 86 -31.28 22.56 -31.83
CA PRO A 86 -30.52 23.67 -31.25
C PRO A 86 -30.08 23.30 -29.84
N ILE A 87 -28.83 23.64 -29.52
CA ILE A 87 -28.24 23.26 -28.23
C ILE A 87 -27.82 24.52 -27.50
N CYS A 88 -28.37 24.72 -26.30
CA CYS A 88 -27.94 25.79 -25.42
C CYS A 88 -26.83 25.26 -24.52
N THR A 89 -25.69 25.94 -24.53
CA THR A 89 -24.60 25.60 -23.62
C THR A 89 -24.62 26.58 -22.46
N TRP A 90 -24.41 26.07 -21.25
CA TRP A 90 -24.48 26.86 -20.03
C TRP A 90 -23.23 26.60 -19.22
N CYS A 91 -22.36 27.61 -19.13
CA CYS A 91 -21.15 27.50 -18.33
C CYS A 91 -21.47 27.97 -16.91
N VAL A 92 -21.39 27.03 -15.96
CA VAL A 92 -21.61 27.30 -14.54
C VAL A 92 -20.43 26.72 -13.78
N GLY A 93 -19.75 27.56 -13.00
CA GLY A 93 -18.51 27.17 -12.37
C GLY A 93 -17.33 27.42 -13.28
N GLN A 94 -17.05 26.49 -14.19
CA GLN A 94 -15.94 26.66 -15.10
C GLN A 94 -16.13 25.79 -16.34
N ALA A 95 -15.50 26.22 -17.43
CA ALA A 95 -15.36 25.41 -18.64
C ALA A 95 -13.94 25.61 -19.14
N ALA A 96 -13.08 24.64 -18.88
CA ALA A 96 -11.67 24.72 -19.25
C ALA A 96 -11.33 23.60 -20.20
N SER A 97 -10.39 23.88 -21.11
CA SER A 97 -9.87 22.90 -22.06
C SER A 97 -11.03 22.39 -22.91
N MET A 98 -11.28 21.08 -23.00
CA MET A 98 -12.35 20.56 -23.83
C MET A 98 -13.71 21.10 -23.39
N GLY A 99 -13.86 21.43 -22.10
CA GLY A 99 -15.11 21.99 -21.63
C GLY A 99 -15.46 23.29 -22.32
N SER A 100 -14.47 24.17 -22.52
CA SER A 100 -14.75 25.42 -23.21
C SER A 100 -15.03 25.18 -24.70
N LEU A 101 -14.46 24.12 -25.28
CA LEU A 101 -14.77 23.78 -26.66
C LEU A 101 -16.23 23.39 -26.81
N LEU A 102 -16.73 22.56 -25.89
CA LEU A 102 -18.16 22.21 -25.90
C LEU A 102 -19.03 23.45 -25.68
N LEU A 103 -18.62 24.32 -24.76
CA LEU A 103 -19.35 25.57 -24.54
C LEU A 103 -19.46 26.38 -25.82
N ALA A 104 -18.34 26.59 -26.50
CA ALA A 104 -18.33 27.37 -27.73
C ALA A 104 -19.05 26.68 -28.88
N ALA A 105 -19.23 25.37 -28.80
CA ALA A 105 -19.86 24.58 -29.86
C ALA A 105 -21.38 24.64 -29.81
N GLY A 106 -21.97 25.37 -28.86
CA GLY A 106 -23.41 25.53 -28.84
C GLY A 106 -23.92 26.28 -30.05
N THR A 107 -25.23 26.17 -30.27
CA THR A 107 -25.87 26.88 -31.37
C THR A 107 -25.64 28.39 -31.21
N PRO A 108 -25.25 29.09 -32.28
CA PRO A 108 -24.98 30.53 -32.15
C PRO A 108 -26.16 31.27 -31.56
N GLY A 109 -25.85 32.26 -30.71
CA GLY A 109 -26.87 32.98 -29.97
C GLY A 109 -27.40 32.27 -28.74
N MET A 110 -27.03 31.00 -28.53
CA MET A 110 -27.56 30.21 -27.43
C MET A 110 -26.45 29.66 -26.54
N ARG A 111 -25.33 30.37 -26.46
CA ARG A 111 -24.19 30.00 -25.61
C ARG A 111 -24.15 30.95 -24.42
N HIS A 112 -24.32 30.40 -23.22
CA HIS A 112 -24.54 31.19 -22.01
C HIS A 112 -23.45 30.91 -20.98
N SER A 113 -23.27 31.89 -20.08
CA SER A 113 -22.46 31.72 -18.89
C SER A 113 -23.07 32.52 -17.75
N LEU A 114 -22.95 32.00 -16.54
CA LEU A 114 -23.33 32.74 -15.36
C LEU A 114 -22.19 33.66 -14.95
N PRO A 115 -22.45 34.65 -14.08
CA PRO A 115 -21.51 35.79 -13.98
C PRO A 115 -20.12 35.44 -13.44
N ASN A 116 -19.99 34.49 -12.52
CA ASN A 116 -18.71 34.24 -11.87
C ASN A 116 -17.97 33.04 -12.43
N SER A 117 -18.42 32.49 -13.56
CA SER A 117 -17.75 31.37 -14.19
C SER A 117 -16.35 31.76 -14.69
N ARG A 118 -15.51 30.75 -14.89
CA ARG A 118 -14.19 30.93 -15.49
C ARG A 118 -14.11 30.08 -16.76
N ILE A 119 -13.53 30.66 -17.81
CA ILE A 119 -13.41 30.00 -19.11
C ILE A 119 -11.95 29.98 -19.52
N MET A 120 -11.47 28.81 -19.96
CA MET A 120 -10.10 28.65 -20.41
C MET A 120 -10.08 27.81 -21.69
N ILE A 121 -9.42 28.34 -22.72
CA ILE A 121 -9.20 27.57 -23.95
C ILE A 121 -7.81 26.95 -24.00
N HIS A 122 -6.90 27.40 -23.14
CA HIS A 122 -5.59 26.75 -22.98
C HIS A 122 -5.77 25.28 -22.62
N GLN A 123 -4.87 24.45 -23.13
CA GLN A 123 -4.91 23.01 -22.85
C GLN A 123 -3.78 22.62 -21.92
N PRO A 124 -4.05 22.18 -20.69
CA PRO A 124 -2.98 21.66 -19.82
C PRO A 124 -2.52 20.27 -20.25
N ILE A 137 0.36 8.00 -27.28
CA ILE A 137 0.22 8.78 -28.50
C ILE A 137 1.55 9.42 -28.92
N GLN A 138 1.85 9.36 -30.22
CA GLN A 138 3.09 9.91 -30.75
C GLN A 138 3.01 11.43 -30.85
N ALA A 139 4.14 12.04 -31.20
CA ALA A 139 4.24 13.49 -31.26
C ALA A 139 3.42 14.06 -32.41
N GLU A 140 3.57 13.49 -33.61
CA GLU A 140 2.78 13.96 -34.75
C GLU A 140 1.28 13.84 -34.46
N GLU A 141 0.87 12.82 -33.71
CA GLU A 141 -0.55 12.64 -33.44
C GLU A 141 -1.08 13.68 -32.44
N ILE A 142 -0.31 14.01 -31.40
CA ILE A 142 -0.79 15.00 -30.43
C ILE A 142 -0.97 16.37 -31.09
N MET A 143 -0.08 16.73 -32.03
CA MET A 143 -0.25 18.01 -32.68
C MET A 143 -1.33 18.01 -33.75
N LYS A 144 -1.55 16.88 -34.39
CA LYS A 144 -2.70 16.80 -35.27
C LYS A 144 -3.99 17.07 -34.50
N LEU A 145 -4.09 16.54 -33.28
CA LEU A 145 -5.24 16.82 -32.44
C LEU A 145 -5.30 18.30 -32.06
N LYS A 146 -4.13 18.90 -31.81
CA LYS A 146 -4.09 20.32 -31.45
C LYS A 146 -4.65 21.21 -32.57
N LYS A 147 -4.28 20.92 -33.81
CA LYS A 147 -4.78 21.72 -34.93
C LYS A 147 -6.27 21.51 -35.10
N GLN A 148 -6.75 20.28 -34.87
CA GLN A 148 -8.19 20.05 -34.88
C GLN A 148 -8.88 20.96 -33.88
N LEU A 149 -8.26 21.16 -32.71
CA LEU A 149 -8.84 22.07 -31.73
C LEU A 149 -8.76 23.51 -32.22
N TYR A 150 -7.65 23.88 -32.88
CA TYR A 150 -7.52 25.21 -33.45
C TYR A 150 -8.65 25.51 -34.44
N ASN A 151 -8.89 24.59 -35.37
CA ASN A 151 -9.93 24.80 -36.37
C ASN A 151 -11.31 24.90 -35.74
N ILE A 152 -11.61 24.01 -34.79
CA ILE A 152 -12.94 24.02 -34.18
C ILE A 152 -13.16 25.34 -33.42
N TYR A 153 -12.15 25.78 -32.65
CA TYR A 153 -12.25 27.07 -31.98
C TYR A 153 -12.41 28.20 -32.99
N ALA A 154 -11.58 28.21 -34.03
CA ALA A 154 -11.67 29.24 -35.06
C ALA A 154 -13.05 29.26 -35.71
N LYS A 155 -13.62 28.09 -35.98
CA LYS A 155 -14.92 28.00 -36.62
C LYS A 155 -16.02 28.64 -35.78
N HIS A 156 -16.02 28.38 -34.48
CA HIS A 156 -17.15 28.78 -33.64
C HIS A 156 -16.97 30.15 -33.00
N THR A 157 -15.74 30.60 -32.78
CA THR A 157 -15.45 31.95 -32.31
C THR A 157 -15.34 32.98 -33.42
N LYS A 158 -15.24 32.54 -34.67
CA LYS A 158 -15.07 33.39 -35.86
C LYS A 158 -13.82 34.24 -35.73
N GLN A 159 -12.80 33.64 -35.12
CA GLN A 159 -11.46 34.20 -35.06
C GLN A 159 -10.53 33.46 -36.01
N SER A 160 -9.42 34.13 -36.34
CA SER A 160 -8.40 33.58 -37.21
C SER A 160 -7.56 32.54 -36.46
N LEU A 161 -6.89 31.66 -37.23
CA LEU A 161 -6.09 30.57 -36.64
C LEU A 161 -4.89 31.09 -35.84
N GLN A 162 -4.28 32.21 -36.26
CA GLN A 162 -3.27 32.86 -35.45
C GLN A 162 -3.78 33.49 -34.18
N VAL A 163 -5.02 33.95 -34.17
CA VAL A 163 -5.53 34.50 -32.92
C VAL A 163 -5.81 33.36 -31.94
N ILE A 164 -6.29 32.23 -32.45
CA ILE A 164 -6.57 31.07 -31.59
C ILE A 164 -5.27 30.45 -31.08
N GLU A 165 -4.32 30.19 -31.99
CA GLU A 165 -3.05 29.59 -31.58
C GLU A 165 -2.33 30.46 -30.55
N SER A 166 -2.34 31.78 -30.75
CA SER A 166 -1.69 32.67 -29.80
C SER A 166 -2.41 32.67 -28.45
N ALA A 167 -3.75 32.73 -28.46
CA ALA A 167 -4.49 32.81 -27.21
C ALA A 167 -4.41 31.51 -26.42
N MET A 168 -4.47 30.38 -27.12
CA MET A 168 -4.41 29.09 -26.43
C MET A 168 -3.06 28.84 -25.79
N GLU A 169 -2.03 29.56 -26.21
CA GLU A 169 -0.71 29.40 -25.62
C GLU A 169 -0.61 30.08 -24.25
N ARG A 170 -1.56 30.96 -23.93
CA ARG A 170 -1.52 31.72 -22.68
C ARG A 170 -2.22 30.90 -21.59
N ASP A 171 -1.51 30.64 -20.50
CA ASP A 171 -2.05 29.82 -19.42
C ASP A 171 -2.83 30.73 -18.49
N ARG A 172 -4.09 30.98 -18.86
CA ARG A 172 -4.94 31.90 -18.13
C ARG A 172 -6.41 31.55 -18.34
N TYR A 173 -7.24 32.04 -17.43
CA TYR A 173 -8.68 32.01 -17.58
C TYR A 173 -9.17 33.40 -17.98
N MET A 174 -10.30 33.44 -18.66
CA MET A 174 -10.98 34.69 -18.96
C MET A 174 -12.32 34.72 -18.23
N SER A 175 -12.78 35.94 -17.97
CA SER A 175 -14.12 36.16 -17.45
C SER A 175 -15.19 35.86 -18.50
N PRO A 176 -16.45 35.68 -18.07
CA PRO A 176 -17.53 35.49 -19.05
C PRO A 176 -17.65 36.63 -20.06
N MET A 177 -17.48 37.87 -19.61
CA MET A 177 -17.52 39.00 -20.53
C MET A 177 -16.38 38.92 -21.53
N GLU A 178 -15.20 38.54 -21.07
CA GLU A 178 -14.06 38.41 -21.98
C GLU A 178 -14.24 37.24 -22.94
N ALA A 179 -14.89 36.16 -22.48
CA ALA A 179 -15.17 35.03 -23.37
C ALA A 179 -16.24 35.37 -24.40
N GLN A 180 -17.21 36.21 -24.03
CA GLN A 180 -18.18 36.68 -25.00
C GLN A 180 -17.52 37.55 -26.07
N GLU A 181 -16.62 38.44 -25.66
CA GLU A 181 -15.96 39.32 -26.61
C GLU A 181 -15.08 38.52 -27.56
N PHE A 182 -14.50 37.41 -27.07
CA PHE A 182 -13.65 36.55 -27.89
C PHE A 182 -14.44 35.68 -28.87
N GLY A 183 -15.73 35.47 -28.60
CA GLY A 183 -16.55 34.64 -29.45
C GLY A 183 -16.85 33.26 -28.91
N ILE A 184 -16.49 32.97 -27.66
CA ILE A 184 -16.73 31.66 -27.08
C ILE A 184 -18.18 31.49 -26.67
N LEU A 185 -18.80 32.56 -26.18
CA LEU A 185 -20.19 32.50 -25.73
C LEU A 185 -20.89 33.78 -26.16
N ASP A 186 -22.22 33.76 -26.06
CA ASP A 186 -23.04 34.86 -26.56
C ASP A 186 -23.67 35.72 -25.47
N LYS A 187 -24.06 35.14 -24.34
CA LYS A 187 -24.81 35.89 -23.34
C LYS A 187 -24.33 35.54 -21.93
N VAL A 188 -24.16 36.59 -21.12
CA VAL A 188 -23.86 36.47 -19.69
C VAL A 188 -25.08 36.96 -18.93
N LEU A 189 -25.75 36.04 -18.26
CA LEU A 189 -27.03 36.31 -17.63
C LEU A 189 -26.91 36.25 -16.12
N VAL A 190 -27.44 37.26 -15.44
CA VAL A 190 -27.52 37.25 -13.99
C VAL A 190 -28.83 36.66 -13.53
N HIS A 191 -29.90 36.93 -14.28
CA HIS A 191 -31.22 36.37 -14.10
C HIS A 191 -31.71 35.88 -15.45
N PRO A 192 -32.77 35.07 -15.50
CA PRO A 192 -33.26 34.58 -16.79
C PRO A 192 -33.82 35.67 -17.61
N PRO A 193 -33.79 35.60 -18.97
CA PRO A 193 -34.40 36.54 -19.88
C PRO A 193 -35.86 36.19 -20.23
N LEU B 2 -23.07 7.24 -12.25
CA LEU B 2 -24.52 7.44 -12.20
C LEU B 2 -25.11 7.43 -13.60
N ILE B 3 -25.99 6.47 -13.87
CA ILE B 3 -26.57 6.25 -15.19
C ILE B 3 -28.03 6.69 -15.14
N PRO B 4 -28.47 7.61 -16.01
CA PRO B 4 -29.82 8.13 -15.90
C PRO B 4 -30.85 7.15 -16.43
N ILE B 5 -32.07 7.31 -15.92
CA ILE B 5 -33.21 6.46 -16.24
C ILE B 5 -34.20 7.27 -17.06
N VAL B 6 -34.80 6.65 -18.07
CA VAL B 6 -35.77 7.33 -18.93
C VAL B 6 -37.21 7.15 -18.42
N TYR B 17 -35.44 1.28 -19.38
CA TYR B 17 -35.33 2.12 -18.19
C TYR B 17 -34.00 2.87 -18.14
N ASP B 18 -32.86 2.18 -18.13
CA ASP B 18 -31.63 2.96 -18.14
C ASP B 18 -31.28 3.36 -19.57
N ILE B 19 -30.62 4.50 -19.71
CA ILE B 19 -30.48 5.09 -21.04
C ILE B 19 -29.74 4.16 -21.98
N TYR B 20 -28.82 3.34 -21.44
CA TYR B 20 -28.16 2.36 -22.30
C TYR B 20 -29.12 1.26 -22.71
N SER B 21 -29.98 0.82 -21.80
CA SER B 21 -31.01 -0.15 -22.17
C SER B 21 -32.00 0.44 -23.16
N ARG B 22 -32.32 1.72 -23.01
CA ARG B 22 -33.24 2.36 -23.95
C ARG B 22 -32.62 2.50 -25.33
N LEU B 23 -31.32 2.76 -25.37
CA LEU B 23 -30.64 2.88 -26.63
C LEU B 23 -30.60 1.54 -27.39
N LEU B 24 -30.50 0.43 -26.66
CA LEU B 24 -30.55 -0.88 -27.27
C LEU B 24 -31.91 -1.14 -27.92
N ARG B 25 -32.97 -0.57 -27.35
CA ARG B 25 -34.28 -0.66 -27.97
C ARG B 25 -34.32 0.08 -29.30
N GLU B 26 -33.36 0.96 -29.54
CA GLU B 26 -33.15 1.59 -30.83
C GLU B 26 -32.17 0.81 -31.69
N ARG B 27 -31.87 -0.43 -31.30
CA ARG B 27 -30.97 -1.31 -32.05
C ARG B 27 -29.58 -0.71 -32.18
N ILE B 28 -29.13 -0.02 -31.14
CA ILE B 28 -27.75 0.52 -31.09
C ILE B 28 -27.01 -0.16 -29.95
N VAL B 29 -25.85 -0.70 -30.25
CA VAL B 29 -24.99 -1.37 -29.28
C VAL B 29 -23.73 -0.54 -29.13
N CYS B 30 -23.30 -0.33 -27.90
CA CYS B 30 -22.12 0.47 -27.61
C CYS B 30 -20.93 -0.43 -27.42
N VAL B 31 -19.84 -0.12 -28.12
CA VAL B 31 -18.53 -0.71 -27.88
C VAL B 31 -17.60 0.40 -27.41
N MET B 32 -17.57 0.56 -26.06
CA MET B 32 -16.79 1.54 -25.30
C MET B 32 -15.62 1.07 -24.50
N GLY B 33 -14.56 1.88 -24.59
CA GLY B 33 -13.40 1.66 -23.78
C GLY B 33 -12.61 0.44 -24.16
N PRO B 34 -11.73 0.02 -23.26
CA PRO B 34 -10.93 -1.16 -23.55
C PRO B 34 -11.84 -2.38 -23.70
N ILE B 35 -11.55 -3.18 -24.72
CA ILE B 35 -12.34 -4.36 -25.02
C ILE B 35 -11.71 -5.53 -24.29
N ASP B 36 -12.45 -6.15 -23.38
CA ASP B 36 -12.02 -7.36 -22.71
C ASP B 36 -13.11 -8.41 -22.86
N ASP B 37 -12.87 -9.58 -22.27
CA ASP B 37 -13.85 -10.66 -22.34
C ASP B 37 -15.22 -10.22 -21.82
N SER B 38 -15.24 -9.36 -20.81
CA SER B 38 -16.50 -8.91 -20.25
C SER B 38 -17.28 -8.06 -21.25
N VAL B 39 -16.60 -7.10 -21.90
CA VAL B 39 -17.26 -6.30 -22.93
C VAL B 39 -17.70 -7.17 -24.10
N ALA B 40 -16.85 -8.12 -24.51
CA ALA B 40 -17.19 -8.99 -25.64
C ALA B 40 -18.47 -9.77 -25.37
N SER B 41 -18.57 -10.37 -24.18
CA SER B 41 -19.77 -11.11 -23.83
C SER B 41 -21.00 -10.22 -23.82
N LEU B 42 -20.87 -8.99 -23.33
CA LEU B 42 -22.00 -8.06 -23.31
C LEU B 42 -22.43 -7.67 -24.72
N VAL B 43 -21.46 -7.34 -25.58
CA VAL B 43 -21.79 -6.96 -26.96
C VAL B 43 -22.41 -8.14 -27.71
N ILE B 44 -21.83 -9.33 -27.55
CA ILE B 44 -22.35 -10.52 -28.22
C ILE B 44 -23.78 -10.79 -27.75
N ALA B 45 -24.03 -10.69 -26.45
CA ALA B 45 -25.38 -10.85 -25.92
C ALA B 45 -26.35 -9.89 -26.59
N GLN B 46 -25.96 -8.62 -26.71
CA GLN B 46 -26.84 -7.64 -27.34
C GLN B 46 -27.06 -7.96 -28.82
N LEU B 47 -26.02 -8.40 -29.52
CA LEU B 47 -26.16 -8.74 -30.93
C LEU B 47 -27.13 -9.90 -31.13
N LEU B 48 -27.02 -10.94 -30.29
CA LEU B 48 -27.94 -12.06 -30.39
C LEU B 48 -29.37 -11.62 -30.09
N PHE B 49 -29.52 -10.70 -29.14
CA PHE B 49 -30.85 -10.21 -28.77
C PHE B 49 -31.49 -9.43 -29.92
N LEU B 50 -30.72 -8.50 -30.51
CA LEU B 50 -31.24 -7.67 -31.59
C LEU B 50 -31.56 -8.49 -32.83
N GLN B 51 -30.82 -9.58 -33.05
CA GLN B 51 -31.12 -10.47 -34.17
C GLN B 51 -32.43 -11.22 -33.95
N SER B 52 -32.73 -11.57 -32.70
CA SER B 52 -33.95 -12.29 -32.39
C SER B 52 -35.19 -11.43 -32.62
N GLU B 53 -35.10 -10.13 -32.31
CA GLU B 53 -36.25 -9.26 -32.51
C GLU B 53 -36.45 -8.95 -33.99
N SER B 54 -35.40 -9.08 -34.80
CA SER B 54 -35.51 -8.96 -36.25
C SER B 54 -34.18 -9.37 -36.89
N ASN B 55 -34.22 -10.30 -37.82
CA ASN B 55 -33.01 -10.70 -38.48
C ASN B 55 -32.68 -9.83 -39.65
N LYS B 56 -33.48 -8.81 -39.93
CA LYS B 56 -33.23 -7.99 -41.07
C LYS B 56 -33.08 -6.51 -40.84
N LYS B 57 -33.51 -6.03 -39.70
CA LYS B 57 -33.40 -4.61 -39.44
C LYS B 57 -31.96 -4.28 -39.14
N PRO B 58 -31.46 -3.15 -39.59
CA PRO B 58 -30.06 -2.90 -39.28
C PRO B 58 -29.82 -2.74 -37.79
N ILE B 59 -28.57 -3.03 -37.40
CA ILE B 59 -28.09 -2.84 -36.04
C ILE B 59 -26.98 -1.80 -36.10
N HIS B 60 -27.03 -0.82 -35.20
CA HIS B 60 -26.03 0.24 -35.17
C HIS B 60 -24.98 -0.06 -34.10
N MET B 61 -23.71 -0.07 -34.51
CA MET B 61 -22.61 -0.33 -33.60
C MET B 61 -21.79 0.95 -33.44
N TYR B 62 -21.92 1.55 -32.27
CA TYR B 62 -21.22 2.78 -31.89
C TYR B 62 -19.87 2.43 -31.28
N ILE B 63 -18.78 2.87 -31.91
CA ILE B 63 -17.42 2.47 -31.56
C ILE B 63 -16.58 3.68 -31.18
N ASN B 64 -16.09 3.72 -29.95
CA ASN B 64 -15.09 4.68 -29.49
C ASN B 64 -14.11 3.95 -28.59
N SER B 65 -13.16 3.22 -29.19
CA SER B 65 -12.40 2.33 -28.34
C SER B 65 -10.92 2.44 -28.68
N PRO B 66 -10.06 2.38 -27.66
CA PRO B 66 -8.62 2.38 -27.91
C PRO B 66 -8.08 1.00 -28.25
N GLY B 67 -8.92 -0.03 -28.21
CA GLY B 67 -8.49 -1.40 -28.49
C GLY B 67 -8.81 -2.32 -27.34
N GLY B 68 -8.03 -3.38 -27.22
CA GLY B 68 -8.21 -4.28 -26.11
C GLY B 68 -7.69 -5.67 -26.46
N VAL B 69 -8.26 -6.66 -25.76
CA VAL B 69 -7.82 -8.04 -25.90
C VAL B 69 -8.19 -8.58 -27.27
N VAL B 70 -7.23 -9.24 -27.94
CA VAL B 70 -7.44 -9.69 -29.32
C VAL B 70 -8.55 -10.73 -29.40
N THR B 71 -8.48 -11.77 -28.56
CA THR B 71 -9.48 -12.82 -28.64
C THR B 71 -10.87 -12.31 -28.31
N ALA B 72 -10.97 -11.33 -27.41
CA ALA B 72 -12.26 -10.71 -27.13
C ALA B 72 -12.76 -9.91 -28.32
N GLY B 73 -11.87 -9.14 -28.96
CA GLY B 73 -12.24 -8.44 -30.18
C GLY B 73 -12.66 -9.39 -31.28
N LEU B 74 -11.91 -10.49 -31.45
CA LEU B 74 -12.26 -11.48 -32.47
C LEU B 74 -13.59 -12.16 -32.16
N ALA B 75 -13.92 -12.35 -30.88
CA ALA B 75 -15.22 -12.90 -30.51
C ALA B 75 -16.35 -12.00 -31.00
N ILE B 76 -16.19 -10.69 -30.85
CA ILE B 76 -17.19 -9.75 -31.38
C ILE B 76 -17.21 -9.81 -32.89
N TYR B 77 -16.03 -9.83 -33.53
CA TYR B 77 -15.97 -9.88 -34.98
C TYR B 77 -16.71 -11.10 -35.52
N ASP B 78 -16.38 -12.29 -35.01
CA ASP B 78 -17.02 -13.51 -35.49
C ASP B 78 -18.53 -13.44 -35.32
N THR B 79 -19.00 -12.86 -34.22
CA THR B 79 -20.43 -12.75 -33.99
C THR B 79 -21.08 -11.75 -34.94
N MET B 80 -20.38 -10.68 -35.31
CA MET B 80 -20.93 -9.73 -36.26
C MET B 80 -21.18 -10.38 -37.62
N GLN B 81 -20.22 -11.16 -38.11
CA GLN B 81 -20.39 -11.86 -39.37
C GLN B 81 -21.39 -13.02 -39.23
N TYR B 82 -21.45 -13.67 -38.06
CA TYR B 82 -22.33 -14.82 -37.88
C TYR B 82 -23.80 -14.43 -38.00
N ILE B 83 -24.21 -13.37 -37.31
CA ILE B 83 -25.60 -12.94 -37.40
C ILE B 83 -25.85 -12.42 -38.81
N LEU B 84 -27.10 -12.51 -39.26
CA LEU B 84 -27.41 -12.16 -40.64
C LEU B 84 -27.83 -10.70 -40.81
N ASN B 85 -27.87 -9.92 -39.73
CA ASN B 85 -28.34 -8.55 -39.88
C ASN B 85 -27.29 -7.69 -40.55
N PRO B 86 -27.71 -6.64 -41.27
CA PRO B 86 -26.77 -5.58 -41.63
C PRO B 86 -26.44 -4.77 -40.39
N ILE B 87 -25.16 -4.45 -40.22
CA ILE B 87 -24.67 -3.78 -39.04
C ILE B 87 -23.97 -2.50 -39.48
N CYS B 88 -24.47 -1.36 -39.01
CA CYS B 88 -23.80 -0.08 -39.27
C CYS B 88 -22.81 0.22 -38.14
N THR B 89 -21.55 0.45 -38.51
CA THR B 89 -20.52 0.83 -37.57
C THR B 89 -20.31 2.33 -37.62
N TRP B 90 -20.16 2.93 -36.43
CA TRP B 90 -20.04 4.38 -36.29
C TRP B 90 -18.83 4.69 -35.43
N CYS B 91 -17.78 5.24 -36.04
CA CYS B 91 -16.61 5.67 -35.29
C CYS B 91 -16.77 7.12 -34.87
N VAL B 92 -16.84 7.35 -33.56
CA VAL B 92 -16.89 8.69 -32.99
C VAL B 92 -15.86 8.75 -31.89
N GLY B 93 -15.00 9.77 -31.93
CA GLY B 93 -13.89 9.81 -31.01
C GLY B 93 -12.70 9.07 -31.58
N GLN B 94 -12.66 7.76 -31.40
CA GLN B 94 -11.55 6.99 -31.97
C GLN B 94 -11.93 5.52 -32.11
N ALA B 95 -11.24 4.87 -33.03
CA ALA B 95 -11.29 3.41 -33.18
C ALA B 95 -9.86 2.96 -33.47
N ALA B 96 -9.18 2.44 -32.44
CA ALA B 96 -7.79 2.03 -32.56
C ALA B 96 -7.68 0.54 -32.25
N SER B 97 -6.72 -0.10 -32.91
CA SER B 97 -6.41 -1.52 -32.69
C SER B 97 -7.66 -2.33 -32.98
N MET B 98 -8.13 -3.18 -32.05
CA MET B 98 -9.30 -3.99 -32.31
C MET B 98 -10.54 -3.14 -32.60
N GLY B 99 -10.58 -1.91 -32.07
CA GLY B 99 -11.69 -1.02 -32.37
C GLY B 99 -11.83 -0.73 -33.85
N SER B 100 -10.72 -0.48 -34.54
CA SER B 100 -10.79 -0.21 -35.97
C SER B 100 -11.13 -1.47 -36.75
N LEU B 101 -10.76 -2.65 -36.23
CA LEU B 101 -11.13 -3.90 -36.89
C LEU B 101 -12.64 -4.08 -36.89
N LEU B 102 -13.27 -3.84 -35.74
CA LEU B 102 -14.72 -3.91 -35.66
C LEU B 102 -15.36 -2.87 -36.57
N LEU B 103 -14.80 -1.66 -36.59
CA LEU B 103 -15.31 -0.61 -37.48
C LEU B 103 -15.29 -1.07 -38.93
N ALA B 104 -14.15 -1.60 -39.38
CA ALA B 104 -14.02 -2.06 -40.76
C ALA B 104 -14.88 -3.28 -41.03
N ALA B 105 -15.27 -4.01 -39.99
CA ALA B 105 -16.05 -5.23 -40.16
C ALA B 105 -17.53 -4.98 -40.36
N GLY B 106 -17.98 -3.73 -40.38
CA GLY B 106 -19.37 -3.46 -40.69
C GLY B 106 -19.70 -3.87 -42.11
N THR B 107 -20.99 -4.05 -42.36
CA THR B 107 -21.43 -4.42 -43.70
C THR B 107 -21.05 -3.32 -44.69
N PRO B 108 -20.55 -3.68 -45.87
CA PRO B 108 -20.08 -2.67 -46.83
C PRO B 108 -21.13 -1.62 -47.12
N GLY B 109 -20.68 -0.38 -47.29
CA GLY B 109 -21.56 0.75 -47.47
C GLY B 109 -22.15 1.31 -46.19
N MET B 110 -21.98 0.63 -45.05
CA MET B 110 -22.59 1.04 -43.79
C MET B 110 -21.55 1.27 -42.69
N ARG B 111 -20.32 1.65 -43.07
CA ARG B 111 -19.26 1.94 -42.11
C ARG B 111 -19.02 3.45 -42.08
N HIS B 112 -19.27 4.05 -40.92
CA HIS B 112 -19.34 5.51 -40.78
C HIS B 112 -18.31 6.02 -39.79
N SER B 113 -17.97 7.29 -39.95
CA SER B 113 -17.18 8.02 -38.97
C SER B 113 -17.64 9.47 -38.95
N LEU B 114 -17.58 10.07 -37.76
CA LEU B 114 -17.82 11.50 -37.65
C LEU B 114 -16.51 12.25 -37.96
N PRO B 115 -16.57 13.56 -38.18
CA PRO B 115 -15.44 14.23 -38.84
C PRO B 115 -14.14 14.23 -38.05
N ASN B 116 -14.19 14.31 -36.72
CA ASN B 116 -12.98 14.49 -35.93
C ASN B 116 -12.47 13.20 -35.29
N SER B 117 -13.02 12.05 -35.68
CA SER B 117 -12.54 10.79 -35.13
C SER B 117 -11.11 10.50 -35.58
N ARG B 118 -10.45 9.63 -34.83
CA ARG B 118 -9.12 9.13 -35.18
C ARG B 118 -9.19 7.62 -35.31
N ILE B 119 -8.56 7.07 -36.36
CA ILE B 119 -8.60 5.64 -36.64
C ILE B 119 -7.17 5.13 -36.73
N MET B 120 -6.91 4.02 -36.05
CA MET B 120 -5.59 3.39 -36.05
C MET B 120 -5.75 1.88 -36.21
N ILE B 121 -5.05 1.32 -37.19
CA ILE B 121 -4.98 -0.12 -37.37
C ILE B 121 -3.71 -0.71 -36.76
N HIS B 122 -2.71 0.12 -36.48
CA HIS B 122 -1.54 -0.31 -35.72
C HIS B 122 -1.95 -0.93 -34.39
N GLN B 123 -1.22 -1.95 -33.95
CA GLN B 123 -1.49 -2.62 -32.69
C GLN B 123 -0.42 -2.27 -31.68
N PRO B 124 -0.74 -1.55 -30.59
CA PRO B 124 0.25 -1.32 -29.53
C PRO B 124 0.46 -2.57 -28.67
N ILE B 137 1.15 -15.81 -23.44
CA ILE B 137 1.10 -16.36 -24.79
C ILE B 137 2.52 -16.50 -25.37
N GLN B 138 2.80 -17.62 -26.02
CA GLN B 138 4.10 -17.89 -26.60
C GLN B 138 4.27 -17.08 -27.90
N ALA B 139 5.48 -17.14 -28.46
CA ALA B 139 5.83 -16.28 -29.60
C ALA B 139 5.05 -16.66 -30.85
N GLU B 140 5.07 -17.94 -31.22
CA GLU B 140 4.29 -18.38 -32.39
C GLU B 140 2.82 -18.03 -32.25
N GLU B 141 2.30 -18.01 -31.03
CA GLU B 141 0.89 -17.69 -30.84
C GLU B 141 0.57 -16.24 -31.19
N ILE B 142 1.38 -15.30 -30.69
CA ILE B 142 1.19 -13.89 -31.00
C ILE B 142 1.28 -13.65 -32.51
N MET B 143 2.15 -14.38 -33.20
CA MET B 143 2.26 -14.16 -34.64
C MET B 143 1.06 -14.75 -35.39
N LYS B 144 0.51 -15.87 -34.92
CA LYS B 144 -0.69 -16.42 -35.52
C LYS B 144 -1.87 -15.46 -35.39
N LEU B 145 -2.02 -14.84 -34.21
CA LEU B 145 -3.09 -13.86 -34.04
C LEU B 145 -2.86 -12.65 -34.93
N LYS B 146 -1.60 -12.26 -35.12
CA LYS B 146 -1.30 -11.12 -35.98
C LYS B 146 -1.75 -11.36 -37.42
N LYS B 147 -1.48 -12.56 -37.97
CA LYS B 147 -1.93 -12.84 -39.33
C LYS B 147 -3.45 -12.94 -39.42
N GLN B 148 -4.10 -13.46 -38.37
CA GLN B 148 -5.56 -13.43 -38.36
C GLN B 148 -6.06 -12.01 -38.47
N LEU B 149 -5.38 -11.05 -37.84
CA LEU B 149 -5.77 -9.65 -37.98
C LEU B 149 -5.46 -9.15 -39.39
N TYR B 150 -4.32 -9.56 -39.95
CA TYR B 150 -3.97 -9.22 -41.32
C TYR B 150 -5.05 -9.70 -42.29
N ASN B 151 -5.49 -10.96 -42.15
CA ASN B 151 -6.49 -11.52 -43.05
C ASN B 151 -7.80 -10.77 -42.92
N ILE B 152 -8.25 -10.52 -41.69
CA ILE B 152 -9.54 -9.86 -41.49
C ILE B 152 -9.50 -8.45 -42.04
N TYR B 153 -8.42 -7.71 -41.76
CA TYR B 153 -8.29 -6.40 -42.36
C TYR B 153 -8.27 -6.51 -43.88
N ALA B 154 -7.45 -7.42 -44.41
CA ALA B 154 -7.35 -7.57 -45.86
C ALA B 154 -8.71 -7.86 -46.50
N LYS B 155 -9.52 -8.72 -45.87
CA LYS B 155 -10.83 -9.04 -46.43
C LYS B 155 -11.74 -7.83 -46.46
N HIS B 156 -11.74 -7.03 -45.40
CA HIS B 156 -12.66 -5.92 -45.30
C HIS B 156 -12.07 -4.63 -45.85
N THR B 157 -10.75 -4.54 -45.94
CA THR B 157 -10.10 -3.42 -46.63
C THR B 157 -10.09 -3.59 -48.13
N LYS B 158 -10.20 -4.81 -48.62
CA LYS B 158 -10.00 -5.12 -50.03
C LYS B 158 -8.63 -4.61 -50.48
N GLN B 159 -7.67 -4.64 -49.56
CA GLN B 159 -6.27 -4.36 -49.81
C GLN B 159 -5.46 -5.64 -49.76
N SER B 160 -4.28 -5.59 -50.36
CA SER B 160 -3.40 -6.75 -50.34
C SER B 160 -2.78 -6.89 -48.96
N LEU B 161 -2.34 -8.11 -48.64
CA LEU B 161 -1.76 -8.32 -47.33
C LEU B 161 -0.47 -7.52 -47.13
N GLN B 162 0.32 -7.22 -48.18
CA GLN B 162 1.58 -6.51 -47.93
C GLN B 162 1.26 -5.06 -47.57
N VAL B 163 0.17 -4.55 -48.14
CA VAL B 163 -0.25 -3.21 -47.83
C VAL B 163 -0.74 -3.16 -46.40
N ILE B 164 -1.36 -4.24 -45.95
CA ILE B 164 -1.84 -4.30 -44.58
C ILE B 164 -0.69 -4.43 -43.60
N GLU B 165 0.19 -5.41 -43.80
CA GLU B 165 1.30 -5.54 -42.88
C GLU B 165 2.10 -4.25 -42.80
N SER B 166 2.36 -3.63 -43.94
CA SER B 166 3.15 -2.41 -43.95
C SER B 166 2.45 -1.25 -43.23
N ALA B 167 1.16 -1.09 -43.46
CA ALA B 167 0.42 0.00 -42.82
C ALA B 167 0.31 -0.21 -41.33
N MET B 168 0.08 -1.46 -40.90
CA MET B 168 -0.05 -1.74 -39.47
C MET B 168 1.26 -1.57 -38.71
N GLU B 169 2.39 -1.59 -39.40
CA GLU B 169 3.68 -1.40 -38.75
C GLU B 169 3.94 0.06 -38.40
N ARG B 170 3.19 0.98 -39.00
CA ARG B 170 3.35 2.41 -38.80
C ARG B 170 2.53 2.87 -37.61
N ASP B 171 3.19 3.51 -36.65
CA ASP B 171 2.55 3.94 -35.41
C ASP B 171 1.94 5.32 -35.63
N ARG B 172 0.73 5.32 -36.19
CA ARG B 172 0.08 6.57 -36.54
C ARG B 172 -1.43 6.36 -36.58
N TYR B 173 -2.15 7.47 -36.51
CA TYR B 173 -3.59 7.50 -36.72
C TYR B 173 -3.90 8.07 -38.10
N MET B 174 -5.08 7.72 -38.60
CA MET B 174 -5.60 8.26 -39.85
C MET B 174 -6.79 9.17 -39.57
N SER B 175 -6.97 10.15 -40.45
CA SER B 175 -8.20 10.92 -40.46
C SER B 175 -9.34 10.05 -41.00
N PRO B 176 -10.59 10.44 -40.75
CA PRO B 176 -11.70 9.66 -41.31
C PRO B 176 -11.65 9.58 -42.83
N MET B 177 -11.28 10.67 -43.51
CA MET B 177 -11.20 10.61 -44.97
C MET B 177 -10.10 9.67 -45.42
N GLU B 178 -8.97 9.66 -44.71
CA GLU B 178 -7.88 8.75 -45.03
C GLU B 178 -8.26 7.31 -44.75
N ALA B 179 -9.08 7.07 -43.73
CA ALA B 179 -9.55 5.71 -43.46
C ALA B 179 -10.59 5.25 -44.49
N GLN B 180 -11.42 6.16 -45.01
CA GLN B 180 -12.39 5.80 -46.04
C GLN B 180 -11.70 5.32 -47.33
N GLU B 181 -10.73 6.09 -47.76
CA GLU B 181 -9.87 5.80 -48.88
C GLU B 181 -9.03 4.54 -48.71
N PHE B 182 -8.66 4.22 -47.50
CA PHE B 182 -7.95 2.97 -47.28
C PHE B 182 -8.87 1.75 -47.32
N GLY B 183 -10.17 1.94 -47.16
CA GLY B 183 -11.12 0.85 -47.15
C GLY B 183 -11.64 0.45 -45.80
N ILE B 184 -11.32 1.22 -44.75
CA ILE B 184 -11.80 0.90 -43.40
C ILE B 184 -13.24 1.32 -43.21
N LEU B 185 -13.64 2.45 -43.80
CA LEU B 185 -14.98 2.96 -43.65
C LEU B 185 -15.47 3.51 -45.00
N ASP B 186 -16.77 3.77 -45.07
CA ASP B 186 -17.42 4.14 -46.32
C ASP B 186 -17.85 5.60 -46.39
N LYS B 187 -18.28 6.20 -45.29
CA LYS B 187 -18.78 7.57 -45.29
C LYS B 187 -18.29 8.34 -44.07
N VAL B 188 -17.94 9.60 -44.30
CA VAL B 188 -17.65 10.58 -43.27
C VAL B 188 -18.77 11.59 -43.28
N LEU B 189 -19.58 11.59 -42.23
CA LEU B 189 -20.78 12.40 -42.13
C LEU B 189 -20.62 13.45 -41.05
N VAL B 190 -20.94 14.70 -41.38
CA VAL B 190 -20.98 15.76 -40.37
C VAL B 190 -22.40 15.93 -39.82
N HIS B 191 -23.40 15.77 -40.68
CA HIS B 191 -24.82 15.73 -40.35
C HIS B 191 -25.45 14.56 -41.12
N PRO B 192 -26.67 14.17 -40.73
CA PRO B 192 -27.31 13.08 -41.46
C PRO B 192 -27.67 13.53 -42.92
N PRO B 193 -27.59 12.61 -43.86
CA PRO B 193 -27.71 12.98 -45.28
C PRO B 193 -29.16 13.15 -45.75
N ILE C 3 -24.88 -3.25 -16.95
CA ILE C 3 -25.46 -4.33 -17.74
C ILE C 3 -26.90 -3.98 -18.12
N PRO C 4 -27.21 -4.04 -19.41
CA PRO C 4 -28.49 -3.52 -19.90
C PRO C 4 -29.67 -4.43 -19.55
N ILE C 5 -30.85 -3.80 -19.52
CA ILE C 5 -32.09 -4.51 -19.23
C ILE C 5 -32.94 -4.62 -20.50
N TYR C 17 -34.88 -10.10 -16.92
CA TYR C 17 -34.99 -8.69 -17.29
C TYR C 17 -33.60 -8.10 -17.52
N ASP C 18 -32.60 -8.60 -16.79
CA ASP C 18 -31.21 -8.37 -17.15
C ASP C 18 -30.82 -9.20 -18.37
N ILE C 19 -29.87 -8.68 -19.15
CA ILE C 19 -29.57 -9.22 -20.47
C ILE C 19 -29.07 -10.66 -20.36
N TYR C 20 -28.38 -10.98 -19.26
CA TYR C 20 -27.87 -12.34 -19.07
C TYR C 20 -28.98 -13.32 -18.69
N SER C 21 -29.90 -12.83 -17.90
CA SER C 21 -31.01 -13.60 -17.46
C SER C 21 -31.85 -13.90 -18.69
N ARG C 22 -32.07 -12.90 -19.52
CA ARG C 22 -32.85 -13.06 -20.73
C ARG C 22 -32.19 -14.08 -21.64
N LEU C 23 -30.86 -14.10 -21.65
CA LEU C 23 -30.14 -15.16 -22.36
C LEU C 23 -30.42 -16.52 -21.71
N LEU C 24 -30.55 -16.54 -20.38
CA LEU C 24 -30.88 -17.78 -19.68
C LEU C 24 -32.27 -18.28 -20.05
N ARG C 25 -33.21 -17.36 -20.31
CA ARG C 25 -34.54 -17.77 -20.76
C ARG C 25 -34.49 -18.37 -22.16
N GLU C 26 -33.42 -18.13 -22.91
CA GLU C 26 -33.18 -18.79 -24.17
C GLU C 26 -32.35 -20.06 -23.99
N ARG C 27 -32.23 -20.54 -22.76
CA ARG C 27 -31.49 -21.76 -22.45
C ARG C 27 -30.02 -21.65 -22.87
N ILE C 28 -29.46 -20.46 -22.72
CA ILE C 28 -28.04 -20.22 -22.99
C ILE C 28 -27.37 -19.86 -21.69
N VAL C 29 -26.34 -20.62 -21.33
CA VAL C 29 -25.56 -20.41 -20.11
C VAL C 29 -24.17 -19.95 -20.51
N CYS C 30 -23.68 -18.91 -19.84
CA CYS C 30 -22.40 -18.29 -20.14
C CYS C 30 -21.33 -18.78 -19.19
N VAL C 31 -20.19 -19.19 -19.74
CA VAL C 31 -18.96 -19.45 -18.98
C VAL C 31 -17.91 -18.48 -19.51
N MET C 32 -17.75 -17.35 -18.82
CA MET C 32 -16.95 -16.24 -19.31
C MET C 32 -15.88 -15.94 -18.27
N GLY C 33 -14.65 -15.76 -18.73
CA GLY C 33 -13.54 -15.42 -17.86
C GLY C 33 -13.05 -16.58 -17.03
N PRO C 34 -12.21 -16.28 -16.04
CA PRO C 34 -11.62 -17.34 -15.22
C PRO C 34 -12.69 -18.08 -14.43
N ILE C 35 -12.57 -19.40 -14.42
CA ILE C 35 -13.55 -20.26 -13.75
C ILE C 35 -13.05 -20.55 -12.35
N ASP C 36 -13.83 -20.18 -11.35
CA ASP C 36 -13.56 -20.50 -9.95
C ASP C 36 -14.82 -21.14 -9.35
N ASP C 37 -14.74 -21.44 -8.05
CA ASP C 37 -15.89 -22.02 -7.36
C ASP C 37 -17.14 -21.16 -7.54
N SER C 38 -16.96 -19.84 -7.62
CA SER C 38 -18.10 -18.94 -7.79
C SER C 38 -18.77 -19.15 -9.14
N VAL C 39 -17.97 -19.17 -10.22
CA VAL C 39 -18.53 -19.40 -11.55
C VAL C 39 -19.16 -20.79 -11.64
N ALA C 40 -18.47 -21.79 -11.09
CA ALA C 40 -18.97 -23.16 -11.17
C ALA C 40 -20.33 -23.29 -10.50
N SER C 41 -20.48 -22.73 -9.30
CA SER C 41 -21.76 -22.79 -8.60
C SER C 41 -22.86 -22.12 -9.42
N LEU C 42 -22.55 -20.99 -10.06
CA LEU C 42 -23.54 -20.29 -10.87
C LEU C 42 -23.91 -21.09 -12.11
N VAL C 43 -22.92 -21.63 -12.81
CA VAL C 43 -23.19 -22.43 -14.01
C VAL C 43 -23.98 -23.68 -13.65
N ILE C 44 -23.58 -24.35 -12.57
CA ILE C 44 -24.29 -25.56 -12.13
C ILE C 44 -25.75 -25.23 -11.83
N ALA C 45 -25.98 -24.15 -11.09
CA ALA C 45 -27.34 -23.71 -10.78
C ALA C 45 -28.17 -23.52 -12.05
N GLN C 46 -27.60 -22.86 -13.06
CA GLN C 46 -28.33 -22.62 -14.29
C GLN C 46 -28.65 -23.92 -15.01
N LEU C 47 -27.70 -24.86 -15.05
CA LEU C 47 -27.96 -26.15 -15.68
C LEU C 47 -29.04 -26.92 -14.93
N LEU C 48 -29.02 -26.86 -13.59
CA LEU C 48 -30.06 -27.52 -12.82
C LEU C 48 -31.44 -26.94 -13.12
N PHE C 49 -31.52 -25.61 -13.29
CA PHE C 49 -32.82 -24.96 -13.52
C PHE C 49 -33.36 -25.31 -14.91
N LEU C 50 -32.51 -25.18 -15.94
CA LEU C 50 -32.95 -25.41 -17.31
C LEU C 50 -33.37 -26.85 -17.56
N GLN C 51 -32.77 -27.79 -16.84
CA GLN C 51 -33.17 -29.17 -16.95
C GLN C 51 -34.57 -29.38 -16.38
N SER C 52 -34.90 -28.63 -15.34
CA SER C 52 -36.25 -28.72 -14.78
C SER C 52 -37.29 -28.20 -15.75
N GLU C 53 -36.99 -27.17 -16.51
CA GLU C 53 -38.06 -26.66 -17.34
C GLU C 53 -38.28 -27.50 -18.58
N SER C 54 -37.28 -28.30 -18.93
CA SER C 54 -37.38 -29.24 -20.03
C SER C 54 -36.22 -30.20 -19.90
N ASN C 55 -36.54 -31.46 -19.91
CA ASN C 55 -35.52 -32.46 -19.84
C ASN C 55 -35.00 -32.85 -21.19
N LYS C 56 -35.59 -32.33 -22.25
CA LYS C 56 -35.16 -32.73 -23.57
C LYS C 56 -34.64 -31.61 -24.44
N LYS C 57 -35.04 -30.38 -24.17
CA LYS C 57 -34.59 -29.28 -25.01
C LYS C 57 -33.10 -29.03 -24.87
N PRO C 58 -32.47 -28.63 -25.94
CA PRO C 58 -31.02 -28.41 -25.80
C PRO C 58 -30.68 -27.21 -24.94
N ILE C 59 -29.48 -27.27 -24.35
CA ILE C 59 -28.90 -26.18 -23.59
C ILE C 59 -27.67 -25.67 -24.33
N HIS C 60 -27.58 -24.35 -24.48
CA HIS C 60 -26.44 -23.73 -25.14
C HIS C 60 -25.46 -23.20 -24.10
N MET C 61 -24.20 -23.62 -24.22
CA MET C 61 -23.15 -23.24 -23.29
C MET C 61 -22.16 -22.34 -24.04
N TYR C 62 -22.17 -21.06 -23.70
CA TYR C 62 -21.31 -20.05 -24.32
C TYR C 62 -19.99 -20.01 -23.55
N ILE C 63 -18.89 -20.32 -24.23
CA ILE C 63 -17.58 -20.48 -23.58
C ILE C 63 -16.61 -19.48 -24.17
N ASN C 64 -16.16 -18.52 -23.33
CA ASN C 64 -15.05 -17.62 -23.66
C ASN C 64 -14.24 -17.48 -22.37
N SER C 65 -13.34 -18.44 -22.15
CA SER C 65 -12.65 -18.55 -20.88
C SER C 65 -11.19 -18.94 -21.08
N PRO C 66 -10.28 -18.35 -20.30
CA PRO C 66 -8.88 -18.76 -20.34
C PRO C 66 -8.58 -19.98 -19.47
N GLY C 67 -9.57 -20.50 -18.75
CA GLY C 67 -9.39 -21.63 -17.85
C GLY C 67 -9.80 -21.28 -16.43
N GLY C 68 -9.17 -21.95 -15.48
CA GLY C 68 -9.39 -21.63 -14.08
C GLY C 68 -9.08 -22.82 -13.20
N VAL C 69 -9.68 -22.80 -12.00
CA VAL C 69 -9.38 -23.81 -11.00
C VAL C 69 -9.95 -25.15 -11.46
N VAL C 70 -9.14 -26.21 -11.34
CA VAL C 70 -9.48 -27.51 -11.92
C VAL C 70 -10.75 -28.08 -11.28
N THR C 71 -10.81 -28.09 -9.95
CA THR C 71 -11.96 -28.70 -9.28
C THR C 71 -13.26 -27.96 -9.62
N ALA C 72 -13.18 -26.64 -9.82
CA ALA C 72 -14.35 -25.89 -10.25
C ALA C 72 -14.76 -26.27 -11.67
N GLY C 73 -13.78 -26.38 -12.56
CA GLY C 73 -14.08 -26.85 -13.91
C GLY C 73 -14.66 -28.26 -13.91
N LEU C 74 -14.08 -29.16 -13.12
CA LEU C 74 -14.61 -30.52 -13.05
C LEU C 74 -16.01 -30.55 -12.47
N ALA C 75 -16.31 -29.64 -11.53
CA ALA C 75 -17.66 -29.54 -11.01
C ALA C 75 -18.67 -29.24 -12.11
N ILE C 76 -18.31 -28.33 -13.03
CA ILE C 76 -19.16 -28.05 -14.17
C ILE C 76 -19.21 -29.25 -15.10
N TYR C 77 -18.07 -29.90 -15.36
CA TYR C 77 -18.03 -31.05 -16.24
C TYR C 77 -18.95 -32.16 -15.73
N ASP C 78 -18.81 -32.56 -14.46
CA ASP C 78 -19.63 -33.62 -13.91
C ASP C 78 -21.11 -33.29 -14.02
N THR C 79 -21.46 -32.01 -13.82
CA THR C 79 -22.85 -31.61 -13.92
C THR C 79 -23.35 -31.67 -15.36
N MET C 80 -22.47 -31.38 -16.34
CA MET C 80 -22.89 -31.45 -17.73
C MET C 80 -23.30 -32.86 -18.12
N GLN C 81 -22.50 -33.85 -17.73
CA GLN C 81 -22.84 -35.24 -18.02
C GLN C 81 -23.99 -35.74 -17.17
N TYR C 82 -24.06 -35.26 -15.94
CA TYR C 82 -25.10 -35.72 -15.01
C TYR C 82 -26.48 -35.34 -15.52
N ILE C 83 -26.64 -34.10 -15.97
CA ILE C 83 -27.95 -33.70 -16.46
C ILE C 83 -28.26 -34.46 -17.73
N LEU C 84 -29.54 -34.61 -18.00
CA LEU C 84 -30.09 -35.43 -19.06
C LEU C 84 -30.15 -34.67 -20.37
N ASN C 85 -29.72 -33.29 -20.36
CA ASN C 85 -30.13 -32.69 -21.64
C ASN C 85 -29.01 -32.85 -22.66
N PRO C 86 -29.30 -32.66 -23.95
CA PRO C 86 -28.23 -32.42 -24.91
C PRO C 86 -27.70 -31.00 -24.72
N ILE C 87 -26.37 -30.87 -24.75
CA ILE C 87 -25.67 -29.61 -24.46
C ILE C 87 -24.88 -29.20 -25.70
N CYS C 88 -25.19 -28.03 -26.23
CA CYS C 88 -24.42 -27.43 -27.32
C CYS C 88 -23.35 -26.50 -26.72
N THR C 89 -22.10 -26.75 -27.04
CA THR C 89 -21.00 -25.91 -26.59
C THR C 89 -20.57 -24.99 -27.72
N TRP C 90 -20.31 -23.73 -27.39
CA TRP C 90 -19.98 -22.70 -28.39
C TRP C 90 -18.73 -21.96 -27.93
N CYS C 91 -17.61 -22.21 -28.61
CA CYS C 91 -16.37 -21.49 -28.34
C CYS C 91 -16.29 -20.25 -29.22
N VAL C 92 -16.33 -19.08 -28.60
CA VAL C 92 -16.14 -17.82 -29.32
C VAL C 92 -15.12 -17.02 -28.55
N GLY C 93 -14.11 -16.51 -29.26
CA GLY C 93 -12.99 -15.88 -28.60
C GLY C 93 -11.92 -16.90 -28.27
N GLN C 94 -12.06 -17.59 -27.15
CA GLN C 94 -11.08 -18.61 -26.79
C GLN C 94 -11.69 -19.59 -25.80
N ALA C 95 -11.13 -20.80 -25.79
CA ALA C 95 -11.40 -21.81 -24.78
C ALA C 95 -10.06 -22.47 -24.47
N ALA C 96 -9.46 -22.07 -23.36
CA ALA C 96 -8.14 -22.57 -22.97
C ALA C 96 -8.23 -23.29 -21.64
N SER C 97 -7.37 -24.30 -21.48
CA SER C 97 -7.25 -25.06 -20.23
C SER C 97 -8.60 -25.69 -19.91
N MET C 98 -9.16 -25.46 -18.71
CA MET C 98 -10.45 -26.05 -18.35
C MET C 98 -11.56 -25.59 -19.30
N GLY C 99 -11.41 -24.41 -19.90
CA GLY C 99 -12.40 -23.95 -20.86
C GLY C 99 -12.54 -24.89 -22.05
N SER C 100 -11.42 -25.39 -22.57
CA SER C 100 -11.48 -26.33 -23.69
C SER C 100 -12.03 -27.69 -23.26
N LEU C 101 -11.83 -28.07 -22.01
CA LEU C 101 -12.41 -29.32 -21.50
C LEU C 101 -13.93 -29.26 -21.52
N LEU C 102 -14.50 -28.14 -21.07
CA LEU C 102 -15.95 -27.97 -21.13
C LEU C 102 -16.43 -27.95 -22.58
N LEU C 103 -15.68 -27.28 -23.46
CA LEU C 103 -16.04 -27.25 -24.88
C LEU C 103 -16.12 -28.67 -25.44
N ALA C 104 -15.10 -29.49 -25.19
CA ALA C 104 -15.09 -30.85 -25.70
C ALA C 104 -16.13 -31.74 -25.03
N ALA C 105 -16.61 -31.36 -23.84
CA ALA C 105 -17.55 -32.18 -23.08
C ALA C 105 -18.99 -32.00 -23.55
N GLY C 106 -19.25 -31.16 -24.53
CA GLY C 106 -20.60 -31.07 -25.08
C GLY C 106 -21.04 -32.37 -25.74
N THR C 107 -22.35 -32.47 -25.95
CA THR C 107 -22.92 -33.62 -26.68
C THR C 107 -22.30 -33.76 -28.05
N PRO C 108 -21.91 -34.98 -28.43
CA PRO C 108 -21.29 -35.22 -29.73
C PRO C 108 -22.14 -34.69 -30.87
N GLY C 109 -21.48 -34.15 -31.90
CA GLY C 109 -22.15 -33.52 -33.01
C GLY C 109 -22.61 -32.09 -32.78
N MET C 110 -22.60 -31.59 -31.54
CA MET C 110 -23.08 -30.24 -31.25
C MET C 110 -22.06 -29.39 -30.51
N ARG C 111 -20.77 -29.59 -30.79
CA ARG C 111 -19.69 -28.80 -30.20
C ARG C 111 -19.19 -27.83 -31.27
N HIS C 112 -19.35 -26.54 -31.01
CA HIS C 112 -19.18 -25.51 -32.04
C HIS C 112 -18.06 -24.55 -31.69
N SER C 113 -17.52 -23.92 -32.73
CA SER C 113 -16.61 -22.79 -32.59
C SER C 113 -16.83 -21.83 -33.74
N LEU C 114 -16.65 -20.55 -33.47
CA LEU C 114 -16.66 -19.53 -34.51
C LEU C 114 -15.28 -19.49 -35.16
N PRO C 115 -15.14 -18.84 -36.34
CA PRO C 115 -13.94 -19.08 -37.15
C PRO C 115 -12.63 -18.62 -36.51
N ASN C 116 -12.62 -17.53 -35.76
CA ASN C 116 -11.38 -16.94 -35.27
C ASN C 116 -11.07 -17.30 -33.83
N SER C 117 -11.78 -18.26 -33.24
CA SER C 117 -11.48 -18.68 -31.88
C SER C 117 -10.12 -19.36 -31.80
N ARG C 118 -9.57 -19.38 -30.58
CA ARG C 118 -8.35 -20.12 -30.26
C ARG C 118 -8.66 -21.15 -29.17
N ILE C 119 -8.11 -22.35 -29.32
CA ILE C 119 -8.39 -23.46 -28.43
C ILE C 119 -7.07 -23.95 -27.85
N MET C 120 -7.01 -24.15 -26.54
CA MET C 120 -5.82 -24.68 -25.91
C MET C 120 -6.19 -25.72 -24.87
N ILE C 121 -5.59 -26.91 -24.98
CA ILE C 121 -5.76 -27.95 -23.97
C ILE C 121 -4.58 -28.00 -23.00
N HIS C 122 -3.46 -27.37 -23.35
CA HIS C 122 -2.35 -27.21 -22.42
C HIS C 122 -2.81 -26.50 -21.15
N GLN C 123 -2.23 -26.90 -20.01
CA GLN C 123 -2.55 -26.31 -18.73
C GLN C 123 -1.40 -25.42 -18.27
N PRO C 124 -1.59 -24.09 -18.18
CA PRO C 124 -0.56 -23.23 -17.61
C PRO C 124 -0.51 -23.34 -16.09
N ILE C 137 -1.94 -27.94 -2.20
CA ILE C 137 -2.07 -29.28 -2.79
C ILE C 137 -0.70 -29.95 -2.92
N GLN C 138 -0.62 -31.25 -2.58
CA GLN C 138 0.63 -32.00 -2.66
C GLN C 138 0.95 -32.39 -4.10
N ALA C 139 2.18 -32.90 -4.29
CA ALA C 139 2.69 -33.23 -5.63
C ALA C 139 1.99 -34.47 -6.16
N GLU C 140 2.05 -35.54 -5.34
CA GLU C 140 1.34 -36.77 -5.56
C GLU C 140 -0.11 -36.48 -5.83
N GLU C 141 -0.62 -35.43 -5.20
CA GLU C 141 -2.03 -35.10 -5.17
C GLU C 141 -2.44 -34.22 -6.38
N ILE C 142 -1.57 -33.29 -6.82
CA ILE C 142 -1.76 -32.51 -8.05
C ILE C 142 -1.73 -33.39 -9.32
N MET C 143 -0.89 -34.43 -9.32
CA MET C 143 -0.79 -35.26 -10.51
C MET C 143 -2.05 -36.08 -10.77
N LYS C 144 -2.75 -36.45 -9.70
CA LYS C 144 -3.99 -37.19 -9.85
C LYS C 144 -5.03 -36.40 -10.64
N LEU C 145 -5.09 -35.08 -10.40
CA LEU C 145 -5.99 -34.24 -11.17
C LEU C 145 -5.58 -34.18 -12.63
N LYS C 146 -4.27 -34.15 -12.89
CA LYS C 146 -3.79 -34.17 -14.27
C LYS C 146 -4.20 -35.45 -14.98
N LYS C 147 -4.13 -36.59 -14.28
CA LYS C 147 -4.54 -37.85 -14.88
C LYS C 147 -6.03 -37.86 -15.17
N GLN C 148 -6.83 -37.28 -14.28
CA GLN C 148 -8.26 -37.15 -14.52
C GLN C 148 -8.55 -36.29 -15.74
N LEU C 149 -7.74 -35.25 -15.95
CA LEU C 149 -7.90 -34.42 -17.15
C LEU C 149 -7.54 -35.19 -18.40
N TYR C 150 -6.50 -36.03 -18.32
CA TYR C 150 -6.14 -36.90 -19.44
C TYR C 150 -7.30 -37.81 -19.81
N ASN C 151 -7.92 -38.44 -18.82
CA ASN C 151 -9.02 -39.37 -19.07
C ASN C 151 -10.21 -38.66 -19.70
N ILE C 152 -10.57 -37.49 -19.17
CA ILE C 152 -11.74 -36.77 -19.66
C ILE C 152 -11.52 -36.31 -21.10
N TYR C 153 -10.35 -35.76 -21.39
CA TYR C 153 -10.02 -35.37 -22.76
C TYR C 153 -10.03 -36.59 -23.69
N ALA C 154 -9.37 -37.66 -23.26
CA ALA C 154 -9.33 -38.89 -24.04
C ALA C 154 -10.75 -39.39 -24.32
N LYS C 155 -11.62 -39.26 -23.32
CA LYS C 155 -12.99 -39.75 -23.46
C LYS C 155 -13.77 -38.98 -24.51
N HIS C 156 -13.63 -37.66 -24.54
CA HIS C 156 -14.47 -36.83 -25.40
C HIS C 156 -13.85 -36.51 -26.75
N THR C 157 -12.53 -36.42 -26.81
CA THR C 157 -11.85 -36.43 -28.08
C THR C 157 -11.60 -37.82 -28.59
N LYS C 158 -11.75 -38.84 -27.73
CA LYS C 158 -11.58 -40.20 -28.19
C LYS C 158 -10.22 -40.43 -28.84
N GLN C 159 -9.21 -39.77 -28.31
CA GLN C 159 -7.82 -40.01 -28.67
C GLN C 159 -7.16 -40.86 -27.58
N SER C 160 -6.01 -41.45 -27.92
CA SER C 160 -5.31 -42.21 -26.89
C SER C 160 -4.65 -41.23 -25.91
N LEU C 161 -4.41 -41.70 -24.68
CA LEU C 161 -3.78 -40.87 -23.65
C LEU C 161 -2.39 -40.44 -24.03
N GLN C 162 -1.73 -41.29 -24.76
CA GLN C 162 -0.40 -40.98 -25.18
C GLN C 162 -0.43 -39.88 -26.23
N VAL C 163 -1.52 -39.75 -26.98
CA VAL C 163 -1.73 -38.57 -27.82
C VAL C 163 -2.13 -37.35 -26.98
N ILE C 164 -2.95 -37.54 -25.94
CA ILE C 164 -3.39 -36.42 -25.10
C ILE C 164 -2.24 -35.88 -24.27
N GLU C 165 -1.52 -36.75 -23.58
CA GLU C 165 -0.36 -36.32 -22.80
C GLU C 165 0.65 -35.58 -23.68
N SER C 166 0.86 -36.08 -24.90
CA SER C 166 1.80 -35.43 -25.80
C SER C 166 1.31 -34.05 -26.22
N ALA C 167 0.02 -33.93 -26.56
CA ALA C 167 -0.51 -32.65 -27.01
C ALA C 167 -0.56 -31.65 -25.87
N MET C 168 -0.96 -32.10 -24.67
CA MET C 168 -1.04 -31.19 -23.53
C MET C 168 0.33 -30.72 -23.08
N GLU C 169 1.40 -31.41 -23.47
CA GLU C 169 2.74 -30.96 -23.08
C GLU C 169 3.20 -29.75 -23.87
N ARG C 170 2.58 -29.50 -25.03
CA ARG C 170 3.00 -28.43 -25.92
C ARG C 170 2.23 -27.15 -25.61
N ASP C 171 2.96 -26.06 -25.40
CA ASP C 171 2.38 -24.78 -25.03
C ASP C 171 1.98 -24.04 -26.30
N ARG C 172 0.79 -24.37 -26.80
CA ARG C 172 0.30 -23.81 -28.05
C ARG C 172 -1.23 -23.81 -28.05
N TYR C 173 -1.78 -22.99 -28.94
CA TYR C 173 -3.21 -22.96 -29.23
C TYR C 173 -3.50 -23.65 -30.55
N MET C 174 -4.75 -24.08 -30.70
CA MET C 174 -5.23 -24.64 -31.95
C MET C 174 -6.23 -23.70 -32.61
N SER C 175 -6.27 -23.74 -33.94
CA SER C 175 -7.34 -23.12 -34.69
C SER C 175 -8.60 -23.96 -34.54
N PRO C 176 -9.77 -23.40 -34.86
CA PRO C 176 -10.99 -24.23 -34.83
C PRO C 176 -10.91 -25.44 -35.74
N MET C 177 -10.32 -25.32 -36.93
CA MET C 177 -10.17 -26.48 -37.81
C MET C 177 -9.26 -27.53 -37.17
N GLU C 178 -8.18 -27.10 -36.50
CA GLU C 178 -7.31 -28.05 -35.79
C GLU C 178 -7.94 -28.72 -34.60
N ALA C 179 -8.66 -27.98 -33.77
CA ALA C 179 -9.27 -28.62 -32.64
C ALA C 179 -10.39 -29.49 -33.07
N GLN C 180 -11.00 -29.21 -34.22
CA GLN C 180 -11.93 -30.22 -34.74
C GLN C 180 -11.20 -31.51 -35.21
N GLU C 181 -10.15 -31.39 -36.02
CA GLU C 181 -9.25 -32.50 -36.39
C GLU C 181 -8.85 -33.35 -35.20
N PHE C 182 -8.59 -32.70 -34.05
CA PHE C 182 -8.16 -33.40 -32.85
C PHE C 182 -9.32 -34.11 -32.12
N GLY C 183 -10.54 -33.66 -32.34
CA GLY C 183 -11.71 -34.23 -31.72
C GLY C 183 -12.31 -33.45 -30.58
N ILE C 184 -11.85 -32.23 -30.34
CA ILE C 184 -12.39 -31.39 -29.26
C ILE C 184 -13.74 -30.85 -29.66
N LEU C 185 -13.88 -30.60 -30.94
CA LEU C 185 -15.05 -29.99 -31.45
C LEU C 185 -15.57 -30.62 -32.74
N ASP C 186 -16.75 -30.22 -33.17
CA ASP C 186 -17.40 -30.87 -34.30
C ASP C 186 -17.62 -29.98 -35.51
N LYS C 187 -17.90 -28.69 -35.30
CA LYS C 187 -18.37 -27.85 -36.39
C LYS C 187 -17.76 -26.45 -36.26
N VAL C 188 -17.23 -25.91 -37.35
CA VAL C 188 -16.75 -24.54 -37.42
C VAL C 188 -17.68 -23.79 -38.38
N LEU C 189 -18.52 -22.92 -37.84
CA LEU C 189 -19.56 -22.26 -38.62
C LEU C 189 -19.27 -20.78 -38.71
N VAL C 190 -19.36 -20.24 -39.91
CA VAL C 190 -19.19 -18.80 -40.14
C VAL C 190 -20.55 -18.11 -40.09
N HIS C 191 -21.57 -18.76 -40.60
CA HIS C 191 -22.97 -18.32 -40.53
C HIS C 191 -23.82 -19.50 -40.10
N PRO C 192 -25.07 -19.26 -39.69
CA PRO C 192 -25.92 -20.35 -39.27
C PRO C 192 -26.26 -21.27 -40.53
N PRO C 193 -26.51 -22.54 -40.25
CA PRO C 193 -26.80 -23.45 -41.38
C PRO C 193 -28.27 -23.44 -41.78
N LEU D 2 -22.33 -11.05 -10.64
CA LEU D 2 -23.22 -11.38 -11.75
C LEU D 2 -24.16 -12.52 -11.35
N ILE D 3 -25.38 -12.19 -10.93
CA ILE D 3 -26.31 -13.23 -10.53
C ILE D 3 -27.57 -13.14 -11.38
N PRO D 4 -27.95 -14.20 -12.09
CA PRO D 4 -29.11 -14.14 -12.97
C PRO D 4 -30.42 -14.28 -12.19
N ILE D 5 -31.47 -13.75 -12.82
CA ILE D 5 -32.83 -13.71 -12.29
C ILE D 5 -33.67 -14.73 -13.09
N VAL D 6 -34.57 -15.42 -12.40
CA VAL D 6 -35.38 -16.43 -13.07
C VAL D 6 -36.79 -15.91 -13.37
N ALA D 16 -38.36 -13.26 -11.32
CA ALA D 16 -39.08 -13.44 -10.06
C ALA D 16 -38.11 -13.62 -8.90
N TYR D 17 -37.21 -14.58 -9.02
CA TYR D 17 -36.22 -14.87 -7.99
C TYR D 17 -34.82 -14.91 -8.56
N ASP D 18 -33.86 -14.42 -7.79
CA ASP D 18 -32.49 -14.71 -8.15
C ASP D 18 -32.28 -16.21 -8.05
N ILE D 19 -31.42 -16.73 -8.92
CA ILE D 19 -31.40 -18.17 -9.10
C ILE D 19 -30.98 -18.89 -7.82
N TYR D 20 -30.19 -18.25 -6.96
CA TYR D 20 -29.89 -18.91 -5.69
C TYR D 20 -31.11 -18.95 -4.78
N SER D 21 -31.93 -17.89 -4.77
CA SER D 21 -33.19 -17.93 -4.03
C SER D 21 -34.14 -18.94 -4.65
N ARG D 22 -34.12 -19.03 -5.99
CA ARG D 22 -34.94 -20.05 -6.62
C ARG D 22 -34.45 -21.45 -6.23
N LEU D 23 -33.15 -21.69 -6.06
CA LEU D 23 -32.77 -23.07 -5.73
C LEU D 23 -33.35 -23.44 -4.37
N LEU D 24 -33.39 -22.46 -3.48
CA LEU D 24 -33.88 -22.65 -2.13
C LEU D 24 -35.33 -23.07 -2.17
N ARG D 25 -36.05 -22.64 -3.20
CA ARG D 25 -37.44 -23.05 -3.37
C ARG D 25 -37.58 -24.54 -3.61
N GLU D 26 -36.51 -25.23 -4.04
CA GLU D 26 -36.48 -26.68 -4.22
C GLU D 26 -35.67 -27.37 -3.20
N ARG D 27 -35.48 -26.69 -2.08
CA ARG D 27 -34.90 -27.31 -0.94
C ARG D 27 -33.45 -27.68 -1.15
N ILE D 28 -32.72 -26.86 -1.91
CA ILE D 28 -31.30 -27.07 -2.14
C ILE D 28 -30.55 -25.93 -1.46
N VAL D 29 -29.63 -26.28 -0.56
CA VAL D 29 -28.79 -25.34 0.16
C VAL D 29 -27.36 -25.49 -0.32
N CYS D 30 -26.73 -24.36 -0.63
CA CYS D 30 -25.37 -24.35 -1.14
C CYS D 30 -24.39 -24.08 -0.02
N VAL D 31 -23.39 -24.94 0.10
CA VAL D 31 -22.22 -24.69 0.95
C VAL D 31 -21.04 -24.61 0.00
N MET D 32 -20.71 -23.39 -0.40
CA MET D 32 -19.81 -23.12 -1.50
C MET D 32 -18.69 -22.21 -1.00
N GLY D 33 -17.46 -22.55 -1.33
CA GLY D 33 -16.30 -21.79 -0.93
C GLY D 33 -15.94 -21.97 0.52
N PRO D 34 -15.06 -21.11 1.02
CA PRO D 34 -14.60 -21.24 2.41
C PRO D 34 -15.73 -21.00 3.40
N ILE D 35 -15.74 -21.83 4.45
CA ILE D 35 -16.78 -21.76 5.47
C ILE D 35 -16.32 -20.85 6.61
N ASP D 36 -17.09 -19.79 6.86
CA ASP D 36 -16.89 -18.91 8.01
C ASP D 36 -18.21 -18.75 8.75
N ASP D 37 -18.18 -17.95 9.83
CA ASP D 37 -19.39 -17.70 10.60
C ASP D 37 -20.52 -17.14 9.74
N SER D 38 -20.18 -16.33 8.73
CA SER D 38 -21.21 -15.72 7.87
C SER D 38 -21.94 -16.76 7.03
N VAL D 39 -21.20 -17.64 6.35
CA VAL D 39 -21.86 -18.72 5.59
C VAL D 39 -22.63 -19.64 6.53
N ALA D 40 -22.05 -19.92 7.71
CA ALA D 40 -22.73 -20.75 8.70
C ALA D 40 -24.07 -20.15 9.06
N SER D 41 -24.07 -18.84 9.28
CA SER D 41 -25.31 -18.16 9.59
C SER D 41 -26.31 -18.33 8.46
N LEU D 42 -25.88 -18.23 7.19
CA LEU D 42 -26.78 -18.36 6.04
C LEU D 42 -27.28 -19.80 5.86
N VAL D 43 -26.38 -20.79 5.96
CA VAL D 43 -26.80 -22.19 5.82
C VAL D 43 -27.78 -22.58 6.92
N ILE D 44 -27.47 -22.21 8.16
CA ILE D 44 -28.36 -22.53 9.28
C ILE D 44 -29.72 -21.89 9.08
N ALA D 45 -29.74 -20.60 8.71
CA ALA D 45 -31.01 -19.93 8.43
C ALA D 45 -31.82 -20.68 7.38
N GLN D 46 -31.16 -21.14 6.30
CA GLN D 46 -31.87 -21.87 5.27
C GLN D 46 -32.39 -23.20 5.78
N LEU D 47 -31.59 -23.92 6.59
CA LEU D 47 -32.03 -25.22 7.09
C LEU D 47 -33.28 -25.10 7.97
N LEU D 48 -33.31 -24.12 8.87
CA LEU D 48 -34.50 -23.93 9.68
C LEU D 48 -35.71 -23.48 8.86
N PHE D 49 -35.48 -22.70 7.79
CA PHE D 49 -36.61 -22.29 6.96
C PHE D 49 -37.19 -23.48 6.21
N LEU D 50 -36.35 -24.31 5.60
CA LEU D 50 -36.86 -25.40 4.77
C LEU D 50 -37.60 -26.44 5.60
N GLN D 51 -37.15 -26.70 6.83
CA GLN D 51 -37.90 -27.68 7.62
C GLN D 51 -39.21 -27.10 8.11
N SER D 52 -39.31 -25.78 8.27
CA SER D 52 -40.57 -25.17 8.70
C SER D 52 -41.65 -25.39 7.66
N GLU D 53 -41.29 -25.32 6.38
CA GLU D 53 -42.28 -25.51 5.35
C GLU D 53 -42.59 -26.99 5.17
N SER D 54 -41.71 -27.86 5.66
CA SER D 54 -41.96 -29.29 5.80
C SER D 54 -40.81 -29.97 6.55
N ASN D 55 -41.13 -30.64 7.67
CA ASN D 55 -40.14 -31.36 8.47
C ASN D 55 -39.95 -32.79 8.01
N LYS D 56 -40.24 -33.09 6.74
CA LYS D 56 -40.19 -34.46 6.24
C LYS D 56 -39.77 -34.55 4.80
N LYS D 57 -39.92 -33.50 4.00
CA LYS D 57 -39.37 -33.53 2.65
C LYS D 57 -37.85 -33.39 2.71
N PRO D 58 -37.11 -34.13 1.89
CA PRO D 58 -35.65 -34.08 1.98
C PRO D 58 -35.10 -32.70 1.64
N ILE D 59 -33.92 -32.41 2.19
CA ILE D 59 -33.17 -31.19 1.89
C ILE D 59 -31.88 -31.59 1.19
N HIS D 60 -31.58 -30.91 0.08
CA HIS D 60 -30.37 -31.17 -0.69
C HIS D 60 -29.31 -30.16 -0.30
N MET D 61 -28.14 -30.67 0.09
CA MET D 61 -27.02 -29.83 0.52
C MET D 61 -25.88 -29.98 -0.51
N TYR D 62 -25.65 -28.91 -1.26
CA TYR D 62 -24.63 -28.84 -2.30
C TYR D 62 -23.30 -28.39 -1.69
N ILE D 63 -22.28 -29.25 -1.78
CA ILE D 63 -20.97 -29.00 -1.16
C ILE D 63 -19.91 -28.91 -2.25
N ASN D 64 -19.31 -27.72 -2.37
CA ASN D 64 -18.10 -27.50 -3.14
C ASN D 64 -17.29 -26.51 -2.32
N SER D 65 -16.56 -27.02 -1.32
CA SER D 65 -15.88 -26.19 -0.34
C SER D 65 -14.52 -26.74 0.01
N PRO D 66 -13.51 -25.88 0.17
CA PRO D 66 -12.19 -26.33 0.61
C PRO D 66 -12.03 -26.45 2.12
N GLY D 67 -13.06 -26.12 2.89
CA GLY D 67 -13.00 -26.16 4.34
C GLY D 67 -13.34 -24.81 4.94
N GLY D 68 -12.80 -24.56 6.12
CA GLY D 68 -12.99 -23.27 6.73
C GLY D 68 -12.88 -23.37 8.24
N VAL D 69 -13.54 -22.41 8.90
CA VAL D 69 -13.47 -22.29 10.35
C VAL D 69 -14.20 -23.46 11.01
N VAL D 70 -13.55 -24.07 12.01
CA VAL D 70 -14.07 -25.30 12.61
C VAL D 70 -15.40 -25.02 13.32
N THR D 71 -15.43 -23.99 14.18
CA THR D 71 -16.66 -23.74 14.94
C THR D 71 -17.81 -23.39 14.02
N ALA D 72 -17.54 -22.72 12.91
CA ALA D 72 -18.59 -22.45 11.92
C ALA D 72 -19.05 -23.72 11.25
N GLY D 73 -18.12 -24.60 10.87
CA GLY D 73 -18.50 -25.89 10.33
C GLY D 73 -19.29 -26.72 11.34
N LEU D 74 -18.85 -26.71 12.60
CA LEU D 74 -19.56 -27.45 13.64
C LEU D 74 -20.95 -26.87 13.87
N ALA D 75 -21.11 -25.55 13.74
CA ALA D 75 -22.43 -24.94 13.84
C ALA D 75 -23.37 -25.48 12.77
N ILE D 76 -22.88 -25.63 11.54
CA ILE D 76 -23.70 -26.23 10.49
C ILE D 76 -23.97 -27.69 10.81
N TYR D 77 -22.95 -28.43 11.24
CA TYR D 77 -23.12 -29.84 11.57
C TYR D 77 -24.20 -30.05 12.61
N ASP D 78 -24.10 -29.35 13.75
CA ASP D 78 -25.08 -29.51 14.82
C ASP D 78 -26.50 -29.19 14.34
N THR D 79 -26.64 -28.18 13.50
CA THR D 79 -27.96 -27.84 12.97
C THR D 79 -28.47 -28.92 12.02
N MET D 80 -27.56 -29.53 11.24
CA MET D 80 -27.96 -30.64 10.37
C MET D 80 -28.45 -31.80 11.19
N GLN D 81 -27.75 -32.07 12.29
CA GLN D 81 -28.17 -33.10 13.24
C GLN D 81 -29.45 -32.72 13.96
N TYR D 82 -29.61 -31.44 14.27
CA TYR D 82 -30.76 -30.98 15.07
C TYR D 82 -32.09 -31.08 14.32
N ILE D 83 -32.11 -30.63 13.05
CA ILE D 83 -33.35 -30.63 12.29
C ILE D 83 -33.81 -32.07 12.03
N LEU D 84 -35.12 -32.23 11.81
CA LEU D 84 -35.72 -33.55 11.70
C LEU D 84 -35.72 -34.05 10.26
N ASN D 85 -35.29 -33.27 9.31
CA ASN D 85 -35.47 -33.65 7.92
C ASN D 85 -34.38 -34.61 7.48
N PRO D 86 -34.65 -35.44 6.48
CA PRO D 86 -33.55 -36.13 5.80
C PRO D 86 -32.76 -35.15 4.94
N ILE D 87 -31.43 -35.26 5.03
CA ILE D 87 -30.49 -34.39 4.33
C ILE D 87 -29.60 -35.28 3.48
N CYS D 88 -29.70 -35.11 2.16
CA CYS D 88 -28.79 -35.73 1.20
C CYS D 88 -27.70 -34.75 0.82
N THR D 89 -26.44 -35.14 1.02
CA THR D 89 -25.32 -34.27 0.69
C THR D 89 -24.75 -34.65 -0.66
N TRP D 90 -24.35 -33.66 -1.44
CA TRP D 90 -23.89 -33.88 -2.81
C TRP D 90 -22.52 -33.20 -2.96
N CYS D 91 -21.47 -34.00 -3.07
CA CYS D 91 -20.12 -33.47 -3.27
C CYS D 91 -19.83 -33.34 -4.76
N VAL D 92 -19.64 -32.11 -5.22
CA VAL D 92 -19.30 -31.83 -6.60
C VAL D 92 -18.14 -30.83 -6.60
N GLY D 93 -17.09 -31.14 -7.34
CA GLY D 93 -15.89 -30.34 -7.29
C GLY D 93 -14.96 -30.85 -6.20
N GLN D 94 -15.21 -30.44 -4.95
CA GLN D 94 -14.41 -30.92 -3.85
C GLN D 94 -15.18 -30.74 -2.55
N ALA D 95 -14.79 -31.56 -1.56
CA ALA D 95 -15.22 -31.41 -0.16
C ALA D 95 -13.99 -31.71 0.69
N ALA D 96 -13.33 -30.67 1.20
CA ALA D 96 -12.13 -30.84 1.99
C ALA D 96 -12.33 -30.27 3.39
N SER D 97 -11.68 -30.92 4.36
CA SER D 97 -11.68 -30.47 5.77
C SER D 97 -13.13 -30.41 6.25
N MET D 98 -13.60 -29.27 6.78
CA MET D 98 -14.97 -29.20 7.28
C MET D 98 -15.98 -29.50 6.18
N GLY D 99 -15.62 -29.25 4.92
CA GLY D 99 -16.51 -29.60 3.82
C GLY D 99 -16.83 -31.08 3.76
N SER D 100 -15.80 -31.93 3.94
CA SER D 100 -16.01 -33.37 3.92
C SER D 100 -16.77 -33.84 5.16
N LEU D 101 -16.61 -33.14 6.28
CA LEU D 101 -17.38 -33.49 7.47
C LEU D 101 -18.86 -33.28 7.25
N LEU D 102 -19.23 -32.15 6.64
CA LEU D 102 -20.63 -31.91 6.31
C LEU D 102 -21.12 -32.96 5.31
N LEU D 103 -20.29 -33.30 4.33
CA LEU D 103 -20.65 -34.34 3.37
C LEU D 103 -20.97 -35.65 4.07
N ALA D 104 -20.10 -36.09 4.96
CA ALA D 104 -20.31 -37.33 5.70
C ALA D 104 -21.46 -37.24 6.69
N ALA D 105 -21.85 -36.02 7.09
CA ALA D 105 -22.89 -35.85 8.08
C ALA D 105 -24.30 -35.97 7.51
N GLY D 106 -24.43 -36.22 6.21
CA GLY D 106 -25.74 -36.47 5.64
C GLY D 106 -26.38 -37.72 6.20
N THR D 107 -27.70 -37.80 6.00
CA THR D 107 -28.44 -38.99 6.44
C THR D 107 -27.91 -40.23 5.73
N PRO D 108 -27.70 -41.33 6.45
CA PRO D 108 -27.12 -42.53 5.84
C PRO D 108 -27.93 -42.97 4.62
N GLY D 109 -27.22 -43.49 3.63
CA GLY D 109 -27.78 -43.96 2.38
C GLY D 109 -27.98 -42.92 1.32
N MET D 110 -27.97 -41.65 1.65
CA MET D 110 -28.05 -40.66 0.59
C MET D 110 -26.99 -39.55 0.71
N ARG D 111 -25.70 -39.93 0.89
CA ARG D 111 -24.53 -39.05 0.82
C ARG D 111 -23.84 -39.36 -0.50
N HIS D 112 -23.82 -38.39 -1.42
CA HIS D 112 -23.48 -38.64 -2.81
C HIS D 112 -22.29 -37.80 -3.24
N SER D 113 -21.63 -38.25 -4.30
CA SER D 113 -20.62 -37.48 -5.00
C SER D 113 -20.68 -37.76 -6.50
N LEU D 114 -20.35 -36.74 -7.29
CA LEU D 114 -20.22 -36.88 -8.73
C LEU D 114 -18.84 -37.45 -9.04
N PRO D 115 -18.62 -37.96 -10.27
CA PRO D 115 -17.48 -38.87 -10.47
C PRO D 115 -16.11 -38.24 -10.23
N ASN D 116 -15.92 -36.97 -10.59
CA ASN D 116 -14.59 -36.39 -10.57
C ASN D 116 -14.32 -35.53 -9.34
N SER D 117 -15.21 -35.57 -8.36
CA SER D 117 -14.98 -34.79 -7.16
C SER D 117 -13.77 -35.32 -6.38
N ARG D 118 -13.21 -34.44 -5.55
CA ARG D 118 -12.15 -34.76 -4.61
C ARG D 118 -12.57 -34.49 -3.16
N ILE D 119 -12.27 -35.45 -2.29
CA ILE D 119 -12.67 -35.36 -0.90
C ILE D 119 -11.44 -35.55 -0.02
N MET D 120 -11.32 -34.71 0.99
CA MET D 120 -10.20 -34.74 1.93
C MET D 120 -10.69 -34.62 3.36
N ILE D 121 -10.24 -35.53 4.22
CA ILE D 121 -10.54 -35.44 5.65
C ILE D 121 -9.39 -34.82 6.43
N HIS D 122 -8.19 -34.76 5.85
CA HIS D 122 -7.07 -34.05 6.44
C HIS D 122 -7.42 -32.59 6.69
N GLN D 123 -6.90 -32.05 7.79
CA GLN D 123 -7.13 -30.65 8.12
C GLN D 123 -5.85 -29.86 7.93
N PRO D 124 -5.77 -28.93 6.95
CA PRO D 124 -4.60 -28.06 6.83
C PRO D 124 -4.57 -26.95 7.88
N ILE D 137 -6.54 -19.05 20.01
CA ILE D 137 -6.90 -20.31 20.66
C ILE D 137 -5.64 -21.02 21.16
N GLN D 138 -5.71 -21.54 22.38
CA GLN D 138 -4.58 -22.21 23.01
C GLN D 138 -4.38 -23.62 22.45
N ALA D 139 -3.32 -24.26 22.92
CA ALA D 139 -2.94 -25.58 22.41
C ALA D 139 -3.93 -26.68 22.82
N GLU D 140 -4.23 -26.77 24.12
CA GLU D 140 -5.21 -27.74 24.62
C GLU D 140 -6.52 -27.60 23.87
N GLU D 141 -6.79 -26.36 23.45
CA GLU D 141 -8.08 -25.95 22.91
C GLU D 141 -8.28 -26.53 21.51
N ILE D 142 -7.34 -26.27 20.58
CA ILE D 142 -7.31 -26.87 19.22
C ILE D 142 -7.25 -28.40 19.26
N MET D 143 -6.60 -28.96 20.28
CA MET D 143 -6.55 -30.41 20.38
C MET D 143 -7.92 -30.96 20.75
N LYS D 144 -8.67 -30.23 21.58
CA LYS D 144 -10.04 -30.64 21.88
C LYS D 144 -10.93 -30.59 20.64
N LEU D 145 -10.78 -29.56 19.80
CA LEU D 145 -11.55 -29.49 18.56
C LEU D 145 -11.15 -30.59 17.58
N LYS D 146 -9.87 -30.94 17.54
CA LYS D 146 -9.45 -32.02 16.67
C LYS D 146 -10.16 -33.32 17.07
N LYS D 147 -10.25 -33.61 18.38
CA LYS D 147 -11.03 -34.79 18.75
C LYS D 147 -12.51 -34.66 18.52
N GLN D 148 -13.07 -33.49 18.67
CA GLN D 148 -14.47 -33.36 18.31
C GLN D 148 -14.67 -33.78 16.86
N LEU D 149 -13.74 -33.44 15.96
CA LEU D 149 -13.91 -33.93 14.59
C LEU D 149 -13.59 -35.42 14.49
N TYR D 150 -12.64 -35.90 15.29
CA TYR D 150 -12.38 -37.33 15.31
C TYR D 150 -13.65 -38.10 15.63
N ASN D 151 -14.37 -37.69 16.67
CA ASN D 151 -15.60 -38.37 17.06
C ASN D 151 -16.66 -38.27 15.98
N ILE D 152 -16.84 -37.09 15.41
CA ILE D 152 -17.89 -36.89 14.42
C ILE D 152 -17.61 -37.72 13.17
N TYR D 153 -16.37 -37.72 12.70
CA TYR D 153 -15.99 -38.55 11.57
C TYR D 153 -16.18 -40.03 11.89
N ALA D 154 -15.66 -40.48 13.03
CA ALA D 154 -15.77 -41.88 13.40
C ALA D 154 -17.24 -42.30 13.44
N LYS D 155 -18.09 -41.42 13.96
CA LYS D 155 -19.53 -41.70 14.10
C LYS D 155 -20.29 -41.81 12.79
N HIS D 156 -19.93 -41.01 11.79
CA HIS D 156 -20.66 -41.05 10.54
C HIS D 156 -20.01 -41.97 9.50
N THR D 157 -18.70 -42.20 9.59
CA THR D 157 -18.07 -43.22 8.77
C THR D 157 -18.07 -44.59 9.40
N LYS D 158 -18.29 -44.69 10.71
CA LYS D 158 -18.36 -45.99 11.38
C LYS D 158 -17.03 -46.66 11.53
N GLN D 159 -15.99 -45.91 11.36
CA GLN D 159 -14.68 -46.45 11.51
C GLN D 159 -14.25 -46.10 12.92
N SER D 160 -13.20 -46.79 13.33
CA SER D 160 -12.53 -46.65 14.59
C SER D 160 -11.83 -45.30 14.70
N LEU D 161 -11.68 -44.74 15.91
CA LEU D 161 -10.88 -43.50 15.87
C LEU D 161 -9.40 -43.76 15.66
N GLN D 162 -9.01 -45.02 15.65
CA GLN D 162 -7.63 -45.32 15.51
C GLN D 162 -7.29 -45.21 14.05
N VAL D 163 -8.24 -45.63 13.18
CA VAL D 163 -8.14 -45.46 11.73
C VAL D 163 -8.44 -44.00 11.33
N ILE D 164 -9.37 -43.32 12.02
CA ILE D 164 -9.74 -41.96 11.64
C ILE D 164 -8.58 -40.99 11.90
N GLU D 165 -8.06 -40.97 13.13
CA GLU D 165 -6.94 -40.08 13.41
C GLU D 165 -5.74 -40.40 12.53
N SER D 166 -5.49 -41.69 12.25
CA SER D 166 -4.40 -42.06 11.35
C SER D 166 -4.66 -41.56 9.94
N ALA D 167 -5.90 -41.69 9.47
CA ALA D 167 -6.23 -41.26 8.10
C ALA D 167 -6.16 -39.75 7.95
N MET D 168 -6.63 -39.00 8.94
CA MET D 168 -6.57 -37.54 8.83
C MET D 168 -5.13 -37.04 8.88
N GLU D 169 -4.19 -37.86 9.34
CA GLU D 169 -2.82 -37.39 9.42
C GLU D 169 -2.17 -37.35 8.04
N ARG D 170 -2.75 -38.04 7.07
CA ARG D 170 -2.18 -38.09 5.73
C ARG D 170 -2.78 -36.97 4.89
N ASP D 171 -1.91 -36.15 4.29
CA ASP D 171 -2.34 -35.01 3.49
C ASP D 171 -2.58 -35.48 2.06
N ARG D 172 -3.78 -35.96 1.80
CA ARG D 172 -4.13 -36.53 0.50
C ARG D 172 -5.62 -36.35 0.26
N TYR D 173 -6.00 -36.43 -1.00
CA TYR D 173 -7.41 -36.44 -1.37
C TYR D 173 -7.85 -37.86 -1.69
N MET D 174 -9.16 -38.08 -1.59
CA MET D 174 -9.76 -39.36 -1.94
C MET D 174 -10.59 -39.23 -3.20
N SER D 175 -10.66 -40.32 -3.96
CA SER D 175 -11.62 -40.39 -5.03
C SER D 175 -13.00 -40.56 -4.42
N PRO D 176 -14.06 -40.32 -5.18
CA PRO D 176 -15.39 -40.61 -4.62
C PRO D 176 -15.57 -42.06 -4.17
N MET D 177 -15.04 -43.04 -4.93
CA MET D 177 -15.22 -44.46 -4.55
C MET D 177 -14.41 -44.86 -3.31
N GLU D 178 -13.14 -44.43 -3.22
CA GLU D 178 -12.45 -44.55 -1.93
C GLU D 178 -13.12 -43.80 -0.81
N ALA D 179 -13.73 -42.67 -1.09
CA ALA D 179 -14.44 -42.00 -0.01
C ALA D 179 -15.70 -42.76 0.35
N GLN D 180 -16.26 -43.47 -0.60
CA GLN D 180 -17.44 -44.29 -0.34
C GLN D 180 -17.03 -45.49 0.50
N GLU D 181 -16.00 -46.17 0.07
CA GLU D 181 -15.55 -47.37 0.79
C GLU D 181 -15.02 -47.01 2.18
N PHE D 182 -14.50 -45.79 2.34
CA PHE D 182 -14.08 -45.38 3.67
C PHE D 182 -15.27 -45.10 4.58
N GLY D 183 -16.45 -44.84 4.01
CA GLY D 183 -17.64 -44.57 4.78
C GLY D 183 -18.08 -43.12 4.84
N ILE D 184 -17.49 -42.24 4.04
CA ILE D 184 -17.85 -40.82 4.09
C ILE D 184 -19.16 -40.57 3.35
N LEU D 185 -19.39 -41.27 2.24
CA LEU D 185 -20.59 -41.10 1.44
C LEU D 185 -21.04 -42.47 0.98
N ASP D 186 -22.24 -42.53 0.37
CA ASP D 186 -22.88 -43.80 0.05
C ASP D 186 -22.89 -44.18 -1.41
N LYS D 187 -23.05 -43.24 -2.36
CA LYS D 187 -23.15 -43.63 -3.77
C LYS D 187 -22.49 -42.60 -4.66
N VAL D 188 -21.81 -43.07 -5.70
CA VAL D 188 -21.20 -42.22 -6.72
C VAL D 188 -22.00 -42.34 -8.01
N LEU D 189 -22.59 -41.23 -8.43
CA LEU D 189 -23.52 -41.21 -9.56
C LEU D 189 -22.92 -40.45 -10.73
N VAL D 190 -23.01 -41.04 -11.92
CA VAL D 190 -22.63 -40.36 -13.15
C VAL D 190 -23.85 -39.69 -13.79
N HIS D 191 -25.00 -40.37 -13.73
CA HIS D 191 -26.33 -39.91 -14.12
C HIS D 191 -27.34 -40.32 -13.04
N PRO D 192 -28.57 -39.76 -13.03
CA PRO D 192 -29.52 -40.15 -11.97
C PRO D 192 -29.98 -41.60 -12.07
N LEU E 2 -24.26 -12.75 -1.25
CA LEU E 2 -25.61 -12.94 -1.78
C LEU E 2 -26.51 -13.60 -0.76
N ILE E 3 -27.51 -12.81 -0.36
CA ILE E 3 -28.45 -13.13 0.70
C ILE E 3 -29.72 -13.63 0.03
N PRO E 4 -30.19 -14.85 0.28
CA PRO E 4 -31.37 -15.30 -0.44
C PRO E 4 -32.64 -14.68 0.11
N ILE E 5 -33.62 -14.54 -0.79
CA ILE E 5 -34.93 -14.02 -0.43
C ILE E 5 -35.90 -15.19 -0.47
N VAL E 6 -36.94 -15.10 0.36
CA VAL E 6 -37.74 -16.26 0.73
C VAL E 6 -39.21 -15.87 0.74
N VAL E 7 -40.06 -16.79 0.28
CA VAL E 7 -41.51 -16.56 0.15
C VAL E 7 -42.18 -16.28 1.49
N TYR E 17 -39.36 -11.73 1.41
CA TYR E 17 -38.25 -10.85 1.72
C TYR E 17 -36.94 -11.60 1.98
N ASP E 18 -35.91 -10.94 2.50
CA ASP E 18 -34.63 -11.60 2.71
C ASP E 18 -34.68 -12.52 3.92
N ILE E 19 -33.87 -13.57 3.89
CA ILE E 19 -34.00 -14.67 4.84
C ILE E 19 -33.78 -14.21 6.27
N TYR E 20 -32.94 -13.18 6.48
CA TYR E 20 -32.74 -12.69 7.84
C TYR E 20 -33.96 -11.92 8.34
N SER E 21 -34.62 -11.19 7.44
CA SER E 21 -35.87 -10.52 7.79
C SER E 21 -36.95 -11.55 8.13
N ARG E 22 -36.96 -12.68 7.43
CA ARG E 22 -37.89 -13.76 7.76
C ARG E 22 -37.57 -14.36 9.12
N LEU E 23 -36.27 -14.48 9.44
CA LEU E 23 -35.83 -14.99 10.74
C LEU E 23 -36.33 -14.09 11.87
N LEU E 24 -36.31 -12.77 11.66
CA LEU E 24 -36.76 -11.83 12.68
C LEU E 24 -38.24 -11.96 12.93
N ARG E 25 -38.99 -12.28 11.90
CA ARG E 25 -40.41 -12.43 12.01
C ARG E 25 -40.69 -13.69 12.75
N GLU E 26 -39.66 -14.51 12.92
CA GLU E 26 -39.81 -15.74 13.64
C GLU E 26 -39.32 -15.42 15.06
N ARG E 27 -39.31 -14.14 15.42
CA ARG E 27 -38.83 -13.77 16.75
C ARG E 27 -37.46 -14.37 17.04
N ILE E 28 -36.61 -14.48 16.01
CA ILE E 28 -35.24 -14.93 16.16
C ILE E 28 -34.30 -13.76 15.84
N VAL E 29 -33.42 -13.44 16.79
CA VAL E 29 -32.44 -12.38 16.63
C VAL E 29 -31.05 -13.01 16.60
N CYS E 30 -30.25 -12.60 15.63
CA CYS E 30 -28.90 -13.12 15.46
C CYS E 30 -27.89 -12.16 16.05
N VAL E 31 -27.00 -12.69 16.88
CA VAL E 31 -25.81 -11.95 17.30
C VAL E 31 -24.63 -12.79 16.80
N MET E 32 -24.12 -12.42 15.62
CA MET E 32 -23.17 -13.26 14.90
C MET E 32 -21.90 -12.46 14.64
N GLY E 33 -20.76 -13.08 14.90
CA GLY E 33 -19.49 -12.43 14.69
C GLY E 33 -19.18 -11.43 15.79
N PRO E 34 -18.17 -10.59 15.54
CA PRO E 34 -17.73 -9.63 16.56
C PRO E 34 -18.80 -8.60 16.88
N ILE E 35 -18.97 -8.33 18.17
CA ILE E 35 -19.97 -7.39 18.65
C ILE E 35 -19.34 -6.01 18.75
N ASP E 36 -19.89 -5.05 18.00
CA ASP E 36 -19.47 -3.65 18.10
C ASP E 36 -20.73 -2.79 18.32
N ASP E 37 -20.52 -1.47 18.42
CA ASP E 37 -21.63 -0.54 18.65
C ASP E 37 -22.71 -0.68 17.58
N SER E 38 -22.29 -0.93 16.33
CA SER E 38 -23.21 -1.10 15.20
C SER E 38 -24.06 -2.33 15.34
N VAL E 39 -23.44 -3.45 15.68
CA VAL E 39 -24.19 -4.69 15.89
C VAL E 39 -25.15 -4.54 17.05
N ALA E 40 -24.68 -3.96 18.14
CA ALA E 40 -25.52 -3.78 19.30
C ALA E 40 -26.77 -2.97 18.99
N SER E 41 -26.65 -1.83 18.29
CA SER E 41 -27.88 -1.05 18.12
C SER E 41 -28.88 -1.79 17.23
N LEU E 42 -28.40 -2.57 16.25
CA LEU E 42 -29.34 -3.38 15.45
C LEU E 42 -30.01 -4.46 16.30
N VAL E 43 -29.24 -5.14 17.15
CA VAL E 43 -29.84 -6.15 18.02
C VAL E 43 -30.85 -5.50 18.96
N ILE E 44 -30.48 -4.35 19.54
CA ILE E 44 -31.39 -3.63 20.42
C ILE E 44 -32.65 -3.22 19.64
N ALA E 45 -32.46 -2.71 18.43
CA ALA E 45 -33.59 -2.37 17.58
C ALA E 45 -34.54 -3.55 17.40
N GLN E 46 -33.98 -4.73 17.12
CA GLN E 46 -34.79 -5.93 16.93
C GLN E 46 -35.52 -6.33 18.22
N LEU E 47 -34.84 -6.23 19.36
CA LEU E 47 -35.46 -6.60 20.64
C LEU E 47 -36.64 -5.70 20.96
N LEU E 48 -36.48 -4.39 20.75
CA LEU E 48 -37.57 -3.45 21.01
C LEU E 48 -38.73 -3.69 20.05
N PHE E 49 -38.43 -4.07 18.80
CA PHE E 49 -39.47 -4.31 17.81
C PHE E 49 -40.32 -5.51 18.19
N LEU E 50 -39.67 -6.62 18.53
CA LEU E 50 -40.40 -7.85 18.85
C LEU E 50 -41.19 -7.70 20.14
N GLN E 51 -40.71 -6.88 21.08
CA GLN E 51 -41.47 -6.62 22.31
C GLN E 51 -42.75 -5.86 22.02
N SER E 52 -42.73 -4.96 21.03
CA SER E 52 -43.94 -4.25 20.64
C SER E 52 -44.95 -5.18 20.03
N GLU E 53 -44.48 -6.15 19.24
CA GLU E 53 -45.37 -7.09 18.58
C GLU E 53 -45.95 -8.07 19.58
N SER E 54 -45.28 -8.23 20.70
CA SER E 54 -45.78 -9.00 21.83
C SER E 54 -44.79 -8.88 22.98
N ASN E 55 -45.25 -8.48 24.14
CA ASN E 55 -44.42 -8.40 25.32
C ASN E 55 -44.46 -9.68 26.15
N LYS E 56 -44.79 -10.82 25.55
CA LYS E 56 -44.98 -12.03 26.34
C LYS E 56 -44.60 -13.28 25.54
N LYS E 57 -44.64 -13.20 24.21
CA LYS E 57 -44.14 -14.31 23.40
C LYS E 57 -42.62 -14.34 23.46
N PRO E 58 -42.02 -15.52 23.56
CA PRO E 58 -40.56 -15.57 23.74
C PRO E 58 -39.82 -15.02 22.54
N ILE E 59 -38.59 -14.56 22.81
CA ILE E 59 -37.68 -14.09 21.78
C ILE E 59 -36.48 -15.02 21.75
N HIS E 60 -36.08 -15.47 20.57
CA HIS E 60 -34.95 -16.36 20.39
C HIS E 60 -33.72 -15.56 19.97
N MET E 61 -32.62 -15.73 20.71
CA MET E 61 -31.37 -15.03 20.45
C MET E 61 -30.32 -16.04 20.00
N TYR E 62 -29.98 -15.99 18.71
CA TYR E 62 -28.99 -16.88 18.10
C TYR E 62 -27.60 -16.28 18.31
N ILE E 63 -26.74 -17.01 19.02
CA ILE E 63 -25.43 -16.51 19.42
C ILE E 63 -24.34 -17.37 18.79
N ASN E 64 -23.57 -16.78 17.88
CA ASN E 64 -22.35 -17.39 17.35
C ASN E 64 -21.33 -16.25 17.23
N SER E 65 -20.67 -15.93 18.34
CA SER E 65 -19.83 -14.76 18.41
C SER E 65 -18.57 -15.02 19.21
N PRO E 66 -17.42 -14.50 18.75
CA PRO E 66 -16.18 -14.61 19.54
C PRO E 66 -16.05 -13.54 20.61
N GLY E 67 -17.00 -12.61 20.70
CA GLY E 67 -16.94 -11.51 21.65
C GLY E 67 -17.04 -10.17 20.96
N GLY E 68 -16.47 -9.17 21.60
CA GLY E 68 -16.44 -7.85 20.98
C GLY E 68 -16.33 -6.77 22.04
N VAL E 69 -16.81 -5.58 21.68
CA VAL E 69 -16.66 -4.41 22.53
C VAL E 69 -17.53 -4.55 23.78
N VAL E 70 -16.95 -4.26 24.94
CA VAL E 70 -17.64 -4.48 26.21
C VAL E 70 -18.88 -3.61 26.32
N THR E 71 -18.73 -2.30 26.08
CA THR E 71 -19.88 -1.41 26.22
C THR E 71 -20.98 -1.77 25.25
N ALA E 72 -20.63 -2.25 24.06
CA ALA E 72 -21.64 -2.70 23.12
C ALA E 72 -22.34 -3.97 23.62
N GLY E 73 -21.57 -4.92 24.14
CA GLY E 73 -22.17 -6.09 24.75
C GLY E 73 -23.06 -5.74 25.92
N LEU E 74 -22.60 -4.84 26.81
CA LEU E 74 -23.44 -4.45 27.93
C LEU E 74 -24.69 -3.70 27.48
N ALA E 75 -24.60 -2.95 26.39
CA ALA E 75 -25.79 -2.29 25.87
C ALA E 75 -26.87 -3.30 25.52
N ILE E 76 -26.49 -4.42 24.87
CA ILE E 76 -27.47 -5.46 24.59
C ILE E 76 -27.92 -6.14 25.87
N TYR E 77 -26.99 -6.41 26.78
CA TYR E 77 -27.35 -7.03 28.05
C TYR E 77 -28.41 -6.23 28.78
N ASP E 78 -28.16 -4.93 28.97
CA ASP E 78 -29.12 -4.08 29.67
C ASP E 78 -30.48 -4.10 28.98
N THR E 79 -30.48 -4.14 27.65
CA THR E 79 -31.75 -4.16 26.90
C THR E 79 -32.47 -5.50 27.06
N MET E 80 -31.71 -6.60 27.14
CA MET E 80 -32.33 -7.90 27.40
C MET E 80 -33.04 -7.89 28.74
N GLN E 81 -32.40 -7.32 29.77
CA GLN E 81 -33.04 -7.24 31.07
C GLN E 81 -34.21 -6.26 31.05
N TYR E 82 -34.08 -5.18 30.28
CA TYR E 82 -35.07 -4.11 30.29
C TYR E 82 -36.40 -4.58 29.71
N ILE E 83 -36.37 -5.26 28.56
CA ILE E 83 -37.62 -5.72 27.95
C ILE E 83 -38.25 -6.78 28.82
N LEU E 84 -39.58 -6.92 28.70
CA LEU E 84 -40.36 -7.78 29.58
C LEU E 84 -40.46 -9.21 29.07
N ASN E 85 -39.91 -9.48 27.89
CA ASN E 85 -40.10 -10.77 27.25
C ASN E 85 -39.19 -11.83 27.85
N PRO E 86 -39.62 -13.09 27.82
CA PRO E 86 -38.68 -14.19 28.01
C PRO E 86 -37.77 -14.31 26.79
N ILE E 87 -36.49 -14.53 27.05
CA ILE E 87 -35.47 -14.57 26.00
C ILE E 87 -34.79 -15.93 26.06
N CYS E 88 -34.92 -16.69 24.97
CA CYS E 88 -34.18 -17.94 24.84
C CYS E 88 -32.87 -17.66 24.13
N THR E 89 -31.76 -18.04 24.75
CA THR E 89 -30.45 -17.89 24.16
C THR E 89 -29.99 -19.24 23.61
N TRP E 90 -29.39 -19.22 22.43
CA TRP E 90 -29.01 -20.43 21.72
C TRP E 90 -27.55 -20.29 21.28
N CYS E 91 -26.65 -21.02 21.92
CA CYS E 91 -25.24 -21.04 21.55
C CYS E 91 -24.98 -22.15 20.54
N VAL E 92 -24.62 -21.78 19.32
CA VAL E 92 -24.26 -22.73 18.28
C VAL E 92 -22.98 -22.22 17.63
N GLY E 93 -21.97 -23.10 17.52
CA GLY E 93 -20.65 -22.69 17.11
C GLY E 93 -19.83 -22.30 18.33
N GLN E 94 -19.97 -21.07 18.79
CA GLN E 94 -19.24 -20.62 19.96
C GLN E 94 -19.92 -19.39 20.56
N ALA E 95 -19.69 -19.20 21.85
CA ALA E 95 -20.05 -17.97 22.55
C ALA E 95 -18.88 -17.65 23.48
N ALA E 96 -18.03 -16.73 23.05
CA ALA E 96 -16.83 -16.37 23.78
C ALA E 96 -16.90 -14.91 24.18
N SER E 97 -16.28 -14.60 25.32
CA SER E 97 -16.16 -13.24 25.85
C SER E 97 -17.56 -12.68 26.03
N MET E 98 -17.89 -11.51 25.47
CA MET E 98 -19.21 -10.92 25.64
C MET E 98 -20.31 -11.82 25.09
N GLY E 99 -19.98 -12.67 24.11
CA GLY E 99 -20.96 -13.60 23.60
C GLY E 99 -21.48 -14.56 24.67
N SER E 100 -20.58 -15.07 25.52
CA SER E 100 -21.02 -16.02 26.54
C SER E 100 -21.84 -15.33 27.63
N LEU E 101 -21.56 -14.06 27.91
CA LEU E 101 -22.35 -13.34 28.90
C LEU E 101 -23.77 -13.12 28.43
N LEU E 102 -23.94 -12.77 27.16
CA LEU E 102 -25.27 -12.69 26.59
C LEU E 102 -25.96 -14.04 26.65
N LEU E 103 -25.23 -15.12 26.36
CA LEU E 103 -25.79 -16.46 26.47
C LEU E 103 -26.31 -16.72 27.89
N ALA E 104 -25.49 -16.43 28.89
CA ALA E 104 -25.90 -16.65 30.29
C ALA E 104 -26.99 -15.69 30.74
N ALA E 105 -27.18 -14.57 30.03
CA ALA E 105 -28.17 -13.56 30.41
C ALA E 105 -29.57 -13.90 29.95
N GLY E 106 -29.78 -15.03 29.27
CA GLY E 106 -31.12 -15.44 28.94
C GLY E 106 -31.94 -15.74 30.19
N THR E 107 -33.26 -15.74 30.00
CA THR E 107 -34.15 -16.06 31.10
C THR E 107 -33.86 -17.47 31.61
N PRO E 108 -33.82 -17.68 32.94
CA PRO E 108 -33.48 -18.99 33.48
C PRO E 108 -34.36 -20.10 32.92
N GLY E 109 -33.75 -21.26 32.69
CA GLY E 109 -34.43 -22.37 32.05
C GLY E 109 -34.50 -22.32 30.55
N MET E 110 -34.14 -21.19 29.92
CA MET E 110 -34.25 -21.04 28.47
C MET E 110 -32.92 -20.69 27.83
N ARG E 111 -31.80 -21.13 28.41
CA ARG E 111 -30.48 -20.89 27.84
C ARG E 111 -29.97 -22.21 27.27
N HIS E 112 -29.75 -22.23 25.95
CA HIS E 112 -29.50 -23.46 25.20
C HIS E 112 -28.13 -23.45 24.52
N SER E 113 -27.61 -24.66 24.27
CA SER E 113 -26.46 -24.86 23.39
C SER E 113 -26.63 -26.17 22.64
N LEU E 114 -26.15 -26.18 21.40
CA LEU E 114 -26.07 -27.41 20.64
C LEU E 114 -24.78 -28.14 21.02
N PRO E 115 -24.65 -29.43 20.70
CA PRO E 115 -23.65 -30.27 21.39
C PRO E 115 -22.20 -29.85 21.19
N ASN E 116 -21.83 -29.36 20.01
CA ASN E 116 -20.42 -29.14 19.70
C ASN E 116 -19.99 -27.68 19.85
N SER E 117 -20.82 -26.84 20.44
CA SER E 117 -20.45 -25.45 20.68
C SER E 117 -19.31 -25.35 21.69
N ARG E 118 -18.60 -24.22 21.65
CA ARG E 118 -17.56 -23.89 22.60
C ARG E 118 -17.90 -22.60 23.32
N ILE E 119 -17.72 -22.57 24.63
CA ILE E 119 -18.09 -21.41 25.44
C ILE E 119 -16.88 -20.97 26.25
N MET E 120 -16.61 -19.67 26.27
CA MET E 120 -15.50 -19.08 27.00
C MET E 120 -15.97 -17.83 27.72
N ILE E 121 -15.71 -17.77 29.02
CA ILE E 121 -15.99 -16.54 29.78
C ILE E 121 -14.72 -15.71 29.95
N HIS E 122 -13.56 -16.28 29.71
CA HIS E 122 -12.31 -15.52 29.65
C HIS E 122 -12.41 -14.41 28.62
N GLN E 123 -11.81 -13.27 28.92
CA GLN E 123 -11.83 -12.12 28.03
C GLN E 123 -10.45 -11.94 27.40
N PRO E 124 -10.28 -12.12 26.09
CA PRO E 124 -9.00 -11.81 25.44
C PRO E 124 -8.77 -10.30 25.28
N ILE E 137 -8.43 3.98 26.36
CA ILE E 137 -9.16 3.87 27.62
C ILE E 137 -8.18 3.66 28.81
N GLN E 138 -8.43 4.34 29.92
CA GLN E 138 -7.50 4.31 31.05
C GLN E 138 -7.60 3.00 31.83
N ALA E 139 -6.67 2.83 32.77
CA ALA E 139 -6.53 1.56 33.49
C ALA E 139 -7.68 1.33 34.48
N GLU E 140 -7.93 2.30 35.37
CA GLU E 140 -8.99 2.13 36.36
C GLU E 140 -10.33 1.83 35.71
N GLU E 141 -10.62 2.45 34.58
CA GLU E 141 -11.91 2.26 33.93
C GLU E 141 -11.99 0.87 33.31
N ILE E 142 -10.88 0.37 32.78
CA ILE E 142 -10.84 -1.01 32.27
C ILE E 142 -11.19 -1.97 33.39
N MET E 143 -10.74 -1.67 34.61
CA MET E 143 -11.05 -2.53 35.76
C MET E 143 -12.49 -2.36 36.21
N LYS E 144 -13.06 -1.17 36.07
CA LYS E 144 -14.46 -0.98 36.41
C LYS E 144 -15.36 -1.82 35.51
N LEU E 145 -15.03 -1.88 34.21
CA LEU E 145 -15.80 -2.72 33.30
C LEU E 145 -15.62 -4.20 33.64
N LYS E 146 -14.40 -4.58 34.02
CA LYS E 146 -14.15 -5.98 34.39
C LYS E 146 -14.98 -6.39 35.59
N LYS E 147 -15.07 -5.53 36.60
CA LYS E 147 -15.87 -5.87 37.79
C LYS E 147 -17.35 -5.93 37.45
N GLN E 148 -17.81 -5.04 36.56
CA GLN E 148 -19.19 -5.12 36.08
C GLN E 148 -19.46 -6.44 35.39
N LEU E 149 -18.48 -6.97 34.65
CA LEU E 149 -18.65 -8.28 34.04
C LEU E 149 -18.65 -9.38 35.10
N TYR E 150 -17.83 -9.24 36.14
CA TYR E 150 -17.82 -10.21 37.23
C TYR E 150 -19.20 -10.30 37.87
N ASN E 151 -19.78 -9.16 38.22
CA ASN E 151 -21.09 -9.16 38.87
C ASN E 151 -22.17 -9.73 37.96
N ILE E 152 -22.16 -9.34 36.68
CA ILE E 152 -23.21 -9.82 35.78
C ILE E 152 -23.09 -11.33 35.61
N TYR E 153 -21.87 -11.85 35.43
CA TYR E 153 -21.72 -13.29 35.36
C TYR E 153 -22.21 -13.94 36.65
N ALA E 154 -21.71 -13.45 37.79
CA ALA E 154 -22.06 -14.03 39.08
C ALA E 154 -23.58 -14.05 39.30
N LYS E 155 -24.26 -12.98 38.90
CA LYS E 155 -25.70 -12.88 39.12
C LYS E 155 -26.45 -13.97 38.35
N HIS E 156 -26.03 -14.24 37.11
CA HIS E 156 -26.73 -15.17 36.24
C HIS E 156 -26.18 -16.58 36.37
N THR E 157 -24.93 -16.73 36.81
CA THR E 157 -24.40 -18.04 37.11
C THR E 157 -24.69 -18.49 38.55
N LYS E 158 -25.03 -17.58 39.49
CA LYS E 158 -25.20 -17.96 40.92
C LYS E 158 -23.98 -18.67 41.45
N GLN E 159 -22.82 -18.21 40.99
CA GLN E 159 -21.53 -18.52 41.56
C GLN E 159 -21.04 -17.29 42.29
N SER E 160 -20.05 -17.49 43.16
CA SER E 160 -19.41 -16.43 43.93
C SER E 160 -18.47 -15.63 43.01
N LEU E 161 -18.13 -14.41 43.44
CA LEU E 161 -17.26 -13.54 42.64
C LEU E 161 -15.88 -14.15 42.42
N GLN E 162 -15.37 -14.92 43.39
CA GLN E 162 -14.05 -15.57 43.31
C GLN E 162 -14.08 -16.72 42.31
N VAL E 163 -15.21 -17.43 42.21
CA VAL E 163 -15.33 -18.50 41.23
C VAL E 163 -15.38 -17.91 39.83
N ILE E 164 -16.04 -16.75 39.69
CA ILE E 164 -16.05 -16.04 38.42
C ILE E 164 -14.69 -15.45 38.14
N GLU E 165 -14.13 -14.69 39.10
CA GLU E 165 -12.82 -14.08 38.90
C GLU E 165 -11.75 -15.14 38.61
N SER E 166 -11.77 -16.24 39.36
CA SER E 166 -10.76 -17.28 39.12
C SER E 166 -10.96 -17.97 37.78
N ALA E 167 -12.22 -18.28 37.43
CA ALA E 167 -12.48 -19.00 36.19
C ALA E 167 -12.18 -18.13 34.97
N MET E 168 -12.50 -16.84 35.03
CA MET E 168 -12.24 -15.96 33.91
C MET E 168 -10.74 -15.78 33.68
N GLU E 169 -9.90 -16.13 34.67
CA GLU E 169 -8.46 -16.00 34.55
C GLU E 169 -7.82 -17.11 33.74
N ARG E 170 -8.51 -18.26 33.58
CA ARG E 170 -8.02 -19.39 32.79
C ARG E 170 -8.34 -19.11 31.33
N ASP E 171 -7.34 -19.22 30.44
CA ASP E 171 -7.58 -19.02 29.00
C ASP E 171 -8.02 -20.35 28.39
N ARG E 172 -9.32 -20.66 28.45
CA ARG E 172 -9.81 -21.95 27.99
C ARG E 172 -11.27 -21.81 27.61
N TYR E 173 -11.75 -22.78 26.84
CA TYR E 173 -13.16 -22.92 26.54
C TYR E 173 -13.77 -24.07 27.36
N MET E 174 -15.09 -24.01 27.51
CA MET E 174 -15.87 -25.09 28.10
C MET E 174 -16.73 -25.77 27.05
N SER E 175 -17.00 -27.07 27.26
CA SER E 175 -18.02 -27.74 26.48
C SER E 175 -19.39 -27.28 26.95
N PRO E 176 -20.44 -27.52 26.17
CA PRO E 176 -21.79 -27.17 26.63
C PRO E 176 -22.16 -27.83 27.94
N MET E 177 -21.80 -29.10 28.15
CA MET E 177 -22.08 -29.78 29.42
C MET E 177 -21.30 -29.13 30.54
N GLU E 178 -20.09 -28.73 30.23
CA GLU E 178 -19.14 -28.16 31.16
C GLU E 178 -19.66 -26.80 31.59
N ALA E 179 -20.28 -26.07 30.65
CA ALA E 179 -20.92 -24.78 30.89
C ALA E 179 -22.26 -24.90 31.63
N GLN E 180 -23.00 -26.00 31.43
CA GLN E 180 -24.30 -26.14 32.11
C GLN E 180 -24.17 -26.17 33.63
N GLU E 181 -23.21 -26.95 34.06
CA GLU E 181 -22.90 -27.12 35.44
C GLU E 181 -22.36 -25.87 36.02
N PHE E 182 -21.76 -25.05 35.17
CA PHE E 182 -21.15 -23.85 35.67
C PHE E 182 -22.17 -22.82 35.99
N GLY E 183 -23.23 -22.77 35.23
CA GLY E 183 -24.26 -21.79 35.49
C GLY E 183 -24.46 -20.85 34.35
N ILE E 184 -23.87 -21.18 33.23
CA ILE E 184 -23.97 -20.32 32.07
C ILE E 184 -25.21 -20.69 31.28
N LEU E 185 -25.50 -21.96 31.24
CA LEU E 185 -26.59 -22.37 30.41
C LEU E 185 -27.49 -23.39 31.07
N ASP E 186 -28.61 -23.68 30.45
CA ASP E 186 -29.51 -24.64 31.09
C ASP E 186 -29.68 -25.97 30.37
N LYS E 187 -29.64 -26.01 29.03
CA LYS E 187 -29.99 -27.23 28.29
C LYS E 187 -29.05 -27.43 27.11
N VAL E 188 -28.53 -28.64 26.97
CA VAL E 188 -27.74 -29.04 25.80
C VAL E 188 -28.61 -30.00 24.99
N LEU E 189 -29.02 -29.59 23.81
CA LEU E 189 -29.88 -30.41 23.00
C LEU E 189 -29.37 -30.86 21.66
N VAL E 190 -29.27 -32.15 21.49
CA VAL E 190 -28.90 -32.72 20.22
C VAL E 190 -30.00 -32.51 19.25
N HIS E 191 -31.22 -32.68 19.72
CA HIS E 191 -32.47 -32.51 18.97
C HIS E 191 -33.52 -31.93 19.90
N PRO E 192 -34.58 -31.40 19.34
CA PRO E 192 -35.65 -30.81 20.16
C PRO E 192 -36.39 -31.82 21.04
N PRO E 193 -36.96 -31.37 22.14
CA PRO E 193 -37.66 -32.29 23.06
C PRO E 193 -39.16 -32.41 22.82
N PRO F 1 -23.23 -4.52 7.91
CA PRO F 1 -23.65 -4.00 6.62
C PRO F 1 -25.05 -4.50 6.22
N LEU F 2 -25.45 -5.62 6.80
CA LEU F 2 -26.73 -6.25 6.48
C LEU F 2 -27.81 -5.78 7.44
N ILE F 3 -28.90 -5.26 6.89
CA ILE F 3 -29.93 -4.59 7.68
C ILE F 3 -31.29 -5.23 7.42
N PRO F 4 -32.01 -5.66 8.47
CA PRO F 4 -33.25 -6.40 8.26
C PRO F 4 -34.42 -5.50 7.89
N ILE F 5 -35.40 -6.10 7.22
CA ILE F 5 -36.63 -5.45 6.79
C ILE F 5 -37.78 -5.99 7.62
N VAL F 6 -38.72 -5.11 7.99
CA VAL F 6 -39.88 -5.54 8.74
C VAL F 6 -41.11 -5.70 7.84
N TYR F 17 -40.09 -1.64 5.01
CA TYR F 17 -39.26 -0.65 5.66
C TYR F 17 -38.04 -1.23 6.35
N ASP F 18 -37.03 -0.37 6.44
CA ASP F 18 -35.77 -0.70 7.07
C ASP F 18 -36.04 -0.64 8.56
N ILE F 19 -35.37 -1.50 9.30
CA ILE F 19 -35.57 -1.57 10.75
C ILE F 19 -35.31 -0.21 11.42
N TYR F 20 -34.32 0.53 10.92
CA TYR F 20 -34.09 1.84 11.49
C TYR F 20 -35.17 2.80 11.03
N SER F 21 -35.62 2.67 9.78
CA SER F 21 -36.71 3.50 9.30
C SER F 21 -38.01 3.20 10.05
N ARG F 22 -38.25 1.93 10.37
CA ARG F 22 -39.44 1.58 11.15
C ARG F 22 -39.32 2.07 12.58
N LEU F 23 -38.11 1.98 13.16
CA LEU F 23 -37.89 2.50 14.51
C LEU F 23 -38.10 4.01 14.56
N LEU F 24 -37.82 4.70 13.45
CA LEU F 24 -38.09 6.12 13.34
C LEU F 24 -39.58 6.42 13.43
N ARG F 25 -40.43 5.50 12.95
CA ARG F 25 -41.88 5.69 13.04
C ARG F 25 -42.42 5.68 14.47
N GLU F 26 -41.74 5.07 15.46
CA GLU F 26 -42.11 5.36 16.85
C GLU F 26 -41.37 6.54 17.45
N ARG F 27 -40.87 7.49 16.66
CA ARG F 27 -40.23 8.70 17.21
C ARG F 27 -38.96 8.40 18.03
N ILE F 28 -38.19 7.41 17.58
CA ILE F 28 -36.90 7.09 18.17
C ILE F 28 -35.84 7.35 17.11
N VAL F 29 -34.88 8.21 17.44
CA VAL F 29 -33.76 8.56 16.56
C VAL F 29 -32.48 8.05 17.20
N CYS F 30 -31.61 7.46 16.37
CA CYS F 30 -30.38 6.87 16.87
C CYS F 30 -29.19 7.84 16.72
N VAL F 31 -28.45 8.02 17.81
CA VAL F 31 -27.16 8.73 17.82
C VAL F 31 -26.12 7.68 18.15
N MET F 32 -25.49 7.16 17.10
CA MET F 32 -24.79 5.89 17.16
C MET F 32 -23.37 6.04 16.64
N GLY F 33 -22.39 5.60 17.45
CA GLY F 33 -21.01 5.64 17.02
C GLY F 33 -20.49 7.06 16.98
N PRO F 34 -19.36 7.25 16.29
CA PRO F 34 -18.74 8.57 16.21
C PRO F 34 -19.63 9.57 15.48
N ILE F 35 -19.71 10.78 16.03
CA ILE F 35 -20.55 11.85 15.48
C ILE F 35 -19.72 12.72 14.55
N ASP F 36 -20.13 12.78 13.28
CA ASP F 36 -19.53 13.67 12.30
C ASP F 36 -20.63 14.48 11.61
N ASP F 37 -20.23 15.31 10.64
CA ASP F 37 -21.20 16.10 9.91
C ASP F 37 -22.29 15.23 9.30
N SER F 38 -21.93 14.02 8.87
CA SER F 38 -22.90 13.13 8.26
C SER F 38 -23.95 12.68 9.26
N VAL F 39 -23.50 12.25 10.45
CA VAL F 39 -24.42 11.82 11.51
C VAL F 39 -25.31 12.97 11.95
N ALA F 40 -24.71 14.15 12.15
CA ALA F 40 -25.48 15.31 12.62
C ALA F 40 -26.60 15.63 11.65
N SER F 41 -26.30 15.66 10.35
CA SER F 41 -27.30 15.98 9.33
C SER F 41 -28.45 14.98 9.34
N LEU F 42 -28.15 13.68 9.47
CA LEU F 42 -29.23 12.70 9.49
C LEU F 42 -30.08 12.86 10.75
N VAL F 43 -29.43 13.06 11.91
CA VAL F 43 -30.18 13.25 13.15
C VAL F 43 -31.04 14.50 13.07
N ILE F 44 -30.47 15.59 12.56
CA ILE F 44 -31.23 16.84 12.41
C ILE F 44 -32.41 16.64 11.47
N ALA F 45 -32.17 15.97 10.34
CA ALA F 45 -33.25 15.64 9.41
C ALA F 45 -34.36 14.87 10.11
N GLN F 46 -34.00 13.87 10.91
CA GLN F 46 -34.99 13.07 11.61
C GLN F 46 -35.75 13.91 12.64
N LEU F 47 -35.04 14.79 13.36
CA LEU F 47 -35.70 15.62 14.38
C LEU F 47 -36.72 16.56 13.74
N LEU F 48 -36.37 17.17 12.61
CA LEU F 48 -37.30 18.08 11.94
C LEU F 48 -38.52 17.32 11.42
N PHE F 49 -38.31 16.09 10.95
CA PHE F 49 -39.40 15.27 10.42
C PHE F 49 -40.38 14.89 11.53
N LEU F 50 -39.86 14.39 12.66
CA LEU F 50 -40.73 13.95 13.73
C LEU F 50 -41.48 15.12 14.35
N GLN F 51 -40.87 16.31 14.33
CA GLN F 51 -41.53 17.52 14.82
C GLN F 51 -42.72 17.90 13.94
N SER F 52 -42.58 17.72 12.63
CA SER F 52 -43.68 18.00 11.72
C SER F 52 -44.86 17.05 11.96
N GLU F 53 -44.55 15.82 12.37
CA GLU F 53 -45.59 14.79 12.50
C GLU F 53 -46.44 14.98 13.74
N SER F 54 -45.85 15.56 14.78
CA SER F 54 -46.52 15.95 16.01
C SER F 54 -45.45 16.73 16.77
N ASN F 55 -45.72 17.98 17.10
CA ASN F 55 -44.65 18.75 17.70
C ASN F 55 -44.88 18.79 19.22
N LYS F 56 -45.56 17.76 19.74
CA LYS F 56 -45.92 17.67 21.15
C LYS F 56 -45.76 16.27 21.67
N LYS F 57 -45.77 15.25 20.82
CA LYS F 57 -45.47 13.90 21.27
C LYS F 57 -43.95 13.80 21.51
N PRO F 58 -43.52 13.10 22.55
CA PRO F 58 -42.09 13.05 22.85
C PRO F 58 -41.28 12.37 21.74
N ILE F 59 -40.00 12.73 21.67
CA ILE F 59 -39.04 12.11 20.77
C ILE F 59 -38.01 11.39 21.62
N HIS F 60 -37.72 10.13 21.26
CA HIS F 60 -36.74 9.33 21.97
C HIS F 60 -35.41 9.37 21.23
N MET F 61 -34.35 9.74 21.97
CA MET F 61 -33.01 9.84 21.41
C MET F 61 -32.17 8.74 22.03
N TYR F 62 -31.84 7.75 21.22
CA TYR F 62 -31.05 6.60 21.64
C TYR F 62 -29.57 6.95 21.41
N ILE F 63 -28.80 6.97 22.49
CA ILE F 63 -27.41 7.45 22.45
C ILE F 63 -26.47 6.32 22.89
N ASN F 64 -25.61 5.89 21.95
CA ASN F 64 -24.48 5.00 22.23
C ASN F 64 -23.31 5.51 21.37
N SER F 65 -22.58 6.49 21.89
CA SER F 65 -21.58 7.18 21.10
C SER F 65 -20.34 7.48 21.92
N PRO F 66 -19.15 7.33 21.34
CA PRO F 66 -17.92 7.74 22.01
C PRO F 66 -17.60 9.22 21.87
N GLY F 67 -18.41 9.97 21.12
CA GLY F 67 -18.16 11.37 20.88
C GLY F 67 -18.07 11.67 19.38
N GLY F 68 -17.34 12.72 19.06
CA GLY F 68 -17.11 13.04 17.67
C GLY F 68 -16.81 14.53 17.51
N VAL F 69 -17.10 15.03 16.31
CA VAL F 69 -16.77 16.40 15.96
C VAL F 69 -17.66 17.36 16.74
N VAL F 70 -17.03 18.39 17.34
CA VAL F 70 -17.74 19.29 18.23
C VAL F 70 -18.83 20.07 17.49
N THR F 71 -18.48 20.67 16.34
CA THR F 71 -19.46 21.47 15.62
C THR F 71 -20.63 20.61 15.15
N ALA F 72 -20.37 19.34 14.82
CA ALA F 72 -21.45 18.43 14.46
C ALA F 72 -22.33 18.10 15.66
N GLY F 73 -21.71 17.81 16.81
CA GLY F 73 -22.48 17.63 18.03
C GLY F 73 -23.27 18.86 18.40
N LEU F 74 -22.64 20.04 18.31
CA LEU F 74 -23.37 21.27 18.61
C LEU F 74 -24.51 21.52 17.63
N ALA F 75 -24.35 21.10 16.38
CA ALA F 75 -25.45 21.19 15.43
C ALA F 75 -26.65 20.39 15.90
N ILE F 76 -26.40 19.18 16.42
CA ILE F 76 -27.49 18.38 16.97
C ILE F 76 -28.06 19.05 18.22
N TYR F 77 -27.19 19.55 19.11
CA TYR F 77 -27.65 20.20 20.33
C TYR F 77 -28.59 21.37 20.02
N ASP F 78 -28.14 22.29 19.16
CA ASP F 78 -28.95 23.46 18.82
C ASP F 78 -30.30 23.04 18.24
N THR F 79 -30.33 21.97 17.46
CA THR F 79 -31.58 21.50 16.87
C THR F 79 -32.49 20.90 17.94
N MET F 80 -31.90 20.21 18.93
CA MET F 80 -32.71 19.71 20.04
C MET F 80 -33.39 20.84 20.78
N GLN F 81 -32.66 21.92 21.06
CA GLN F 81 -33.26 23.06 21.73
C GLN F 81 -34.26 23.76 20.83
N TYR F 82 -33.97 23.81 19.52
CA TYR F 82 -34.79 24.58 18.59
C TYR F 82 -36.18 23.99 18.45
N ILE F 83 -36.27 22.67 18.26
CA ILE F 83 -37.57 22.04 18.08
C ILE F 83 -38.39 22.17 19.36
N LEU F 84 -39.70 22.16 19.22
CA LEU F 84 -40.62 22.45 20.31
C LEU F 84 -41.03 21.21 21.11
N ASN F 85 -40.55 20.00 20.71
CA ASN F 85 -40.92 18.72 21.31
C ASN F 85 -40.15 18.46 22.60
N PRO F 86 -40.73 17.70 23.53
CA PRO F 86 -39.93 17.12 24.60
C PRO F 86 -39.09 15.97 24.07
N ILE F 87 -37.85 15.89 24.54
CA ILE F 87 -36.89 14.92 24.04
C ILE F 87 -36.42 14.05 25.20
N CYS F 88 -36.69 12.74 25.12
CA CYS F 88 -36.14 11.78 26.07
C CYS F 88 -34.85 11.22 25.52
N THR F 89 -33.78 11.34 26.30
CA THR F 89 -32.48 10.80 25.95
C THR F 89 -32.24 9.49 26.70
N TRP F 90 -31.68 8.51 26.00
CA TRP F 90 -31.47 7.17 26.54
C TRP F 90 -30.03 6.75 26.29
N CYS F 91 -29.23 6.73 27.35
CA CYS F 91 -27.84 6.29 27.28
C CYS F 91 -27.76 4.80 27.56
N VAL F 92 -27.38 4.02 26.55
CA VAL F 92 -27.16 2.58 26.70
C VAL F 92 -25.82 2.27 26.04
N GLY F 93 -24.98 1.53 26.76
CA GLY F 93 -23.62 1.31 26.32
C GLY F 93 -22.72 2.40 26.85
N GLN F 94 -22.65 3.54 26.16
CA GLN F 94 -21.84 4.65 26.64
C GLN F 94 -22.31 5.94 25.98
N ALA F 95 -22.03 7.05 26.68
CA ALA F 95 -22.18 8.39 26.12
C ALA F 95 -20.97 9.19 26.60
N ALA F 96 -19.99 9.36 25.72
CA ALA F 96 -18.74 10.05 26.03
C ALA F 96 -18.59 11.28 25.16
N SER F 97 -17.93 12.30 25.71
CA SER F 97 -17.62 13.54 24.98
C SER F 97 -18.94 14.15 24.50
N MET F 98 -19.09 14.45 23.20
CA MET F 98 -20.32 15.06 22.70
C MET F 98 -21.54 14.20 22.94
N GLY F 99 -21.36 12.88 23.04
CA GLY F 99 -22.48 12.00 23.36
C GLY F 99 -23.11 12.31 24.71
N SER F 100 -22.28 12.56 25.72
CA SER F 100 -22.83 12.91 27.04
C SER F 100 -23.46 14.29 27.03
N LEU F 101 -22.99 15.18 26.16
CA LEU F 101 -23.61 16.50 26.05
C LEU F 101 -25.04 16.37 25.53
N LEU F 102 -25.22 15.55 24.48
CA LEU F 102 -26.56 15.32 23.96
C LEU F 102 -27.44 14.63 25.01
N LEU F 103 -26.87 13.67 25.74
CA LEU F 103 -27.61 13.01 26.81
C LEU F 103 -28.13 14.02 27.83
N ALA F 104 -27.25 14.92 28.30
CA ALA F 104 -27.66 15.91 29.29
C ALA F 104 -28.61 16.96 28.71
N ALA F 105 -28.64 17.11 27.39
CA ALA F 105 -29.47 18.13 26.76
C ALA F 105 -30.92 17.70 26.60
N GLY F 106 -31.29 16.49 27.03
CA GLY F 106 -32.66 16.09 26.99
C GLY F 106 -33.54 16.95 27.89
N THR F 107 -34.85 16.88 27.64
CA THR F 107 -35.81 17.61 28.45
C THR F 107 -35.67 17.19 29.91
N PRO F 108 -35.65 18.14 30.85
CA PRO F 108 -35.47 17.79 32.27
C PRO F 108 -36.50 16.76 32.72
N GLY F 109 -36.05 15.84 33.56
CA GLY F 109 -36.88 14.73 33.97
C GLY F 109 -36.95 13.59 32.98
N MET F 110 -36.45 13.76 31.75
CA MET F 110 -36.58 12.74 30.72
C MET F 110 -35.22 12.29 30.20
N ARG F 111 -34.19 12.35 31.05
CA ARG F 111 -32.85 11.90 30.69
C ARG F 111 -32.58 10.56 31.38
N HIS F 112 -32.39 9.52 30.59
CA HIS F 112 -32.38 8.15 31.06
C HIS F 112 -31.04 7.48 30.79
N SER F 113 -30.72 6.47 31.60
CA SER F 113 -29.60 5.58 31.33
C SER F 113 -29.95 4.19 31.83
N LEU F 114 -29.47 3.18 31.13
CA LEU F 114 -29.60 1.81 31.60
C LEU F 114 -28.46 1.52 32.58
N PRO F 115 -28.56 0.44 33.37
CA PRO F 115 -27.71 0.36 34.58
C PRO F 115 -26.21 0.28 34.30
N ASN F 116 -25.79 -0.38 33.23
CA ASN F 116 -24.37 -0.63 33.03
C ASN F 116 -23.71 0.34 32.04
N SER F 117 -24.40 1.40 31.66
CA SER F 117 -23.81 2.38 30.76
C SER F 117 -22.66 3.12 31.43
N ARG F 118 -21.80 3.71 30.60
CA ARG F 118 -20.70 4.54 31.05
C ARG F 118 -20.85 5.94 30.46
N ILE F 119 -20.62 6.96 31.28
CA ILE F 119 -20.79 8.35 30.88
C ILE F 119 -19.48 9.09 31.13
N MET F 120 -19.06 9.89 30.15
CA MET F 120 -17.85 10.69 30.26
C MET F 120 -18.11 12.09 29.71
N ILE F 121 -17.81 13.10 30.51
CA ILE F 121 -17.86 14.48 30.04
C ILE F 121 -16.49 15.00 29.65
N HIS F 122 -15.42 14.32 30.05
CA HIS F 122 -14.09 14.61 29.55
C HIS F 122 -14.05 14.53 28.04
N GLN F 123 -13.25 15.39 27.42
CA GLN F 123 -13.09 15.42 25.97
C GLN F 123 -11.72 14.85 25.64
N PRO F 124 -11.62 13.69 24.97
CA PRO F 124 -10.31 13.20 24.53
C PRO F 124 -9.77 13.97 23.33
N ILE F 137 -7.57 23.86 12.84
CA ILE F 137 -8.20 24.79 13.77
C ILE F 137 -7.15 25.43 14.69
N GLN F 138 -7.23 26.75 14.88
CA GLN F 138 -6.26 27.47 15.71
C GLN F 138 -6.53 27.27 17.19
N ALA F 139 -5.60 27.76 18.01
CA ALA F 139 -5.65 27.53 19.45
C ALA F 139 -6.80 28.29 20.09
N GLU F 140 -6.94 29.59 19.78
CA GLU F 140 -8.04 30.36 20.34
C GLU F 140 -9.40 29.75 19.99
N GLU F 141 -9.52 29.18 18.79
CA GLU F 141 -10.80 28.61 18.38
C GLU F 141 -11.10 27.32 19.12
N ILE F 142 -10.08 26.48 19.35
CA ILE F 142 -10.28 25.26 20.12
C ILE F 142 -10.77 25.62 21.52
N MET F 143 -10.22 26.70 22.09
CA MET F 143 -10.62 27.11 23.43
C MET F 143 -11.99 27.75 23.43
N LYS F 144 -12.35 28.46 22.34
CA LYS F 144 -13.68 29.03 22.26
C LYS F 144 -14.75 27.94 22.26
N LEU F 145 -14.51 26.85 21.54
CA LEU F 145 -15.45 25.73 21.53
C LEU F 145 -15.51 25.06 22.90
N LYS F 146 -14.37 24.97 23.59
CA LYS F 146 -14.36 24.37 24.92
C LYS F 146 -15.24 25.15 25.89
N LYS F 147 -15.18 26.49 25.84
CA LYS F 147 -16.04 27.28 26.73
C LYS F 147 -17.51 27.11 26.37
N GLN F 148 -17.82 26.99 25.07
CA GLN F 148 -19.19 26.69 24.67
C GLN F 148 -19.66 25.39 25.29
N LEU F 149 -18.79 24.40 25.38
CA LEU F 149 -19.17 23.13 26.01
C LEU F 149 -19.35 23.31 27.52
N TYR F 150 -18.48 24.12 28.15
CA TYR F 150 -18.62 24.40 29.58
C TYR F 150 -19.98 25.01 29.88
N ASN F 151 -20.38 26.02 29.11
CA ASN F 151 -21.66 26.69 29.36
C ASN F 151 -22.84 25.73 29.17
N ILE F 152 -22.80 24.92 28.11
CA ILE F 152 -23.91 24.02 27.83
C ILE F 152 -24.05 22.98 28.95
N TYR F 153 -22.93 22.37 29.36
CA TYR F 153 -22.96 21.44 30.48
C TYR F 153 -23.47 22.12 31.74
N ALA F 154 -22.94 23.30 32.04
CA ALA F 154 -23.38 24.03 33.22
C ALA F 154 -24.88 24.30 33.18
N LYS F 155 -25.42 24.65 32.00
CA LYS F 155 -26.84 24.97 31.89
C LYS F 155 -27.71 23.76 32.21
N HIS F 156 -27.36 22.58 31.69
CA HIS F 156 -28.23 21.42 31.78
C HIS F 156 -27.95 20.55 32.98
N THR F 157 -26.72 20.55 33.50
CA THR F 157 -26.42 19.89 34.76
C THR F 157 -26.70 20.75 35.99
N LYS F 158 -26.98 22.04 35.79
CA LYS F 158 -27.27 22.97 36.88
C LYS F 158 -26.09 23.11 37.87
N GLN F 159 -24.88 22.95 37.36
CA GLN F 159 -23.66 23.14 38.13
C GLN F 159 -22.94 24.42 37.73
N SER F 160 -21.98 24.81 38.58
CA SER F 160 -21.14 25.98 38.32
C SER F 160 -20.10 25.66 37.25
N LEU F 161 -19.60 26.72 36.59
CA LEU F 161 -18.57 26.56 35.58
C LEU F 161 -17.30 25.95 36.16
N GLN F 162 -17.05 26.23 37.41
CA GLN F 162 -15.88 25.69 38.00
C GLN F 162 -16.03 24.21 38.23
N VAL F 163 -17.18 23.74 38.63
CA VAL F 163 -17.40 22.31 38.84
C VAL F 163 -17.34 21.58 37.50
N ILE F 164 -17.85 22.21 36.43
CA ILE F 164 -17.79 21.60 35.11
C ILE F 164 -16.35 21.57 34.59
N GLU F 165 -15.67 22.71 34.61
CA GLU F 165 -14.28 22.78 34.14
C GLU F 165 -13.43 21.79 34.92
N SER F 166 -13.69 21.70 36.22
CA SER F 166 -12.89 20.90 37.13
C SER F 166 -13.10 19.41 36.81
N ALA F 167 -14.36 19.01 36.60
CA ALA F 167 -14.71 17.61 36.32
C ALA F 167 -14.26 17.18 34.92
N MET F 168 -14.39 18.07 33.93
CA MET F 168 -14.01 17.72 32.56
C MET F 168 -12.51 17.51 32.39
N GLU F 169 -11.69 18.02 33.31
CA GLU F 169 -10.25 17.82 33.22
C GLU F 169 -9.87 16.41 33.62
N ARG F 170 -10.76 15.70 34.31
CA ARG F 170 -10.51 14.36 34.81
C ARG F 170 -10.83 13.34 33.73
N ASP F 171 -9.85 12.49 33.40
CA ASP F 171 -10.03 11.50 32.34
C ASP F 171 -10.62 10.24 32.98
N ARG F 172 -11.94 10.25 33.12
CA ARG F 172 -12.63 9.15 33.79
C ARG F 172 -14.06 9.07 33.29
N TYR F 173 -14.66 7.91 33.51
CA TYR F 173 -16.08 7.69 33.27
C TYR F 173 -16.85 7.72 34.58
N MET F 174 -18.15 7.99 34.45
CA MET F 174 -19.08 7.94 35.57
C MET F 174 -20.03 6.76 35.39
N SER F 175 -20.48 6.20 36.51
CA SER F 175 -21.59 5.29 36.50
C SER F 175 -22.89 6.07 36.24
N PRO F 176 -23.96 5.38 35.84
CA PRO F 176 -25.24 6.10 35.68
C PRO F 176 -25.72 6.79 36.95
N MET F 177 -25.53 6.18 38.13
CA MET F 177 -25.91 6.84 39.36
C MET F 177 -25.07 8.08 39.62
N GLU F 178 -23.77 8.00 39.34
CA GLU F 178 -22.90 9.15 39.53
C GLU F 178 -23.23 10.27 38.55
N ALA F 179 -23.65 9.90 37.32
CA ALA F 179 -24.07 10.92 36.37
C ALA F 179 -25.42 11.51 36.74
N GLN F 180 -26.31 10.72 37.35
CA GLN F 180 -27.57 11.28 37.86
C GLN F 180 -27.31 12.27 38.98
N GLU F 181 -26.40 11.92 39.89
CA GLU F 181 -25.97 12.85 40.92
C GLU F 181 -25.26 14.08 40.37
N PHE F 182 -24.53 13.94 39.29
CA PHE F 182 -23.87 15.12 38.76
C PHE F 182 -24.83 16.06 38.05
N GLY F 183 -25.99 15.57 37.64
CA GLY F 183 -26.96 16.35 36.92
C GLY F 183 -27.01 16.09 35.44
N ILE F 184 -26.31 15.06 34.96
CA ILE F 184 -26.31 14.76 33.54
C ILE F 184 -27.59 14.02 33.14
N LEU F 185 -28.12 13.18 34.02
CA LEU F 185 -29.31 12.41 33.71
C LEU F 185 -30.23 12.46 34.92
N ASP F 186 -31.47 12.02 34.71
CA ASP F 186 -32.50 12.08 35.75
C ASP F 186 -32.86 10.72 36.32
N LYS F 187 -32.85 9.66 35.51
CA LYS F 187 -33.32 8.35 35.96
C LYS F 187 -32.45 7.24 35.38
N VAL F 188 -32.13 6.26 36.23
CA VAL F 188 -31.45 5.03 35.82
C VAL F 188 -32.45 3.89 35.98
N LEU F 189 -32.83 3.26 34.87
CA LEU F 189 -33.91 2.29 34.85
C LEU F 189 -33.37 0.90 34.58
N VAL F 190 -33.81 -0.06 35.40
CA VAL F 190 -33.51 -1.46 35.15
C VAL F 190 -34.63 -2.11 34.35
N HIS F 191 -35.89 -1.76 34.66
CA HIS F 191 -37.07 -2.17 33.93
C HIS F 191 -37.97 -0.95 33.72
N PRO F 192 -38.97 -1.00 32.84
CA PRO F 192 -39.85 0.14 32.66
C PRO F 192 -40.72 0.38 33.89
N PRO F 193 -41.17 1.61 34.11
CA PRO F 193 -42.09 1.94 35.22
C PRO F 193 -43.56 1.78 34.84
N LEU G 2 -25.63 5.10 5.90
CA LEU G 2 -26.88 4.34 5.94
C LEU G 2 -28.02 5.29 6.23
N ILE G 3 -28.77 5.62 5.20
CA ILE G 3 -29.86 6.57 5.28
C ILE G 3 -31.15 5.87 5.46
N PRO G 4 -32.05 6.45 6.23
CA PRO G 4 -33.37 5.99 6.58
C PRO G 4 -34.37 6.50 5.59
N ILE G 5 -35.41 5.74 5.36
CA ILE G 5 -36.46 6.14 4.42
C ILE G 5 -37.76 6.33 5.19
N VAL G 6 -38.57 7.29 4.75
CA VAL G 6 -39.80 7.63 5.43
C VAL G 6 -41.00 6.84 4.88
N TYR G 17 -39.91 7.86 0.62
CA TYR G 17 -38.63 8.38 0.13
C TYR G 17 -37.51 8.14 1.13
N ASP G 18 -36.28 8.39 0.70
CA ASP G 18 -35.16 8.55 1.63
C ASP G 18 -35.26 9.91 2.30
N ILE G 19 -34.73 10.00 3.52
CA ILE G 19 -35.03 11.17 4.36
C ILE G 19 -34.54 12.46 3.71
N TYR G 20 -33.46 12.40 2.93
CA TYR G 20 -32.99 13.60 2.25
C TYR G 20 -33.92 13.99 1.11
N SER G 21 -34.45 12.99 0.39
CA SER G 21 -35.42 13.28 -0.66
C SER G 21 -36.71 13.85 -0.10
N ARG G 22 -37.14 13.37 1.07
CA ARG G 22 -38.32 13.94 1.71
C ARG G 22 -38.03 15.36 2.20
N LEU G 23 -36.81 15.61 2.66
CA LEU G 23 -36.43 16.97 3.03
C LEU G 23 -36.54 17.90 1.83
N LEU G 24 -36.21 17.39 0.65
CA LEU G 24 -36.35 18.18 -0.56
C LEU G 24 -37.81 18.53 -0.84
N ARG G 25 -38.74 17.64 -0.47
CA ARG G 25 -40.17 17.93 -0.64
C ARG G 25 -40.64 19.03 0.30
N GLU G 26 -39.91 19.32 1.37
CA GLU G 26 -40.19 20.48 2.22
C GLU G 26 -39.44 21.71 1.75
N ARG G 27 -38.90 21.68 0.52
CA ARG G 27 -38.14 22.79 -0.06
C ARG G 27 -36.88 23.09 0.78
N ILE G 28 -36.25 22.05 1.29
CA ILE G 28 -34.99 22.17 2.04
C ILE G 28 -33.89 21.46 1.25
N VAL G 29 -32.83 22.20 0.94
CA VAL G 29 -31.65 21.69 0.25
C VAL G 29 -30.47 21.73 1.22
N CYS G 30 -29.73 20.62 1.28
CA CYS G 30 -28.62 20.48 2.20
C CYS G 30 -27.29 20.72 1.49
N VAL G 31 -26.46 21.55 2.09
CA VAL G 31 -25.07 21.73 1.69
C VAL G 31 -24.23 21.31 2.89
N MET G 32 -23.75 20.06 2.85
CA MET G 32 -23.12 19.42 4.00
C MET G 32 -21.70 19.02 3.62
N GLY G 33 -20.73 19.31 4.48
CA GLY G 33 -19.37 18.88 4.21
C GLY G 33 -18.70 19.65 3.11
N PRO G 34 -17.58 19.12 2.62
CA PRO G 34 -16.81 19.83 1.58
C PRO G 34 -17.58 19.98 0.28
N ILE G 35 -17.49 21.18 -0.29
CA ILE G 35 -18.16 21.51 -1.53
C ILE G 35 -17.22 21.24 -2.70
N ASP G 36 -17.62 20.33 -3.59
CA ASP G 36 -16.90 20.06 -4.83
C ASP G 36 -17.87 20.14 -5.99
N ASP G 37 -17.36 19.87 -7.19
CA ASP G 37 -18.21 19.89 -8.39
C ASP G 37 -19.43 18.99 -8.24
N SER G 38 -19.29 17.86 -7.56
CA SER G 38 -20.42 16.96 -7.39
C SER G 38 -21.50 17.58 -6.50
N VAL G 39 -21.11 18.12 -5.35
CA VAL G 39 -22.07 18.76 -4.46
C VAL G 39 -22.74 19.94 -5.16
N ALA G 40 -21.95 20.75 -5.86
CA ALA G 40 -22.52 21.93 -6.53
C ALA G 40 -23.58 21.53 -7.54
N SER G 41 -23.31 20.51 -8.35
CA SER G 41 -24.27 20.05 -9.34
C SER G 41 -25.56 19.56 -8.71
N LEU G 42 -25.46 18.80 -7.62
CA LEU G 42 -26.67 18.29 -6.96
C LEU G 42 -27.48 19.45 -6.36
N VAL G 43 -26.79 20.38 -5.70
CA VAL G 43 -27.48 21.54 -5.12
C VAL G 43 -28.14 22.36 -6.21
N ILE G 44 -27.41 22.61 -7.32
CA ILE G 44 -27.96 23.38 -8.43
C ILE G 44 -29.19 22.68 -9.00
N ALA G 45 -29.08 21.37 -9.23
CA ALA G 45 -30.22 20.60 -9.71
C ALA G 45 -31.43 20.76 -8.79
N GLN G 46 -31.20 20.66 -7.48
CA GLN G 46 -32.29 20.82 -6.52
C GLN G 46 -32.89 22.22 -6.56
N LEU G 47 -32.04 23.24 -6.69
CA LEU G 47 -32.54 24.61 -6.75
C LEU G 47 -33.41 24.82 -7.99
N LEU G 48 -32.98 24.28 -9.13
CA LEU G 48 -33.78 24.39 -10.35
C LEU G 48 -35.10 23.65 -10.22
N PHE G 49 -35.09 22.51 -9.52
CA PHE G 49 -36.30 21.72 -9.35
C PHE G 49 -37.33 22.43 -8.48
N LEU G 50 -36.90 22.95 -7.32
CA LEU G 50 -37.84 23.60 -6.41
C LEU G 50 -38.41 24.89 -7.00
N GLN G 51 -37.68 25.59 -7.83
CA GLN G 51 -38.24 26.79 -8.37
C GLN G 51 -39.17 26.51 -9.51
N SER G 52 -39.03 25.34 -10.09
CA SER G 52 -39.99 24.90 -11.11
C SER G 52 -41.33 24.58 -10.47
N GLU G 53 -41.30 24.03 -9.25
CA GLU G 53 -42.51 23.75 -8.52
C GLU G 53 -43.13 25.03 -7.95
N SER G 54 -42.30 26.03 -7.75
CA SER G 54 -42.75 27.34 -7.39
C SER G 54 -41.66 28.34 -7.53
N ASN G 55 -41.98 29.52 -8.00
CA ASN G 55 -41.00 30.58 -8.03
C ASN G 55 -41.27 31.62 -6.99
N LYS G 56 -42.17 31.35 -6.06
CA LYS G 56 -42.47 32.31 -5.03
C LYS G 56 -42.26 31.78 -3.62
N LYS G 57 -42.44 30.49 -3.44
CA LYS G 57 -42.28 29.92 -2.15
C LYS G 57 -40.85 29.91 -1.79
N PRO G 58 -40.54 30.19 -0.55
CA PRO G 58 -39.11 30.23 -0.19
C PRO G 58 -38.49 28.85 -0.24
N ILE G 59 -37.17 28.83 -0.44
CA ILE G 59 -36.36 27.62 -0.41
C ILE G 59 -35.41 27.74 0.77
N HIS G 60 -35.31 26.68 1.56
CA HIS G 60 -34.44 26.63 2.73
C HIS G 60 -33.14 25.94 2.38
N MET G 61 -32.02 26.60 2.65
CA MET G 61 -30.69 26.06 2.38
C MET G 61 -30.00 25.80 3.72
N TYR G 62 -29.85 24.52 4.05
CA TYR G 62 -29.19 24.09 5.27
C TYR G 62 -27.70 23.98 5.00
N ILE G 63 -26.89 24.74 5.75
CA ILE G 63 -25.46 24.83 5.50
C ILE G 63 -24.71 24.34 6.72
N ASN G 64 -23.97 23.24 6.56
CA ASN G 64 -23.00 22.77 7.56
C ASN G 64 -21.79 22.29 6.76
N SER G 65 -20.92 23.23 6.42
CA SER G 65 -19.84 22.94 5.50
C SER G 65 -18.56 23.64 5.93
N PRO G 66 -17.42 22.98 5.83
CA PRO G 66 -16.14 23.63 6.10
C PRO G 66 -15.60 24.44 4.92
N GLY G 67 -16.28 24.43 3.78
CA GLY G 67 -15.83 25.12 2.59
C GLY G 67 -15.72 24.17 1.41
N GLY G 68 -14.82 24.49 0.50
CA GLY G 68 -14.56 23.59 -0.60
C GLY G 68 -14.02 24.36 -1.80
N VAL G 69 -14.24 23.76 -2.97
CA VAL G 69 -13.68 24.30 -4.21
C VAL G 69 -14.36 25.62 -4.55
N VAL G 70 -13.55 26.63 -4.91
CA VAL G 70 -14.08 27.97 -5.13
C VAL G 70 -15.04 28.01 -6.31
N THR G 71 -14.64 27.45 -7.46
CA THR G 71 -15.52 27.52 -8.62
C THR G 71 -16.83 26.75 -8.39
N ALA G 72 -16.77 25.65 -7.63
CA ALA G 72 -18.00 24.94 -7.30
C ALA G 72 -18.89 25.78 -6.38
N GLY G 73 -18.29 26.43 -5.37
CA GLY G 73 -19.06 27.33 -4.54
C GLY G 73 -19.67 28.47 -5.33
N LEU G 74 -18.88 29.06 -6.23
CA LEU G 74 -19.38 30.15 -7.07
C LEU G 74 -20.49 29.67 -8.00
N ALA G 75 -20.42 28.41 -8.45
CA ALA G 75 -21.51 27.85 -9.25
C ALA G 75 -22.82 27.85 -8.46
N ILE G 76 -22.78 27.45 -7.19
CA ILE G 76 -23.97 27.49 -6.36
C ILE G 76 -24.40 28.93 -6.13
N TYR G 77 -23.45 29.81 -5.84
CA TYR G 77 -23.78 31.20 -5.61
C TYR G 77 -24.52 31.80 -6.80
N ASP G 78 -23.96 31.66 -8.01
CA ASP G 78 -24.59 32.21 -9.20
C ASP G 78 -25.99 31.66 -9.40
N THR G 79 -26.19 30.37 -9.10
CA THR G 79 -27.51 29.79 -9.26
C THR G 79 -28.49 30.35 -8.23
N MET G 80 -28.01 30.61 -7.01
CA MET G 80 -28.87 31.23 -6.00
C MET G 80 -29.36 32.60 -6.47
N GLN G 81 -28.44 33.41 -7.03
CA GLN G 81 -28.83 34.72 -7.53
C GLN G 81 -29.71 34.58 -8.77
N TYR G 82 -29.44 33.59 -9.60
CA TYR G 82 -30.14 33.43 -10.85
C TYR G 82 -31.62 33.14 -10.62
N ILE G 83 -31.90 32.21 -9.69
CA ILE G 83 -33.28 31.80 -9.46
C ILE G 83 -34.06 32.94 -8.83
N LEU G 84 -35.37 32.92 -9.04
CA LEU G 84 -36.26 34.00 -8.63
C LEU G 84 -36.81 33.81 -7.21
N ASN G 85 -36.53 32.68 -6.58
CA ASN G 85 -37.11 32.43 -5.27
C ASN G 85 -36.36 33.18 -4.18
N PRO G 86 -37.05 33.52 -3.10
CA PRO G 86 -36.34 33.89 -1.88
C PRO G 86 -35.71 32.66 -1.27
N ILE G 87 -34.48 32.84 -0.79
CA ILE G 87 -33.69 31.73 -0.26
C ILE G 87 -33.35 32.03 1.19
N CYS G 88 -33.81 31.16 2.09
CA CYS G 88 -33.43 31.23 3.51
C CYS G 88 -32.21 30.36 3.72
N THR G 89 -31.15 30.95 4.26
CA THR G 89 -29.95 30.21 4.60
C THR G 89 -29.91 29.93 6.09
N TRP G 90 -29.51 28.71 6.46
CA TRP G 90 -29.52 28.27 7.85
C TRP G 90 -28.16 27.67 8.18
N CYS G 91 -27.39 28.38 8.99
CA CYS G 91 -26.10 27.88 9.45
C CYS G 91 -26.29 27.07 10.72
N VAL G 92 -26.00 25.77 10.64
CA VAL G 92 -26.07 24.83 11.75
C VAL G 92 -24.75 24.06 11.79
N GLY G 93 -24.08 24.11 12.93
CA GLY G 93 -22.75 23.54 13.03
C GLY G 93 -21.68 24.56 12.65
N GLN G 94 -21.42 24.71 11.36
CA GLN G 94 -20.44 25.69 10.91
C GLN G 94 -20.68 26.05 9.45
N ALA G 95 -20.21 27.24 9.09
CA ALA G 95 -20.14 27.68 7.69
C ALA G 95 -18.81 28.41 7.52
N ALA G 96 -17.83 27.71 6.96
CA ALA G 96 -16.50 28.25 6.78
C ALA G 96 -16.16 28.33 5.30
N SER G 97 -15.35 29.31 4.95
CA SER G 97 -14.85 29.50 3.57
C SER G 97 -16.05 29.65 2.64
N MET G 98 -16.16 28.86 1.57
CA MET G 98 -17.28 29.02 0.65
C MET G 98 -18.62 28.79 1.33
N GLY G 99 -18.65 28.01 2.41
CA GLY G 99 -19.88 27.82 3.14
C GLY G 99 -20.45 29.13 3.68
N SER G 100 -19.58 29.98 4.23
CA SER G 100 -20.05 31.26 4.74
C SER G 100 -20.47 32.19 3.61
N LEU G 101 -19.86 32.07 2.43
CA LEU G 101 -20.27 32.86 1.29
C LEU G 101 -21.70 32.51 0.88
N LEU G 102 -22.01 31.21 0.82
CA LEU G 102 -23.37 30.80 0.52
C LEU G 102 -24.34 31.29 1.60
N LEU G 103 -23.94 31.18 2.87
CA LEU G 103 -24.76 31.67 3.96
C LEU G 103 -25.10 33.15 3.79
N ALA G 104 -24.08 33.96 3.52
CA ALA G 104 -24.31 35.39 3.35
C ALA G 104 -25.10 35.71 2.08
N ALA G 105 -25.12 34.81 1.10
CA ALA G 105 -25.78 35.05 -0.18
C ALA G 105 -27.28 34.80 -0.14
N GLY G 106 -27.82 34.42 1.02
CA GLY G 106 -29.26 34.30 1.15
C GLY G 106 -29.96 35.62 0.97
N THR G 107 -31.27 35.54 0.73
CA THR G 107 -32.10 36.73 0.60
C THR G 107 -32.01 37.56 1.87
N PRO G 108 -31.85 38.89 1.75
CA PRO G 108 -31.74 39.72 2.95
C PRO G 108 -32.93 39.53 3.89
N GLY G 109 -32.64 39.56 5.19
CA GLY G 109 -33.63 39.29 6.21
C GLY G 109 -33.90 37.82 6.49
N MET G 110 -33.41 36.91 5.66
CA MET G 110 -33.66 35.49 5.83
C MET G 110 -32.36 34.68 5.93
N ARG G 111 -31.32 35.27 6.51
CA ARG G 111 -30.07 34.58 6.74
C ARG G 111 -29.99 34.27 8.23
N HIS G 112 -29.99 32.98 8.56
CA HIS G 112 -30.19 32.49 9.91
C HIS G 112 -28.98 31.70 10.39
N SER G 113 -28.81 31.65 11.71
CA SER G 113 -27.86 30.76 12.36
C SER G 113 -28.43 30.32 13.69
N LEU G 114 -28.12 29.08 14.06
CA LEU G 114 -28.44 28.60 15.39
C LEU G 114 -27.36 29.06 16.36
N PRO G 115 -27.61 29.01 17.68
CA PRO G 115 -26.76 29.78 18.61
C PRO G 115 -25.31 29.37 18.68
N ASN G 116 -24.98 28.08 18.51
CA ASN G 116 -23.62 27.61 18.74
C ASN G 116 -22.82 27.39 17.45
N SER G 117 -23.34 27.81 16.30
CA SER G 117 -22.61 27.65 15.06
C SER G 117 -21.34 28.50 15.04
N ARG G 118 -20.40 28.14 14.18
CA ARG G 118 -19.19 28.90 13.94
C ARG G 118 -19.14 29.33 12.48
N ILE G 119 -18.77 30.60 12.25
CA ILE G 119 -18.73 31.17 10.90
C ILE G 119 -17.33 31.69 10.64
N MET G 120 -16.78 31.36 9.47
CA MET G 120 -15.46 31.82 9.06
C MET G 120 -15.51 32.27 7.60
N ILE G 121 -15.04 33.48 7.34
CA ILE G 121 -14.89 33.96 5.97
C ILE G 121 -13.45 33.81 5.48
N HIS G 122 -12.50 33.58 6.38
CA HIS G 122 -11.14 33.23 6.00
C HIS G 122 -11.14 31.99 5.11
N GLN G 123 -10.26 31.98 4.11
CA GLN G 123 -10.14 30.84 3.21
C GLN G 123 -8.86 30.10 3.54
N PRO G 124 -8.91 28.85 4.03
CA PRO G 124 -7.67 28.07 4.21
C PRO G 124 -7.11 27.54 2.90
N ILE G 137 -3.22 25.50 -11.08
CA ILE G 137 -3.73 26.86 -11.24
C ILE G 137 -2.61 27.92 -11.01
N GLN G 138 -2.56 28.93 -11.88
CA GLN G 138 -1.53 29.95 -11.79
C GLN G 138 -1.82 30.98 -10.69
N ALA G 139 -0.83 31.85 -10.46
CA ALA G 139 -0.90 32.80 -9.36
C ALA G 139 -1.92 33.91 -9.62
N GLU G 140 -1.86 34.51 -10.78
CA GLU G 140 -2.76 35.53 -11.15
C GLU G 140 -4.17 35.03 -11.15
N GLU G 141 -4.37 33.75 -11.34
CA GLU G 141 -5.68 33.20 -11.36
C GLU G 141 -6.22 32.94 -10.00
N ILE G 142 -5.35 32.70 -9.03
CA ILE G 142 -5.80 32.46 -7.69
C ILE G 142 -6.17 33.79 -7.16
N MET G 143 -5.49 34.80 -7.60
CA MET G 143 -5.78 36.12 -7.08
C MET G 143 -7.07 36.68 -7.67
N LYS G 144 -7.36 36.35 -8.94
CA LYS G 144 -8.63 36.80 -9.54
C LYS G 144 -9.82 36.19 -8.82
N LEU G 145 -9.74 34.91 -8.45
CA LEU G 145 -10.82 34.27 -7.70
C LEU G 145 -10.96 34.87 -6.32
N LYS G 146 -9.84 35.23 -5.69
CA LYS G 146 -9.89 35.88 -4.39
C LYS G 146 -10.62 37.22 -4.49
N LYS G 147 -10.36 37.98 -5.56
CA LYS G 147 -11.03 39.28 -5.73
C LYS G 147 -12.52 39.07 -5.95
N GLN G 148 -12.89 38.02 -6.69
CA GLN G 148 -14.31 37.67 -6.84
C GLN G 148 -14.96 37.39 -5.49
N LEU G 149 -14.23 36.74 -4.57
CA LEU G 149 -14.78 36.48 -3.26
C LEU G 149 -14.90 37.78 -2.46
N TYR G 150 -13.92 38.68 -2.60
CA TYR G 150 -13.99 39.99 -1.97
C TYR G 150 -15.25 40.75 -2.41
N ASN G 151 -15.49 40.77 -3.72
CA ASN G 151 -16.65 41.50 -4.25
C ASN G 151 -17.96 40.91 -3.74
N ILE G 152 -18.09 39.59 -3.75
CA ILE G 152 -19.34 38.95 -3.35
C ILE G 152 -19.60 39.21 -1.87
N TYR G 153 -18.58 39.02 -1.03
CA TYR G 153 -18.73 39.29 0.39
C TYR G 153 -19.10 40.75 0.64
N ALA G 154 -18.39 41.67 0.00
CA ALA G 154 -18.69 43.10 0.15
C ALA G 154 -20.12 43.41 -0.24
N LYS G 155 -20.61 42.79 -1.33
CA LYS G 155 -21.96 43.06 -1.80
C LYS G 155 -23.01 42.64 -0.77
N HIS G 156 -22.83 41.47 -0.17
CA HIS G 156 -23.89 40.89 0.65
C HIS G 156 -23.77 41.25 2.13
N THR G 157 -22.56 41.49 2.63
CA THR G 157 -22.40 42.03 3.96
C THR G 157 -22.51 43.55 3.99
N LYS G 158 -22.46 44.18 2.82
CA LYS G 158 -22.50 45.65 2.71
C LYS G 158 -21.35 46.29 3.47
N GLN G 159 -20.20 45.63 3.48
CA GLN G 159 -18.97 46.20 4.01
C GLN G 159 -18.06 46.61 2.87
N SER G 160 -17.09 47.47 3.19
CA SER G 160 -16.13 47.94 2.20
C SER G 160 -15.10 46.86 1.88
N LEU G 161 -14.44 47.01 0.73
CA LEU G 161 -13.46 46.01 0.29
C LEU G 161 -12.26 45.89 1.23
N GLN G 162 -11.82 46.98 1.84
CA GLN G 162 -10.75 46.87 2.81
C GLN G 162 -11.16 46.24 4.11
N VAL G 163 -12.42 46.35 4.49
CA VAL G 163 -12.87 45.64 5.67
C VAL G 163 -12.94 44.13 5.38
N ILE G 164 -13.36 43.75 4.17
CA ILE G 164 -13.43 42.33 3.81
C ILE G 164 -12.04 41.73 3.65
N GLU G 165 -11.17 42.41 2.89
CA GLU G 165 -9.80 41.91 2.71
C GLU G 165 -9.10 41.76 4.06
N SER G 166 -9.26 42.74 4.94
CA SER G 166 -8.62 42.68 6.25
C SER G 166 -9.19 41.54 7.08
N ALA G 167 -10.52 41.39 7.09
CA ALA G 167 -11.13 40.36 7.92
C ALA G 167 -10.79 38.97 7.41
N MET G 168 -10.79 38.78 6.09
CA MET G 168 -10.47 37.47 5.52
C MET G 168 -9.03 37.08 5.77
N GLU G 169 -8.14 38.03 6.08
CA GLU G 169 -6.75 37.67 6.34
C GLU G 169 -6.60 37.04 7.72
N ARG G 170 -7.58 37.29 8.59
CA ARG G 170 -7.59 36.74 9.93
C ARG G 170 -8.09 35.30 9.91
N ASP G 171 -7.32 34.42 10.55
CA ASP G 171 -7.61 32.99 10.65
C ASP G 171 -8.33 32.76 11.96
N ARG G 172 -9.65 33.01 11.93
CA ARG G 172 -10.47 32.94 13.12
C ARG G 172 -11.91 32.63 12.72
N TYR G 173 -12.68 32.16 13.68
CA TYR G 173 -14.12 32.01 13.51
C TYR G 173 -14.85 33.13 14.22
N MET G 174 -16.08 33.36 13.79
CA MET G 174 -16.97 34.33 14.40
C MET G 174 -18.11 33.60 15.08
N SER G 175 -18.62 34.18 16.15
CA SER G 175 -19.87 33.69 16.72
C SER G 175 -21.01 34.11 15.79
N PRO G 176 -22.18 33.46 15.92
CA PRO G 176 -23.33 33.89 15.10
C PRO G 176 -23.69 35.35 15.32
N MET G 177 -23.64 35.83 16.56
CA MET G 177 -23.95 37.23 16.80
C MET G 177 -22.90 38.14 16.17
N GLU G 178 -21.63 37.74 16.23
CA GLU G 178 -20.59 38.54 15.60
C GLU G 178 -20.73 38.54 14.09
N ALA G 179 -21.17 37.42 13.51
CA ALA G 179 -21.40 37.38 12.07
C ALA G 179 -22.65 38.18 11.70
N GLN G 180 -23.64 38.24 12.58
CA GLN G 180 -24.79 39.11 12.33
C GLN G 180 -24.37 40.58 12.30
N GLU G 181 -23.44 40.96 13.13
CA GLU G 181 -22.97 42.31 13.10
C GLU G 181 -22.05 42.52 11.94
N PHE G 182 -21.32 41.52 11.49
CA PHE G 182 -20.50 41.79 10.33
C PHE G 182 -21.33 41.91 9.06
N GLY G 183 -22.56 41.41 9.06
CA GLY G 183 -23.43 41.48 7.92
C GLY G 183 -23.56 40.18 7.18
N ILE G 184 -23.04 39.09 7.74
CA ILE G 184 -23.10 37.79 7.08
C ILE G 184 -24.50 37.18 7.23
N LEU G 185 -25.14 37.40 8.37
CA LEU G 185 -26.47 36.86 8.61
C LEU G 185 -27.34 37.91 9.27
N ASP G 186 -28.63 37.63 9.33
CA ASP G 186 -29.63 38.54 9.85
C ASP G 186 -30.21 38.13 11.20
N LYS G 187 -30.34 36.83 11.47
CA LYS G 187 -31.02 36.40 12.69
C LYS G 187 -30.33 35.20 13.33
N VAL G 188 -30.20 35.27 14.65
CA VAL G 188 -29.76 34.15 15.48
C VAL G 188 -30.94 33.71 16.33
N LEU G 189 -31.46 32.53 16.05
CA LEU G 189 -32.68 32.05 16.68
C LEU G 189 -32.36 30.87 17.58
N VAL G 190 -32.88 30.90 18.80
CA VAL G 190 -32.74 29.78 19.70
C VAL G 190 -33.93 28.83 19.57
N HIS G 191 -35.12 29.38 19.39
CA HIS G 191 -36.35 28.64 19.12
C HIS G 191 -37.09 29.38 18.01
N PRO G 192 -38.13 28.80 17.39
CA PRO G 192 -38.85 29.55 16.37
C PRO G 192 -39.59 30.73 17.00
N PRO G 193 -39.81 31.81 16.23
CA PRO G 193 -40.46 33.01 16.78
C PRO G 193 -41.98 32.95 16.72
N LEU H 2 24.52 -7.10 -5.32
CA LEU H 2 25.82 -7.26 -4.69
C LEU H 2 26.93 -7.07 -5.72
N ILE H 3 27.69 -5.99 -5.56
CA ILE H 3 28.64 -5.55 -6.57
C ILE H 3 30.03 -6.01 -6.13
N PRO H 4 30.77 -6.75 -6.95
CA PRO H 4 32.05 -7.30 -6.49
C PRO H 4 33.14 -6.23 -6.47
N ILE H 5 34.13 -6.48 -5.61
CA ILE H 5 35.27 -5.58 -5.40
C ILE H 5 36.52 -6.23 -5.98
N VAL H 6 37.31 -5.43 -6.71
CA VAL H 6 38.55 -5.91 -7.32
C VAL H 6 39.67 -4.92 -7.01
N VAL H 7 40.89 -5.45 -6.92
CA VAL H 7 42.06 -4.69 -6.49
C VAL H 7 42.91 -4.35 -7.69
N GLU H 8 43.37 -3.11 -7.79
CA GLU H 8 44.38 -2.71 -8.76
C GLU H 8 45.54 -2.07 -8.01
N GLN H 9 46.73 -2.18 -8.54
CA GLN H 9 47.87 -1.57 -7.93
C GLN H 9 48.05 -0.23 -8.56
N THR H 10 48.11 0.80 -7.76
CA THR H 10 48.21 2.13 -8.27
C THR H 10 49.56 2.77 -8.33
N GLY H 11 50.58 2.12 -7.82
CA GLY H 11 51.91 2.66 -7.90
C GLY H 11 52.69 2.56 -6.63
N ARG H 12 52.03 2.89 -5.54
CA ARG H 12 52.63 2.82 -4.25
C ARG H 12 51.90 1.85 -3.42
N GLY H 13 50.96 1.18 -4.00
CA GLY H 13 50.18 0.23 -3.25
C GLY H 13 48.95 -0.19 -4.02
N GLU H 14 48.07 -0.89 -3.32
CA GLU H 14 46.86 -1.45 -3.90
C GLU H 14 45.64 -0.65 -3.50
N ARG H 15 44.75 -0.46 -4.46
CA ARG H 15 43.45 0.18 -4.23
C ARG H 15 42.35 -0.82 -4.55
N ALA H 16 41.32 -0.82 -3.71
CA ALA H 16 40.15 -1.64 -3.97
C ALA H 16 39.08 -0.77 -4.62
N TYR H 17 38.55 -1.23 -5.76
CA TYR H 17 37.41 -0.59 -6.38
C TYR H 17 36.23 -1.56 -6.41
N ASP H 18 35.05 -0.98 -6.61
CA ASP H 18 33.93 -1.75 -7.09
C ASP H 18 34.14 -1.96 -8.59
N ILE H 19 33.60 -3.05 -9.12
CA ILE H 19 33.99 -3.44 -10.47
C ILE H 19 33.62 -2.35 -11.49
N TYR H 20 32.55 -1.61 -11.24
CA TYR H 20 32.17 -0.55 -12.16
C TYR H 20 33.15 0.62 -12.08
N SER H 21 33.62 0.96 -10.88
CA SER H 21 34.65 1.99 -10.75
C SER H 21 35.94 1.56 -11.42
N ARG H 22 36.25 0.26 -11.37
CA ARG H 22 37.42 -0.25 -12.06
C ARG H 22 37.25 -0.14 -13.56
N LEU H 23 36.03 -0.36 -14.05
CA LEU H 23 35.74 -0.20 -15.47
C LEU H 23 35.96 1.24 -15.91
N LEU H 24 35.65 2.20 -15.03
CA LEU H 24 35.89 3.60 -15.34
C LEU H 24 37.38 3.88 -15.51
N ARG H 25 38.23 3.16 -14.78
CA ARG H 25 39.67 3.33 -14.96
C ARG H 25 40.13 2.79 -16.32
N GLU H 26 39.32 1.96 -16.96
CA GLU H 26 39.58 1.52 -18.33
C GLU H 26 38.93 2.43 -19.35
N ARG H 27 38.49 3.62 -18.94
CA ARG H 27 37.87 4.62 -19.82
C ARG H 27 36.60 4.07 -20.50
N ILE H 28 35.85 3.26 -19.78
CA ILE H 28 34.58 2.72 -20.28
C ILE H 28 33.45 3.22 -19.40
N VAL H 29 32.45 3.84 -20.00
CA VAL H 29 31.29 4.36 -19.30
C VAL H 29 30.07 3.52 -19.66
N CYS H 30 29.28 3.14 -18.65
CA CYS H 30 28.13 2.30 -18.86
C CYS H 30 26.88 3.16 -18.97
N VAL H 31 26.10 2.95 -20.03
CA VAL H 31 24.75 3.49 -20.19
C VAL H 31 23.80 2.32 -20.32
N MET H 32 23.26 1.85 -19.19
CA MET H 32 22.43 0.65 -19.14
C MET H 32 21.13 0.93 -18.43
N GLY H 33 20.04 0.43 -18.99
CA GLY H 33 18.71 0.60 -18.45
C GLY H 33 18.16 1.98 -18.76
N PRO H 34 17.03 2.32 -18.13
CA PRO H 34 16.35 3.57 -18.46
C PRO H 34 17.20 4.79 -18.13
N ILE H 35 17.21 5.74 -19.06
CA ILE H 35 17.99 6.98 -18.92
C ILE H 35 17.10 8.05 -18.31
N ASP H 36 17.50 8.54 -17.14
CA ASP H 36 16.83 9.67 -16.48
C ASP H 36 17.88 10.71 -16.11
N ASP H 37 17.43 11.78 -15.45
CA ASP H 37 18.35 12.85 -15.05
C ASP H 37 19.51 12.32 -14.20
N SER H 38 19.24 11.33 -13.35
CA SER H 38 20.29 10.78 -12.50
C SER H 38 21.34 10.05 -13.34
N VAL H 39 20.92 9.21 -14.29
CA VAL H 39 21.86 8.54 -15.17
C VAL H 39 22.66 9.54 -16.00
N ALA H 40 21.98 10.55 -16.54
CA ALA H 40 22.64 11.55 -17.37
C ALA H 40 23.73 12.28 -16.59
N SER H 41 23.42 12.72 -15.37
CA SER H 41 24.43 13.42 -14.59
C SER H 41 25.63 12.53 -14.30
N LEU H 42 25.39 11.25 -14.00
CA LEU H 42 26.48 10.34 -13.71
C LEU H 42 27.35 10.11 -14.95
N VAL H 43 26.71 9.88 -16.10
CA VAL H 43 27.46 9.67 -17.35
C VAL H 43 28.23 10.93 -17.72
N ILE H 44 27.59 12.10 -17.62
CA ILE H 44 28.27 13.35 -17.95
C ILE H 44 29.49 13.56 -17.06
N ALA H 45 29.32 13.33 -15.76
CA ALA H 45 30.44 13.44 -14.81
C ALA H 45 31.61 12.55 -15.23
N GLN H 46 31.32 11.31 -15.63
CA GLN H 46 32.37 10.40 -16.05
C GLN H 46 33.03 10.88 -17.34
N LEU H 47 32.24 11.40 -18.28
CA LEU H 47 32.82 11.90 -19.53
C LEU H 47 33.75 13.08 -19.27
N LEU H 48 33.35 13.99 -18.39
CA LEU H 48 34.23 15.12 -18.06
C LEU H 48 35.48 14.64 -17.35
N PHE H 49 35.34 13.63 -16.48
CA PHE H 49 36.49 13.11 -15.75
C PHE H 49 37.48 12.44 -16.70
N LEU H 50 36.97 11.59 -17.61
CA LEU H 50 37.84 10.87 -18.52
C LEU H 50 38.55 11.81 -19.48
N GLN H 51 37.89 12.91 -19.86
CA GLN H 51 38.54 13.89 -20.73
C GLN H 51 39.66 14.63 -20.02
N SER H 52 39.49 14.87 -18.72
CA SER H 52 40.54 15.54 -17.95
C SER H 52 41.78 14.68 -17.83
N GLU H 53 41.61 13.36 -17.75
CA GLU H 53 42.74 12.46 -17.62
C GLU H 53 43.49 12.32 -18.94
N SER H 54 42.81 12.58 -20.06
CA SER H 54 43.40 12.67 -21.39
C SER H 54 42.31 13.09 -22.37
N ASN H 55 42.52 14.19 -23.11
CA ASN H 55 41.54 14.63 -24.09
C ASN H 55 41.76 14.01 -25.47
N LYS H 56 42.44 12.87 -25.52
CA LYS H 56 42.82 12.28 -26.79
C LYS H 56 42.75 10.76 -26.77
N LYS H 57 42.86 10.12 -25.61
CA LYS H 57 42.65 8.68 -25.55
C LYS H 57 41.15 8.39 -25.69
N PRO H 58 40.78 7.36 -26.45
CA PRO H 58 39.35 7.12 -26.70
C PRO H 58 38.60 6.80 -25.42
N ILE H 59 37.30 7.04 -25.45
CA ILE H 59 36.38 6.68 -24.38
C ILE H 59 35.40 5.65 -24.93
N HIS H 60 35.19 4.57 -24.18
CA HIS H 60 34.27 3.51 -24.57
C HIS H 60 32.93 3.71 -23.87
N MET H 61 31.85 3.73 -24.64
CA MET H 61 30.52 3.90 -24.09
C MET H 61 29.74 2.61 -24.30
N TYR H 62 29.49 1.89 -23.19
CA TYR H 62 28.76 0.64 -23.21
C TYR H 62 27.27 0.95 -23.08
N ILE H 63 26.49 0.58 -24.10
CA ILE H 63 25.08 0.95 -24.17
C ILE H 63 24.23 -0.32 -24.18
N ASN H 64 23.42 -0.49 -23.13
CA ASN H 64 22.36 -1.51 -23.07
C ASN H 64 21.16 -0.83 -22.43
N SER H 65 20.38 -0.12 -23.23
CA SER H 65 19.33 0.72 -22.69
C SER H 65 18.08 0.67 -23.54
N PRO H 66 16.90 0.64 -22.91
CA PRO H 66 15.64 0.74 -23.66
C PRO H 66 15.22 2.15 -23.99
N GLY H 67 15.98 3.16 -23.55
CA GLY H 67 15.66 4.55 -23.80
C GLY H 67 15.55 5.34 -22.51
N GLY H 68 14.73 6.37 -22.54
CA GLY H 68 14.47 7.13 -21.32
C GLY H 68 14.02 8.55 -21.64
N VAL H 69 14.27 9.43 -20.67
CA VAL H 69 13.82 10.81 -20.77
C VAL H 69 14.61 11.52 -21.86
N VAL H 70 13.92 12.25 -22.73
CA VAL H 70 14.57 12.85 -23.91
C VAL H 70 15.61 13.89 -23.48
N THR H 71 15.22 14.82 -22.61
CA THR H 71 16.17 15.86 -22.22
C THR H 71 17.39 15.28 -21.53
N ALA H 72 17.22 14.18 -20.79
CA ALA H 72 18.37 13.52 -20.17
C ALA H 72 19.24 12.88 -21.24
N GLY H 73 18.63 12.20 -22.20
CA GLY H 73 19.40 11.68 -23.31
C GLY H 73 20.11 12.77 -24.08
N LEU H 74 19.42 13.88 -24.34
CA LEU H 74 20.04 14.99 -25.06
C LEU H 74 21.19 15.60 -24.27
N ALA H 75 21.09 15.62 -22.94
CA ALA H 75 22.19 16.09 -22.11
C ALA H 75 23.45 15.24 -22.32
N ILE H 76 23.29 13.92 -22.38
CA ILE H 76 24.44 13.06 -22.66
C ILE H 76 24.95 13.30 -24.07
N TYR H 77 24.04 13.41 -25.04
CA TYR H 77 24.44 13.64 -26.43
C TYR H 77 25.27 14.91 -26.56
N ASP H 78 24.75 16.03 -26.05
CA ASP H 78 25.47 17.30 -26.14
C ASP H 78 26.85 17.19 -25.49
N THR H 79 26.95 16.45 -24.39
CA THR H 79 28.24 16.30 -23.72
C THR H 79 29.19 15.44 -24.53
N MET H 80 28.67 14.42 -25.22
CA MET H 80 29.51 13.61 -26.09
C MET H 80 30.13 14.47 -27.20
N GLN H 81 29.34 15.35 -27.80
CA GLN H 81 29.88 16.24 -28.82
C GLN H 81 30.83 17.26 -28.20
N TYR H 82 30.52 17.72 -26.99
CA TYR H 82 31.28 18.81 -26.38
C TYR H 82 32.71 18.39 -26.08
N ILE H 83 32.90 17.21 -25.46
CA ILE H 83 34.26 16.77 -25.12
C ILE H 83 35.05 16.48 -26.40
N LEU H 84 36.37 16.56 -26.29
CA LEU H 84 37.23 16.46 -27.46
C LEU H 84 37.63 15.02 -27.79
N ASN H 85 37.25 14.07 -26.97
CA ASN H 85 37.74 12.72 -27.15
C ASN H 85 36.98 11.99 -28.26
N PRO H 86 37.63 11.04 -28.92
CA PRO H 86 36.87 10.07 -29.72
C PRO H 86 36.11 9.15 -28.78
N ILE H 87 34.88 8.84 -29.16
CA ILE H 87 33.99 8.04 -28.33
C ILE H 87 33.61 6.81 -29.12
N CYS H 88 33.98 5.64 -28.60
CA CYS H 88 33.55 4.37 -29.17
C CYS H 88 32.28 3.95 -28.45
N THR H 89 31.22 3.72 -29.21
CA THR H 89 29.96 3.24 -28.67
C THR H 89 29.85 1.75 -28.91
N TRP H 90 29.32 1.04 -27.91
CA TRP H 90 29.23 -0.42 -27.96
C TRP H 90 27.82 -0.83 -27.58
N CYS H 91 27.04 -1.29 -28.57
CA CYS H 91 25.70 -1.77 -28.31
C CYS H 91 25.75 -3.26 -27.97
N VAL H 92 25.38 -3.58 -26.74
CA VAL H 92 25.31 -4.96 -26.25
C VAL H 92 23.95 -5.14 -25.61
N GLY H 93 23.22 -6.16 -26.05
CA GLY H 93 21.84 -6.33 -25.62
C GLY H 93 20.90 -5.55 -26.51
N GLN H 94 20.72 -4.26 -26.22
CA GLN H 94 19.84 -3.47 -27.06
C GLN H 94 20.18 -1.99 -26.88
N ALA H 95 19.85 -1.21 -27.91
CA ALA H 95 19.88 0.24 -27.85
C ALA H 95 18.62 0.74 -28.55
N ALA H 96 17.62 1.13 -27.76
CA ALA H 96 16.34 1.57 -28.29
C ALA H 96 16.08 3.00 -27.88
N SER H 97 15.38 3.73 -28.74
CA SER H 97 14.96 5.11 -28.48
C SER H 97 16.20 5.95 -28.22
N MET H 98 16.27 6.68 -27.09
CA MET H 98 17.44 7.54 -26.82
C MET H 98 18.72 6.72 -26.77
N GLY H 99 18.62 5.44 -26.42
CA GLY H 99 19.80 4.59 -26.45
C GLY H 99 20.42 4.48 -27.83
N SER H 100 19.60 4.33 -28.87
CA SER H 100 20.15 4.26 -30.22
C SER H 100 20.70 5.61 -30.66
N LEU H 101 20.14 6.70 -30.14
CA LEU H 101 20.67 8.03 -30.46
C LEU H 101 22.09 8.18 -29.94
N LEU H 102 22.33 7.77 -28.69
CA LEU H 102 23.68 7.79 -28.15
C LEU H 102 24.61 6.88 -28.93
N LEU H 103 24.12 5.67 -29.29
CA LEU H 103 24.92 4.74 -30.08
C LEU H 103 25.37 5.37 -31.40
N ALA H 104 24.42 5.97 -32.13
CA ALA H 104 24.75 6.60 -33.40
C ALA H 104 25.62 7.84 -33.22
N ALA H 105 25.63 8.43 -32.04
CA ALA H 105 26.38 9.66 -31.80
C ALA H 105 27.85 9.43 -31.53
N GLY H 106 28.31 8.17 -31.53
CA GLY H 106 29.73 7.91 -31.39
C GLY H 106 30.54 8.48 -32.52
N THR H 107 31.86 8.56 -32.29
CA THR H 107 32.77 9.03 -33.33
C THR H 107 32.65 8.13 -34.56
N PRO H 108 32.55 8.70 -35.76
CA PRO H 108 32.40 7.87 -36.96
C PRO H 108 33.52 6.84 -37.09
N GLY H 109 33.14 5.64 -37.54
CA GLY H 109 34.04 4.53 -37.62
C GLY H 109 34.24 3.77 -36.32
N MET H 110 33.75 4.29 -35.20
CA MET H 110 33.94 3.67 -33.89
C MET H 110 32.62 3.37 -33.21
N ARG H 111 31.58 3.10 -33.98
CA ARG H 111 30.27 2.74 -33.44
C ARG H 111 30.05 1.25 -33.67
N HIS H 112 29.97 0.49 -32.58
CA HIS H 112 30.04 -0.96 -32.60
C HIS H 112 28.76 -1.59 -32.08
N SER H 113 28.53 -2.83 -32.50
CA SER H 113 27.50 -3.67 -31.92
C SER H 113 27.98 -5.11 -31.94
N LEU H 114 27.57 -5.86 -30.93
CA LEU H 114 27.79 -7.30 -30.92
C LEU H 114 26.65 -7.97 -31.71
N PRO H 115 26.80 -9.23 -32.08
CA PRO H 115 25.95 -9.76 -33.16
C PRO H 115 24.46 -9.83 -32.86
N ASN H 116 24.06 -10.10 -31.62
CA ASN H 116 22.66 -10.36 -31.31
C ASN H 116 21.94 -9.16 -30.70
N SER H 117 22.56 -7.97 -30.72
CA SER H 117 21.90 -6.78 -30.20
C SER H 117 20.67 -6.41 -31.03
N ARG H 118 19.78 -5.64 -30.41
CA ARG H 118 18.61 -5.09 -31.09
C ARG H 118 18.69 -3.57 -31.03
N ILE H 119 18.40 -2.91 -32.15
CA ILE H 119 18.47 -1.46 -32.25
C ILE H 119 17.13 -0.92 -32.71
N MET H 120 16.64 0.13 -32.05
CA MET H 120 15.38 0.76 -32.41
C MET H 120 15.53 2.27 -32.34
N ILE H 121 15.15 2.96 -33.43
CA ILE H 121 15.10 4.42 -33.43
C ILE H 121 13.69 4.95 -33.22
N HIS H 122 12.68 4.10 -33.35
CA HIS H 122 11.30 4.46 -32.97
C HIS H 122 11.25 4.91 -31.52
N GLN H 123 10.40 5.89 -31.24
CA GLN H 123 10.22 6.39 -29.88
C GLN H 123 8.88 5.91 -29.32
N PRO H 124 8.86 5.06 -28.30
CA PRO H 124 7.56 4.71 -27.69
C PRO H 124 6.99 5.82 -26.83
N ILE H 137 3.40 18.87 -20.34
CA ILE H 137 4.15 19.13 -21.55
C ILE H 137 3.18 19.50 -22.67
N GLN H 138 3.43 20.60 -23.37
CA GLN H 138 2.51 21.02 -24.41
C GLN H 138 2.75 20.27 -25.72
N ALA H 139 1.83 20.48 -26.66
CA ALA H 139 1.86 19.76 -27.93
C ALA H 139 2.98 20.25 -28.83
N GLU H 140 3.05 21.56 -29.08
CA GLU H 140 4.12 22.09 -29.92
C GLU H 140 5.49 21.74 -29.35
N GLU H 141 5.60 21.71 -28.03
CA GLU H 141 6.91 21.48 -27.43
C GLU H 141 7.33 20.02 -27.61
N ILE H 142 6.38 19.08 -27.50
CA ILE H 142 6.68 17.67 -27.77
C ILE H 142 7.17 17.51 -29.21
N MET H 143 6.57 18.28 -30.13
CA MET H 143 6.98 18.19 -31.53
C MET H 143 8.35 18.83 -31.77
N LYS H 144 8.68 19.88 -31.02
CA LYS H 144 10.01 20.46 -31.15
C LYS H 144 11.08 19.47 -30.71
N LEU H 145 10.82 18.70 -29.65
CA LEU H 145 11.77 17.68 -29.25
C LEU H 145 11.88 16.59 -30.30
N LYS H 146 10.75 16.22 -30.91
CA LYS H 146 10.77 15.22 -31.97
C LYS H 146 11.61 15.71 -33.15
N LYS H 147 11.47 17.00 -33.49
CA LYS H 147 12.29 17.58 -34.53
C LYS H 147 13.75 17.69 -34.14
N GLN H 148 14.06 17.94 -32.87
CA GLN H 148 15.46 17.84 -32.45
C GLN H 148 16.01 16.43 -32.65
N LEU H 149 15.19 15.40 -32.40
CA LEU H 149 15.64 14.03 -32.58
C LEU H 149 15.84 13.71 -34.06
N TYR H 150 14.95 14.19 -34.93
CA TYR H 150 15.11 13.99 -36.37
C TYR H 150 16.44 14.56 -36.85
N ASN H 151 16.76 15.78 -36.43
CA ASN H 151 17.99 16.43 -36.87
C ASN H 151 19.21 15.65 -36.41
N ILE H 152 19.22 15.19 -35.16
CA ILE H 152 20.39 14.48 -34.64
C ILE H 152 20.60 13.16 -35.37
N TYR H 153 19.52 12.39 -35.55
CA TYR H 153 19.62 11.14 -36.29
C TYR H 153 20.09 11.38 -37.73
N ALA H 154 19.47 12.35 -38.41
CA ALA H 154 19.89 12.68 -39.77
C ALA H 154 21.36 13.06 -39.81
N LYS H 155 21.83 13.80 -38.79
CA LYS H 155 23.20 14.26 -38.74
C LYS H 155 24.19 13.10 -38.67
N HIS H 156 23.90 12.10 -37.85
CA HIS H 156 24.87 11.04 -37.56
C HIS H 156 24.70 9.80 -38.40
N THR H 157 23.49 9.51 -38.89
CA THR H 157 23.30 8.45 -39.86
C THR H 157 23.53 8.93 -41.29
N LYS H 158 23.58 10.25 -41.50
CA LYS H 158 23.76 10.83 -42.83
C LYS H 158 22.64 10.41 -43.78
N GLN H 159 21.44 10.26 -43.24
CA GLN H 159 20.23 10.06 -44.03
C GLN H 159 19.45 11.36 -44.11
N SER H 160 18.52 11.41 -45.06
CA SER H 160 17.67 12.59 -45.20
C SER H 160 16.63 12.60 -44.08
N LEU H 161 16.09 13.79 -43.81
CA LEU H 161 15.04 13.90 -42.82
C LEU H 161 13.81 13.09 -43.21
N GLN H 162 13.55 12.96 -44.50
CA GLN H 162 12.39 12.20 -44.92
C GLN H 162 12.54 10.73 -44.63
N VAL H 163 13.75 10.23 -44.73
CA VAL H 163 14.00 8.83 -44.43
C VAL H 163 13.97 8.58 -42.93
N ILE H 164 14.48 9.54 -42.14
CA ILE H 164 14.48 9.38 -40.69
C ILE H 164 13.06 9.45 -40.15
N GLU H 165 12.31 10.47 -40.54
CA GLU H 165 10.93 10.60 -40.08
C GLU H 165 10.12 9.35 -40.44
N SER H 166 10.31 8.84 -41.66
CA SER H 166 9.58 7.66 -42.09
C SER H 166 10.00 6.43 -41.29
N ALA H 167 11.30 6.24 -41.07
CA ALA H 167 11.77 5.05 -40.37
C ALA H 167 11.36 5.07 -38.91
N MET H 168 11.41 6.24 -38.27
CA MET H 168 11.03 6.35 -36.86
C MET H 168 9.54 6.11 -36.65
N GLU H 169 8.73 6.20 -37.71
CA GLU H 169 7.30 5.97 -37.59
C GLU H 169 6.98 4.48 -37.45
N ARG H 170 7.94 3.63 -37.83
CA ARG H 170 7.78 2.19 -37.74
C ARG H 170 8.18 1.69 -36.35
N ASP H 171 7.31 0.87 -35.76
CA ASP H 171 7.53 0.30 -34.44
C ASP H 171 8.20 -1.06 -34.64
N ARG H 172 9.53 -1.01 -34.81
CA ARG H 172 10.29 -2.22 -35.09
C ARG H 172 11.71 -2.05 -34.61
N TYR H 173 12.40 -3.17 -34.44
CA TYR H 173 13.82 -3.19 -34.15
C TYR H 173 14.63 -3.54 -35.40
N MET H 174 15.89 -3.16 -35.38
CA MET H 174 16.84 -3.47 -36.43
C MET H 174 17.86 -4.48 -35.93
N SER H 175 18.35 -5.31 -36.85
CA SER H 175 19.51 -6.12 -36.56
C SER H 175 20.75 -5.24 -36.56
N PRO H 176 21.85 -5.71 -35.98
CA PRO H 176 23.09 -4.92 -36.10
C PRO H 176 23.48 -4.69 -37.55
N MET H 177 23.31 -5.70 -38.41
CA MET H 177 23.62 -5.50 -39.84
C MET H 177 22.65 -4.50 -40.48
N GLU H 178 21.36 -4.56 -40.12
CA GLU H 178 20.48 -3.49 -40.58
C GLU H 178 20.80 -2.13 -40.02
N ALA H 179 21.27 -2.04 -38.78
CA ALA H 179 21.63 -0.75 -38.28
C ALA H 179 22.89 -0.21 -38.91
N GLN H 180 23.82 -1.09 -39.29
CA GLN H 180 25.04 -0.64 -39.97
C GLN H 180 24.73 -0.05 -41.35
N GLU H 181 23.84 -0.70 -42.12
CA GLU H 181 23.47 -0.18 -43.43
C GLU H 181 22.70 1.13 -43.33
N PHE H 182 21.93 1.29 -42.26
CA PHE H 182 21.16 2.51 -42.07
C PHE H 182 22.00 3.70 -41.60
N GLY H 183 23.17 3.46 -41.02
CA GLY H 183 24.03 4.53 -40.55
C GLY H 183 24.07 4.75 -39.06
N ILE H 184 23.47 3.88 -38.26
CA ILE H 184 23.50 4.04 -36.81
C ILE H 184 24.84 3.60 -36.25
N LEU H 185 25.43 2.55 -36.82
CA LEU H 185 26.70 2.03 -36.34
C LEU H 185 27.58 1.66 -37.52
N ASP H 186 28.86 1.43 -37.24
CA ASP H 186 29.85 1.18 -38.27
C ASP H 186 30.32 -0.27 -38.34
N LYS H 187 30.40 -0.98 -37.21
CA LYS H 187 30.98 -2.32 -37.21
C LYS H 187 30.19 -3.27 -36.32
N VAL H 188 29.98 -4.49 -36.83
CA VAL H 188 29.40 -5.60 -36.08
C VAL H 188 30.51 -6.62 -35.86
N LEU H 189 30.92 -6.79 -34.61
CA LEU H 189 32.06 -7.60 -34.26
C LEU H 189 31.60 -8.84 -33.49
N VAL H 190 32.10 -9.99 -33.90
CA VAL H 190 31.86 -11.22 -33.17
C VAL H 190 32.99 -11.50 -32.19
N HIS H 191 34.21 -11.14 -32.57
CA HIS H 191 35.40 -11.17 -31.74
C HIS H 191 36.15 -9.86 -31.93
N PRO H 192 37.09 -9.53 -31.03
CA PRO H 192 37.86 -8.30 -31.22
C PRO H 192 38.79 -8.42 -32.41
N PRO H 193 39.17 -7.28 -33.02
CA PRO H 193 40.08 -7.30 -34.17
C PRO H 193 41.55 -7.19 -33.77
N PRO I 1 21.36 3.11 -8.70
CA PRO I 1 22.28 4.19 -8.98
C PRO I 1 23.51 4.05 -8.12
N LEU I 2 24.60 3.55 -8.65
CA LEU I 2 25.81 3.36 -7.87
C LEU I 2 26.75 4.42 -8.26
N ILE I 3 27.38 5.06 -7.30
CA ILE I 3 28.28 6.13 -7.61
C ILE I 3 29.66 5.66 -7.75
N PRO I 4 30.27 5.93 -8.87
CA PRO I 4 31.63 5.46 -9.09
C PRO I 4 32.67 6.22 -8.29
N ILE I 5 33.79 5.55 -8.06
CA ILE I 5 34.91 6.10 -7.31
C ILE I 5 36.04 6.42 -8.29
N VAL I 6 36.63 7.60 -8.16
CA VAL I 6 37.77 7.98 -8.98
C VAL I 6 38.95 8.31 -8.06
N VAL I 7 40.15 8.20 -8.61
CA VAL I 7 41.38 8.43 -7.87
C VAL I 7 42.09 9.66 -8.45
N GLU I 8 42.44 10.60 -7.58
CA GLU I 8 43.16 11.80 -7.99
C GLU I 8 44.61 11.72 -7.54
N ARG I 12 50.87 16.16 -3.56
CA ARG I 12 50.82 15.04 -2.62
C ARG I 12 50.52 13.74 -3.35
N GLY I 13 49.84 12.82 -2.67
CA GLY I 13 49.68 11.46 -3.13
C GLY I 13 48.36 11.22 -3.83
N GLU I 14 47.85 10.00 -3.65
CA GLU I 14 46.65 9.52 -4.33
C GLU I 14 45.49 9.47 -3.34
N ARG I 15 44.41 10.18 -3.66
CA ARG I 15 43.19 10.17 -2.87
C ARG I 15 42.03 9.67 -3.72
N ALA I 16 41.13 8.92 -3.09
CA ALA I 16 39.98 8.33 -3.75
C ALA I 16 38.72 9.09 -3.36
N TYR I 17 37.99 9.58 -4.35
CA TYR I 17 36.72 10.24 -4.09
C TYR I 17 35.60 9.49 -4.79
N ASP I 18 34.38 9.80 -4.38
CA ASP I 18 33.21 9.52 -5.20
C ASP I 18 33.15 10.60 -6.27
N ILE I 19 32.60 10.26 -7.43
CA ILE I 19 32.78 11.14 -8.59
C ILE I 19 32.18 12.51 -8.35
N TYR I 20 31.09 12.59 -7.56
CA TYR I 20 30.50 13.90 -7.28
C TYR I 20 31.39 14.73 -6.37
N SER I 21 32.01 14.10 -5.37
CA SER I 21 32.96 14.82 -4.53
C SER I 21 34.17 15.28 -5.33
N ARG I 22 34.59 14.46 -6.30
CA ARG I 22 35.68 14.86 -7.18
C ARG I 22 35.26 16.03 -8.05
N LEU I 23 33.99 16.01 -8.49
CA LEU I 23 33.44 17.13 -9.25
C LEU I 23 33.45 18.40 -8.41
N LEU I 24 33.19 18.28 -7.11
CA LEU I 24 33.23 19.43 -6.21
C LEU I 24 34.64 20.00 -6.08
N ARG I 25 35.66 19.15 -6.13
CA ARG I 25 37.02 19.68 -6.09
C ARG I 25 37.40 20.40 -7.38
N GLU I 26 36.66 20.20 -8.46
CA GLU I 26 36.85 21.00 -9.67
C GLU I 26 35.98 22.25 -9.66
N ARG I 27 35.45 22.62 -8.49
CA ARG I 27 34.60 23.80 -8.32
C ARG I 27 33.34 23.72 -9.17
N ILE I 28 32.78 22.52 -9.28
CA ILE I 28 31.54 22.27 -10.01
C ILE I 28 30.46 21.84 -9.03
N VAL I 29 29.35 22.57 -9.01
CA VAL I 29 28.20 22.29 -8.17
C VAL I 29 27.04 21.88 -9.05
N CYS I 30 26.38 20.78 -8.68
CA CYS I 30 25.28 20.23 -9.46
C CYS I 30 23.94 20.64 -8.87
N VAL I 31 23.08 21.18 -9.72
CA VAL I 31 21.67 21.39 -9.39
C VAL I 31 20.88 20.52 -10.36
N MET I 32 20.54 19.31 -9.91
CA MET I 32 19.99 18.28 -10.78
C MET I 32 18.67 17.83 -10.17
N GLY I 33 17.65 17.69 -11.02
CA GLY I 33 16.35 17.23 -10.59
C GLY I 33 15.56 18.29 -9.83
N PRO I 34 14.49 17.86 -9.17
CA PRO I 34 13.62 18.80 -8.47
C PRO I 34 14.35 19.48 -7.31
N ILE I 35 14.14 20.78 -7.17
CA ILE I 35 14.78 21.56 -6.14
C ILE I 35 13.87 21.61 -4.91
N ASP I 36 14.36 21.11 -3.78
CA ASP I 36 13.66 21.22 -2.51
C ASP I 36 14.63 21.79 -1.46
N ASP I 37 14.14 21.94 -0.23
CA ASP I 37 14.96 22.46 0.86
C ASP I 37 16.26 21.68 1.02
N SER I 38 16.20 20.36 0.81
CA SER I 38 17.39 19.53 0.96
C SER I 38 18.43 19.87 -0.11
N VAL I 39 18.00 19.95 -1.38
CA VAL I 39 18.92 20.32 -2.45
C VAL I 39 19.50 21.71 -2.22
N ALA I 40 18.66 22.65 -1.80
CA ALA I 40 19.13 24.02 -1.59
C ALA I 40 20.22 24.05 -0.54
N SER I 41 20.01 23.38 0.59
CA SER I 41 21.01 23.39 1.66
C SER I 41 22.33 22.80 1.19
N LEU I 42 22.26 21.71 0.41
CA LEU I 42 23.47 21.09 -0.11
C LEU I 42 24.20 22.04 -1.07
N VAL I 43 23.44 22.66 -1.98
CA VAL I 43 24.05 23.61 -2.92
C VAL I 43 24.65 24.78 -2.17
N ILE I 44 23.90 25.33 -1.20
CA ILE I 44 24.40 26.47 -0.42
C ILE I 44 25.68 26.10 0.32
N ALA I 45 25.68 24.93 0.96
CA ALA I 45 26.89 24.44 1.63
C ALA I 45 28.09 24.39 0.68
N GLN I 46 27.88 23.86 -0.53
CA GLN I 46 28.98 23.77 -1.49
C GLN I 46 29.44 25.16 -1.92
N LEU I 47 28.51 26.08 -2.14
CA LEU I 47 28.91 27.43 -2.53
C LEU I 47 29.74 28.10 -1.43
N LEU I 48 29.34 27.96 -0.17
CA LEU I 48 30.13 28.55 0.91
C LEU I 48 31.51 27.89 1.00
N PHE I 49 31.57 26.58 0.77
CA PHE I 49 32.85 25.89 0.84
C PHE I 49 33.78 26.36 -0.29
N LEU I 50 33.25 26.44 -1.50
CA LEU I 50 34.08 26.82 -2.65
C LEU I 50 34.57 28.27 -2.51
N GLN I 51 33.75 29.14 -1.91
CA GLN I 51 34.17 30.51 -1.70
C GLN I 51 35.28 30.58 -0.66
N SER I 52 35.24 29.71 0.35
CA SER I 52 36.29 29.69 1.35
C SER I 52 37.62 29.24 0.75
N GLU I 53 37.58 28.33 -0.22
CA GLU I 53 38.85 27.88 -0.80
C GLU I 53 39.43 28.92 -1.75
N SER I 54 38.59 29.81 -2.26
CA SER I 54 39.00 30.97 -3.03
C SER I 54 37.79 31.83 -3.31
N ASN I 55 37.82 33.11 -2.93
CA ASN I 55 36.72 34.02 -3.21
C ASN I 55 36.87 34.70 -4.56
N LYS I 56 37.63 34.10 -5.47
CA LYS I 56 37.94 34.73 -6.76
C LYS I 56 38.03 33.73 -7.90
N LYS I 57 38.31 32.46 -7.65
CA LYS I 57 38.25 31.48 -8.71
C LYS I 57 36.79 31.19 -9.05
N PRO I 58 36.46 31.07 -10.34
CA PRO I 58 35.05 30.89 -10.72
C PRO I 58 34.49 29.58 -10.19
N ILE I 59 33.17 29.57 -10.02
CA ILE I 59 32.42 28.38 -9.60
C ILE I 59 31.52 27.97 -10.76
N HIS I 60 31.51 26.68 -11.07
CA HIS I 60 30.69 26.14 -12.15
C HIS I 60 29.44 25.51 -11.56
N MET I 61 28.28 25.93 -12.05
CA MET I 61 26.99 25.43 -11.59
C MET I 61 26.34 24.66 -12.73
N TYR I 62 26.28 23.34 -12.59
CA TYR I 62 25.68 22.45 -13.57
C TYR I 62 24.17 22.38 -13.28
N ILE I 63 23.34 22.79 -14.24
CA ILE I 63 21.90 22.89 -14.00
C ILE I 63 21.19 21.95 -14.98
N ASN I 64 20.55 20.92 -14.44
CA ASN I 64 19.63 20.06 -15.21
C ASN I 64 18.46 19.78 -14.28
N SER I 65 17.50 20.72 -14.26
CA SER I 65 16.43 20.69 -13.28
C SER I 65 15.11 21.10 -13.91
N PRO I 66 14.01 20.45 -13.55
CA PRO I 66 12.68 20.89 -14.00
C PRO I 66 12.08 21.98 -13.15
N GLY I 67 12.75 22.40 -12.08
CA GLY I 67 12.23 23.41 -11.19
C GLY I 67 12.14 22.88 -9.76
N GLY I 68 11.22 23.44 -9.01
CA GLY I 68 11.00 22.93 -7.68
C GLY I 68 10.39 24.00 -6.79
N VAL I 69 10.62 23.84 -5.49
CA VAL I 69 10.04 24.72 -4.50
C VAL I 69 10.63 26.11 -4.63
N VAL I 70 9.77 27.14 -4.64
CA VAL I 70 10.23 28.50 -4.90
C VAL I 70 11.18 28.99 -3.82
N THR I 71 10.81 28.87 -2.55
CA THR I 71 11.67 29.41 -1.50
C THR I 71 13.03 28.70 -1.48
N ALA I 72 13.06 27.41 -1.82
CA ALA I 72 14.33 26.70 -1.91
C ALA I 72 15.17 27.22 -3.08
N GLY I 73 14.54 27.43 -4.23
CA GLY I 73 15.24 28.06 -5.35
C GLY I 73 15.73 29.45 -5.02
N LEU I 74 14.89 30.24 -4.34
CA LEU I 74 15.31 31.57 -3.94
C LEU I 74 16.44 31.51 -2.92
N ALA I 75 16.48 30.48 -2.07
CA ALA I 75 17.59 30.33 -1.16
C ALA I 75 18.91 30.18 -1.92
N ILE I 76 18.89 29.37 -3.00
CA ILE I 76 20.07 29.22 -3.84
C ILE I 76 20.39 30.53 -4.55
N TYR I 77 19.37 31.20 -5.08
CA TYR I 77 19.59 32.48 -5.76
C TYR I 77 20.28 33.47 -4.84
N ASP I 78 19.71 33.71 -3.66
CA ASP I 78 20.29 34.71 -2.75
C ASP I 78 21.73 34.38 -2.38
N THR I 79 22.04 33.10 -2.21
CA THR I 79 23.40 32.72 -1.86
C THR I 79 24.36 32.96 -3.03
N MET I 80 23.89 32.73 -4.25
CA MET I 80 24.70 33.02 -5.44
C MET I 80 25.06 34.49 -5.50
N GLN I 81 24.10 35.37 -5.22
CA GLN I 81 24.40 36.80 -5.21
C GLN I 81 25.30 37.16 -4.04
N TYR I 82 25.12 36.49 -2.90
CA TYR I 82 25.84 36.85 -1.69
C TYR I 82 27.34 36.59 -1.80
N ILE I 83 27.72 35.41 -2.29
CA ILE I 83 29.14 35.08 -2.39
C ILE I 83 29.80 35.97 -3.44
N LEU I 84 31.10 36.17 -3.29
CA LEU I 84 31.79 37.13 -4.13
C LEU I 84 32.34 36.49 -5.41
N ASN I 85 32.20 35.19 -5.57
CA ASN I 85 32.83 34.54 -6.71
C ASN I 85 32.04 34.78 -7.99
N PRO I 86 32.71 34.79 -9.14
CA PRO I 86 31.99 34.64 -10.40
C PRO I 86 31.46 33.23 -10.51
N ILE I 87 30.22 33.12 -10.99
CA ILE I 87 29.52 31.85 -11.07
C ILE I 87 29.16 31.61 -12.53
N CYS I 88 29.69 30.53 -13.09
CA CYS I 88 29.30 30.09 -14.42
C CYS I 88 28.15 29.09 -14.29
N THR I 89 27.05 29.36 -14.96
CA THR I 89 25.92 28.45 -14.99
C THR I 89 25.93 27.70 -16.32
N TRP I 90 25.63 26.41 -16.26
CA TRP I 90 25.67 25.54 -17.44
C TRP I 90 24.36 24.79 -17.51
N CYS I 91 23.53 25.14 -18.51
CA CYS I 91 22.28 24.42 -18.73
C CYS I 91 22.55 23.24 -19.66
N VAL I 92 22.36 22.03 -19.13
CA VAL I 92 22.51 20.79 -19.85
C VAL I 92 21.26 19.96 -19.63
N GLY I 93 20.62 19.55 -20.71
CA GLY I 93 19.34 18.90 -20.61
C GLY I 93 18.22 19.93 -20.61
N GLN I 94 17.94 20.51 -19.45
CA GLN I 94 16.89 21.50 -19.36
C GLN I 94 17.08 22.36 -18.12
N ALA I 95 16.50 23.56 -18.18
CA ALA I 95 16.37 24.44 -17.02
C ALA I 95 14.99 25.06 -17.09
N ALA I 96 14.06 24.56 -16.27
CA ALA I 96 12.68 25.01 -16.26
C ALA I 96 12.32 25.55 -14.87
N SER I 97 11.42 26.53 -14.86
CA SER I 97 10.88 27.13 -13.63
C SER I 97 12.05 27.69 -12.83
N MET I 98 12.21 27.34 -11.55
CA MET I 98 13.30 27.88 -10.76
C MET I 98 14.66 27.52 -11.35
N GLY I 99 14.73 26.42 -12.10
CA GLY I 99 15.97 26.06 -12.76
C GLY I 99 16.46 27.13 -13.73
N SER I 100 15.55 27.69 -14.51
CA SER I 100 15.94 28.75 -15.43
C SER I 100 16.27 30.04 -14.69
N LEU I 101 15.65 30.27 -13.52
CA LEU I 101 16.00 31.44 -12.72
C LEU I 101 17.45 31.36 -12.25
N LEU I 102 17.87 30.19 -11.76
CA LEU I 102 19.25 30.02 -11.35
C LEU I 102 20.20 30.17 -12.53
N LEU I 103 19.82 29.60 -13.68
CA LEU I 103 20.62 29.75 -14.88
C LEU I 103 20.82 31.22 -15.22
N ALA I 104 19.73 31.99 -15.22
CA ALA I 104 19.81 33.41 -15.52
C ALA I 104 20.56 34.20 -14.45
N ALA I 105 20.69 33.63 -13.24
CA ALA I 105 21.33 34.29 -12.10
C ALA I 105 22.85 34.18 -12.10
N GLY I 106 23.45 33.50 -13.07
CA GLY I 106 24.90 33.45 -13.16
C GLY I 106 25.50 34.82 -13.43
N THR I 107 26.81 34.92 -13.18
CA THR I 107 27.53 36.14 -13.48
C THR I 107 27.40 36.49 -14.97
N PRO I 108 27.08 37.75 -15.30
CA PRO I 108 26.92 38.11 -16.71
C PRO I 108 28.13 37.74 -17.54
N GLY I 109 27.87 37.27 -18.77
CA GLY I 109 28.91 36.76 -19.62
C GLY I 109 29.31 35.32 -19.37
N MET I 110 28.86 34.71 -18.27
CA MET I 110 29.25 33.36 -17.92
C MET I 110 28.04 32.44 -17.78
N ARG I 111 26.97 32.72 -18.51
CA ARG I 111 25.77 31.89 -18.48
C ARG I 111 25.73 31.09 -19.78
N HIS I 112 25.81 29.76 -19.66
CA HIS I 112 26.03 28.87 -20.79
C HIS I 112 24.89 27.89 -20.95
N SER I 113 24.73 27.40 -22.17
CA SER I 113 23.84 26.28 -22.45
C SER I 113 24.46 25.46 -23.58
N LEU I 114 24.26 24.15 -23.52
CA LEU I 114 24.65 23.31 -24.63
C LEU I 114 23.53 23.31 -25.67
N PRO I 115 23.81 22.87 -26.90
CA PRO I 115 22.91 23.21 -28.02
C PRO I 115 21.50 22.66 -27.91
N ASN I 116 21.30 21.48 -27.33
CA ASN I 116 19.99 20.85 -27.34
C ASN I 116 19.22 21.03 -26.04
N SER I 117 19.68 21.89 -25.13
CA SER I 117 18.94 22.14 -23.91
C SER I 117 17.61 22.83 -24.19
N ARG I 118 16.69 22.72 -23.25
CA ARG I 118 15.43 23.46 -23.28
C ARG I 118 15.31 24.31 -22.02
N ILE I 119 14.87 25.55 -22.20
CA ILE I 119 14.76 26.52 -21.12
C ILE I 119 13.32 27.01 -21.03
N MET I 120 12.78 27.07 -19.82
CA MET I 120 11.43 27.55 -19.59
C MET I 120 11.40 28.46 -18.38
N ILE I 121 10.84 29.66 -18.55
CA ILE I 121 10.62 30.57 -17.44
C ILE I 121 9.18 30.50 -16.92
N HIS I 122 8.27 29.93 -17.68
CA HIS I 122 6.93 29.65 -17.20
C HIS I 122 6.98 28.81 -15.93
N GLN I 123 6.05 29.09 -15.01
CA GLN I 123 5.97 28.34 -13.75
C GLN I 123 4.76 27.43 -13.78
N PRO I 124 4.94 26.10 -13.75
CA PRO I 124 3.78 25.20 -13.62
C PRO I 124 3.24 25.18 -12.20
N ILE I 137 -0.56 27.75 1.71
CA ILE I 137 -0.14 29.09 1.30
C ILE I 137 -1.35 29.89 0.74
N GLN I 138 -1.48 31.15 1.17
CA GLN I 138 -2.61 31.99 0.79
C GLN I 138 -2.44 32.57 -0.62
N ALA I 139 -3.51 33.25 -1.07
CA ALA I 139 -3.56 33.76 -2.45
C ALA I 139 -2.62 34.95 -2.67
N GLU I 140 -2.75 36.01 -1.86
CA GLU I 140 -1.87 37.18 -1.94
C GLU I 140 -0.44 36.72 -1.83
N GLU I 141 -0.28 35.65 -1.05
CA GLU I 141 0.99 35.11 -0.61
C GLU I 141 1.68 34.42 -1.78
N ILE I 142 0.92 33.64 -2.58
CA ILE I 142 1.44 33.08 -3.85
C ILE I 142 1.78 34.19 -4.86
N MET I 143 0.99 35.26 -4.87
CA MET I 143 1.24 36.35 -5.81
C MET I 143 2.48 37.14 -5.43
N LYS I 144 2.78 37.26 -4.14
CA LYS I 144 4.00 37.95 -3.73
C LYS I 144 5.24 37.22 -4.23
N LEU I 145 5.23 35.88 -4.18
CA LEU I 145 6.34 35.11 -4.69
C LEU I 145 6.45 35.26 -6.20
N LYS I 146 5.31 35.34 -6.89
CA LYS I 146 5.33 35.54 -8.33
C LYS I 146 5.98 36.87 -8.69
N LYS I 147 5.66 37.94 -7.94
CA LYS I 147 6.25 39.24 -8.22
C LYS I 147 7.75 39.22 -7.94
N GLN I 148 8.18 38.51 -6.90
CA GLN I 148 9.60 38.34 -6.64
C GLN I 148 10.30 37.67 -7.82
N LEU I 149 9.64 36.68 -8.44
CA LEU I 149 10.24 36.03 -9.61
C LEU I 149 10.28 36.97 -10.80
N TYR I 150 9.22 37.78 -10.97
CA TYR I 150 9.21 38.79 -12.03
C TYR I 150 10.40 39.74 -11.89
N ASN I 151 10.63 40.24 -10.67
CA ASN I 151 11.72 41.19 -10.45
C ASN I 151 13.07 40.57 -10.74
N ILE I 152 13.29 39.33 -10.26
CA ILE I 152 14.59 38.68 -10.42
C ILE I 152 14.86 38.40 -11.89
N TYR I 153 13.87 37.88 -12.61
CA TYR I 153 14.03 37.66 -14.04
C TYR I 153 14.31 38.98 -14.76
N ALA I 154 13.50 40.01 -14.46
CA ALA I 154 13.72 41.31 -15.09
C ALA I 154 15.12 41.82 -14.83
N LYS I 155 15.62 41.64 -13.61
CA LYS I 155 16.93 42.15 -13.24
C LYS I 155 18.05 41.51 -14.06
N HIS I 156 17.99 40.20 -14.26
CA HIS I 156 19.11 39.50 -14.87
C HIS I 156 18.97 39.35 -16.38
N THR I 157 17.74 39.33 -16.90
CA THR I 157 17.51 39.37 -18.34
C THR I 157 17.54 40.77 -18.91
N LYS I 158 17.46 41.78 -18.09
CA LYS I 158 17.46 43.13 -18.56
C LYS I 158 16.28 43.52 -19.44
N GLN I 159 15.22 42.78 -19.30
CA GLN I 159 13.91 43.08 -19.87
C GLN I 159 12.97 43.80 -18.88
N SER I 160 11.92 44.42 -19.44
CA SER I 160 10.91 45.09 -18.63
C SER I 160 9.99 44.06 -17.96
N LEU I 161 9.35 44.50 -16.87
CA LEU I 161 8.43 43.63 -16.14
C LEU I 161 7.28 43.19 -17.04
N GLN I 162 6.90 44.02 -17.96
CA GLN I 162 5.81 43.70 -18.85
C GLN I 162 6.14 42.59 -19.78
N VAL I 163 7.35 42.55 -20.27
CA VAL I 163 7.82 41.49 -21.15
C VAL I 163 7.98 40.20 -20.36
N ILE I 164 8.43 40.30 -19.11
CA ILE I 164 8.59 39.12 -18.27
C ILE I 164 7.24 38.52 -17.91
N GLU I 165 6.33 39.35 -17.38
CA GLU I 165 5.00 38.86 -17.03
C GLU I 165 4.32 38.24 -18.24
N SER I 166 4.44 38.90 -19.40
CA SER I 166 3.82 38.39 -20.62
C SER I 166 4.46 37.08 -21.06
N ALA I 167 5.79 37.02 -21.03
CA ALA I 167 6.48 35.81 -21.49
C ALA I 167 6.22 34.63 -20.56
N MET I 168 6.23 34.87 -19.25
CA MET I 168 6.00 33.81 -18.28
C MET I 168 4.59 33.24 -18.36
N GLU I 169 3.67 33.97 -18.99
CA GLU I 169 2.30 33.50 -19.13
C GLU I 169 2.18 32.42 -20.19
N ARG I 170 3.16 32.32 -21.08
CA ARG I 170 3.15 31.36 -22.18
C ARG I 170 3.77 30.04 -21.76
N ASP I 171 3.02 28.96 -21.93
CA ASP I 171 3.46 27.63 -21.51
C ASP I 171 4.29 27.04 -22.65
N ARG I 172 5.57 27.41 -22.67
CA ARG I 172 6.47 27.01 -23.74
C ARG I 172 7.89 26.92 -23.22
N TYR I 173 8.71 26.21 -23.97
CA TYR I 173 10.15 26.20 -23.74
C TYR I 173 10.83 27.05 -24.81
N MET I 174 12.04 27.51 -24.49
CA MET I 174 12.88 28.20 -25.45
C MET I 174 14.05 27.31 -25.81
N SER I 175 14.54 27.46 -27.04
CA SER I 175 15.82 26.91 -27.40
C SER I 175 16.93 27.73 -26.74
N PRO I 176 18.15 27.21 -26.68
CA PRO I 176 19.25 28.03 -26.14
C PRO I 176 19.43 29.36 -26.88
N MET I 177 19.27 29.38 -28.20
CA MET I 177 19.47 30.62 -28.95
C MET I 177 18.44 31.69 -28.61
N GLU I 178 17.16 31.31 -28.50
CA GLU I 178 16.15 32.30 -28.13
C GLU I 178 16.27 32.71 -26.67
N ALA I 179 16.75 31.80 -25.81
CA ALA I 179 16.98 32.18 -24.42
C ALA I 179 18.14 33.17 -24.31
N GLN I 180 19.15 33.03 -25.16
CA GLN I 180 20.22 34.02 -25.23
C GLN I 180 19.71 35.37 -25.72
N GLU I 181 18.85 35.37 -26.74
CA GLU I 181 18.32 36.62 -27.24
C GLU I 181 17.42 37.28 -26.20
N PHE I 182 16.72 36.48 -25.40
CA PHE I 182 15.85 37.01 -24.35
C PHE I 182 16.62 37.54 -23.15
N GLY I 183 17.86 37.11 -22.96
CA GLY I 183 18.66 37.57 -21.85
C GLY I 183 18.84 36.57 -20.71
N ILE I 184 18.40 35.33 -20.88
CA ILE I 184 18.53 34.33 -19.82
C ILE I 184 19.96 33.80 -19.75
N LEU I 185 20.62 33.64 -20.89
CA LEU I 185 21.98 33.11 -20.93
C LEU I 185 22.79 33.89 -21.95
N ASP I 186 24.10 33.71 -21.90
CA ASP I 186 25.04 34.47 -22.71
C ASP I 186 25.67 33.69 -23.85
N LYS I 187 25.93 32.40 -23.68
CA LYS I 187 26.67 31.62 -24.67
C LYS I 187 26.05 30.26 -24.90
N VAL I 188 25.95 29.89 -26.16
CA VAL I 188 25.58 28.54 -26.60
C VAL I 188 26.82 27.93 -27.25
N LEU I 189 27.37 26.92 -26.60
CA LEU I 189 28.64 26.33 -27.00
C LEU I 189 28.41 24.91 -27.47
N VAL I 190 28.96 24.57 -28.64
CA VAL I 190 28.93 23.20 -29.11
C VAL I 190 30.18 22.45 -28.66
N HIS I 191 31.31 23.13 -28.66
CA HIS I 191 32.60 22.66 -28.16
C HIS I 191 33.24 23.78 -27.35
N PRO I 192 34.27 23.51 -26.56
CA PRO I 192 34.93 24.60 -25.83
C PRO I 192 35.62 25.52 -26.77
N PRO I 193 35.77 26.83 -26.44
CA PRO I 193 36.34 27.81 -27.36
C PRO I 193 37.86 27.87 -27.29
N PRO J 1 19.87 11.72 -0.94
CA PRO J 1 20.86 12.41 -1.77
C PRO J 1 22.30 12.17 -1.30
N LEU J 2 23.21 11.94 -2.25
CA LEU J 2 24.62 11.74 -1.91
C LEU J 2 25.19 13.02 -1.33
N ILE J 3 25.97 12.89 -0.25
CA ILE J 3 26.52 14.03 0.47
C ILE J 3 28.00 14.11 0.13
N PRO J 4 28.49 15.22 -0.40
CA PRO J 4 29.89 15.26 -0.87
C PRO J 4 30.89 15.34 0.27
N ILE J 5 32.11 14.91 -0.04
CA ILE J 5 33.22 14.90 0.89
C ILE J 5 34.20 15.99 0.49
N VAL J 6 34.65 16.77 1.48
CA VAL J 6 35.62 17.83 1.24
C VAL J 6 36.86 17.55 2.07
N VAL J 7 37.97 18.17 1.68
CA VAL J 7 39.27 17.94 2.32
C VAL J 7 39.74 19.25 2.94
N GLU J 8 40.22 19.16 4.19
CA GLU J 8 40.75 20.28 4.93
C GLU J 8 42.22 20.01 5.26
N GLN J 9 43.02 21.07 5.30
CA GLN J 9 44.43 20.94 5.63
C GLN J 9 44.61 21.05 7.15
N THR J 10 45.22 20.02 7.74
CA THR J 10 45.34 19.94 9.20
C THR J 10 46.78 20.08 9.68
N GLU J 14 45.89 16.62 6.45
CA GLU J 14 44.84 16.52 5.46
C GLU J 14 43.70 15.67 5.94
N ARG J 15 42.62 16.31 6.33
CA ARG J 15 41.47 15.59 6.81
C ARG J 15 40.31 15.72 5.85
N ALA J 16 39.50 14.69 5.77
CA ALA J 16 38.37 14.72 4.88
C ALA J 16 37.10 14.43 5.61
N TYR J 17 36.08 15.24 5.39
CA TYR J 17 34.79 15.04 6.02
C TYR J 17 33.70 15.17 5.04
N ASP J 18 32.49 14.94 5.51
CA ASP J 18 31.32 15.20 4.73
C ASP J 18 31.10 16.72 4.83
N ILE J 19 30.46 17.32 3.87
CA ILE J 19 30.42 18.78 3.85
C ILE J 19 29.67 19.34 5.05
N TYR J 20 28.67 18.61 5.57
CA TYR J 20 27.95 19.12 6.73
C TYR J 20 28.81 19.06 7.99
N SER J 21 29.59 17.99 8.15
CA SER J 21 30.53 17.93 9.28
C SER J 21 31.56 19.05 9.19
N ARG J 22 31.99 19.36 7.96
CA ARG J 22 32.91 20.48 7.76
C ARG J 22 32.23 21.81 8.08
N LEU J 23 30.94 21.92 7.75
CA LEU J 23 30.18 23.12 8.10
C LEU J 23 30.14 23.31 9.62
N LEU J 24 30.04 22.21 10.36
CA LEU J 24 30.06 22.30 11.82
C LEU J 24 31.40 22.81 12.33
N ARG J 25 32.49 22.47 11.64
CA ARG J 25 33.80 22.97 12.03
C ARG J 25 33.93 24.47 11.83
N GLU J 26 33.07 25.06 11.01
CA GLU J 26 33.02 26.50 10.88
C GLU J 26 32.04 27.12 11.86
N ARG J 27 31.58 26.34 12.84
CA ARG J 27 30.63 26.78 13.84
C ARG J 27 29.29 27.18 13.21
N ILE J 28 28.90 26.45 12.16
CA ILE J 28 27.64 26.66 11.47
C ILE J 28 26.74 25.44 11.71
N VAL J 29 25.55 25.69 12.26
CA VAL J 29 24.56 24.67 12.55
C VAL J 29 23.36 24.89 11.64
N CYS J 30 22.87 23.81 11.03
CA CYS J 30 21.76 23.88 10.10
C CYS J 30 20.45 23.49 10.78
N VAL J 31 19.44 24.33 10.60
CA VAL J 31 18.05 24.01 10.93
C VAL J 31 17.27 24.07 9.62
N MET J 32 17.11 22.90 8.98
CA MET J 32 16.58 22.82 7.63
C MET J 32 15.40 21.86 7.62
N GLY J 33 14.31 22.26 6.98
CA GLY J 33 13.13 21.44 6.87
C GLY J 33 12.32 21.36 8.15
N PRO J 34 11.38 20.42 8.20
CA PRO J 34 10.48 20.34 9.35
C PRO J 34 11.24 19.97 10.62
N ILE J 35 10.89 20.66 11.71
CA ILE J 35 11.55 20.47 13.00
C ILE J 35 10.79 19.43 13.81
N ASP J 36 11.45 18.33 14.13
CA ASP J 36 10.90 17.31 15.02
C ASP J 36 11.91 17.01 16.12
N ASP J 37 11.56 16.06 17.00
CA ASP J 37 12.44 15.70 18.10
C ASP J 37 13.82 15.28 17.59
N SER J 38 13.87 14.61 16.45
CA SER J 38 15.15 14.16 15.92
C SER J 38 16.02 15.34 15.50
N VAL J 39 15.44 16.31 14.78
CA VAL J 39 16.18 17.51 14.41
C VAL J 39 16.62 18.28 15.64
N ALA J 40 15.73 18.45 16.61
CA ALA J 40 16.06 19.22 17.80
C ALA J 40 17.23 18.61 18.55
N SER J 41 17.22 17.29 18.74
CA SER J 41 18.33 16.62 19.42
C SER J 41 19.64 16.81 18.67
N LEU J 42 19.60 16.76 17.34
CA LEU J 42 20.81 16.95 16.54
C LEU J 42 21.33 18.38 16.70
N VAL J 43 20.43 19.36 16.59
CA VAL J 43 20.82 20.76 16.76
C VAL J 43 21.35 21.00 18.16
N ILE J 44 20.65 20.47 19.17
CA ILE J 44 21.07 20.65 20.55
C ILE J 44 22.45 20.07 20.77
N ALA J 45 22.68 18.85 20.28
CA ALA J 45 24.00 18.23 20.37
C ALA J 45 25.07 19.13 19.74
N GLN J 46 24.79 19.70 18.57
CA GLN J 46 25.77 20.57 17.93
C GLN J 46 26.03 21.82 18.75
N LEU J 47 24.97 22.40 19.33
CA LEU J 47 25.15 23.59 20.16
C LEU J 47 26.01 23.30 21.37
N LEU J 48 25.79 22.16 22.03
CA LEU J 48 26.61 21.80 23.18
C LEU J 48 28.05 21.56 22.77
N PHE J 49 28.25 20.95 21.62
CA PHE J 49 29.61 20.68 21.13
C PHE J 49 30.34 21.98 20.82
N LEU J 50 29.68 22.89 20.11
CA LEU J 50 30.34 24.14 19.71
C LEU J 50 30.67 25.00 20.92
N GLN J 51 29.84 24.95 21.96
CA GLN J 51 30.11 25.72 23.17
C GLN J 51 31.30 25.17 23.93
N SER J 52 31.48 23.85 23.92
CA SER J 52 32.63 23.24 24.59
C SER J 52 33.92 23.63 23.88
N GLU J 53 33.89 23.79 22.56
CA GLU J 53 35.10 24.15 21.84
C GLU J 53 35.45 25.61 22.07
N SER J 54 34.47 26.44 22.41
CA SER J 54 34.66 27.83 22.83
C SER J 54 33.31 28.39 23.27
N ASN J 55 33.23 28.90 24.51
CA ASN J 55 32.00 29.50 25.00
C ASN J 55 31.92 30.99 24.69
N LYS J 56 32.65 31.44 23.69
CA LYS J 56 32.72 32.86 23.37
C LYS J 56 32.80 33.13 21.88
N LYS J 57 33.26 32.19 21.05
CA LYS J 57 33.22 32.38 19.63
C LYS J 57 31.78 32.24 19.15
N PRO J 58 31.32 33.11 18.24
CA PRO J 58 29.91 33.06 17.83
C PRO J 58 29.59 31.74 17.13
N ILE J 59 28.30 31.41 17.17
CA ILE J 59 27.75 30.26 16.48
C ILE J 59 26.80 30.77 15.41
N HIS J 60 26.92 30.22 14.20
CA HIS J 60 26.04 30.58 13.08
C HIS J 60 24.95 29.53 12.96
N MET J 61 23.70 29.97 12.95
CA MET J 61 22.54 29.09 12.84
C MET J 61 21.87 29.36 11.50
N TYR J 62 21.95 28.39 10.60
CA TYR J 62 21.35 28.49 9.27
C TYR J 62 19.89 28.02 9.36
N ILE J 63 18.94 28.88 9.02
CA ILE J 63 17.53 28.56 9.19
C ILE J 63 16.84 28.60 7.83
N ASN J 64 16.37 27.43 7.37
CA ASN J 64 15.49 27.29 6.20
C ASN J 64 14.46 26.22 6.54
N SER J 65 13.40 26.63 7.23
CA SER J 65 12.46 25.68 7.79
C SER J 65 11.03 26.19 7.69
N PRO J 66 10.08 25.31 7.40
CA PRO J 66 8.66 25.71 7.44
C PRO J 66 8.04 25.64 8.83
N GLY J 67 8.80 25.18 9.83
CA GLY J 67 8.29 25.03 11.18
C GLY J 67 8.43 23.60 11.67
N GLY J 68 7.56 23.21 12.58
CA GLY J 68 7.55 21.84 13.04
C GLY J 68 6.93 21.74 14.42
N VAL J 69 7.33 20.68 15.12
CA VAL J 69 6.75 20.39 16.44
C VAL J 69 7.17 21.45 17.43
N VAL J 70 6.19 21.97 18.18
CA VAL J 70 6.45 23.10 19.07
C VAL J 70 7.45 22.73 20.16
N THR J 71 7.22 21.60 20.84
CA THR J 71 8.12 21.25 21.95
C THR J 71 9.53 21.01 21.44
N ALA J 72 9.67 20.48 20.22
CA ALA J 72 10.99 20.32 19.64
C ALA J 72 11.61 21.68 19.31
N GLY J 73 10.82 22.59 18.76
CA GLY J 73 11.31 23.95 18.56
C GLY J 73 11.71 24.61 19.87
N LEU J 74 10.86 24.46 20.90
CA LEU J 74 11.17 25.06 22.20
C LEU J 74 12.42 24.44 22.81
N ALA J 75 12.67 23.15 22.56
CA ALA J 75 13.91 22.53 23.03
C ALA J 75 15.12 23.22 22.43
N ILE J 76 15.07 23.55 21.14
CA ILE J 76 16.15 24.29 20.51
C ILE J 76 16.24 25.70 21.08
N TYR J 77 15.09 26.36 21.25
CA TYR J 77 15.08 27.72 21.78
C TYR J 77 15.75 27.79 23.15
N ASP J 78 15.29 26.94 24.09
CA ASP J 78 15.84 26.95 25.44
C ASP J 78 17.35 26.71 25.44
N THR J 79 17.82 25.84 24.55
CA THR J 79 19.25 25.55 24.49
C THR J 79 20.02 26.75 23.93
N MET J 80 19.42 27.47 22.98
CA MET J 80 20.04 28.69 22.49
C MET J 80 20.21 29.71 23.61
N GLN J 81 19.19 29.87 24.45
CA GLN J 81 19.32 30.78 25.58
C GLN J 81 20.30 30.26 26.61
N TYR J 82 20.33 28.93 26.81
CA TYR J 82 21.13 28.34 27.88
C TYR J 82 22.62 28.50 27.65
N ILE J 83 23.11 28.15 26.45
CA ILE J 83 24.52 28.32 26.19
C ILE J 83 24.84 29.82 26.17
N LEU J 84 26.08 30.17 26.50
CA LEU J 84 26.49 31.58 26.59
C LEU J 84 27.04 32.13 25.28
N ASN J 85 27.10 31.34 24.22
CA ASN J 85 27.71 31.87 23.02
C ASN J 85 26.77 32.89 22.38
N PRO J 86 27.33 33.88 21.70
CA PRO J 86 26.49 34.67 20.79
C PRO J 86 26.10 33.81 19.62
N ILE J 87 24.84 33.93 19.21
CA ILE J 87 24.29 33.11 18.15
C ILE J 87 23.81 34.03 17.04
N CYS J 88 24.41 33.89 15.86
CA CYS J 88 23.94 34.59 14.68
C CYS J 88 22.96 33.70 13.95
N THR J 89 21.75 34.22 13.70
CA THR J 89 20.74 33.50 12.95
C THR J 89 20.70 34.04 11.52
N TRP J 90 20.57 33.13 10.56
CA TRP J 90 20.60 33.46 9.14
C TRP J 90 19.38 32.82 8.48
N CYS J 91 18.42 33.65 8.07
CA CYS J 91 17.26 33.16 7.36
C CYS J 91 17.54 33.15 5.86
N VAL J 92 17.53 31.96 5.28
CA VAL J 92 17.73 31.75 3.86
C VAL J 92 16.60 30.87 3.35
N GLY J 93 15.89 31.33 2.33
CA GLY J 93 14.70 30.64 1.90
C GLY J 93 13.49 31.07 2.67
N GLN J 94 13.29 30.49 3.85
CA GLN J 94 12.13 30.86 4.65
C GLN J 94 12.36 30.48 6.11
N ALA J 95 11.65 31.19 6.99
CA ALA J 95 11.54 30.85 8.41
C ALA J 95 10.09 31.07 8.80
N ALA J 96 9.32 29.98 8.88
CA ALA J 96 7.90 30.03 9.20
C ALA J 96 7.63 29.25 10.47
N SER J 97 6.65 29.73 11.23
CA SER J 97 6.20 29.06 12.46
C SER J 97 7.39 28.97 13.42
N MET J 98 7.75 27.78 13.93
CA MET J 98 8.85 27.66 14.87
C MET J 98 10.18 28.11 14.25
N GLY J 99 10.29 28.04 12.92
CA GLY J 99 11.48 28.54 12.27
C GLY J 99 11.73 30.02 12.51
N SER J 100 10.66 30.82 12.44
CA SER J 100 10.82 32.26 12.69
C SER J 100 11.10 32.54 14.16
N LEU J 101 10.60 31.69 15.06
CA LEU J 101 10.91 31.86 16.48
C LEU J 101 12.40 31.70 16.74
N LEU J 102 13.01 30.66 16.14
CA LEU J 102 14.45 30.47 16.27
C LEU J 102 15.22 31.62 15.64
N LEU J 103 14.76 32.10 14.48
CA LEU J 103 15.40 33.24 13.83
C LEU J 103 15.41 34.46 14.75
N ALA J 104 14.26 34.77 15.35
CA ALA J 104 14.16 35.92 16.24
C ALA J 104 14.95 35.74 17.53
N ALA J 105 15.24 34.50 17.91
CA ALA J 105 15.91 34.20 19.17
C ALA J 105 17.42 34.36 19.11
N GLY J 106 17.97 34.74 17.96
CA GLY J 106 19.39 35.00 17.88
C GLY J 106 19.82 36.17 18.76
N THR J 107 21.12 36.26 18.97
CA THR J 107 21.67 37.36 19.75
C THR J 107 21.28 38.70 19.11
N PRO J 108 20.80 39.67 19.89
CA PRO J 108 20.41 40.97 19.30
C PRO J 108 21.54 41.57 18.50
N GLY J 109 21.19 42.18 17.37
CA GLY J 109 22.16 42.69 16.44
C GLY J 109 22.78 41.68 15.50
N MET J 110 22.58 40.38 15.73
CA MET J 110 23.18 39.33 14.92
C MET J 110 22.12 38.44 14.27
N ARG J 111 20.95 39.00 13.98
CA ARG J 111 19.87 38.27 13.35
C ARG J 111 19.77 38.72 11.89
N HIS J 112 19.98 37.79 10.96
CA HIS J 112 20.19 38.11 9.55
C HIS J 112 19.15 37.42 8.67
N SER J 113 18.91 38.01 7.52
CA SER J 113 18.16 37.38 6.45
C SER J 113 18.73 37.83 5.12
N LEU J 114 18.68 36.93 4.15
CA LEU J 114 19.01 37.29 2.78
C LEU J 114 17.79 37.93 2.12
N PRO J 115 17.98 38.61 0.97
CA PRO J 115 16.93 39.55 0.52
C PRO J 115 15.60 38.91 0.16
N ASN J 116 15.57 37.69 -0.38
CA ASN J 116 14.34 37.10 -0.90
C ASN J 116 13.71 36.09 0.06
N SER J 117 14.17 36.01 1.30
CA SER J 117 13.56 35.10 2.25
C SER J 117 12.12 35.52 2.56
N ARG J 118 11.34 34.55 3.06
CA ARG J 118 9.99 34.80 3.54
C ARG J 118 9.91 34.41 5.02
N ILE J 119 9.28 35.26 5.82
CA ILE J 119 9.19 35.05 7.27
C ILE J 119 7.72 35.02 7.68
N MET J 120 7.35 34.04 8.50
CA MET J 120 5.99 33.92 9.00
C MET J 120 6.01 33.57 10.48
N ILE J 121 5.30 34.35 11.28
CA ILE J 121 5.12 34.03 12.70
C ILE J 121 3.77 33.38 12.98
N HIS J 122 2.83 33.47 12.05
CA HIS J 122 1.58 32.72 12.13
C HIS J 122 1.86 31.23 12.27
N GLN J 123 1.03 30.55 13.05
CA GLN J 123 1.19 29.11 13.26
C GLN J 123 0.11 28.36 12.51
N PRO J 124 0.44 27.55 11.49
CA PRO J 124 -0.56 26.70 10.86
C PRO J 124 -0.92 25.50 11.72
N ILE J 137 -3.25 16.30 22.66
CA ILE J 137 -3.19 17.44 23.57
C ILE J 137 -4.57 18.07 23.78
N GLN J 138 -4.89 18.42 25.02
CA GLN J 138 -6.18 19.00 25.37
C GLN J 138 -6.26 20.47 24.94
N ALA J 139 -7.45 21.05 25.12
CA ALA J 139 -7.70 22.41 24.65
C ALA J 139 -6.90 23.42 25.44
N GLU J 140 -6.99 23.36 26.78
CA GLU J 140 -6.18 24.24 27.62
C GLU J 140 -4.70 24.08 27.33
N GLU J 141 -4.26 22.87 26.99
CA GLU J 141 -2.83 22.64 26.79
C GLU J 141 -2.36 23.30 25.50
N ILE J 142 -3.17 23.20 24.44
CA ILE J 142 -2.84 23.86 23.18
C ILE J 142 -2.74 25.36 23.40
N MET J 143 -3.59 25.91 24.26
CA MET J 143 -3.55 27.34 24.50
C MET J 143 -2.35 27.74 25.36
N LYS J 144 -1.91 26.87 26.27
CA LYS J 144 -0.72 27.16 27.05
C LYS J 144 0.51 27.28 26.15
N LEU J 145 0.63 26.39 25.15
CA LEU J 145 1.74 26.47 24.20
C LEU J 145 1.67 27.75 23.36
N LYS J 146 0.45 28.14 22.97
CA LYS J 146 0.31 29.36 22.19
C LYS J 146 0.77 30.57 23.00
N LYS J 147 0.41 30.63 24.29
CA LYS J 147 0.85 31.75 25.12
C LYS J 147 2.36 31.71 25.35
N GLN J 148 2.94 30.52 25.48
CA GLN J 148 4.39 30.44 25.55
C GLN J 148 5.02 31.05 24.29
N LEU J 149 4.41 30.81 23.13
CA LEU J 149 4.94 31.38 21.89
C LEU J 149 4.74 32.89 21.85
N TYR J 150 3.59 33.37 22.36
CA TYR J 150 3.37 34.80 22.45
C TYR J 150 4.47 35.47 23.28
N ASN J 151 4.77 34.89 24.44
CA ASN J 151 5.78 35.48 25.32
C ASN J 151 7.14 35.53 24.65
N ILE J 152 7.54 34.42 24.00
CA ILE J 152 8.87 34.34 23.41
C ILE J 152 9.01 35.34 22.26
N TYR J 153 8.00 35.41 21.40
CA TYR J 153 8.01 36.40 20.33
C TYR J 153 8.06 37.82 20.88
N ALA J 154 7.22 38.11 21.88
CA ALA J 154 7.22 39.44 22.50
C ALA J 154 8.59 39.77 23.09
N LYS J 155 9.24 38.80 23.73
CA LYS J 155 10.53 39.05 24.37
C LYS J 155 11.58 39.43 23.34
N HIS J 156 11.63 38.73 22.22
CA HIS J 156 12.73 38.90 21.28
C HIS J 156 12.45 39.91 20.18
N THR J 157 11.18 40.15 19.84
CA THR J 157 10.84 41.26 18.96
C THR J 157 10.65 42.57 19.69
N LYS J 158 10.55 42.55 21.03
CA LYS J 158 10.31 43.74 21.83
C LYS J 158 9.01 44.43 21.43
N GLN J 159 8.01 43.63 21.07
CA GLN J 159 6.65 44.10 20.87
C GLN J 159 5.77 43.65 22.02
N SER J 160 4.62 44.31 22.14
CA SER J 160 3.66 43.97 23.18
C SER J 160 2.95 42.66 22.82
N LEU J 161 2.41 42.01 23.86
CA LEU J 161 1.66 40.78 23.62
C LEU J 161 0.47 41.01 22.71
N GLN J 162 -0.14 42.20 22.78
CA GLN J 162 -1.29 42.47 21.93
C GLN J 162 -0.89 42.64 20.48
N VAL J 163 0.32 43.17 20.23
CA VAL J 163 0.79 43.28 18.86
C VAL J 163 1.16 41.91 18.32
N ILE J 164 1.73 41.06 19.17
CA ILE J 164 2.11 39.71 18.74
C ILE J 164 0.88 38.86 18.46
N GLU J 165 -0.07 38.82 19.41
CA GLU J 165 -1.28 38.02 19.24
C GLU J 165 -2.04 38.43 17.99
N SER J 166 -2.13 39.74 17.75
CA SER J 166 -2.83 40.23 16.58
C SER J 166 -2.09 39.85 15.29
N ALA J 167 -0.76 40.02 15.28
CA ALA J 167 0.01 39.73 14.07
C ALA J 167 0.02 38.25 13.75
N MET J 168 0.12 37.40 14.78
CA MET J 168 0.12 35.95 14.59
C MET J 168 -1.22 35.42 14.09
N GLU J 169 -2.30 36.20 14.24
CA GLU J 169 -3.60 35.78 13.77
C GLU J 169 -3.73 35.88 12.25
N ARG J 170 -2.86 36.66 11.62
CA ARG J 170 -2.89 36.92 10.19
C ARG J 170 -2.08 35.85 9.45
N ASP J 171 -2.72 35.19 8.49
CA ASP J 171 -2.08 34.10 7.75
C ASP J 171 -1.34 34.72 6.56
N ARG J 172 -0.12 35.19 6.84
CA ARG J 172 0.66 35.89 5.83
C ARG J 172 2.13 35.75 6.12
N TYR J 173 2.95 35.99 5.09
CA TYR J 173 4.39 36.07 5.23
C TYR J 173 4.82 37.53 5.21
N MET J 174 6.01 37.76 5.77
CA MET J 174 6.66 39.06 5.74
C MET J 174 7.90 39.00 4.85
N SER J 175 8.20 40.14 4.23
CA SER J 175 9.51 40.29 3.60
C SER J 175 10.58 40.46 4.66
N PRO J 176 11.85 40.27 4.30
CA PRO J 176 12.91 40.52 5.29
C PRO J 176 12.88 41.93 5.85
N MET J 177 12.63 42.94 5.01
CA MET J 177 12.58 44.31 5.52
C MET J 177 11.43 44.49 6.50
N GLU J 178 10.28 43.89 6.20
CA GLU J 178 9.15 43.97 7.10
C GLU J 178 9.42 43.22 8.40
N ALA J 179 10.18 42.12 8.33
CA ALA J 179 10.54 41.39 9.54
C ALA J 179 11.56 42.17 10.37
N GLN J 180 12.42 42.94 9.69
CA GLN J 180 13.33 43.81 10.42
C GLN J 180 12.55 44.93 11.14
N GLU J 181 11.53 45.58 10.52
CA GLU J 181 10.84 46.54 11.38
C GLU J 181 10.02 45.89 12.47
N PHE J 182 9.55 44.70 12.25
CA PHE J 182 8.76 44.14 13.32
C PHE J 182 9.63 43.72 14.49
N GLY J 183 10.93 43.57 14.29
CA GLY J 183 11.82 43.19 15.35
C GLY J 183 12.24 41.74 15.33
N ILE J 184 11.92 41.00 14.28
CA ILE J 184 12.29 39.59 14.23
C ILE J 184 13.76 39.44 13.90
N LEU J 185 14.30 40.30 13.05
CA LEU J 185 15.69 40.24 12.64
C LEU J 185 16.25 41.65 12.60
N ASP J 186 17.58 41.72 12.49
CA ASP J 186 18.29 42.99 12.58
C ASP J 186 18.85 43.48 11.26
N LYS J 187 19.28 42.58 10.38
CA LYS J 187 19.96 42.99 9.16
C LYS J 187 19.49 42.14 7.98
N VAL J 188 19.26 42.81 6.86
CA VAL J 188 18.99 42.18 5.56
C VAL J 188 20.18 42.48 4.67
N LEU J 189 20.95 41.45 4.35
CA LEU J 189 22.23 41.61 3.66
C LEU J 189 22.13 41.01 2.26
N VAL J 190 22.59 41.77 1.27
CA VAL J 190 22.68 41.27 -0.10
C VAL J 190 24.06 40.69 -0.37
N HIS J 191 25.10 41.32 0.17
CA HIS J 191 26.49 40.86 0.12
C HIS J 191 27.09 41.03 1.51
N PRO J 192 28.24 40.42 1.82
CA PRO J 192 28.84 40.67 3.13
C PRO J 192 29.32 42.08 3.23
N PRO J 193 29.33 42.69 4.43
CA PRO J 193 29.68 44.09 4.58
C PRO J 193 31.19 44.31 4.73
N PRO K 1 18.30 10.97 8.91
CA PRO K 1 19.02 12.24 8.85
C PRO K 1 20.54 12.05 8.90
N LEU K 2 21.28 12.89 8.19
CA LEU K 2 22.73 12.81 8.22
C LEU K 2 23.25 13.26 9.58
N ILE K 3 24.08 12.43 10.19
CA ILE K 3 24.59 12.67 11.53
C ILE K 3 26.03 13.15 11.41
N PRO K 4 26.37 14.32 11.95
CA PRO K 4 27.69 14.90 11.73
C PRO K 4 28.78 14.23 12.55
N ILE K 5 30.00 14.37 12.06
CA ILE K 5 31.20 13.81 12.68
C ILE K 5 31.98 14.96 13.30
N VAL K 6 32.45 14.74 14.53
CA VAL K 6 33.27 15.72 15.23
C VAL K 6 34.57 15.04 15.63
N VAL K 7 35.61 15.85 15.82
CA VAL K 7 36.94 15.36 16.13
C VAL K 7 37.39 15.90 17.47
N GLU K 8 37.87 15.02 18.33
CA GLU K 8 38.40 15.37 19.65
C GLU K 8 39.92 15.25 19.66
N GLU K 14 44.25 12.88 17.39
CA GLU K 14 42.90 13.26 16.98
C GLU K 14 42.05 12.03 16.63
N ARG K 15 40.88 11.94 17.24
CA ARG K 15 39.92 10.87 16.98
C ARG K 15 38.61 11.46 16.51
N ALA K 16 37.93 10.76 15.61
CA ALA K 16 36.71 11.25 14.99
C ALA K 16 35.56 10.31 15.28
N TYR K 17 34.49 10.88 15.80
CA TYR K 17 33.27 10.15 16.05
C TYR K 17 32.05 10.87 15.58
N ASP K 18 30.96 10.14 15.52
CA ASP K 18 29.68 10.76 15.26
C ASP K 18 29.24 11.49 16.52
N ILE K 19 28.47 12.56 16.32
CA ILE K 19 28.25 13.48 17.43
C ILE K 19 27.53 12.81 18.60
N TYR K 20 26.70 11.79 18.31
CA TYR K 20 26.04 11.08 19.40
C TYR K 20 27.03 10.22 20.18
N SER K 21 27.97 9.57 19.49
CA SER K 21 29.01 8.83 20.20
C SER K 21 29.90 9.77 21.01
N ARG K 22 30.13 10.99 20.50
CA ARG K 22 30.88 11.97 21.26
C ARG K 22 30.09 12.42 22.49
N LEU K 23 28.77 12.53 22.36
CA LEU K 23 27.93 12.86 23.51
C LEU K 23 28.05 11.80 24.60
N LEU K 24 28.17 10.52 24.20
CA LEU K 24 28.29 9.45 25.19
C LEU K 24 29.59 9.57 25.98
N ARG K 25 30.60 10.08 25.34
CA ARG K 25 31.86 10.28 25.95
C ARG K 25 31.76 11.40 26.98
N GLU K 26 30.82 12.31 26.84
CA GLU K 26 30.58 13.33 27.84
C GLU K 26 29.61 12.84 28.91
N ARG K 27 29.42 11.52 28.98
CA ARG K 27 28.55 10.90 29.98
C ARG K 27 27.11 11.41 29.85
N ILE K 28 26.69 11.65 28.62
CA ILE K 28 25.33 12.09 28.32
C ILE K 28 24.62 10.97 27.56
N VAL K 29 23.47 10.55 28.10
CA VAL K 29 22.62 9.53 27.50
C VAL K 29 21.31 10.18 27.08
N CYS K 30 20.88 9.91 25.85
CA CYS K 30 19.66 10.49 25.30
C CYS K 30 18.52 9.50 25.44
N VAL K 31 17.41 9.97 25.98
CA VAL K 31 16.13 9.26 26.00
C VAL K 31 15.20 10.11 25.13
N MET K 32 15.09 9.73 23.88
CA MET K 32 14.66 10.62 22.82
C MET K 32 13.56 9.95 22.00
N GLY K 33 12.42 10.62 21.89
CA GLY K 33 11.29 10.04 21.18
C GLY K 33 10.58 8.94 21.97
N PRO K 34 9.71 8.17 21.29
CA PRO K 34 8.94 7.12 22.00
C PRO K 34 9.85 6.01 22.52
N ILE K 35 9.58 5.58 23.75
CA ILE K 35 10.39 4.57 24.42
C ILE K 35 9.81 3.19 24.13
N ASP K 36 10.61 2.33 23.51
CA ASP K 36 10.26 0.92 23.30
C ASP K 36 11.41 0.05 23.80
N ASP K 37 11.24 -1.27 23.67
CA ASP K 37 12.28 -2.21 24.11
C ASP K 37 13.63 -1.89 23.48
N SER K 38 13.62 -1.45 22.22
CA SER K 38 14.87 -1.14 21.54
C SER K 38 15.57 0.06 22.17
N VAL K 39 14.81 1.13 22.47
CA VAL K 39 15.38 2.29 23.15
C VAL K 39 15.87 1.93 24.54
N ALA K 40 15.08 1.16 25.30
CA ALA K 40 15.47 0.84 26.66
C ALA K 40 16.82 0.13 26.70
N SER K 41 16.99 -0.82 25.79
CA SER K 41 18.20 -1.62 25.71
C SER K 41 19.41 -0.75 25.43
N LEU K 42 19.26 0.21 24.52
CA LEU K 42 20.35 1.13 24.22
C LEU K 42 20.69 1.98 25.42
N VAL K 43 19.66 2.50 26.09
CA VAL K 43 19.88 3.32 27.27
C VAL K 43 20.52 2.47 28.38
N ILE K 44 19.98 1.28 28.61
CA ILE K 44 20.51 0.39 29.65
C ILE K 44 21.97 0.04 29.36
N ALA K 45 22.27 -0.32 28.11
CA ALA K 45 23.65 -0.60 27.72
C ALA K 45 24.55 0.59 28.00
N GLN K 46 24.11 1.79 27.64
CA GLN K 46 24.93 2.97 27.89
C GLN K 46 25.12 3.21 29.38
N LEU K 47 24.06 3.02 30.18
CA LEU K 47 24.16 3.22 31.62
C LEU K 47 25.16 2.26 32.26
N LEU K 48 25.12 0.98 31.86
CA LEU K 48 26.10 0.02 32.38
C LEU K 48 27.51 0.37 31.95
N PHE K 49 27.65 0.89 30.72
CA PHE K 49 28.97 1.27 30.23
C PHE K 49 29.53 2.45 31.02
N LEU K 50 28.70 3.49 31.21
CA LEU K 50 29.18 4.71 31.87
C LEU K 50 29.51 4.47 33.33
N GLN K 51 28.79 3.57 34.00
CA GLN K 51 29.12 3.28 35.40
C GLN K 51 30.43 2.52 35.54
N SER K 52 30.81 1.70 34.60
CA SER K 52 32.05 1.03 34.77
C SER K 52 33.19 2.01 34.69
N GLU K 53 33.08 2.88 33.71
CA GLU K 53 34.04 3.90 33.35
C GLU K 53 34.08 5.17 34.19
N SER K 54 33.82 5.07 35.47
CA SER K 54 33.84 6.25 36.29
C SER K 54 34.03 5.94 37.71
N ASN K 55 34.61 6.92 38.36
CA ASN K 55 34.82 6.87 39.75
C ASN K 55 33.67 7.72 40.27
N LYS K 56 32.47 7.22 40.03
CA LYS K 56 31.26 7.85 40.45
C LYS K 56 30.98 9.23 39.92
N LYS K 57 31.44 9.54 38.72
CA LYS K 57 31.13 10.83 38.14
C LYS K 57 29.72 10.75 37.60
N PRO K 58 29.00 11.82 37.67
CA PRO K 58 27.59 11.78 37.29
C PRO K 58 27.36 11.41 35.83
N ILE K 59 26.16 10.89 35.58
CA ILE K 59 25.66 10.58 34.25
C ILE K 59 24.52 11.53 33.95
N HIS K 60 24.55 12.14 32.77
CA HIS K 60 23.52 13.07 32.34
C HIS K 60 22.52 12.34 31.45
N MET K 61 21.25 12.44 31.79
CA MET K 61 20.17 11.79 31.04
C MET K 61 19.32 12.88 30.39
N TYR K 62 19.44 13.00 29.07
CA TYR K 62 18.72 13.98 28.28
C TYR K 62 17.38 13.38 27.91
N ILE K 63 16.29 14.00 28.36
CA ILE K 63 14.96 13.44 28.20
C ILE K 63 14.13 14.41 27.36
N ASN K 64 13.74 13.97 26.16
CA ASN K 64 12.77 14.64 25.31
C ASN K 64 11.92 13.53 24.69
N SER K 65 10.91 13.09 25.44
CA SER K 65 10.14 11.91 25.09
C SER K 65 8.66 12.12 25.40
N PRO K 66 7.77 11.64 24.52
CA PRO K 66 6.34 11.66 24.83
C PRO K 66 5.87 10.47 25.64
N GLY K 67 6.76 9.52 25.96
CA GLY K 67 6.41 8.34 26.69
C GLY K 67 6.77 7.08 25.92
N GLY K 68 6.02 6.02 26.17
CA GLY K 68 6.20 4.79 25.43
C GLY K 68 5.73 3.60 26.25
N VAL K 69 6.28 2.44 25.90
CA VAL K 69 5.85 1.18 26.49
C VAL K 69 6.27 1.13 27.95
N VAL K 70 5.36 0.71 28.83
CA VAL K 70 5.59 0.79 30.27
C VAL K 70 6.75 -0.10 30.68
N THR K 71 6.75 -1.36 30.23
CA THR K 71 7.79 -2.28 30.68
C THR K 71 9.17 -1.82 30.21
N ALA K 72 9.26 -1.21 29.03
CA ALA K 72 10.54 -0.65 28.59
C ALA K 72 10.95 0.52 29.46
N GLY K 73 10.01 1.39 29.79
CA GLY K 73 10.30 2.47 30.71
C GLY K 73 10.76 1.96 32.08
N LEU K 74 10.07 0.95 32.60
CA LEU K 74 10.47 0.40 33.89
C LEU K 74 11.84 -0.26 33.82
N ALA K 75 12.19 -0.86 32.67
CA ALA K 75 13.52 -1.42 32.50
C ALA K 75 14.59 -0.34 32.65
N ILE K 76 14.35 0.84 32.07
CA ILE K 76 15.28 1.95 32.24
C ILE K 76 15.28 2.42 33.68
N TYR K 77 14.10 2.54 34.29
CA TYR K 77 14.00 2.98 35.68
C TYR K 77 14.80 2.08 36.61
N ASP K 78 14.56 0.76 36.53
CA ASP K 78 15.26 -0.17 37.42
C ASP K 78 16.77 -0.07 37.22
N THR K 79 17.22 0.10 35.98
CA THR K 79 18.65 0.20 35.72
C THR K 79 19.22 1.49 36.29
N MET K 80 18.44 2.57 36.24
CA MET K 80 18.89 3.81 36.87
C MET K 80 19.11 3.61 38.36
N GLN K 81 18.18 2.92 39.02
CA GLN K 81 18.33 2.64 40.44
C GLN K 81 19.45 1.61 40.66
N TYR K 82 19.59 0.66 39.74
CA TYR K 82 20.54 -0.44 39.92
C TYR K 82 21.98 0.06 39.92
N ILE K 83 22.33 0.87 38.94
CA ILE K 83 23.69 1.41 38.94
C ILE K 83 23.77 2.39 40.09
N LEU K 84 24.92 2.40 40.72
CA LEU K 84 25.06 3.20 41.88
C LEU K 84 25.85 4.40 41.58
N ASN K 85 25.31 5.17 40.68
CA ASN K 85 25.87 6.40 40.22
C ASN K 85 24.87 7.50 40.30
N PRO K 86 25.31 8.72 40.40
CA PRO K 86 24.41 9.85 40.42
C PRO K 86 23.95 10.11 39.01
N ILE K 87 22.68 10.36 38.84
CA ILE K 87 22.14 10.54 37.50
C ILE K 87 21.46 11.90 37.48
N CYS K 88 21.93 12.80 36.64
CA CYS K 88 21.25 14.07 36.41
C CYS K 88 20.28 13.89 35.26
N THR K 89 19.01 14.21 35.51
CA THR K 89 18.00 14.18 34.47
C THR K 89 17.76 15.60 33.96
N TRP K 90 17.62 15.72 32.66
CA TRP K 90 17.47 17.02 32.00
C TRP K 90 16.27 16.94 31.08
N CYS K 91 15.19 17.61 31.44
CA CYS K 91 14.00 17.67 30.60
C CYS K 91 14.10 18.86 29.66
N VAL K 92 14.16 18.56 28.36
CA VAL K 92 14.23 19.56 27.30
C VAL K 92 13.17 19.23 26.27
N GLY K 93 12.34 20.20 25.95
CA GLY K 93 11.20 19.91 25.09
C GLY K 93 10.01 19.42 25.90
N GLN K 94 10.01 18.13 26.21
CA GLN K 94 8.92 17.57 27.01
C GLN K 94 9.35 16.25 27.62
N ALA K 95 8.69 15.90 28.74
CA ALA K 95 8.81 14.58 29.34
C ALA K 95 7.39 14.19 29.79
N ALA K 96 6.76 13.34 29.01
CA ALA K 96 5.39 12.91 29.27
C ALA K 96 5.38 11.40 29.48
N SER K 97 4.42 10.95 30.30
CA SER K 97 4.20 9.53 30.55
C SER K 97 5.50 8.93 31.12
N MET K 98 6.03 7.85 30.56
CA MET K 98 7.23 7.23 31.10
C MET K 98 8.41 8.19 31.09
N GLY K 99 8.41 9.16 30.18
CA GLY K 99 9.46 10.16 30.17
C GLY K 99 9.53 10.94 31.46
N SER K 100 8.38 11.33 32.01
CA SER K 100 8.37 12.06 33.27
C SER K 100 8.76 11.18 34.44
N LEU K 101 8.47 9.87 34.36
CA LEU K 101 8.90 8.95 35.42
C LEU K 101 10.42 8.87 35.48
N LEU K 102 11.06 8.76 34.32
CA LEU K 102 12.52 8.76 34.28
C LEU K 102 13.08 10.09 34.79
N LEU K 103 12.44 11.20 34.40
CA LEU K 103 12.88 12.51 34.87
C LEU K 103 12.86 12.59 36.39
N ALA K 104 11.74 12.17 37.00
CA ALA K 104 11.63 12.21 38.46
C ALA K 104 12.53 11.19 39.15
N ALA K 105 12.99 10.17 38.44
CA ALA K 105 13.81 9.11 39.03
C ALA K 105 15.28 9.50 39.13
N GLY K 106 15.65 10.70 38.71
CA GLY K 106 17.03 11.14 38.85
C GLY K 106 17.42 11.26 40.32
N THR K 107 18.72 11.30 40.53
CA THR K 107 19.25 11.48 41.88
C THR K 107 18.71 12.77 42.48
N PRO K 108 18.24 12.76 43.73
CA PRO K 108 17.69 13.99 44.33
C PRO K 108 18.68 15.12 44.27
N GLY K 109 18.17 16.33 44.00
CA GLY K 109 19.01 17.46 43.77
C GLY K 109 19.57 17.55 42.35
N MET K 110 19.43 16.51 41.54
CA MET K 110 20.01 16.50 40.21
C MET K 110 18.97 16.31 39.12
N ARG K 111 17.74 16.77 39.36
CA ARG K 111 16.67 16.70 38.38
C ARG K 111 16.40 18.09 37.83
N HIS K 112 16.61 18.26 36.52
CA HIS K 112 16.64 19.56 35.87
C HIS K 112 15.59 19.67 34.78
N SER K 113 15.18 20.91 34.50
CA SER K 113 14.37 21.22 33.34
C SER K 113 14.76 22.60 32.83
N LEU K 114 14.70 22.76 31.52
CA LEU K 114 14.86 24.07 30.91
C LEU K 114 13.52 24.80 30.92
N PRO K 115 13.52 26.13 30.73
CA PRO K 115 12.35 26.92 31.14
C PRO K 115 11.05 26.59 30.42
N ASN K 116 11.10 26.21 29.14
CA ASN K 116 9.87 26.05 28.36
C ASN K 116 9.46 24.60 28.18
N SER K 117 10.08 23.66 28.90
CA SER K 117 9.69 22.26 28.81
C SER K 117 8.25 22.06 29.32
N ARG K 118 7.67 20.93 28.91
CA ARG K 118 6.37 20.51 29.40
C ARG K 118 6.51 19.15 30.07
N ILE K 119 5.89 18.97 31.22
CA ILE K 119 5.97 17.74 31.98
C ILE K 119 4.56 17.21 32.20
N MET K 120 4.37 15.91 31.95
CA MET K 120 3.09 15.26 32.13
C MET K 120 3.29 13.91 32.79
N ILE K 121 2.57 13.65 33.89
CA ILE K 121 2.56 12.34 34.52
C ILE K 121 1.33 11.52 34.15
N HIS K 122 0.30 12.16 33.59
CA HIS K 122 -0.83 11.43 33.03
C HIS K 122 -0.36 10.43 31.97
N GLN K 123 -1.02 9.28 31.92
CA GLN K 123 -0.70 8.23 30.96
C GLN K 123 -1.78 8.18 29.90
N PRO K 124 -1.47 8.47 28.63
CA PRO K 124 -2.46 8.29 27.57
C PRO K 124 -2.65 6.81 27.22
N ILE K 137 -2.49 -7.65 27.04
CA ILE K 137 -2.46 -7.66 28.51
C ILE K 137 -3.89 -7.50 29.01
N GLN K 138 -4.23 -8.31 30.02
CA GLN K 138 -5.56 -8.32 30.64
C GLN K 138 -5.73 -7.11 31.52
N ALA K 139 -6.94 -6.97 32.08
CA ALA K 139 -7.28 -5.79 32.86
C ALA K 139 -6.51 -5.72 34.17
N GLU K 140 -6.53 -6.79 34.96
CA GLU K 140 -5.79 -6.80 36.22
C GLU K 140 -4.32 -6.51 35.99
N GLU K 141 -3.81 -6.96 34.85
CA GLU K 141 -2.40 -6.89 34.58
C GLU K 141 -2.02 -5.44 34.24
N ILE K 142 -2.90 -4.75 33.51
CA ILE K 142 -2.76 -3.31 33.25
C ILE K 142 -2.84 -2.50 34.53
N MET K 143 -3.72 -2.91 35.45
CA MET K 143 -3.89 -2.16 36.69
C MET K 143 -2.71 -2.35 37.63
N LYS K 144 -2.08 -3.52 37.61
CA LYS K 144 -0.89 -3.74 38.41
C LYS K 144 0.24 -2.81 37.98
N LEU K 145 0.40 -2.62 36.66
CA LEU K 145 1.44 -1.72 36.17
C LEU K 145 1.15 -0.28 36.55
N LYS K 146 -0.12 0.11 36.56
CA LYS K 146 -0.48 1.46 36.95
C LYS K 146 -0.10 1.73 38.41
N LYS K 147 -0.35 0.76 39.31
CA LYS K 147 0.05 0.96 40.71
C LYS K 147 1.57 1.00 40.84
N GLN K 148 2.27 0.19 40.05
CA GLN K 148 3.72 0.26 40.01
C GLN K 148 4.17 1.67 39.64
N LEU K 149 3.44 2.31 38.73
CA LEU K 149 3.77 3.69 38.38
C LEU K 149 3.42 4.63 39.52
N TYR K 150 2.28 4.39 40.18
CA TYR K 150 1.89 5.17 41.35
C TYR K 150 2.96 5.13 42.43
N ASN K 151 3.44 3.92 42.74
CA ASN K 151 4.43 3.76 43.80
C ASN K 151 5.73 4.48 43.46
N ILE K 152 6.19 4.35 42.20
CA ILE K 152 7.46 4.96 41.81
C ILE K 152 7.37 6.47 41.86
N TYR K 153 6.28 7.03 41.33
CA TYR K 153 6.09 8.48 41.40
C TYR K 153 6.06 8.95 42.84
N ALA K 154 5.25 8.29 43.68
CA ALA K 154 5.15 8.67 45.08
C ALA K 154 6.52 8.66 45.77
N LYS K 155 7.33 7.64 45.48
CA LYS K 155 8.64 7.52 46.13
C LYS K 155 9.53 8.71 45.82
N HIS K 156 9.58 9.13 44.56
CA HIS K 156 10.57 10.11 44.11
C HIS K 156 10.07 11.55 44.19
N THR K 157 8.77 11.78 44.08
CA THR K 157 8.21 13.10 44.35
C THR K 157 7.94 13.33 45.83
N LYS K 158 7.94 12.29 46.63
CA LYS K 158 7.62 12.36 48.07
C LYS K 158 6.23 12.95 48.30
N GLN K 159 5.31 12.63 47.40
CA GLN K 159 3.90 12.92 47.56
C GLN K 159 3.16 11.65 47.94
N SER K 160 1.96 11.82 48.49
CA SER K 160 1.17 10.67 48.86
C SER K 160 0.63 9.99 47.62
N LEU K 161 0.27 8.71 47.78
CA LEU K 161 -0.27 7.95 46.67
C LEU K 161 -1.56 8.57 46.16
N GLN K 162 -2.33 9.20 47.04
CA GLN K 162 -3.60 9.80 46.63
C GLN K 162 -3.37 11.07 45.81
N VAL K 163 -2.29 11.80 46.10
CA VAL K 163 -1.97 12.97 45.29
C VAL K 163 -1.51 12.54 43.90
N ILE K 164 -0.78 11.43 43.83
CA ILE K 164 -0.32 10.92 42.55
C ILE K 164 -1.49 10.38 41.73
N GLU K 165 -2.31 9.52 42.34
CA GLU K 165 -3.47 8.98 41.64
C GLU K 165 -4.37 10.10 41.13
N SER K 166 -4.60 11.11 41.96
CA SER K 166 -5.45 12.22 41.56
C SER K 166 -4.81 13.02 40.44
N ALA K 167 -3.52 13.33 40.56
CA ALA K 167 -2.86 14.14 39.54
C ALA K 167 -2.76 13.40 38.22
N MET K 168 -2.43 12.10 38.27
CA MET K 168 -2.33 11.33 37.03
C MET K 168 -3.67 11.18 36.34
N GLU K 169 -4.77 11.46 37.06
CA GLU K 169 -6.07 11.30 36.43
C GLU K 169 -6.45 12.46 35.51
N ARG K 170 -5.76 13.59 35.64
CA ARG K 170 -5.98 14.76 34.82
C ARG K 170 -5.02 14.85 33.64
N ASP K 171 -5.58 15.03 32.46
CA ASP K 171 -4.86 15.06 31.19
C ASP K 171 -4.40 16.49 30.96
N ARG K 172 -3.24 16.80 31.55
CA ARG K 172 -2.70 18.15 31.50
C ARG K 172 -1.18 18.05 31.60
N TYR K 173 -0.53 19.11 31.15
CA TYR K 173 0.91 19.26 31.36
C TYR K 173 1.13 20.28 32.47
N MET K 174 2.27 20.18 33.15
CA MET K 174 2.68 21.18 34.12
C MET K 174 3.91 21.90 33.59
N SER K 175 4.05 23.15 33.98
CA SER K 175 5.26 23.89 33.70
C SER K 175 6.41 23.34 34.52
N PRO K 176 7.66 23.66 34.15
CA PRO K 176 8.79 23.19 34.96
C PRO K 176 8.72 23.63 36.42
N MET K 177 8.28 24.86 36.70
CA MET K 177 8.18 25.30 38.08
C MET K 177 7.07 24.53 38.82
N GLU K 178 5.95 24.21 38.14
CA GLU K 178 4.96 23.37 38.80
C GLU K 178 5.49 21.97 39.02
N ALA K 179 6.36 21.49 38.13
CA ALA K 179 6.96 20.18 38.34
C ALA K 179 7.96 20.22 39.49
N GLN K 180 8.65 21.36 39.69
CA GLN K 180 9.55 21.49 40.85
C GLN K 180 8.77 21.52 42.17
N GLU K 181 7.63 22.27 42.24
CA GLU K 181 6.77 22.22 43.40
C GLU K 181 6.17 20.85 43.60
N PHE K 182 5.85 20.15 42.51
CA PHE K 182 5.20 18.87 42.65
C PHE K 182 6.16 17.81 43.13
N GLY K 183 7.46 18.02 42.94
CA GLY K 183 8.46 17.07 43.36
C GLY K 183 9.06 16.23 42.25
N ILE K 184 8.73 16.52 40.98
CA ILE K 184 9.27 15.74 39.88
C ILE K 184 10.71 16.16 39.57
N LEU K 185 11.01 17.45 39.71
CA LEU K 185 12.34 17.93 39.43
C LEU K 185 12.75 18.94 40.51
N ASP K 186 14.04 19.24 40.54
CA ASP K 186 14.63 20.07 41.57
C ASP K 186 15.01 21.46 41.10
N LYS K 187 15.39 21.63 39.84
CA LYS K 187 15.94 22.89 39.37
C LYS K 187 15.40 23.24 37.99
N VAL K 188 15.01 24.50 37.82
CA VAL K 188 14.67 25.08 36.52
C VAL K 188 15.73 26.11 36.19
N LEU K 189 16.56 25.82 35.19
CA LEU K 189 17.72 26.63 34.88
C LEU K 189 17.54 27.33 33.54
N VAL K 190 17.79 28.64 33.51
CA VAL K 190 17.78 29.38 32.27
C VAL K 190 19.18 29.45 31.67
N HIS K 191 20.20 29.56 32.52
CA HIS K 191 21.60 29.46 32.15
C HIS K 191 22.28 28.57 33.19
N PRO K 192 23.50 28.09 32.93
CA PRO K 192 24.19 27.28 33.92
C PRO K 192 24.58 28.15 35.14
N PRO K 193 24.56 27.56 36.34
CA PRO K 193 24.84 28.33 37.56
C PRO K 193 26.33 28.40 37.89
N PRO L 1 17.40 3.48 14.79
CA PRO L 1 17.89 3.80 16.13
C PRO L 1 19.36 3.68 16.05
N LEU L 2 20.08 4.77 15.88
CA LEU L 2 21.53 4.69 15.72
C LEU L 2 22.22 4.17 16.92
N ILE L 3 23.15 3.28 16.69
CA ILE L 3 23.91 2.63 17.71
C ILE L 3 25.19 3.35 17.90
N PRO L 4 25.44 3.79 19.09
CA PRO L 4 26.68 4.55 19.35
C PRO L 4 27.89 3.63 19.40
N ILE L 5 29.04 4.22 19.09
CA ILE L 5 30.28 3.45 19.12
C ILE L 5 31.16 3.93 20.27
N VAL L 6 31.92 2.99 20.84
CA VAL L 6 32.66 3.19 22.09
C VAL L 6 34.12 2.77 21.90
N VAL L 7 35.03 3.44 22.61
CA VAL L 7 36.45 3.08 22.56
C VAL L 7 36.88 2.23 23.76
N GLU L 8 37.62 1.18 23.45
CA GLU L 8 38.33 0.39 24.43
C GLU L 8 39.83 0.54 24.22
N GLN L 9 40.57 0.51 25.32
CA GLN L 9 42.03 0.54 25.32
C GLN L 9 42.54 -0.89 25.39
N THR L 10 43.43 -1.26 24.48
CA THR L 10 43.90 -2.63 24.38
C THR L 10 45.35 -2.78 24.81
N GLY L 13 46.96 -0.31 21.96
CA GLY L 13 46.25 0.76 21.28
C GLY L 13 44.78 0.86 21.64
N GLU L 14 44.01 1.54 20.79
CA GLU L 14 42.58 1.73 21.00
C GLU L 14 41.80 0.95 19.95
N ARG L 15 40.68 0.37 20.37
CA ARG L 15 39.73 -0.28 19.47
C ARG L 15 38.37 0.37 19.61
N ALA L 16 37.67 0.52 18.49
CA ALA L 16 36.35 1.13 18.47
C ALA L 16 35.31 0.05 18.19
N TYR L 17 34.34 -0.08 19.10
CA TYR L 17 33.25 -1.02 18.91
C TYR L 17 31.92 -0.28 18.88
N ASP L 18 30.91 -0.94 18.34
CA ASP L 18 29.55 -0.55 18.60
C ASP L 18 29.18 -1.04 19.99
N ILE L 19 28.28 -0.30 20.65
CA ILE L 19 28.11 -0.53 22.08
C ILE L 19 27.65 -1.96 22.37
N TYR L 20 26.89 -2.58 21.46
CA TYR L 20 26.47 -3.96 21.67
C TYR L 20 27.63 -4.93 21.54
N SER L 21 28.52 -4.70 20.57
CA SER L 21 29.71 -5.53 20.45
C SER L 21 30.62 -5.36 21.66
N ARG L 22 30.68 -4.15 22.22
CA ARG L 22 31.41 -3.95 23.45
C ARG L 22 30.75 -4.67 24.61
N LEU L 23 29.41 -4.71 24.62
CA LEU L 23 28.69 -5.48 25.64
C LEU L 23 29.03 -6.95 25.54
N LEU L 24 29.21 -7.45 24.32
CA LEU L 24 29.58 -8.85 24.13
C LEU L 24 30.95 -9.14 24.76
N ARG L 25 31.86 -8.16 24.74
CA ARG L 25 33.16 -8.33 25.38
C ARG L 25 33.06 -8.40 26.89
N GLU L 26 31.93 -7.98 27.47
CA GLU L 26 31.67 -8.18 28.89
C GLU L 26 30.94 -9.49 29.14
N ARG L 27 30.93 -10.39 28.16
CA ARG L 27 30.28 -11.70 28.26
C ARG L 27 28.79 -11.54 28.53
N ILE L 28 28.18 -10.53 27.94
CA ILE L 28 26.75 -10.26 28.06
C ILE L 28 26.11 -10.45 26.69
N VAL L 29 25.10 -11.32 26.64
CA VAL L 29 24.32 -11.60 25.45
C VAL L 29 22.90 -11.09 25.65
N CYS L 30 22.38 -10.39 24.65
CA CYS L 30 21.07 -9.79 24.73
C CYS L 30 20.04 -10.67 24.05
N VAL L 31 18.96 -10.94 24.75
CA VAL L 31 17.76 -11.52 24.14
C VAL L 31 16.67 -10.48 24.27
N MET L 32 16.46 -9.74 23.20
CA MET L 32 15.47 -8.69 23.20
C MET L 32 14.45 -8.71 22.07
N GLY L 33 13.22 -8.45 22.43
CA GLY L 33 12.10 -8.33 21.59
C GLY L 33 11.70 -9.73 21.28
N PRO L 34 10.90 -9.84 20.24
CA PRO L 34 10.41 -11.14 19.82
C PRO L 34 11.55 -12.04 19.38
N ILE L 35 11.48 -13.31 19.79
CA ILE L 35 12.50 -14.30 19.46
C ILE L 35 12.07 -15.03 18.19
N ASP L 36 12.90 -14.93 17.14
CA ASP L 36 12.68 -15.68 15.91
C ASP L 36 13.96 -16.42 15.56
N ASP L 37 13.92 -17.15 14.43
CA ASP L 37 15.10 -17.91 13.99
C ASP L 37 16.33 -17.02 13.90
N SER L 38 16.15 -15.76 13.48
CA SER L 38 17.27 -14.85 13.33
C SER L 38 17.91 -14.52 14.69
N VAL L 39 17.08 -14.18 15.68
CA VAL L 39 17.59 -13.90 17.03
C VAL L 39 18.27 -15.12 17.61
N ALA L 40 17.64 -16.30 17.48
CA ALA L 40 18.21 -17.51 18.06
C ALA L 40 19.60 -17.79 17.49
N SER L 41 19.74 -17.69 16.16
CA SER L 41 21.03 -17.92 15.53
C SER L 41 22.08 -16.94 16.02
N LEU L 42 21.70 -15.67 16.20
CA LEU L 42 22.64 -14.69 16.72
C LEU L 42 23.02 -15.00 18.15
N VAL L 43 22.04 -15.34 18.99
CA VAL L 43 22.31 -15.67 20.38
C VAL L 43 23.19 -16.92 20.46
N ILE L 44 22.84 -17.95 19.70
CA ILE L 44 23.61 -19.19 19.71
C ILE L 44 25.05 -18.93 19.28
N ALA L 45 25.23 -18.15 18.21
CA ALA L 45 26.57 -17.78 17.77
C ALA L 45 27.37 -17.12 18.90
N GLN L 46 26.74 -16.18 19.62
CA GLN L 46 27.42 -15.51 20.72
C GLN L 46 27.76 -16.48 21.85
N LEU L 47 26.85 -17.41 22.16
CA LEU L 47 27.11 -18.38 23.21
C LEU L 47 28.30 -19.27 22.85
N LEU L 48 28.37 -19.71 21.60
CA LEU L 48 29.49 -20.54 21.15
C LEU L 48 30.81 -19.75 21.18
N PHE L 49 30.75 -18.46 20.85
CA PHE L 49 31.95 -17.65 20.84
C PHE L 49 32.48 -17.45 22.26
N LEU L 50 31.60 -17.08 23.19
CA LEU L 50 32.04 -16.83 24.56
C LEU L 50 32.54 -18.09 25.26
N GLN L 51 31.99 -19.28 24.96
CA GLN L 51 32.53 -20.46 25.63
C GLN L 51 33.92 -20.75 25.10
N SER L 52 34.16 -20.42 23.82
CA SER L 52 35.48 -20.62 23.22
C SER L 52 36.51 -19.73 23.88
N GLU L 53 36.10 -18.52 24.29
CA GLU L 53 37.03 -17.62 24.93
C GLU L 53 37.33 -18.07 26.36
N SER L 54 36.40 -18.80 26.96
CA SER L 54 36.58 -19.47 28.24
C SER L 54 35.34 -20.31 28.51
N ASN L 55 35.53 -21.61 28.76
CA ASN L 55 34.42 -22.50 29.06
C ASN L 55 34.11 -22.55 30.55
N LYS L 56 34.46 -21.50 31.29
CA LYS L 56 34.31 -21.48 32.74
C LYS L 56 33.97 -20.12 33.28
N LYS L 57 34.28 -19.03 32.59
CA LYS L 57 33.82 -17.73 33.03
C LYS L 57 32.32 -17.62 32.75
N PRO L 58 31.55 -17.04 33.67
CA PRO L 58 30.09 -16.99 33.48
C PRO L 58 29.71 -16.17 32.24
N ILE L 59 28.54 -16.50 31.71
CA ILE L 59 27.94 -15.76 30.61
C ILE L 59 26.66 -15.10 31.12
N HIS L 60 26.51 -13.82 30.85
CA HIS L 60 25.34 -13.06 31.27
C HIS L 60 24.34 -12.94 30.12
N MET L 61 23.10 -13.35 30.37
CA MET L 61 22.05 -13.34 29.36
C MET L 61 21.00 -12.31 29.78
N TYR L 62 20.95 -11.21 29.06
CA TYR L 62 20.03 -10.14 29.36
C TYR L 62 18.73 -10.40 28.60
N ILE L 63 17.63 -10.53 29.34
CA ILE L 63 16.34 -10.96 28.78
C ILE L 63 15.32 -9.86 28.98
N ASN L 64 14.86 -9.28 27.87
CA ASN L 64 13.72 -8.36 27.84
C ASN L 64 12.92 -8.71 26.59
N SER L 65 12.07 -9.72 26.69
CA SER L 65 11.42 -10.28 25.52
C SER L 65 9.98 -10.64 25.83
N PRO L 66 9.05 -10.40 24.90
CA PRO L 66 7.66 -10.86 25.08
C PRO L 66 7.42 -12.29 24.66
N GLY L 67 8.45 -12.99 24.15
CA GLY L 67 8.30 -14.34 23.69
C GLY L 67 8.72 -14.48 22.23
N GLY L 68 8.15 -15.45 21.56
CA GLY L 68 8.42 -15.60 20.15
C GLY L 68 8.23 -17.05 19.71
N VAL L 69 8.97 -17.39 18.65
CA VAL L 69 8.84 -18.70 18.02
C VAL L 69 9.35 -19.77 18.98
N VAL L 70 8.57 -20.84 19.14
CA VAL L 70 8.91 -21.87 20.12
C VAL L 70 10.19 -22.59 19.71
N THR L 71 10.28 -23.00 18.45
CA THR L 71 11.47 -23.75 17.99
C THR L 71 12.73 -22.91 18.09
N ALA L 72 12.61 -21.59 17.86
CA ALA L 72 13.76 -20.72 18.03
C ALA L 72 14.15 -20.58 19.50
N GLY L 73 13.15 -20.41 20.38
CA GLY L 73 13.42 -20.38 21.80
C GLY L 73 14.04 -21.67 22.30
N LEU L 74 13.52 -22.82 21.84
CA LEU L 74 14.10 -24.10 22.22
C LEU L 74 15.51 -24.27 21.69
N ALA L 75 15.80 -23.70 20.51
CA ALA L 75 17.16 -23.71 20.00
C ALA L 75 18.11 -23.00 20.96
N ILE L 76 17.69 -21.84 21.49
CA ILE L 76 18.52 -21.15 22.47
C ILE L 76 18.62 -21.97 23.75
N TYR L 77 17.50 -22.53 24.21
CA TYR L 77 17.50 -23.33 25.43
C TYR L 77 18.50 -24.48 25.33
N ASP L 78 18.41 -25.28 24.26
CA ASP L 78 19.31 -26.41 24.09
C ASP L 78 20.77 -25.97 24.08
N THR L 79 21.06 -24.82 23.46
CA THR L 79 22.44 -24.35 23.42
C THR L 79 22.91 -23.90 24.80
N MET L 80 22.01 -23.29 25.58
CA MET L 80 22.36 -22.94 26.96
C MET L 80 22.72 -24.18 27.74
N GLN L 81 21.92 -25.24 27.59
CA GLN L 81 22.28 -26.47 28.28
C GLN L 81 23.55 -27.05 27.71
N TYR L 82 23.72 -26.98 26.39
CA TYR L 82 24.83 -27.68 25.73
C TYR L 82 26.19 -27.18 26.19
N ILE L 83 26.35 -25.86 26.24
CA ILE L 83 27.65 -25.27 26.60
C ILE L 83 27.99 -25.55 28.06
N LEU L 84 29.29 -25.48 28.36
CA LEU L 84 29.84 -25.81 29.67
C LEU L 84 29.86 -24.63 30.64
N ASN L 85 29.50 -23.43 30.20
CA ASN L 85 29.63 -22.28 31.09
C ASN L 85 28.45 -22.17 32.04
N PRO L 86 28.67 -21.56 33.22
CA PRO L 86 27.54 -21.09 34.01
C PRO L 86 26.90 -19.87 33.35
N ILE L 87 25.57 -19.84 33.37
CA ILE L 87 24.80 -18.80 32.69
C ILE L 87 23.97 -18.05 33.71
N CYS L 88 24.23 -16.75 33.84
CA CYS L 88 23.39 -15.87 34.64
C CYS L 88 22.33 -15.25 33.73
N THR L 89 21.07 -15.41 34.11
CA THR L 89 19.95 -14.80 33.39
C THR L 89 19.49 -13.57 34.15
N TRP L 90 19.17 -12.51 33.42
CA TRP L 90 18.78 -11.23 33.98
C TRP L 90 17.50 -10.76 33.32
N CYS L 91 16.39 -10.78 34.06
CA CYS L 91 15.12 -10.29 33.56
C CYS L 91 15.00 -8.79 33.87
N VAL L 92 14.97 -7.97 32.83
CA VAL L 92 14.81 -6.52 32.93
C VAL L 92 13.70 -6.11 31.99
N GLY L 93 12.71 -5.41 32.51
CA GLY L 93 11.52 -5.14 31.72
C GLY L 93 10.49 -6.25 31.84
N GLN L 94 10.66 -7.30 31.04
CA GLN L 94 9.72 -8.42 31.10
C GLN L 94 10.38 -9.65 30.49
N ALA L 95 9.88 -10.82 30.92
CA ALA L 95 10.21 -12.12 30.30
C ALA L 95 8.92 -12.92 30.24
N ALA L 96 8.32 -12.97 29.05
CA ALA L 96 7.06 -13.67 28.84
C ALA L 96 7.23 -14.79 27.82
N SER L 97 6.46 -15.85 27.99
CA SER L 97 6.43 -16.98 27.07
C SER L 97 7.84 -17.58 26.99
N MET L 98 8.43 -17.72 25.80
CA MET L 98 9.75 -18.33 25.69
C MET L 98 10.81 -17.53 26.44
N GLY L 99 10.62 -16.22 26.59
CA GLY L 99 11.57 -15.43 27.34
C GLY L 99 11.70 -15.89 28.78
N SER L 100 10.58 -16.18 29.43
CA SER L 100 10.62 -16.66 30.80
C SER L 100 11.21 -18.06 30.89
N LEU L 101 11.06 -18.86 29.84
CA LEU L 101 11.70 -20.17 29.80
C LEU L 101 13.22 -20.02 29.80
N LEU L 102 13.74 -19.11 28.99
CA LEU L 102 15.18 -18.85 28.99
C LEU L 102 15.63 -18.31 30.33
N LEU L 103 14.85 -17.42 30.95
CA LEU L 103 15.16 -16.90 32.27
C LEU L 103 15.31 -18.04 33.28
N ALA L 104 14.32 -18.94 33.33
CA ALA L 104 14.35 -20.06 34.26
C ALA L 104 15.44 -21.07 33.92
N ALA L 105 15.92 -21.09 32.69
CA ALA L 105 16.91 -22.07 32.27
C ALA L 105 18.34 -21.68 32.67
N GLY L 106 18.52 -20.54 33.33
CA GLY L 106 19.84 -20.18 33.81
C GLY L 106 20.36 -21.15 34.85
N THR L 107 21.66 -21.08 35.07
CA THR L 107 22.30 -21.91 36.08
C THR L 107 21.66 -21.64 37.44
N PRO L 108 21.32 -22.68 38.21
CA PRO L 108 20.67 -22.47 39.51
C PRO L 108 21.47 -21.52 40.40
N GLY L 109 20.75 -20.69 41.14
CA GLY L 109 21.39 -19.67 41.94
C GLY L 109 21.80 -18.43 41.16
N MET L 110 21.74 -18.45 39.83
CA MET L 110 22.21 -17.33 39.00
C MET L 110 21.10 -16.80 38.10
N ARG L 111 19.84 -16.90 38.52
CA ARG L 111 18.71 -16.37 37.77
C ARG L 111 18.19 -15.14 38.49
N HIS L 112 18.27 -14.00 37.82
CA HIS L 112 18.05 -12.69 38.43
C HIS L 112 16.90 -11.96 37.77
N SER L 113 16.28 -11.06 38.53
CA SER L 113 15.32 -10.10 38.01
C SER L 113 15.47 -8.82 38.81
N LEU L 114 15.31 -7.71 38.15
CA LEU L 114 15.26 -6.39 38.77
C LEU L 114 13.83 -6.10 39.24
N PRO L 115 13.61 -5.11 40.12
CA PRO L 115 12.37 -5.11 40.92
C PRO L 115 11.07 -4.97 40.14
N ASN L 116 11.02 -4.21 39.05
CA ASN L 116 9.76 -3.92 38.39
C ASN L 116 9.50 -4.79 37.15
N SER L 117 10.30 -5.83 36.94
CA SER L 117 10.07 -6.72 35.80
C SER L 117 8.75 -7.47 35.93
N ARG L 118 8.24 -7.94 34.80
CA ARG L 118 7.06 -8.79 34.75
C ARG L 118 7.45 -10.12 34.10
N ILE L 119 6.98 -11.23 34.68
CA ILE L 119 7.30 -12.57 34.21
C ILE L 119 6.00 -13.31 33.92
N MET L 120 5.94 -13.97 32.77
CA MET L 120 4.77 -14.75 32.40
C MET L 120 5.22 -16.08 31.79
N ILE L 121 4.67 -17.17 32.32
CA ILE L 121 4.89 -18.49 31.72
C ILE L 121 3.74 -18.92 30.82
N HIS L 122 2.59 -18.26 30.93
CA HIS L 122 1.51 -18.46 29.97
C HIS L 122 1.99 -18.20 28.54
N GLN L 123 1.49 -18.99 27.60
CA GLN L 123 1.85 -18.85 26.19
C GLN L 123 0.68 -18.25 25.42
N PRO L 124 0.81 -17.04 24.86
CA PRO L 124 -0.26 -16.51 24.00
C PRO L 124 -0.25 -17.17 22.62
N ILE L 137 1.51 -25.84 11.17
CA ILE L 137 1.65 -26.94 12.13
C ILE L 137 0.29 -27.54 12.53
N GLN L 138 0.21 -28.87 12.59
CA GLN L 138 -1.03 -29.52 12.97
C GLN L 138 -1.27 -29.42 14.47
N ALA L 139 -2.46 -29.87 14.90
CA ALA L 139 -2.86 -29.72 16.29
C ALA L 139 -2.01 -30.59 17.20
N GLU L 140 -1.83 -31.87 16.83
CA GLU L 140 -0.99 -32.76 17.63
C GLU L 140 0.42 -32.21 17.77
N GLU L 141 1.02 -31.61 16.76
CA GLU L 141 2.38 -31.13 16.95
C GLU L 141 2.40 -29.89 17.83
N ILE L 142 1.41 -29.07 17.70
CA ILE L 142 1.34 -27.93 18.61
C ILE L 142 1.37 -28.40 20.06
N MET L 143 0.66 -29.50 20.37
CA MET L 143 0.67 -30.02 21.73
C MET L 143 1.99 -30.70 22.08
N LYS L 144 2.65 -31.33 21.12
CA LYS L 144 3.96 -31.93 21.43
C LYS L 144 4.94 -30.85 21.86
N LEU L 145 4.88 -29.67 21.22
CA LEU L 145 5.70 -28.56 21.67
C LEU L 145 5.27 -28.07 23.05
N LYS L 146 3.96 -28.08 23.32
CA LYS L 146 3.47 -27.65 24.63
C LYS L 146 3.98 -28.56 25.73
N LYS L 147 3.99 -29.88 25.51
CA LYS L 147 4.49 -30.80 26.53
C LYS L 147 5.99 -30.62 26.74
N GLN L 148 6.74 -30.36 25.65
CA GLN L 148 8.16 -30.07 25.79
C GLN L 148 8.39 -28.86 26.69
N LEU L 149 7.53 -27.86 26.57
CA LEU L 149 7.65 -26.67 27.42
C LEU L 149 7.29 -27.00 28.86
N TYR L 150 6.27 -27.85 29.06
CA TYR L 150 5.90 -28.29 30.42
C TYR L 150 7.08 -28.94 31.13
N ASN L 151 7.74 -29.90 30.46
CA ASN L 151 8.85 -30.60 31.11
C ASN L 151 10.00 -29.64 31.42
N ILE L 152 10.34 -28.76 30.47
CA ILE L 152 11.47 -27.86 30.68
C ILE L 152 11.20 -26.95 31.87
N TYR L 153 9.99 -26.38 31.96
CA TYR L 153 9.63 -25.58 33.12
C TYR L 153 9.68 -26.41 34.40
N ALA L 154 9.09 -27.61 34.37
CA ALA L 154 9.09 -28.49 35.54
C ALA L 154 10.51 -28.81 36.00
N LYS L 155 11.40 -29.09 35.04
CA LYS L 155 12.78 -29.44 35.37
C LYS L 155 13.48 -28.32 36.12
N HIS L 156 13.29 -27.07 35.68
CA HIS L 156 14.06 -25.95 36.21
C HIS L 156 13.35 -25.22 37.34
N THR L 157 12.02 -25.29 37.41
CA THR L 157 11.28 -24.77 38.56
C THR L 157 11.20 -25.76 39.72
N LYS L 158 11.50 -27.03 39.47
CA LYS L 158 11.33 -28.09 40.47
C LYS L 158 9.89 -28.14 40.98
N GLN L 159 8.95 -27.85 40.09
CA GLN L 159 7.52 -28.03 40.33
C GLN L 159 7.01 -29.24 39.57
N SER L 160 5.85 -29.73 39.99
CA SER L 160 5.23 -30.87 39.33
C SER L 160 4.60 -30.46 38.00
N LEU L 161 4.40 -31.46 37.13
CA LEU L 161 3.73 -31.21 35.85
C LEU L 161 2.31 -30.70 36.05
N GLN L 162 1.67 -31.08 37.16
CA GLN L 162 0.34 -30.58 37.47
C GLN L 162 0.33 -29.11 37.84
N VAL L 163 1.35 -28.64 38.55
CA VAL L 163 1.38 -27.23 38.89
C VAL L 163 1.75 -26.39 37.68
N ILE L 164 2.63 -26.90 36.82
CA ILE L 164 3.07 -26.13 35.64
C ILE L 164 1.94 -25.97 34.64
N GLU L 165 1.31 -27.08 34.27
CA GLU L 165 0.20 -26.99 33.33
C GLU L 165 -0.93 -26.10 33.86
N SER L 166 -1.35 -26.20 35.13
CA SER L 166 -2.48 -25.32 35.44
C SER L 166 -2.02 -23.86 35.51
N ALA L 167 -0.79 -23.58 36.01
CA ALA L 167 -0.31 -22.19 36.11
C ALA L 167 -0.15 -21.58 34.73
N MET L 168 0.39 -22.34 33.76
CA MET L 168 0.59 -21.81 32.41
C MET L 168 -0.72 -21.50 31.71
N GLU L 169 -1.82 -22.07 32.18
CA GLU L 169 -3.14 -21.82 31.62
C GLU L 169 -3.71 -20.49 32.07
N ARG L 170 -3.17 -19.92 33.14
CA ARG L 170 -3.67 -18.67 33.69
C ARG L 170 -3.01 -17.51 32.96
N ASP L 171 -3.81 -16.63 32.38
CA ASP L 171 -3.29 -15.54 31.56
C ASP L 171 -2.98 -14.37 32.48
N ARG L 172 -1.80 -14.43 33.08
CA ARG L 172 -1.39 -13.44 34.07
C ARG L 172 0.13 -13.35 34.09
N TYR L 173 0.61 -12.23 34.63
CA TYR L 173 2.02 -12.03 34.92
C TYR L 173 2.27 -12.20 36.41
N MET L 174 3.52 -12.51 36.75
CA MET L 174 3.97 -12.57 38.13
C MET L 174 4.93 -11.44 38.42
N SER L 175 4.95 -11.03 39.69
CA SER L 175 6.00 -10.16 40.17
C SER L 175 7.31 -10.93 40.25
N PRO L 176 8.45 -10.24 40.33
CA PRO L 176 9.72 -10.96 40.49
C PRO L 176 9.78 -11.84 41.72
N MET L 177 9.28 -11.37 42.86
CA MET L 177 9.29 -12.19 44.07
C MET L 177 8.37 -13.39 43.92
N GLU L 178 7.23 -13.21 43.25
CA GLU L 178 6.32 -14.33 43.01
C GLU L 178 6.93 -15.34 42.06
N ALA L 179 7.75 -14.88 41.11
CA ALA L 179 8.45 -15.79 40.22
C ALA L 179 9.57 -16.54 40.95
N GLN L 180 10.19 -15.89 41.92
CA GLN L 180 11.22 -16.54 42.73
C GLN L 180 10.65 -17.68 43.59
N GLU L 181 9.54 -17.45 44.27
CA GLU L 181 9.03 -18.49 45.15
C GLU L 181 8.53 -19.66 44.29
N PHE L 182 8.04 -19.38 43.08
CA PHE L 182 7.57 -20.40 42.14
C PHE L 182 8.74 -21.21 41.57
N GLY L 183 9.97 -20.67 41.59
CA GLY L 183 11.12 -21.38 41.07
C GLY L 183 11.64 -20.94 39.72
N ILE L 184 11.13 -19.84 39.16
CA ILE L 184 11.61 -19.39 37.85
C ILE L 184 12.95 -18.68 37.98
N LEU L 185 13.13 -17.92 39.06
CA LEU L 185 14.37 -17.17 39.25
C LEU L 185 14.78 -17.28 40.72
N ASP L 186 16.01 -16.87 40.99
CA ASP L 186 16.61 -17.02 42.31
C ASP L 186 16.74 -15.72 43.08
N LYS L 187 16.96 -14.60 42.40
CA LYS L 187 17.25 -13.35 43.10
C LYS L 187 16.53 -12.16 42.48
N VAL L 188 15.98 -11.31 43.34
CA VAL L 188 15.46 -9.99 42.99
C VAL L 188 16.36 -8.96 43.65
N LEU L 189 17.10 -8.24 42.83
CA LEU L 189 18.14 -7.31 43.27
C LEU L 189 17.69 -5.91 42.92
N VAL L 190 17.86 -4.98 43.86
CA VAL L 190 17.58 -3.59 43.56
C VAL L 190 18.84 -2.88 43.10
N HIS L 191 19.97 -3.20 43.74
CA HIS L 191 21.33 -2.82 43.39
C HIS L 191 22.24 -4.04 43.54
N PRO L 192 23.47 -4.02 43.02
CA PRO L 192 24.34 -5.18 43.19
C PRO L 192 24.76 -5.33 44.63
N PRO L 193 25.04 -6.57 45.08
CA PRO L 193 25.42 -6.84 46.46
C PRO L 193 26.92 -6.67 46.69
N LEU M 2 21.11 -6.17 13.71
CA LEU M 2 22.38 -5.65 14.25
C LEU M 2 23.29 -6.82 14.61
N ILE M 3 24.41 -6.93 13.92
CA ILE M 3 25.25 -8.12 13.98
C ILE M 3 26.55 -7.74 14.70
N PRO M 4 26.91 -8.44 15.77
CA PRO M 4 28.05 -8.01 16.59
C PRO M 4 29.40 -8.32 15.96
N ILE M 5 30.40 -7.55 16.41
CA ILE M 5 31.77 -7.64 15.93
C ILE M 5 32.60 -8.29 17.03
N VAL M 6 33.38 -9.31 16.66
CA VAL M 6 34.23 -10.04 17.59
C VAL M 6 35.67 -9.92 17.14
N VAL M 7 36.59 -10.03 18.10
CA VAL M 7 38.02 -9.92 17.80
C VAL M 7 38.72 -11.23 18.10
N GLU M 8 39.68 -11.57 17.24
CA GLU M 8 40.49 -12.78 17.34
C GLU M 8 41.95 -12.36 17.46
N GLN M 9 42.69 -13.01 18.35
CA GLN M 9 44.12 -12.79 18.46
C GLN M 9 44.84 -13.83 17.59
N THR M 10 45.69 -13.35 16.68
CA THR M 10 46.19 -14.18 15.60
C THR M 10 47.69 -14.43 15.61
N GLY M 11 48.46 -13.70 16.42
CA GLY M 11 49.90 -13.75 16.38
C GLY M 11 50.53 -12.59 15.66
N ARG M 12 49.83 -12.03 14.66
CA ARG M 12 50.18 -10.75 14.05
C ARG M 12 49.32 -9.62 14.60
N GLY M 13 48.87 -9.75 15.84
CA GLY M 13 47.95 -8.81 16.44
C GLY M 13 46.54 -9.36 16.54
N GLU M 14 45.59 -8.45 16.65
CA GLU M 14 44.18 -8.79 16.74
C GLU M 14 43.46 -8.38 15.46
N ARG M 15 42.56 -9.23 15.00
CA ARG M 15 41.71 -8.96 13.84
C ARG M 15 40.26 -8.95 14.29
N ALA M 16 39.45 -8.10 13.67
CA ALA M 16 38.04 -7.97 14.02
C ALA M 16 37.17 -8.46 12.88
N TYR M 17 36.22 -9.35 13.19
CA TYR M 17 35.26 -9.81 12.20
C TYR M 17 33.85 -9.60 12.72
N ASP M 18 32.88 -9.74 11.83
CA ASP M 18 31.50 -9.93 12.23
C ASP M 18 31.35 -11.38 12.67
N ILE M 19 30.42 -11.62 13.60
CA ILE M 19 30.40 -12.92 14.27
C ILE M 19 30.12 -14.05 13.29
N TYR M 20 29.36 -13.79 12.21
CA TYR M 20 29.11 -14.83 11.22
C TYR M 20 30.35 -15.14 10.39
N SER M 21 31.12 -14.10 10.03
CA SER M 21 32.39 -14.35 9.33
C SER M 21 33.37 -15.09 10.24
N ARG M 22 33.35 -14.80 11.54
CA ARG M 22 34.18 -15.54 12.48
C ARG M 22 33.71 -16.98 12.61
N LEU M 23 32.39 -17.21 12.53
CA LEU M 23 31.87 -18.57 12.54
C LEU M 23 32.38 -19.36 11.34
N LEU M 24 32.52 -18.71 10.19
CA LEU M 24 33.05 -19.36 9.01
C LEU M 24 34.50 -19.77 9.21
N ARG M 25 35.26 -19.00 9.99
CA ARG M 25 36.65 -19.34 10.27
C ARG M 25 36.78 -20.59 11.14
N GLU M 26 35.71 -20.98 11.85
CA GLU M 26 35.69 -22.26 12.53
C GLU M 26 35.09 -23.35 11.66
N ARG M 27 35.01 -23.11 10.35
CA ARG M 27 34.50 -24.09 9.39
C ARG M 27 33.05 -24.45 9.67
N ILE M 28 32.26 -23.46 10.10
CA ILE M 28 30.84 -23.64 10.36
C ILE M 28 30.07 -22.78 9.34
N VAL M 29 29.19 -23.43 8.58
CA VAL M 29 28.33 -22.74 7.61
C VAL M 29 26.89 -22.87 8.11
N CYS M 30 26.15 -21.75 8.10
CA CYS M 30 24.80 -21.70 8.65
C CYS M 30 23.79 -21.86 7.51
N VAL M 31 22.73 -22.63 7.74
CA VAL M 31 21.66 -22.79 6.78
C VAL M 31 20.50 -22.35 7.64
N MET M 32 20.08 -21.08 7.54
CA MET M 32 19.05 -20.65 8.47
C MET M 32 17.89 -20.01 7.72
N GLY M 33 16.68 -20.35 8.15
CA GLY M 33 15.49 -19.78 7.56
C GLY M 33 15.18 -20.38 6.21
N PRO M 34 14.28 -19.75 5.46
CA PRO M 34 13.87 -20.32 4.17
C PRO M 34 15.04 -20.38 3.20
N ILE M 35 15.14 -21.51 2.49
CA ILE M 35 16.22 -21.74 1.54
C ILE M 35 15.73 -21.29 0.17
N ASP M 36 16.41 -20.30 -0.41
CA ASP M 36 16.14 -19.87 -1.77
C ASP M 36 17.44 -19.86 -2.55
N ASP M 37 17.36 -19.46 -3.82
CA ASP M 37 18.55 -19.39 -4.66
C ASP M 37 19.65 -18.56 -4.01
N SER M 38 19.27 -17.49 -3.30
CA SER M 38 20.25 -16.64 -2.66
C SER M 38 20.99 -17.38 -1.54
N VAL M 39 20.26 -18.07 -0.66
CA VAL M 39 20.90 -18.84 0.39
C VAL M 39 21.78 -19.95 -0.19
N ALA M 40 21.26 -20.65 -1.21
CA ALA M 40 22.00 -21.77 -1.78
C ALA M 40 23.35 -21.32 -2.33
N SER M 41 23.37 -20.23 -3.08
CA SER M 41 24.62 -19.72 -3.62
C SER M 41 25.61 -19.35 -2.51
N LEU M 42 25.11 -18.76 -1.44
CA LEU M 42 25.98 -18.38 -0.32
C LEU M 42 26.57 -19.61 0.36
N VAL M 43 25.73 -20.62 0.61
CA VAL M 43 26.21 -21.85 1.24
C VAL M 43 27.23 -22.54 0.34
N ILE M 44 26.91 -22.64 -0.95
CA ILE M 44 27.81 -23.29 -1.91
C ILE M 44 29.15 -22.57 -1.95
N ALA M 45 29.13 -21.24 -2.02
CA ALA M 45 30.37 -20.46 -2.00
C ALA M 45 31.20 -20.78 -0.76
N GLN M 46 30.57 -20.84 0.41
CA GLN M 46 31.29 -21.14 1.65
C GLN M 46 31.85 -22.56 1.61
N LEU M 47 31.08 -23.52 1.10
CA LEU M 47 31.56 -24.90 1.02
C LEU M 47 32.78 -25.00 0.12
N LEU M 48 32.75 -24.33 -1.03
CA LEU M 48 33.91 -24.34 -1.92
C LEU M 48 35.11 -23.67 -1.26
N PHE M 49 34.86 -22.61 -0.48
CA PHE M 49 35.93 -21.90 0.19
C PHE M 49 36.58 -22.77 1.27
N LEU M 50 35.74 -23.41 2.10
CA LEU M 50 36.27 -24.21 3.20
C LEU M 50 37.06 -25.41 2.68
N GLN M 51 36.66 -25.94 1.53
CA GLN M 51 37.38 -27.05 0.91
C GLN M 51 38.75 -26.61 0.42
N SER M 52 38.85 -25.38 -0.10
CA SER M 52 40.13 -24.89 -0.57
C SER M 52 41.11 -24.71 0.58
N GLU M 53 40.59 -24.37 1.76
CA GLU M 53 41.45 -24.17 2.93
C GLU M 53 41.92 -25.51 3.48
N SER M 54 41.16 -26.58 3.23
CA SER M 54 41.54 -27.96 3.54
C SER M 54 40.47 -28.89 3.01
N ASN M 55 40.83 -29.88 2.18
CA ASN M 55 39.88 -30.85 1.66
C ASN M 55 39.73 -32.06 2.56
N LYS M 56 40.04 -31.92 3.84
CA LYS M 56 40.06 -33.05 4.77
C LYS M 56 39.63 -32.68 6.17
N LYS M 57 39.73 -31.42 6.57
CA LYS M 57 39.18 -31.01 7.85
C LYS M 57 37.66 -30.96 7.74
N PRO M 58 36.94 -31.39 8.77
CA PRO M 58 35.48 -31.45 8.67
C PRO M 58 34.87 -30.05 8.50
N ILE M 59 33.68 -30.02 7.92
CA ILE M 59 32.89 -28.82 7.79
C ILE M 59 31.61 -29.01 8.61
N HIS M 60 31.28 -28.02 9.43
CA HIS M 60 30.09 -28.06 10.27
C HIS M 60 28.98 -27.27 9.60
N MET M 61 27.83 -27.91 9.41
CA MET M 61 26.67 -27.30 8.78
C MET M 61 25.58 -27.13 9.84
N TYR M 62 25.34 -25.88 10.25
CA TYR M 62 24.35 -25.55 11.26
C TYR M 62 23.00 -25.38 10.56
N ILE M 63 22.02 -26.19 10.91
CA ILE M 63 20.75 -26.23 10.19
C ILE M 63 19.62 -25.82 11.14
N ASN M 64 18.98 -24.67 10.84
CA ASN M 64 17.74 -24.25 11.50
C ASN M 64 16.86 -23.65 10.41
N SER M 65 16.14 -24.50 9.69
CA SER M 65 15.43 -24.06 8.51
C SER M 65 14.06 -24.74 8.39
N PRO M 66 13.03 -24.00 7.99
CA PRO M 66 11.73 -24.62 7.73
C PRO M 66 11.61 -25.23 6.33
N GLY M 67 12.65 -25.11 5.50
CA GLY M 67 12.62 -25.62 4.14
C GLY M 67 12.92 -24.51 3.14
N GLY M 68 12.38 -24.68 1.95
CA GLY M 68 12.50 -23.66 0.92
C GLY M 68 12.39 -24.26 -0.47
N VAL M 69 12.98 -23.56 -1.43
CA VAL M 69 12.88 -23.96 -2.83
C VAL M 69 13.66 -25.25 -3.05
N VAL M 70 13.03 -26.21 -3.73
CA VAL M 70 13.63 -27.55 -3.86
C VAL M 70 14.91 -27.50 -4.67
N THR M 71 14.88 -26.84 -5.84
CA THR M 71 16.07 -26.82 -6.68
C THR M 71 17.23 -26.12 -5.99
N ALA M 72 16.94 -25.12 -5.15
CA ALA M 72 17.98 -24.49 -4.35
C ALA M 72 18.53 -25.45 -3.31
N GLY M 73 17.63 -26.17 -2.62
CA GLY M 73 18.08 -27.21 -1.70
C GLY M 73 18.90 -28.29 -2.38
N LEU M 74 18.45 -28.72 -3.56
CA LEU M 74 19.21 -29.72 -4.31
C LEU M 74 20.56 -29.19 -4.73
N ALA M 75 20.64 -27.89 -5.03
CA ALA M 75 21.94 -27.28 -5.33
C ALA M 75 22.90 -27.43 -4.16
N ILE M 76 22.41 -27.20 -2.93
CA ILE M 76 23.25 -27.39 -1.76
C ILE M 76 23.60 -28.86 -1.58
N TYR M 77 22.62 -29.75 -1.76
CA TYR M 77 22.86 -31.18 -1.61
C TYR M 77 23.95 -31.67 -2.55
N ASP M 78 23.81 -31.37 -3.85
CA ASP M 78 24.80 -31.81 -4.83
C ASP M 78 26.20 -31.30 -4.47
N THR M 79 26.29 -30.07 -3.95
CA THR M 79 27.59 -29.51 -3.59
C THR M 79 28.15 -30.20 -2.35
N MET M 80 27.29 -30.59 -1.41
CA MET M 80 27.75 -31.35 -0.25
C MET M 80 28.33 -32.69 -0.70
N GLN M 81 27.65 -33.37 -1.64
CA GLN M 81 28.20 -34.60 -2.21
C GLN M 81 29.47 -34.34 -3.01
N TYR M 82 29.52 -33.20 -3.71
CA TYR M 82 30.61 -32.97 -4.65
C TYR M 82 31.95 -32.79 -3.94
N ILE M 83 31.97 -31.96 -2.89
CA ILE M 83 33.22 -31.68 -2.18
C ILE M 83 33.70 -32.93 -1.45
N LEU M 84 35.01 -32.98 -1.20
CA LEU M 84 35.63 -34.16 -0.64
C LEU M 84 35.64 -34.17 0.88
N ASN M 85 35.18 -33.12 1.52
CA ASN M 85 35.29 -33.02 2.96
C ASN M 85 34.21 -33.85 3.66
N PRO M 86 34.49 -34.33 4.87
CA PRO M 86 33.41 -34.81 5.74
C PRO M 86 32.60 -33.62 6.23
N ILE M 87 31.29 -33.79 6.25
CA ILE M 87 30.37 -32.70 6.60
C ILE M 87 29.57 -33.15 7.82
N CYS M 88 29.71 -32.40 8.92
CA CYS M 88 28.90 -32.62 10.10
C CYS M 88 27.67 -31.74 10.01
N THR M 89 26.49 -32.34 10.10
CA THR M 89 25.24 -31.61 10.11
C THR M 89 24.73 -31.51 11.53
N TRP M 90 24.21 -30.34 11.89
CA TRP M 90 23.75 -30.06 13.25
C TRP M 90 22.35 -29.44 13.17
N CYS M 91 21.35 -30.20 13.59
CA CYS M 91 19.99 -29.69 13.63
C CYS M 91 19.73 -29.02 14.98
N VAL M 92 19.50 -27.71 14.95
CA VAL M 92 19.18 -26.91 16.13
C VAL M 92 17.93 -26.10 15.84
N GLY M 93 16.93 -26.23 16.69
CA GLY M 93 15.64 -25.63 16.41
C GLY M 93 14.76 -26.56 15.59
N GLN M 94 14.95 -26.57 14.27
CA GLN M 94 14.18 -27.45 13.42
C GLN M 94 14.89 -27.66 12.10
N ALA M 95 14.56 -28.79 11.46
CA ALA M 95 14.97 -29.07 10.08
C ALA M 95 13.77 -29.72 9.39
N ALA M 96 13.04 -28.92 8.61
CA ALA M 96 11.84 -29.37 7.93
C ALA M 96 12.02 -29.24 6.42
N SER M 97 11.36 -30.15 5.69
CA SER M 97 11.35 -30.14 4.22
C SER M 97 12.78 -30.26 3.72
N MET M 98 13.26 -29.36 2.86
CA MET M 98 14.62 -29.45 2.34
C MET M 98 15.65 -29.37 3.45
N GLY M 99 15.31 -28.73 4.57
CA GLY M 99 16.22 -28.68 5.69
C GLY M 99 16.58 -30.04 6.23
N SER M 100 15.58 -30.93 6.36
CA SER M 100 15.86 -32.28 6.83
C SER M 100 16.63 -33.08 5.79
N LEU M 101 16.44 -32.78 4.51
CA LEU M 101 17.22 -33.45 3.47
C LEU M 101 18.69 -33.13 3.62
N LEU M 102 19.02 -31.84 3.84
CA LEU M 102 20.41 -31.47 4.06
C LEU M 102 20.96 -32.10 5.33
N LEU M 103 20.15 -32.14 6.39
CA LEU M 103 20.56 -32.78 7.63
C LEU M 103 20.92 -34.25 7.38
N ALA M 104 20.04 -34.98 6.71
CA ALA M 104 20.29 -36.40 6.43
C ALA M 104 21.42 -36.59 5.43
N ALA M 105 21.74 -35.58 4.64
CA ALA M 105 22.78 -35.71 3.63
C ALA M 105 24.18 -35.55 4.21
N GLY M 106 24.30 -35.31 5.52
CA GLY M 106 25.60 -35.26 6.13
C GLY M 106 26.31 -36.60 6.04
N THR M 107 27.62 -36.54 6.23
CA THR M 107 28.46 -37.74 6.21
C THR M 107 27.98 -38.72 7.27
N PRO M 108 27.86 -40.02 6.95
CA PRO M 108 27.38 -40.98 7.95
C PRO M 108 28.23 -40.92 9.22
N GLY M 109 27.56 -41.06 10.37
CA GLY M 109 28.21 -40.89 11.64
C GLY M 109 28.38 -39.45 12.09
N MET M 110 28.12 -38.47 11.22
CA MET M 110 28.35 -37.07 11.55
C MET M 110 27.07 -36.24 11.40
N ARG M 111 25.91 -36.85 11.62
CA ARG M 111 24.63 -36.16 11.58
C ARG M 111 24.10 -36.02 13.01
N HIS M 112 23.97 -34.77 13.47
CA HIS M 112 23.71 -34.47 14.87
C HIS M 112 22.40 -33.69 15.01
N SER M 113 21.81 -33.79 16.19
CA SER M 113 20.69 -32.94 16.59
C SER M 113 20.76 -32.68 18.08
N LEU M 114 20.34 -31.48 18.48
CA LEU M 114 20.20 -31.17 19.89
C LEU M 114 18.85 -31.67 20.38
N PRO M 115 18.64 -31.77 21.70
CA PRO M 115 17.54 -32.62 22.21
C PRO M 115 16.14 -32.16 21.82
N ASN M 116 15.88 -30.85 21.73
CA ASN M 116 14.52 -30.36 21.54
C ASN M 116 14.21 -29.96 20.09
N SER M 117 15.07 -30.30 19.14
CA SER M 117 14.82 -29.98 17.74
C SER M 117 13.61 -30.72 17.20
N ARG M 118 13.08 -30.20 16.10
CA ARG M 118 12.00 -30.85 15.37
C ARG M 118 12.48 -31.16 13.94
N ILE M 119 12.16 -32.36 13.47
CA ILE M 119 12.55 -32.81 12.13
C ILE M 119 11.31 -33.23 11.38
N MET M 120 11.18 -32.76 10.14
CA MET M 120 10.08 -33.09 9.27
C MET M 120 10.60 -33.37 7.88
N ILE M 121 10.24 -34.53 7.33
CA ILE M 121 10.56 -34.85 5.95
C ILE M 121 9.36 -34.60 5.03
N HIS M 122 8.17 -34.46 5.60
CA HIS M 122 7.00 -34.04 4.83
C HIS M 122 7.26 -32.71 4.14
N GLN M 123 6.74 -32.56 2.93
CA GLN M 123 6.89 -31.34 2.16
C GLN M 123 5.58 -30.58 2.14
N PRO M 124 5.49 -29.40 2.77
CA PRO M 124 4.26 -28.59 2.67
C PRO M 124 4.13 -27.91 1.31
N ILE M 137 5.83 -24.25 -12.92
CA ILE M 137 6.20 -25.65 -13.10
C ILE M 137 4.97 -26.53 -13.30
N GLN M 138 5.01 -27.45 -14.26
CA GLN M 138 3.91 -28.36 -14.49
C GLN M 138 3.89 -29.52 -13.48
N ALA M 139 2.87 -30.33 -13.56
CA ALA M 139 2.62 -31.45 -12.66
C ALA M 139 3.64 -32.54 -12.86
N GLU M 140 3.90 -32.91 -14.11
CA GLU M 140 4.92 -33.90 -14.37
C GLU M 140 6.25 -33.47 -13.74
N GLU M 141 6.55 -32.18 -13.78
CA GLU M 141 7.81 -31.68 -13.23
C GLU M 141 7.78 -31.67 -11.70
N ILE M 142 6.64 -31.29 -11.10
CA ILE M 142 6.54 -31.33 -9.65
C ILE M 142 6.77 -32.75 -9.14
N MET M 143 6.29 -33.73 -9.90
CA MET M 143 6.46 -35.12 -9.48
C MET M 143 7.88 -35.62 -9.67
N LYS M 144 8.57 -35.16 -10.73
CA LYS M 144 9.94 -35.60 -10.97
C LYS M 144 10.86 -35.17 -9.83
N LEU M 145 10.69 -33.93 -9.35
CA LEU M 145 11.46 -33.45 -8.21
C LEU M 145 11.10 -34.16 -6.93
N LYS M 146 9.81 -34.41 -6.73
CA LYS M 146 9.39 -35.22 -5.60
C LYS M 146 10.02 -36.60 -5.65
N LYS M 147 10.07 -37.21 -6.86
CA LYS M 147 10.66 -38.55 -6.98
C LYS M 147 12.16 -38.45 -6.65
N GLN M 148 12.81 -37.34 -7.07
CA GLN M 148 14.22 -37.11 -6.73
C GLN M 148 14.44 -37.00 -5.25
N LEU M 149 13.48 -36.39 -4.54
CA LEU M 149 13.58 -36.31 -3.09
C LEU M 149 13.41 -37.69 -2.45
N TYR M 150 12.52 -38.51 -3.02
CA TYR M 150 12.36 -39.87 -2.54
C TYR M 150 13.69 -40.62 -2.58
N ASN M 151 14.38 -40.54 -3.72
CA ASN M 151 15.65 -41.27 -3.89
C ASN M 151 16.70 -40.79 -2.91
N ILE M 152 16.83 -39.48 -2.75
CA ILE M 152 17.87 -38.92 -1.87
C ILE M 152 17.61 -39.33 -0.42
N TYR M 153 16.37 -39.23 0.03
CA TYR M 153 16.04 -39.67 1.39
C TYR M 153 16.31 -41.16 1.56
N ALA M 154 15.87 -41.98 0.61
CA ALA M 154 16.11 -43.41 0.71
C ALA M 154 17.60 -43.72 0.80
N LYS M 155 18.42 -43.01 0.01
CA LYS M 155 19.84 -43.33 -0.03
C LYS M 155 20.53 -43.05 1.29
N HIS M 156 20.20 -41.94 1.95
CA HIS M 156 20.92 -41.51 3.13
C HIS M 156 20.30 -42.02 4.42
N THR M 157 19.00 -42.29 4.42
CA THR M 157 18.36 -42.98 5.53
C THR M 157 18.45 -44.49 5.42
N LYS M 158 18.80 -45.03 4.26
CA LYS M 158 18.89 -46.47 4.04
C LYS M 158 17.56 -47.17 4.32
N GLN M 159 16.47 -46.48 3.99
CA GLN M 159 15.14 -47.05 4.08
C GLN M 159 14.63 -47.37 2.68
N SER M 160 13.59 -48.19 2.61
CA SER M 160 13.04 -48.47 1.31
C SER M 160 12.28 -47.27 0.79
N LEU M 161 12.12 -47.24 -0.53
CA LEU M 161 11.45 -46.15 -1.19
C LEU M 161 9.97 -46.06 -0.77
N GLN M 162 9.32 -47.17 -0.48
CA GLN M 162 7.90 -47.01 -0.23
C GLN M 162 7.72 -46.68 1.28
N VAL M 163 8.73 -47.00 2.11
CA VAL M 163 8.77 -46.52 3.50
C VAL M 163 8.95 -45.01 3.50
N ILE M 164 9.78 -44.50 2.57
CA ILE M 164 9.98 -43.05 2.47
C ILE M 164 8.72 -42.37 1.95
N GLU M 165 8.17 -42.87 0.85
CA GLU M 165 6.98 -42.25 0.27
C GLU M 165 5.83 -42.23 1.27
N SER M 166 5.66 -43.33 2.01
CA SER M 166 4.59 -43.38 3.01
C SER M 166 4.84 -42.39 4.13
N ALA M 167 6.09 -42.30 4.59
CA ALA M 167 6.41 -41.38 5.68
C ALA M 167 6.34 -39.92 5.26
N MET M 168 6.78 -39.58 4.05
CA MET M 168 6.77 -38.17 3.68
C MET M 168 5.33 -37.64 3.48
N GLU M 169 4.34 -38.53 3.33
CA GLU M 169 2.96 -38.10 3.16
C GLU M 169 2.31 -37.65 4.46
N ARG M 170 2.86 -38.05 5.60
CA ARG M 170 2.23 -37.73 6.88
C ARG M 170 2.75 -36.39 7.41
N ASP M 171 1.81 -35.50 7.73
CA ASP M 171 2.11 -34.12 8.09
C ASP M 171 2.38 -34.01 9.59
N ARG M 172 3.61 -34.37 9.97
CA ARG M 172 3.98 -34.27 11.38
C ARG M 172 5.50 -34.18 11.45
N TYR M 173 5.98 -33.78 12.62
CA TYR M 173 7.40 -33.73 12.94
C TYR M 173 7.82 -34.95 13.74
N MET M 174 9.12 -35.22 13.71
CA MET M 174 9.74 -36.27 14.49
C MET M 174 10.59 -35.67 15.60
N SER M 175 10.71 -36.43 16.69
CA SER M 175 11.68 -36.09 17.70
C SER M 175 13.08 -36.44 17.19
N PRO M 176 14.13 -35.88 17.80
CA PRO M 176 15.49 -36.27 17.41
C PRO M 176 15.75 -37.75 17.56
N MET M 177 15.26 -38.37 18.63
CA MET M 177 15.44 -39.81 18.82
C MET M 177 14.74 -40.58 17.72
N GLU M 178 13.55 -40.13 17.34
CA GLU M 178 12.81 -40.77 16.25
C GLU M 178 13.50 -40.54 14.91
N ALA M 179 14.20 -39.41 14.75
CA ALA M 179 14.93 -39.16 13.51
C ALA M 179 16.18 -40.03 13.42
N GLN M 180 16.84 -40.26 14.55
CA GLN M 180 17.93 -41.23 14.59
C GLN M 180 17.39 -42.63 14.34
N GLU M 181 16.22 -42.92 14.89
CA GLU M 181 15.56 -44.20 14.71
C GLU M 181 15.14 -44.43 13.27
N PHE M 182 14.74 -43.36 12.56
CA PHE M 182 14.37 -43.45 11.16
C PHE M 182 15.57 -43.48 10.22
N GLY M 183 16.74 -43.01 10.65
CA GLY M 183 17.91 -42.99 9.80
C GLY M 183 18.31 -41.63 9.26
N ILE M 184 17.66 -40.56 9.72
CA ILE M 184 18.00 -39.21 9.23
C ILE M 184 19.26 -38.68 9.90
N LEU M 185 19.47 -39.00 11.17
CA LEU M 185 20.62 -38.51 11.90
C LEU M 185 21.19 -39.63 12.76
N ASP M 186 22.41 -39.40 13.26
CA ASP M 186 23.16 -40.43 13.97
C ASP M 186 23.28 -40.20 15.47
N LYS M 187 23.32 -38.95 15.92
CA LYS M 187 23.59 -38.68 17.33
C LYS M 187 22.69 -37.57 17.84
N VAL M 188 22.14 -37.78 19.03
CA VAL M 188 21.43 -36.76 19.78
C VAL M 188 22.27 -36.45 21.02
N LEU M 189 22.87 -35.26 21.06
CA LEU M 189 23.81 -34.87 22.11
C LEU M 189 23.21 -33.77 22.96
N VAL M 190 23.34 -33.89 24.26
CA VAL M 190 22.89 -32.86 25.19
C VAL M 190 24.01 -31.89 25.55
N HIS M 191 25.23 -32.46 25.60
CA HIS M 191 26.55 -31.86 25.84
C HIS M 191 27.56 -32.51 24.88
N PRO M 192 28.77 -31.98 24.72
CA PRO M 192 29.67 -32.63 23.75
C PRO M 192 30.23 -33.95 24.27
N LEU N 2 23.15 -10.92 4.43
CA LEU N 2 24.41 -10.77 5.16
C LEU N 2 25.49 -11.64 4.52
N ILE N 3 26.48 -11.01 3.91
CA ILE N 3 27.47 -11.69 3.09
C ILE N 3 28.77 -11.79 3.88
N PRO N 4 29.31 -12.99 4.07
CA PRO N 4 30.46 -13.15 4.97
C PRO N 4 31.76 -12.66 4.36
N ILE N 5 32.71 -12.37 5.25
CA ILE N 5 34.04 -11.89 4.90
C ILE N 5 35.02 -13.02 5.14
N VAL N 6 35.91 -13.25 4.17
CA VAL N 6 36.95 -14.26 4.29
C VAL N 6 38.30 -13.56 4.24
N VAL N 7 39.27 -14.15 4.94
CA VAL N 7 40.62 -13.60 5.04
C VAL N 7 41.60 -14.59 4.43
N GLU N 8 42.48 -14.09 3.57
CA GLU N 8 43.60 -14.86 3.06
C GLU N 8 44.89 -14.29 3.63
N GLN N 9 45.77 -15.10 4.16
CA GLN N 9 47.04 -14.55 4.64
C GLN N 9 48.00 -14.66 3.49
N THR N 10 48.58 -13.54 3.16
CA THR N 10 49.48 -13.40 2.07
C THR N 10 50.82 -12.86 2.49
N GLY N 11 51.84 -13.69 2.46
CA GLY N 11 53.14 -13.25 2.87
C GLY N 11 53.06 -12.80 4.28
N ARG N 12 53.52 -11.60 4.54
CA ARG N 12 53.39 -11.05 5.85
C ARG N 12 51.96 -10.65 6.25
N GLY N 13 51.25 -10.02 5.35
CA GLY N 13 49.90 -9.51 5.60
C GLY N 13 48.64 -10.28 5.33
N GLU N 14 47.49 -9.64 5.56
CA GLU N 14 46.21 -10.25 5.27
C GLU N 14 45.51 -9.47 4.17
N ARG N 15 44.57 -10.12 3.50
CA ARG N 15 43.61 -9.45 2.63
C ARG N 15 42.24 -10.01 2.93
N ALA N 16 41.28 -9.11 3.15
CA ALA N 16 39.91 -9.48 3.46
C ALA N 16 39.02 -9.12 2.28
N TYR N 17 38.26 -10.09 1.79
CA TYR N 17 37.26 -9.82 0.78
C TYR N 17 35.91 -10.29 1.27
N ASP N 18 34.86 -9.87 0.57
CA ASP N 18 33.59 -10.52 0.69
C ASP N 18 33.65 -11.80 -0.13
N ILE N 19 32.86 -12.80 0.28
CA ILE N 19 33.06 -14.13 -0.29
C ILE N 19 32.81 -14.14 -1.79
N TYR N 20 31.91 -13.27 -2.28
CA TYR N 20 31.66 -13.22 -3.72
C TYR N 20 32.84 -12.58 -4.46
N SER N 21 33.45 -11.55 -3.88
CA SER N 21 34.64 -10.95 -4.50
C SER N 21 35.81 -11.93 -4.49
N ARG N 22 35.94 -12.74 -3.44
CA ARG N 22 36.98 -13.76 -3.42
C ARG N 22 36.72 -14.84 -4.46
N LEU N 23 35.44 -15.19 -4.66
CA LEU N 23 35.09 -16.15 -5.69
C LEU N 23 35.47 -15.64 -7.08
N LEU N 24 35.36 -14.33 -7.30
CA LEU N 24 35.77 -13.75 -8.57
C LEU N 24 37.27 -13.91 -8.78
N ARG N 25 38.06 -13.87 -7.71
CA ARG N 25 39.49 -14.09 -7.81
C ARG N 25 39.82 -15.53 -8.19
N GLU N 26 38.86 -16.45 -8.02
CA GLU N 26 39.02 -17.81 -8.51
C GLU N 26 38.47 -17.97 -9.92
N ARG N 27 38.26 -16.85 -10.63
CA ARG N 27 37.76 -16.86 -12.00
C ARG N 27 36.40 -17.55 -12.10
N ILE N 28 35.57 -17.35 -11.08
CA ILE N 28 34.21 -17.90 -11.05
C ILE N 28 33.23 -16.74 -11.09
N VAL N 29 32.34 -16.75 -12.08
CA VAL N 29 31.28 -15.76 -12.26
C VAL N 29 29.93 -16.42 -12.02
N CYS N 30 29.07 -15.77 -11.25
CA CYS N 30 27.76 -16.29 -10.91
C CYS N 30 26.70 -15.66 -11.80
N VAL N 31 25.87 -16.51 -12.40
CA VAL N 31 24.64 -16.10 -13.09
C VAL N 31 23.51 -16.80 -12.33
N MET N 32 22.94 -16.09 -11.37
CA MET N 32 22.09 -16.72 -10.38
C MET N 32 20.79 -15.89 -10.33
N GLY N 33 19.64 -16.56 -10.31
CA GLY N 33 18.37 -15.86 -10.26
C GLY N 33 17.97 -15.23 -11.58
N PRO N 34 16.94 -14.38 -11.56
CA PRO N 34 16.43 -13.83 -12.83
C PRO N 34 17.44 -12.92 -13.52
N ILE N 35 17.56 -13.08 -14.82
CA ILE N 35 18.52 -12.32 -15.62
C ILE N 35 17.84 -11.08 -16.15
N ASP N 36 18.34 -9.90 -15.77
CA ASP N 36 17.90 -8.62 -16.30
C ASP N 36 19.12 -7.83 -16.75
N ASP N 37 18.88 -6.60 -17.24
CA ASP N 37 19.98 -5.75 -17.70
C ASP N 37 21.03 -5.56 -16.62
N SER N 38 20.61 -5.48 -15.36
CA SER N 38 21.54 -5.26 -14.26
C SER N 38 22.46 -6.48 -14.09
N VAL N 39 21.89 -7.68 -14.08
CA VAL N 39 22.72 -8.89 -13.98
C VAL N 39 23.64 -9.02 -15.18
N ALA N 40 23.11 -8.77 -16.38
CA ALA N 40 23.92 -8.91 -17.59
C ALA N 40 25.14 -8.00 -17.54
N SER N 41 24.92 -6.73 -17.19
CA SER N 41 26.03 -5.79 -17.12
C SER N 41 27.08 -6.23 -16.10
N LEU N 42 26.64 -6.76 -14.96
CA LEU N 42 27.59 -7.24 -13.96
C LEU N 42 28.38 -8.43 -14.48
N VAL N 43 27.69 -9.39 -15.11
CA VAL N 43 28.37 -10.56 -15.65
C VAL N 43 29.35 -10.14 -16.75
N ILE N 44 28.91 -9.25 -17.64
CA ILE N 44 29.77 -8.79 -18.72
C ILE N 44 31.01 -8.11 -18.15
N ALA N 45 30.81 -7.23 -17.16
CA ALA N 45 31.94 -6.56 -16.49
C ALA N 45 32.93 -7.58 -15.96
N GLN N 46 32.45 -8.63 -15.28
CA GLN N 46 33.33 -9.64 -14.72
C GLN N 46 34.07 -10.40 -15.82
N LEU N 47 33.37 -10.72 -16.91
CA LEU N 47 34.03 -11.42 -18.02
C LEU N 47 35.13 -10.57 -18.63
N LEU N 48 34.87 -9.27 -18.82
CA LEU N 48 35.91 -8.39 -19.35
C LEU N 48 37.08 -8.28 -18.40
N PHE N 49 36.81 -8.28 -17.09
CA PHE N 49 37.87 -8.18 -16.10
C PHE N 49 38.72 -9.45 -16.11
N LEU N 50 38.08 -10.61 -16.10
CA LEU N 50 38.82 -11.88 -16.02
C LEU N 50 39.65 -12.13 -17.27
N GLN N 51 39.14 -11.71 -18.45
CA GLN N 51 39.92 -11.87 -19.68
C GLN N 51 41.15 -10.97 -19.66
N SER N 52 41.05 -9.80 -19.03
CA SER N 52 42.20 -8.91 -18.93
C SER N 52 43.30 -9.53 -18.06
N GLU N 53 42.92 -10.25 -17.00
CA GLU N 53 43.95 -10.84 -16.16
C GLU N 53 44.59 -12.05 -16.83
N SER N 54 43.89 -12.66 -17.78
CA SER N 54 44.43 -13.71 -18.62
C SER N 54 43.40 -14.06 -19.69
N ASN N 55 43.80 -13.99 -20.97
CA ASN N 55 42.90 -14.35 -22.06
C ASN N 55 42.99 -15.84 -22.45
N LYS N 56 43.41 -16.71 -21.53
CA LYS N 56 43.67 -18.10 -21.87
C LYS N 56 43.37 -19.03 -20.70
N LYS N 57 43.36 -18.50 -19.51
CA LYS N 57 43.04 -19.21 -18.30
C LYS N 57 41.52 -19.42 -18.32
N PRO N 58 40.99 -20.61 -18.01
CA PRO N 58 39.53 -20.79 -18.16
C PRO N 58 38.75 -19.92 -17.18
N ILE N 59 37.50 -19.64 -17.56
CA ILE N 59 36.57 -18.90 -16.70
C ILE N 59 35.43 -19.84 -16.33
N HIS N 60 35.08 -19.88 -15.04
CA HIS N 60 33.99 -20.72 -14.56
C HIS N 60 32.72 -19.89 -14.41
N MET N 61 31.64 -20.36 -15.03
CA MET N 61 30.35 -19.68 -15.01
C MET N 61 29.36 -20.56 -14.24
N TYR N 62 29.00 -20.09 -13.04
CA TYR N 62 28.06 -20.79 -12.15
C TYR N 62 26.66 -20.35 -12.53
N ILE N 63 25.82 -21.29 -12.97
CA ILE N 63 24.50 -20.96 -13.49
C ILE N 63 23.43 -21.65 -12.64
N ASN N 64 22.64 -20.83 -11.93
CA ASN N 64 21.45 -21.27 -11.20
C ASN N 64 20.40 -20.17 -11.44
N SER N 65 19.71 -20.26 -12.57
CA SER N 65 18.83 -19.19 -13.01
C SER N 65 17.56 -19.77 -13.63
N PRO N 66 16.40 -19.16 -13.35
CA PRO N 66 15.16 -19.57 -14.02
C PRO N 66 14.94 -18.91 -15.38
N GLY N 67 15.84 -18.03 -15.81
CA GLY N 67 15.69 -17.33 -17.07
C GLY N 67 15.74 -15.83 -16.86
N GLY N 68 15.11 -15.10 -17.77
CA GLY N 68 15.01 -13.67 -17.62
C GLY N 68 14.83 -13.00 -18.98
N VAL N 69 15.26 -11.74 -19.04
CA VAL N 69 15.08 -10.91 -20.22
C VAL N 69 15.96 -11.43 -21.35
N VAL N 70 15.38 -11.55 -22.55
CA VAL N 70 16.09 -12.15 -23.68
C VAL N 70 17.29 -11.31 -24.10
N THR N 71 17.08 -10.00 -24.29
CA THR N 71 18.19 -9.16 -24.75
C THR N 71 19.31 -9.12 -23.72
N ALA N 72 18.98 -9.20 -22.43
CA ALA N 72 20.00 -9.27 -21.40
C ALA N 72 20.76 -10.58 -21.46
N GLY N 73 20.04 -11.70 -21.61
CA GLY N 73 20.70 -12.98 -21.81
C GLY N 73 21.57 -13.01 -23.04
N LEU N 74 21.06 -12.47 -24.16
CA LEU N 74 21.83 -12.42 -25.39
C LEU N 74 23.08 -11.54 -25.23
N ALA N 75 22.97 -10.49 -24.41
CA ALA N 75 24.15 -9.67 -24.11
C ALA N 75 25.24 -10.49 -23.45
N ILE N 76 24.86 -11.36 -22.50
CA ILE N 76 25.84 -12.24 -21.88
C ILE N 76 26.35 -13.25 -22.91
N TYR N 77 25.45 -13.81 -23.72
CA TYR N 77 25.87 -14.78 -24.73
C TYR N 77 26.90 -14.19 -25.68
N ASP N 78 26.61 -13.03 -26.26
CA ASP N 78 27.54 -12.40 -27.19
C ASP N 78 28.89 -12.14 -26.53
N THR N 79 28.89 -11.76 -25.25
CA THR N 79 30.15 -11.47 -24.56
C THR N 79 30.94 -12.76 -24.33
N MET N 80 30.25 -13.85 -24.05
CA MET N 80 30.94 -15.14 -23.91
C MET N 80 31.64 -15.52 -25.20
N GLN N 81 30.97 -15.34 -26.35
CA GLN N 81 31.61 -15.64 -27.62
C GLN N 81 32.71 -14.63 -27.92
N TYR N 82 32.50 -13.38 -27.52
CA TYR N 82 33.43 -12.31 -27.86
C TYR N 82 34.79 -12.52 -27.21
N ILE N 83 34.80 -12.81 -25.91
CA ILE N 83 36.07 -13.02 -25.22
C ILE N 83 36.71 -14.31 -25.72
N LEU N 84 38.03 -14.37 -25.64
CA LEU N 84 38.79 -15.48 -26.22
C LEU N 84 39.00 -16.62 -25.24
N ASN N 85 38.54 -16.48 -24.00
CA ASN N 85 38.84 -17.49 -23.00
C ASN N 85 37.96 -18.72 -23.19
N PRO N 86 38.44 -19.88 -22.78
CA PRO N 86 37.54 -21.01 -22.58
C PRO N 86 36.66 -20.76 -21.37
N ILE N 87 35.37 -21.09 -21.51
CA ILE N 87 34.39 -20.84 -20.46
C ILE N 87 33.79 -22.16 -20.06
N CYS N 88 33.95 -22.53 -18.79
CA CYS N 88 33.28 -23.69 -18.24
C CYS N 88 31.96 -23.25 -17.63
N THR N 89 30.87 -23.85 -18.08
CA THR N 89 29.55 -23.58 -17.54
C THR N 89 29.16 -24.69 -16.57
N TRP N 90 28.58 -24.30 -15.45
CA TRP N 90 28.23 -25.23 -14.37
C TRP N 90 26.77 -25.01 -13.99
N CYS N 91 25.91 -25.96 -14.35
CA CYS N 91 24.51 -25.91 -13.99
C CYS N 91 24.32 -26.62 -12.65
N VAL N 92 23.94 -25.86 -11.62
CA VAL N 92 23.64 -26.45 -10.32
C VAL N 92 22.34 -25.82 -9.85
N GLY N 93 21.39 -26.66 -9.41
CA GLY N 93 20.05 -26.18 -9.13
C GLY N 93 19.20 -26.26 -10.38
N GLN N 94 19.28 -25.24 -11.24
CA GLN N 94 18.52 -25.25 -12.49
C GLN N 94 19.13 -24.27 -13.46
N ALA N 95 18.88 -24.53 -14.76
CA ALA N 95 19.17 -23.58 -15.83
C ALA N 95 17.99 -23.67 -16.81
N ALA N 96 17.07 -22.69 -16.71
CA ALA N 96 15.87 -22.65 -17.52
C ALA N 96 15.85 -21.40 -18.37
N SER N 97 15.23 -21.50 -19.54
CA SER N 97 15.05 -20.38 -20.48
C SER N 97 16.44 -19.85 -20.85
N MET N 98 16.71 -18.54 -20.70
CA MET N 98 18.02 -18.01 -21.10
C MET N 98 19.16 -18.65 -20.31
N GLY N 99 18.90 -19.12 -19.10
CA GLY N 99 19.93 -19.80 -18.33
C GLY N 99 20.48 -21.03 -19.04
N SER N 100 19.60 -21.83 -19.64
CA SER N 100 20.06 -23.01 -20.36
C SER N 100 20.80 -22.63 -21.64
N LEU N 101 20.44 -21.49 -22.24
CA LEU N 101 21.19 -21.01 -23.40
C LEU N 101 22.62 -20.66 -23.00
N LEU N 102 22.79 -19.98 -21.87
CA LEU N 102 24.13 -19.66 -21.39
C LEU N 102 24.89 -20.94 -21.06
N LEU N 103 24.23 -21.90 -20.42
CA LEU N 103 24.85 -23.19 -20.11
C LEU N 103 25.38 -23.87 -21.37
N ALA N 104 24.54 -23.95 -22.41
CA ALA N 104 24.94 -24.58 -23.66
C ALA N 104 25.99 -23.79 -24.41
N ALA N 105 26.13 -22.49 -24.11
CA ALA N 105 27.07 -21.64 -24.82
C ALA N 105 28.50 -21.76 -24.28
N GLY N 106 28.74 -22.61 -23.29
CA GLY N 106 30.09 -22.83 -22.83
C GLY N 106 30.95 -23.45 -23.91
N THR N 107 32.25 -23.35 -23.72
CA THR N 107 33.20 -23.96 -24.64
C THR N 107 32.94 -25.47 -24.72
N PRO N 108 32.93 -26.05 -25.92
CA PRO N 108 32.65 -27.49 -26.04
C PRO N 108 33.59 -28.32 -25.18
N GLY N 109 33.04 -29.38 -24.58
CA GLY N 109 33.78 -30.18 -23.64
C GLY N 109 33.85 -29.63 -22.24
N MET N 110 33.39 -28.39 -22.02
CA MET N 110 33.49 -27.73 -20.72
C MET N 110 32.12 -27.29 -20.20
N ARG N 111 31.06 -27.98 -20.58
CA ARG N 111 29.72 -27.68 -20.10
C ARG N 111 29.29 -28.74 -19.10
N HIS N 112 29.07 -28.32 -17.85
CA HIS N 112 28.90 -29.24 -16.74
C HIS N 112 27.53 -29.06 -16.09
N SER N 113 27.06 -30.13 -15.46
CA SER N 113 25.90 -30.09 -14.58
C SER N 113 26.13 -31.06 -13.45
N LEU N 114 25.68 -30.70 -12.27
CA LEU N 114 25.72 -31.65 -11.18
C LEU N 114 24.42 -32.48 -11.16
N PRO N 115 24.37 -33.60 -10.43
CA PRO N 115 23.39 -34.65 -10.79
C PRO N 115 21.92 -34.26 -10.71
N ASN N 116 21.51 -33.42 -9.75
CA ASN N 116 20.10 -33.18 -9.54
C ASN N 116 19.60 -31.89 -10.16
N SER N 117 20.39 -31.25 -11.01
CA SER N 117 19.96 -30.04 -11.68
C SER N 117 18.79 -30.32 -12.62
N ARG N 118 18.06 -29.27 -12.93
CA ARG N 118 16.99 -29.33 -13.92
C ARG N 118 17.28 -28.35 -15.03
N ILE N 119 17.07 -28.79 -16.28
CA ILE N 119 17.38 -27.98 -17.45
C ILE N 119 16.11 -27.83 -18.30
N MET N 120 15.86 -26.60 -18.73
CA MET N 120 14.72 -26.30 -19.59
C MET N 120 15.13 -25.33 -20.69
N ILE N 121 14.85 -25.69 -21.95
CA ILE N 121 15.05 -24.79 -23.07
C ILE N 121 13.75 -24.10 -23.50
N HIS N 122 12.60 -24.61 -23.07
CA HIS N 122 11.34 -23.93 -23.27
C HIS N 122 11.36 -22.52 -22.67
N GLN N 123 10.70 -21.59 -23.35
CA GLN N 123 10.66 -20.20 -22.89
C GLN N 123 9.27 -19.90 -22.33
N PRO N 124 9.14 -19.62 -21.03
CA PRO N 124 7.84 -19.19 -20.51
C PRO N 124 7.51 -17.74 -20.88
N ILE N 137 6.75 -4.70 -27.00
CA ILE N 137 7.36 -5.35 -28.16
C ILE N 137 6.29 -5.90 -29.09
N GLN N 138 6.47 -5.69 -30.39
CA GLN N 138 5.51 -6.14 -31.39
C GLN N 138 5.66 -7.64 -31.69
N ALA N 139 4.72 -8.15 -32.50
CA ALA N 139 4.61 -9.57 -32.77
C ALA N 139 5.73 -10.09 -33.66
N GLU N 140 5.96 -9.43 -34.82
CA GLU N 140 7.07 -9.83 -35.69
C GLU N 140 8.37 -9.73 -34.94
N GLU N 141 8.46 -8.70 -34.10
CA GLU N 141 9.69 -8.40 -33.42
C GLU N 141 9.98 -9.43 -32.33
N ILE N 142 8.95 -9.90 -31.63
CA ILE N 142 9.19 -11.03 -30.72
C ILE N 142 9.55 -12.33 -31.45
N MET N 143 8.99 -12.53 -32.65
CA MET N 143 9.34 -13.76 -33.34
C MET N 143 10.79 -13.74 -33.82
N LYS N 144 11.32 -12.55 -34.12
CA LYS N 144 12.72 -12.46 -34.52
C LYS N 144 13.65 -12.92 -33.40
N LEU N 145 13.32 -12.54 -32.16
CA LEU N 145 14.10 -12.99 -31.01
C LEU N 145 14.00 -14.50 -30.83
N LYS N 146 12.82 -15.07 -31.10
CA LYS N 146 12.65 -16.52 -30.98
C LYS N 146 13.54 -17.26 -31.97
N LYS N 147 13.63 -16.80 -33.23
CA LYS N 147 14.55 -17.48 -34.15
C LYS N 147 16.00 -17.26 -33.76
N GLN N 148 16.34 -16.08 -33.22
CA GLN N 148 17.69 -15.89 -32.69
C GLN N 148 18.02 -16.93 -31.63
N LEU N 149 17.04 -17.27 -30.80
CA LEU N 149 17.25 -18.32 -29.80
C LEU N 149 17.34 -19.69 -30.47
N TYR N 150 16.51 -19.92 -31.50
CA TYR N 150 16.57 -21.17 -32.25
C TYR N 150 17.95 -21.39 -32.84
N ASN N 151 18.50 -20.36 -33.49
CA ASN N 151 19.80 -20.48 -34.13
C ASN N 151 20.88 -20.78 -33.12
N ILE N 152 20.88 -20.05 -31.99
CA ILE N 152 21.94 -20.23 -30.99
C ILE N 152 21.88 -21.63 -30.39
N TYR N 153 20.69 -22.10 -30.06
CA TYR N 153 20.55 -23.46 -29.55
C TYR N 153 21.03 -24.47 -30.59
N ALA N 154 20.60 -24.32 -31.84
CA ALA N 154 21.02 -25.24 -32.88
C ALA N 154 22.54 -25.27 -33.05
N LYS N 155 23.18 -24.09 -32.99
CA LYS N 155 24.62 -24.03 -33.20
C LYS N 155 25.39 -24.79 -32.13
N HIS N 156 24.98 -24.66 -30.87
CA HIS N 156 25.77 -25.21 -29.78
C HIS N 156 25.36 -26.62 -29.37
N THR N 157 24.09 -27.00 -29.58
CA THR N 157 23.67 -28.38 -29.38
C THR N 157 23.91 -29.26 -30.59
N LYS N 158 24.21 -28.67 -31.75
CA LYS N 158 24.43 -29.40 -32.99
C LYS N 158 23.22 -30.25 -33.34
N GLN N 159 22.06 -29.70 -33.03
CA GLN N 159 20.80 -30.21 -33.51
C GLN N 159 20.33 -29.26 -34.59
N SER N 160 19.42 -29.74 -35.40
CA SER N 160 18.78 -28.93 -36.39
C SER N 160 17.72 -28.03 -35.78
N LEU N 161 17.37 -26.99 -36.54
CA LEU N 161 16.37 -26.02 -36.12
C LEU N 161 15.00 -26.64 -35.84
N GLN N 162 14.68 -27.73 -36.51
CA GLN N 162 13.36 -28.34 -36.41
C GLN N 162 13.18 -29.07 -35.07
N VAL N 163 14.29 -29.70 -34.66
CA VAL N 163 14.33 -30.42 -33.41
C VAL N 163 14.35 -29.42 -32.28
N ILE N 164 15.03 -28.28 -32.51
CA ILE N 164 15.06 -27.23 -31.50
C ILE N 164 13.68 -26.59 -31.36
N GLU N 165 13.08 -26.18 -32.49
CA GLU N 165 11.75 -25.58 -32.44
C GLU N 165 10.74 -26.53 -31.82
N SER N 166 10.79 -27.81 -32.19
CA SER N 166 9.87 -28.78 -31.63
C SER N 166 10.11 -28.99 -30.14
N ALA N 167 11.38 -29.12 -29.73
CA ALA N 167 11.68 -29.38 -28.34
C ALA N 167 11.34 -28.17 -27.47
N MET N 168 11.62 -26.96 -27.96
CA MET N 168 11.34 -25.75 -27.20
C MET N 168 9.85 -25.52 -27.03
N GLU N 169 9.01 -26.15 -27.86
CA GLU N 169 7.58 -25.97 -27.73
C GLU N 169 7.00 -26.79 -26.58
N ARG N 170 7.73 -27.80 -26.07
CA ARG N 170 7.24 -28.62 -24.97
C ARG N 170 7.64 -28.00 -23.64
N ASP N 171 6.64 -27.80 -22.77
CA ASP N 171 6.83 -27.15 -21.47
C ASP N 171 7.27 -28.21 -20.47
N ARG N 172 8.58 -28.47 -20.44
CA ARG N 172 9.12 -29.54 -19.63
C ARG N 172 10.57 -29.24 -19.25
N TYR N 173 11.04 -29.92 -18.21
CA TYR N 173 12.45 -29.90 -17.85
C TYR N 173 13.12 -31.20 -18.28
N MET N 174 14.45 -31.12 -18.44
CA MET N 174 15.28 -32.28 -18.74
C MET N 174 16.15 -32.64 -17.54
N SER N 175 16.47 -33.92 -17.43
CA SER N 175 17.49 -34.33 -16.50
C SER N 175 18.85 -33.94 -17.06
N PRO N 176 19.89 -33.90 -16.21
CA PRO N 176 21.23 -33.58 -16.74
C PRO N 176 21.72 -34.55 -17.81
N MET N 177 21.47 -35.86 -17.64
CA MET N 177 21.90 -36.81 -18.66
C MET N 177 21.11 -36.61 -19.95
N GLU N 178 19.83 -36.28 -19.84
CA GLU N 178 19.04 -36.00 -21.03
C GLU N 178 19.50 -34.73 -21.73
N ALA N 179 19.96 -33.73 -20.95
CA ALA N 179 20.50 -32.51 -21.54
C ALA N 179 21.87 -32.73 -22.14
N GLN N 180 22.70 -33.58 -21.52
CA GLN N 180 23.97 -33.93 -22.15
C GLN N 180 23.74 -34.60 -23.48
N GLU N 181 22.79 -35.52 -23.50
CA GLU N 181 22.47 -36.20 -24.75
C GLU N 181 21.82 -35.32 -25.80
N PHE N 182 21.08 -34.32 -25.40
CA PHE N 182 20.51 -33.43 -26.38
C PHE N 182 21.57 -32.52 -26.99
N GLY N 183 22.71 -32.38 -26.32
CA GLY N 183 23.77 -31.50 -26.78
C GLY N 183 23.88 -30.21 -25.99
N ILE N 184 23.15 -30.07 -24.88
CA ILE N 184 23.18 -28.85 -24.10
C ILE N 184 24.44 -28.78 -23.24
N LEU N 185 24.85 -29.92 -22.68
CA LEU N 185 26.01 -29.94 -21.79
C LEU N 185 26.84 -31.17 -22.10
N ASP N 186 28.06 -31.19 -21.57
CA ASP N 186 29.01 -32.23 -21.91
C ASP N 186 29.25 -33.22 -20.79
N LYS N 187 29.25 -32.79 -19.53
CA LYS N 187 29.59 -33.71 -18.46
C LYS N 187 28.72 -33.45 -17.24
N VAL N 188 28.24 -34.55 -16.66
CA VAL N 188 27.48 -34.56 -15.41
C VAL N 188 28.37 -35.21 -14.36
N LEU N 189 28.82 -34.44 -13.39
CA LEU N 189 29.82 -34.90 -12.42
C LEU N 189 29.20 -35.02 -11.04
N VAL N 190 29.45 -36.14 -10.37
CA VAL N 190 29.04 -36.30 -8.98
C VAL N 190 30.16 -35.89 -8.04
N HIS N 191 31.38 -36.19 -8.42
CA HIS N 191 32.61 -35.78 -7.75
C HIS N 191 33.59 -35.30 -8.79
N PRO N 192 34.67 -34.61 -8.39
CA PRO N 192 35.62 -34.15 -9.42
C PRO N 192 36.37 -35.27 -10.13
C10 7SR O . -33.63 28.58 -14.74
C17 7SR O . -34.15 25.95 -16.89
C20 7SR O . -30.70 26.82 -18.12
C21 7SR O . -29.87 25.91 -17.22
C22 7SR O . -29.31 26.43 -16.05
C24 7SR O . -28.99 28.26 -14.53
C26 7SR O . -27.99 26.13 -14.03
C28 7SR O . -28.33 24.27 -15.59
C2 7SR O . -35.75 24.43 -15.58
C4 7SR O . -35.53 24.34 -18.14
C5 7SR O . -36.40 25.38 -18.74
C6 7SR O . -35.93 26.82 -18.50
C8 7SR O . -34.22 28.24 -17.26
C9 7SR O . -34.61 28.84 -15.89
C11 7SR O . -33.86 29.28 -13.40
C18 7SR O . -32.91 25.69 -17.74
C23 7SR O . -29.52 27.75 -15.69
C25 7SR O . -28.21 27.45 -13.69
C27 7SR O . -28.54 25.60 -15.24
C29 7SR O . -28.87 23.77 -16.77
C30 7SR O . -29.63 24.59 -17.59
C31 7SR O . -32.77 28.18 -17.54
C35 7SR O . -37.37 22.95 -14.35
C36 7SR O . -36.65 21.79 -13.65
C37 7SR O . -37.42 20.71 -13.22
C38 7SR O . -36.81 19.65 -12.58
C39 7SR O . -35.44 19.69 -12.38
C41 7SR O . -34.67 20.76 -12.82
C42 7SR O . -35.28 21.82 -13.45
C46 7SR O . -36.05 28.55 -15.48
N3 7SR O . -35.12 24.85 -16.85
N7 7SR O . -34.81 27.05 -17.55
N19 7SR O . -32.13 26.87 -17.80
N34 7SR O . -36.76 23.38 -15.62
O1 7SR O . -35.41 24.93 -14.52
O32 7SR O . -32.13 29.22 -17.59
O33 7SR O . -36.46 27.75 -19.08
BR1 7SR O . -34.59 18.17 -11.48
C10 7SR P . -29.56 10.26 -35.61
C17 7SR P . -29.79 7.17 -35.07
C20 7SR P . -26.12 6.62 -35.81
C21 7SR P . -25.42 6.56 -34.44
C22 7SR P . -24.76 7.68 -33.97
C24 7SR P . -24.13 10.00 -34.24
C26 7SR P . -23.44 8.80 -32.26
C28 7SR P . -24.09 6.46 -32.00
C2 7SR P . -31.70 7.29 -33.29
C4 7SR P . -31.33 5.25 -34.84
C5 7SR P . -31.89 5.42 -36.21
C6 7SR P . -31.17 6.46 -37.10
C8 7SR P . -29.38 8.25 -37.10
C9 7SR P . -29.68 9.76 -36.92
C11 7SR P . -28.72 11.52 -35.39
C18 7SR P . -28.52 6.36 -35.05
C23 7SR P . -24.76 8.85 -34.72
C25 7SR P . -23.45 9.97 -33.02
C27 7SR P . -24.10 7.63 -32.74
C29 7SR P . -24.74 5.32 -32.48
C30 7SR P . -25.40 5.37 -33.71
C31 7SR P . -27.96 7.91 -36.94
C35 7SR P . -33.53 7.45 -31.61
C36 7SR P . -33.03 7.21 -30.17
C37 7SR P . -33.94 7.01 -29.14
C38 7SR P . -33.49 6.80 -27.85
C39 7SR P . -32.12 6.79 -27.61
C41 7SR P . -31.21 7.01 -28.63
C42 7SR P . -31.66 7.21 -29.93
C46 7SR P . -31.21 9.85 -37.27
N3 7SR P . -30.94 6.56 -34.34
N7 7SR P . -30.16 7.33 -36.46
N19 7SR P . -27.54 6.94 -35.88
N34 7SR P . -32.85 6.67 -32.65
O1 7SR P . -31.35 8.42 -32.94
O32 7SR P . -27.12 8.40 -37.67
O33 7SR P . -31.45 6.57 -38.29
BR1 7SR P . -31.45 6.49 -25.79
MG MG Q . -26.54 22.19 -33.34
C10 7SR R . -28.01 -18.81 -34.80
C17 7SR R . -29.07 -18.59 -30.62
C20 7SR R . -25.87 -20.44 -30.42
C21 7SR R . -25.06 -19.44 -29.65
C22 7SR R . -24.25 -18.56 -30.32
C24 7SR R . -23.39 -17.68 -32.36
C26 7SR R . -22.70 -16.74 -30.31
C28 7SR R . -23.59 -17.64 -28.27
C2 7SR R . -30.94 -16.98 -29.90
C4 7SR R . -30.74 -19.39 -29.14
C5 7SR R . -31.56 -19.99 -30.22
C6 7SR R . -30.80 -20.16 -31.54
C8 7SR R . -28.76 -19.47 -32.70
C9 7SR R . -28.78 -18.28 -33.60
C11 7SR R . -28.16 -20.29 -35.13
C18 7SR R . -28.21 -19.64 -29.93
C23 7SR R . -24.19 -18.56 -31.69
C25 7SR R . -22.63 -16.76 -31.68
C27 7SR R . -23.52 -17.66 -29.63
C29 7SR R . -24.39 -18.53 -27.59
C30 7SR R . -25.13 -19.45 -28.28
C31 7SR R . -27.44 -19.87 -32.24
C35 7SR R . -32.71 -15.40 -29.32
C36 7SR R . -32.23 -14.48 -28.22
C37 7SR R . -33.16 -13.77 -27.49
C38 7SR R . -32.71 -12.95 -26.50
C39 7SR R . -31.36 -12.89 -26.30
C41 7SR R . -30.43 -13.58 -27.01
C42 7SR R . -30.89 -14.41 -28.00
C46 7SR R . -28.04 -17.11 -33.01
N3 7SR R . -30.25 -18.26 -29.81
N7 7SR R . -29.59 -19.38 -31.69
N19 7SR R . -27.19 -19.98 -30.80
N34 7SR R . -32.13 -16.74 -29.16
O1 7SR R . -30.49 -16.08 -30.57
O32 7SR R . -26.55 -20.17 -32.98
O33 7SR R . -31.19 -20.87 -32.44
BR1 7SR R . -30.72 -11.75 -24.94
MG MG S . -23.44 -10.13 -41.19
MG MG T . -25.79 -35.62 -19.85
C10 7SR U . -36.72 -25.27 14.99
C17 7SR U . -37.43 -22.74 15.77
C20 7SR U . -34.41 -22.94 18.13
C21 7SR U . -33.40 -22.05 17.38
C22 7SR U . -32.41 -22.65 16.62
C24 7SR U . -31.36 -24.65 15.75
C26 7SR U . -30.48 -22.49 15.14
C28 7SR U . -31.56 -20.48 16.02
C2 7SR U . -38.31 -22.18 13.42
C4 7SR U . -38.80 -20.76 15.64
C5 7SR U . -39.84 -21.33 16.58
C6 7SR U . -39.53 -22.73 17.16
C8 7SR U . -37.77 -24.60 17.11
C9 7SR U . -37.85 -25.53 15.89
C11 7SR U . -36.12 -26.45 14.25
C18 7SR U . -36.33 -22.14 16.66
C23 7SR U . -32.34 -24.03 16.52
C25 7SR U . -30.43 -23.87 15.06
C27 7SR U . -31.49 -21.86 15.93
C29 7SR U . -32.54 -19.88 16.80
C30 7SR U . -33.46 -20.66 17.48
C31 7SR U . -36.42 -24.40 17.70
C35 7SR U . -39.01 -21.99 11.06
C36 7SR U . -38.28 -21.06 10.15
C37 7SR U . -38.95 -20.55 9.03
C38 7SR U . -38.22 -19.50 8.42
C39 7SR U . -36.88 -19.19 8.67
C41 7SR U . -36.24 -19.78 9.73
C42 7SR U . -37.01 -20.69 10.49
C46 7SR U . -39.21 -25.38 15.29
N3 7SR U . -38.20 -21.83 14.87
N7 7SR U . -38.28 -23.40 16.72
N19 7SR U . -35.72 -23.11 17.48
N34 7SR U . -39.07 -21.42 12.44
O1 7SR U . -37.72 -23.18 13.05
O32 7SR U . -35.92 -25.26 18.41
O33 7SR U . -40.27 -23.25 17.95
BR1 7SR U . -35.85 -17.99 7.59
C10 7SR V . -30.89 -33.29 -10.36
C17 7SR V . -32.33 -31.89 -8.17
C20 7SR V . -29.24 -33.05 -6.45
C21 7SR V . -28.34 -31.87 -6.78
C22 7SR V . -27.38 -31.95 -7.77
C24 7SR V . -26.29 -33.21 -9.48
C26 7SR V . -25.61 -30.98 -9.06
C28 7SR V . -26.70 -29.71 -7.34
C2 7SR V . -33.85 -30.03 -9.25
C4 7SR V . -34.08 -30.83 -6.89
C5 7SR V . -35.07 -31.91 -7.05
C6 7SR V . -34.40 -33.19 -7.52
C8 7SR V . -32.29 -34.13 -8.50
C9 7SR V . -32.14 -34.05 -9.99
C11 7SR V . -30.52 -33.42 -11.82
C18 7SR V . -31.46 -31.94 -6.94
C23 7SR V . -27.23 -33.10 -8.48
C25 7SR V . -25.48 -32.15 -9.77
C27 7SR V . -26.59 -30.88 -8.05
C29 7SR V . -27.65 -29.61 -6.35
C30 7SR V . -28.45 -30.69 -6.07
C31 7SR V . -30.97 -34.13 -7.86
C35 7SR V . -35.48 -28.30 -10.03
C36 7SR V . -34.81 -26.93 -10.03
C37 7SR V . -35.49 -25.84 -10.54
C38 7SR V . -34.87 -24.62 -10.54
C39 7SR V . -33.58 -24.52 -10.03
C41 7SR V . -32.92 -25.61 -9.53
C42 7SR V . -33.54 -26.84 -9.52
C46 7SR V . -33.31 -33.36 -10.68
N3 7SR V . -33.37 -30.85 -8.13
N7 7SR V . -33.03 -33.11 -8.07
N19 7SR V . -30.56 -32.99 -7.06
N34 7SR V . -34.95 -29.15 -8.98
O1 7SR V . -33.31 -30.07 -10.33
O32 7SR V . -30.23 -35.07 -7.99
O33 7SR V . -35.00 -34.24 -7.43
BR1 7SR V . -32.67 -22.81 -9.99
MG MG W . -30.64 -35.33 9.85
C10 7SR X . -40.85 -0.18 27.14
C17 7SR X . -39.89 2.25 23.61
C20 7SR X . -36.97 3.92 25.33
C21 7SR X . -35.80 3.49 24.45
C22 7SR X . -35.02 2.40 24.79
C24 7SR X . -34.52 0.56 26.29
C26 7SR X . -33.16 0.89 24.33
C28 7SR X . -33.67 2.74 22.82
C2 7SR X . -41.03 1.01 21.69
C4 7SR X . -41.31 3.57 22.08
C5 7SR X . -42.34 3.82 23.13
C6 7SR X . -42.02 3.26 24.53
C8 7SR X . -40.27 1.91 25.86
C9 7SR X . -40.24 0.37 25.84
C11 7SR X . -41.62 0.74 28.10
C18 7SR X . -38.85 3.34 23.76
C23 7SR X . -35.30 1.66 25.95
C25 7SR X . -33.46 0.17 25.49
C27 7SR X . -33.96 2.02 23.98
C29 7SR X . -34.45 3.84 22.47
C30 7SR X . -35.52 4.22 23.29
C31 7SR X . -38.95 2.53 26.13
C35 7SR X . -41.97 -0.46 20.05
C36 7SR X . -41.09 -0.72 18.81
C37 7SR X . -41.67 -1.29 17.66
C38 7SR X . -40.89 -1.44 16.53
C39 7SR X . -39.55 -1.06 16.56
C41 7SR X . -39.00 -0.49 17.71
C42 7SR X . -39.78 -0.30 18.84
C46 7SR X . -38.85 -0.24 25.67
N3 7SR X . -40.72 2.28 22.38
N7 7SR X . -40.78 2.45 24.72
N19 7SR X . -38.25 3.27 25.03
N34 7SR X . -41.87 0.94 20.53
O1 7SR X . -40.49 -0.03 22.10
O32 7SR X . -38.46 2.47 27.25
O33 7SR X . -42.78 3.46 25.47
BR1 7SR X . -38.44 -1.32 14.97
MG MG Y . -36.00 -10.18 30.56
MG MG Z . -36.58 21.13 23.05
C10 7SR AA . -40.38 25.41 12.81
C17 7SR AA . -38.74 23.94 9.04
C20 7SR AA . -35.60 26.00 9.33
C21 7SR AA . -34.55 24.92 9.06
C22 7SR AA . -33.86 24.35 10.13
C24 7SR AA . -33.47 24.18 12.51
C26 7SR AA . -32.20 22.79 11.01
C28 7SR AA . -32.61 22.97 8.61
C2 7SR AA . -39.93 21.69 8.54
C4 7SR AA . -39.85 23.67 6.87
C5 7SR AA . -40.90 24.69 7.18
C6 7SR AA . -40.71 25.45 8.51
C8 7SR AA . -39.24 25.57 10.59
C9 7SR AA . -39.56 24.63 11.78
C11 7SR AA . -40.70 26.90 12.61
C18 7SR AA . -37.54 24.66 8.45
C23 7SR AA . -34.14 24.75 11.43
C25 7SR AA . -32.50 23.20 12.29
C27 7SR AA . -32.90 23.37 9.90
C29 7SR AA . -33.29 23.55 7.54
C30 7SR AA . -34.26 24.52 7.76
C31 7SR AA . -37.83 26.01 10.53
C35 7SR AA . -41.11 19.53 8.13
C36 7SR AA . -40.19 18.37 7.71
C37 7SR AA . -40.78 17.20 7.25
C38 7SR AA . -39.98 16.14 6.86
C39 7SR AA . -38.60 16.26 6.97
C41 7SR AA . -38.01 17.42 7.44
C42 7SR AA . -38.82 18.49 7.82
C46 7SR AA . -38.33 24.01 12.45
N3 7SR AA . -39.48 23.04 8.12
N7 7SR AA . -39.61 25.01 9.41
N19 7SR AA . -36.99 25.53 9.40
N34 7SR AA . -40.71 20.85 7.64
O1 7SR AA . -39.63 21.26 9.64
O32 7SR AA . -37.40 26.79 11.38
O33 7SR AA . -41.45 26.37 8.80
BR1 7SR AA . -37.46 14.74 6.43
MG MG BA . -32.50 35.21 -6.31
C10 7SR CA . 37.51 -6.95 -24.84
C17 7SR CA . 37.92 -3.77 -23.88
C20 7SR CA . 34.86 -2.94 -25.88
C21 7SR CA . 33.75 -2.99 -24.82
C22 7SR CA . 32.96 -4.12 -24.67
C24 7SR CA . 32.42 -6.40 -25.30
C26 7SR CA . 31.15 -5.32 -23.56
C28 7SR CA . 31.70 -3.03 -22.94
C2 7SR CA . 39.11 -4.21 -21.62
C4 7SR CA . 39.38 -2.03 -22.96
C5 7SR CA . 40.48 -2.30 -23.92
C6 7SR CA . 40.09 -3.23 -25.09
C8 7SR CA . 38.29 -4.74 -25.99
C9 7SR CA . 38.51 -6.26 -25.78
C11 7SR CA . 37.31 -8.46 -24.93
C18 7SR CA . 36.87 -2.78 -24.38
C23 7SR CA . 33.20 -5.25 -25.46
C25 7SR CA . 31.39 -6.44 -24.36
C27 7SR CA . 31.94 -4.15 -23.72
C29 7SR CA . 32.47 -1.90 -23.10
C30 7SR CA . 33.50 -1.86 -24.04
C31 7SR CA . 36.91 -4.35 -26.34
C35 7SR CA . 40.34 -4.63 -19.44
C36 7SR CA . 39.41 -4.49 -18.22
C37 7SR CA . 39.97 -4.24 -16.97
C38 7SR CA . 39.15 -4.13 -15.87
C39 7SR CA . 37.78 -4.28 -16.03
C41 7SR CA . 37.22 -4.55 -17.29
C42 7SR CA . 38.06 -4.66 -18.39
C46 7SR CA . 39.95 -6.60 -25.41
N3 7SR CA . 38.77 -3.31 -22.75
N7 7SR CA . 38.81 -3.95 -25.01
N19 7SR CA . 36.21 -3.35 -25.49
N34 7SR CA . 40.02 -3.74 -20.57
O1 7SR CA . 38.58 -5.31 -21.56
O32 7SR CA . 36.38 -4.84 -27.32
O33 7SR CA . 40.81 -3.37 -26.06
BR1 7SR CA . 36.58 -4.13 -14.50
MG MG DA . 33.38 14.30 -29.31
C10 7SR EA . 29.91 33.99 3.77
C17 7SR EA . 30.35 32.27 6.63
C20 7SR EA . 26.83 33.30 7.41
C21 7SR EA . 26.04 32.12 6.82
C22 7SR EA . 25.44 32.22 5.57
C24 7SR EA . 24.97 33.48 3.57
C26 7SR EA . 24.09 31.24 3.79
C28 7SR EA . 24.59 29.97 5.81
C2 7SR EA . 32.19 30.57 5.91
C4 7SR EA . 31.82 31.27 8.33
C5 7SR EA . 32.73 32.44 8.42
C6 7SR EA . 32.15 33.71 7.76
C8 7SR EA . 30.31 34.60 6.26
C9 7SR EA . 30.69 34.83 4.78
C11 7SR EA . 29.84 34.46 2.31
C18 7SR EA . 29.11 32.26 7.50
C23 7SR EA . 25.56 33.38 4.82
C25 7SR EA . 24.23 32.42 3.05
C27 7SR EA . 24.72 31.14 5.07
C29 7SR EA . 25.18 29.88 7.06
C30 7SR EA . 25.90 30.96 7.58
C31 7SR EA . 28.85 34.53 6.48
C35 7SR EA . 34.02 28.97 5.29
C36 7SR EA . 33.46 27.57 5.03
C37 7SR EA . 34.34 26.49 5.07
C38 7SR EA . 33.85 25.23 4.84
C39 7SR EA . 32.50 25.10 4.56
C41 7SR EA . 31.61 26.16 4.52
C42 7SR EA . 32.10 27.43 4.75
C46 7SR EA . 32.20 34.78 4.56
N3 7SR EA . 31.42 31.30 6.95
N7 7SR EA . 30.97 33.57 6.86
N19 7SR EA . 28.26 33.32 7.14
N34 7SR EA . 33.27 29.70 6.33
O1 7SR EA . 31.87 30.66 4.72
O32 7SR EA . 28.15 35.48 6.18
O33 7SR EA . 32.64 34.79 7.96
BR1 7SR EA . 31.80 23.31 4.23
C10 7SR FA . 34.70 20.86 -20.39
C17 7SR FA . 35.02 21.68 -17.20
C20 7SR FA . 31.79 23.43 -17.76
C21 7SR FA . 30.80 22.42 -17.31
C22 7SR FA . 30.27 21.57 -18.20
C24 7SR FA . 30.14 20.75 -20.43
C26 7SR FA . 28.84 19.74 -18.74
C28 7SR FA . 29.01 20.57 -16.49
C2 7SR FA . 36.50 19.93 -16.08
C4 7SR FA . 36.24 22.25 -15.24
C5 7SR FA . 37.35 22.88 -15.97
C6 7SR FA . 36.90 23.28 -17.35
C8 7SR FA . 35.26 22.95 -19.10
C9 7SR FA . 35.64 22.06 -20.25
C11 7SR FA . 34.89 19.92 -21.61
C18 7SR FA . 33.90 22.57 -16.71
C23 7SR FA . 30.66 21.61 -19.50
C25 7SR FA . 29.23 19.81 -20.04
C27 7SR FA . 29.38 20.63 -17.80
C29 7SR FA . 29.54 21.45 -15.60
C30 7SR FA . 30.44 22.39 -16.00
C31 7SR FA . 33.86 23.23 -19.01
C35 7SR FA . 37.98 18.29 -14.93
C36 7SR FA . 37.18 17.25 -14.15
C37 7SR FA . 37.85 16.46 -13.26
C38 7SR FA . 37.17 15.53 -12.56
C39 7SR FA . 35.83 15.40 -12.76
C41 7SR FA . 35.18 16.17 -13.66
C42 7SR FA . 35.85 17.11 -14.35
C46 7SR FA . 37.00 21.50 -20.02
N3 7SR FA . 35.88 21.22 -16.12
N7 7SR FA . 35.77 22.62 -17.92
N19 7SR FA . 33.17 23.06 -17.77
N34 7SR FA . 37.38 19.60 -15.02
O1 7SR FA . 36.18 19.18 -16.91
O32 7SR FA . 33.27 23.64 -19.93
O33 7SR FA . 37.48 24.07 -18.00
BR1 7SR FA . 34.87 14.10 -11.78
MG MG GA . 28.27 36.42 -7.13
MG MG HA . 22.80 32.55 24.40
C10 7SR IA . 26.23 -3.46 37.08
C17 7SR IA . 27.50 -5.61 34.94
C20 7SR IA . 24.50 -7.74 35.38
C21 7SR IA . 23.67 -7.40 34.18
C22 7SR IA . 22.75 -6.40 34.21
C24 7SR IA . 21.68 -4.65 35.37
C26 7SR IA . 21.08 -5.07 33.16
C28 7SR IA . 22.19 -6.85 31.99
C2 7SR IA . 29.13 -4.14 33.59
C4 7SR IA . 29.38 -6.60 33.90
C5 7SR IA . 30.25 -6.47 35.09
C6 7SR IA . 29.44 -6.37 36.36
C8 7SR IA . 27.21 -5.85 37.19
C9 7SR IA . 27.05 -4.47 37.79
C11 7SR IA . 26.00 -2.16 37.82
C18 7SR IA . 26.73 -6.83 34.62
C23 7SR IA . 22.58 -5.67 35.33
C25 7SR IA . 20.92 -4.35 34.29
C27 7SR IA . 22.03 -6.11 33.12
C29 7SR IA . 23.09 -7.86 31.96
C30 7SR IA . 23.83 -8.14 33.06
C31 7SR IA . 25.98 -6.52 36.89
C35 7SR IA . 30.72 -2.77 32.34
C36 7SR IA . 30.35 -2.46 30.90
C37 7SR IA . 31.31 -2.10 29.99
C38 7SR IA . 30.94 -1.83 28.72
C39 7SR IA . 29.62 -1.90 28.41
C41 7SR IA . 28.68 -2.25 29.33
C42 7SR IA . 29.05 -2.53 30.58
C46 7SR IA . 28.36 -3.89 38.23
N3 7SR IA . 28.63 -5.43 34.05
N7 7SR IA . 28.06 -5.92 36.20
N19 7SR IA . 25.75 -7.02 35.57
N34 7SR IA . 30.30 -4.06 32.80
O1 7SR IA . 28.52 -3.16 33.83
O32 7SR IA . 25.17 -6.70 37.71
O33 7SR IA . 29.87 -6.65 37.40
BR1 7SR IA . 28.98 -1.56 26.70
C10 7SR JA . 25.92 22.91 28.84
C17 7SR JA . 26.99 19.84 29.56
C20 7SR JA . 23.48 19.10 30.79
C21 7SR JA . 22.79 18.75 29.46
C22 7SR JA . 22.09 19.73 28.76
C24 7SR JA . 21.33 22.01 28.54
C26 7SR JA . 20.76 20.42 26.84
C28 7SR JA . 21.55 18.11 27.08
C2 7SR JA . 28.96 19.53 27.85
C4 7SR JA . 28.77 18.23 30.04
C5 7SR JA . 29.46 19.12 31.02
C6 7SR JA . 28.58 20.30 31.49
C8 7SR JA . 26.46 21.57 31.03
C9 7SR JA . 26.61 22.88 30.21
C11 7SR JA . 25.53 24.24 28.23
C18 7SR JA . 25.88 18.90 30.04
C23 7SR JA . 22.03 21.03 29.25
C25 7SR JA . 20.70 21.71 27.34
C27 7SR JA . 21.47 19.41 27.56
C29 7SR JA . 22.23 17.12 27.79
C30 7SR JA . 22.86 17.45 28.99
C31 7SR JA . 25.10 21.02 31.13
C35 7SR JA . 30.93 19.17 26.31
C36 7SR JA . 30.42 18.47 25.04
C37 7SR JA . 31.37 18.01 24.13
C38 7SR JA . 30.96 17.37 22.98
C39 7SR JA . 29.60 17.23 22.74
C41 7SR JA . 28.66 17.70 23.64
C42 7SR JA . 29.07 18.33 24.80
C46 7SR JA . 28.06 23.35 30.13
N3 7SR JA . 28.23 19.15 29.08
N7 7SR JA . 27.37 20.62 30.71
N19 7SR JA . 24.83 19.65 30.63
N34 7SR JA . 30.19 18.83 27.53
O1 7SR JA . 28.49 20.38 27.09
O32 7SR JA . 24.19 21.64 31.66
O33 7SR JA . 28.87 20.95 32.48
BR1 7SR JA . 29.03 16.33 21.10
MG MG KA . 20.19 7.87 42.35
C10 7SR LA . 30.47 -26.72 21.04
C17 7SR LA . 32.01 -26.18 18.08
C20 7SR LA . 28.93 -27.95 16.77
C21 7SR LA . 27.99 -26.82 16.36
C22 7SR LA . 26.97 -26.42 17.23
C24 7SR LA . 25.83 -26.61 19.35
C26 7SR LA . 25.08 -24.98 17.75
C28 7SR LA . 26.25 -24.80 15.60
C2 7SR LA . 33.35 -23.97 18.43
C4 7SR LA . 33.93 -25.70 16.61
C5 7SR LA . 34.79 -26.74 17.24
C6 7SR LA . 34.03 -27.72 18.17
C8 7SR LA . 31.82 -28.14 19.33
C9 7SR LA . 31.65 -27.66 20.79
C11 7SR LA . 30.03 -26.40 22.46
C18 7SR LA . 31.09 -26.64 16.95
C23 7SR LA . 26.84 -27.02 18.48
C25 7SR LA . 24.95 -25.59 18.98
C27 7SR LA . 26.11 -25.40 16.85
C29 7SR LA . 27.24 -25.22 14.73
C30 7SR LA . 28.12 -26.23 15.11
C31 7SR LA . 30.53 -28.39 18.65
C35 7SR LA . 34.71 -21.89 18.73
C36 7SR LA . 33.98 -20.66 18.16
C37 7SR LA . 34.73 -19.55 17.86
C38 7SR LA . 34.11 -18.42 17.34
C39 7SR LA . 32.74 -18.44 17.14
C41 7SR LA . 31.98 -19.56 17.44
C42 7SR LA . 32.60 -20.69 17.96
C46 7SR LA . 32.97 -27.14 21.39
N3 7SR LA . 33.08 -25.23 17.68
N7 7SR LA . 32.65 -27.38 18.57
N19 7SR LA . 30.20 -27.62 17.43
N34 7SR LA . 34.46 -23.14 18.00
O1 7SR LA . 32.63 -23.64 19.35
O32 7SR LA . 29.77 -29.24 19.05
O33 7SR LA . 34.57 -28.74 18.57
BR1 7SR LA . 31.89 -16.84 16.41
MG MG MA . 25.10 -25.40 30.83
MG MG NA . 31.26 -35.09 1.08
C10 7SR OA . 35.41 -27.83 -6.90
C17 7SR OA . 36.40 -25.11 -8.21
C20 7SR OA . 33.60 -25.59 -10.53
C21 7SR OA . 32.45 -24.89 -9.84
C22 7SR OA . 31.61 -25.59 -9.05
C24 7SR OA . 31.04 -27.60 -8.00
C26 7SR OA . 29.72 -25.69 -7.58
C28 7SR OA . 30.32 -23.66 -8.63
C2 7SR OA . 37.53 -23.72 -6.36
C4 7SR OA . 37.95 -23.37 -8.81
C5 7SR OA . 39.08 -24.32 -8.96
C6 7SR OA . 38.59 -25.73 -9.24
C8 7SR OA . 36.65 -27.23 -9.00
C9 7SR OA . 36.60 -28.06 -7.76
C11 7SR OA . 35.39 -28.66 -5.64
C18 7SR OA . 35.65 -24.69 -9.44
C23 7SR OA . 31.88 -26.90 -8.84
C25 7SR OA . 29.99 -27.01 -7.37
C27 7SR OA . 30.56 -24.98 -8.43
C29 7SR OA . 31.15 -22.96 -9.46
C30 7SR OA . 32.20 -23.57 -10.08
C31 7SR OA . 35.37 -27.07 -9.62
C35 7SR OA . 38.56 -22.51 -4.53
C36 7SR OA . 37.73 -21.40 -3.92
C37 7SR OA . 38.37 -20.37 -3.29
C38 7SR OA . 37.68 -19.37 -2.72
C39 7SR OA . 36.33 -19.42 -2.79
C41 7SR OA . 35.67 -20.45 -3.40
C42 7SR OA . 36.37 -21.45 -3.97
C46 7SR OA . 37.86 -27.90 -6.94
N3 7SR OA . 37.26 -24.00 -7.75
N7 7SR OA . 37.24 -26.07 -8.79
N19 7SR OA . 34.86 -25.74 -9.86
N34 7SR OA . 38.41 -22.69 -5.96
O1 7SR OA . 36.95 -24.33 -5.54
O32 7SR OA . 34.76 -28.04 -9.95
O33 7SR OA . 39.29 -26.53 -9.77
BR1 7SR OA . 35.30 -18.02 -1.99
MG MG PA . 33.25 -19.45 -26.00
#